data_5JXT
#
_entry.id   5JXT
#
_cell.length_a   102.240
_cell.length_b   119.316
_cell.length_c   132.495
_cell.angle_alpha   89.59
_cell.angle_beta   105.96
_cell.angle_gamma   93.08
#
_symmetry.space_group_name_H-M   'P 1'
#
loop_
_entity.id
_entity.type
_entity.pdbx_description
1 polymer 'Chromatin-remodeling complex ATPase-like protein'
2 polymer 'Histone H4'
#
loop_
_entity_poly.entity_id
_entity_poly.type
_entity_poly.pdbx_seq_one_letter_code
_entity_poly.pdbx_strand_id
1 'polypeptide(L)'
;EKSLLPKKEINVYIGMSEMQVKWYQKILEKDIDAVNGAGGKRESKTRLLNIVMQLRKCCNHPYLFEGAEPGPPYTTDEHL
IYNAGKMVVLDKLLKRIQKQGSRVLIFSQMSRLLDILEDYCVFRGYKYCRIDGSTAHEDRIAAIDEYNKPGSDKFIFLLT
TRAGGLGINLTTADIVILYDSDWNPQADLQAMDRAHRIGQTKQVVVYRFVTDNAIEEKVLERAAQKLRLDQLVIQQGRAQ
VAAKAAANKDELLSMIQHGAEKVFQTKGAFGTMAEKGSQLDDDDIDAILQAGETRTKELNARYEKLGIDDLQKFTSESAY
EWNGEDFAARKKDIGINWINPAKRERKEQ
;
B,E,F,G,J,N,O,P,C,H,K,L,A,I,D,M
2 'polypeptide(L)' SGRGKGGKGLGKGGAKRHRKI R,S,U,Q,T,V,W
#
# COMPACT_ATOMS: atom_id res chain seq x y z
N LYS A 2 34.41 -21.01 -10.18
CA LYS A 2 35.71 -20.46 -10.53
C LYS A 2 35.99 -19.19 -9.71
N SER A 3 37.22 -18.71 -9.78
CA SER A 3 37.60 -17.53 -9.02
C SER A 3 37.10 -16.27 -9.74
N LEU A 4 36.24 -15.52 -9.07
CA LEU A 4 35.74 -14.24 -9.58
C LEU A 4 36.36 -13.17 -8.69
N LEU A 5 37.34 -12.47 -9.23
CA LEU A 5 38.12 -11.50 -8.46
C LEU A 5 37.21 -10.39 -7.92
N PRO A 6 37.33 -10.04 -6.64
CA PRO A 6 36.49 -8.97 -6.07
C PRO A 6 36.66 -7.63 -6.78
N LYS A 7 35.57 -6.87 -6.80
CA LYS A 7 35.57 -5.58 -7.48
C LYS A 7 36.32 -4.54 -6.65
N LYS A 8 37.11 -3.72 -7.33
CA LYS A 8 37.75 -2.56 -6.70
C LYS A 8 36.84 -1.36 -6.88
N GLU A 9 36.22 -0.90 -5.80
CA GLU A 9 35.37 0.28 -5.82
C GLU A 9 36.20 1.44 -5.30
N ILE A 10 36.52 2.38 -6.18
CA ILE A 10 37.38 3.52 -5.86
C ILE A 10 36.64 4.81 -6.22
N ASN A 11 36.42 5.65 -5.22
CA ASN A 11 35.89 7.00 -5.43
C ASN A 11 37.01 7.90 -5.91
N VAL A 12 36.83 8.51 -7.07
CA VAL A 12 37.81 9.44 -7.60
C VAL A 12 37.23 10.85 -7.54
N TYR A 13 37.75 11.65 -6.61
CA TYR A 13 37.20 12.98 -6.35
C TYR A 13 37.68 13.99 -7.38
N ILE A 14 36.74 14.76 -7.94
CA ILE A 14 36.98 15.65 -9.07
C ILE A 14 36.54 17.06 -8.71
N GLY A 15 37.28 18.05 -9.22
CA GLY A 15 36.92 19.44 -9.06
C GLY A 15 36.01 19.93 -10.17
N MET A 16 35.79 21.24 -10.19
CA MET A 16 34.93 21.89 -11.17
C MET A 16 35.71 22.90 -11.99
N SER A 17 35.33 23.03 -13.26
CA SER A 17 35.96 24.02 -14.12
C SER A 17 35.51 25.43 -13.74
N GLU A 18 36.19 26.42 -14.31
CA GLU A 18 35.83 27.81 -14.07
C GLU A 18 34.39 28.08 -14.50
N MET A 19 33.97 27.45 -15.60
CA MET A 19 32.60 27.61 -16.08
C MET A 19 31.61 26.94 -15.13
N GLN A 20 31.95 25.75 -14.63
CA GLN A 20 31.07 25.05 -13.70
C GLN A 20 30.81 25.87 -12.45
N VAL A 21 31.84 26.52 -11.92
CA VAL A 21 31.68 27.34 -10.72
C VAL A 21 30.70 28.47 -10.98
N LYS A 22 30.78 29.10 -12.15
CA LYS A 22 29.86 30.18 -12.48
C LYS A 22 28.42 29.70 -12.48
N TRP A 23 28.15 28.52 -13.07
CA TRP A 23 26.80 28.00 -13.08
C TRP A 23 26.38 27.51 -11.70
N TYR A 24 27.28 26.82 -10.98
CA TYR A 24 26.99 26.39 -9.62
C TYR A 24 26.61 27.58 -8.75
N GLN A 25 27.33 28.70 -8.90
CA GLN A 25 26.97 29.92 -8.21
C GLN A 25 25.63 30.45 -8.72
N LYS A 26 25.42 30.43 -10.03
CA LYS A 26 24.18 30.92 -10.61
C LYS A 26 22.98 30.12 -10.12
N ILE A 27 23.15 28.79 -9.98
CA ILE A 27 22.06 27.95 -9.47
C ILE A 27 21.73 28.33 -8.03
N LEU A 28 22.75 28.44 -7.18
CA LEU A 28 22.54 28.77 -5.78
C LEU A 28 21.94 30.17 -5.62
N GLU A 29 22.36 31.12 -6.45
CA GLU A 29 21.90 32.51 -6.28
C GLU A 29 20.44 32.67 -6.70
N LYS A 30 20.04 32.02 -7.79
CA LYS A 30 18.68 32.21 -8.30
C LYS A 30 17.63 31.65 -7.35
N ASP A 31 18.04 30.98 -6.28
CA ASP A 31 17.09 30.49 -5.30
C ASP A 31 17.80 30.45 -3.94
N ILE A 32 18.47 31.55 -3.60
CA ILE A 32 19.29 31.61 -2.39
C ILE A 32 18.45 31.59 -1.12
N ASP A 33 17.18 32.02 -1.19
CA ASP A 33 16.35 32.07 0.02
C ASP A 33 16.09 30.67 0.57
N ALA A 34 15.87 29.69 -0.31
CA ALA A 34 15.69 28.33 0.15
C ALA A 34 16.99 27.73 0.66
N VAL A 35 18.12 28.14 0.05
CA VAL A 35 19.42 27.62 0.45
C VAL A 35 19.80 28.12 1.84
N ASN A 36 19.52 29.39 2.14
CA ASN A 36 20.07 29.98 3.36
C ASN A 36 19.48 29.37 4.62
N GLY A 37 18.15 29.20 4.67
CA GLY A 37 17.53 28.71 5.89
C GLY A 37 17.81 29.56 7.12
N ALA A 38 18.20 30.82 6.94
CA ALA A 38 18.52 31.72 8.05
C ALA A 38 17.40 32.73 8.32
N GLY A 39 16.16 32.34 8.06
CA GLY A 39 15.02 33.20 8.31
C GLY A 39 13.80 32.43 8.74
N GLY A 40 12.93 32.10 7.79
CA GLY A 40 11.72 31.36 8.10
C GLY A 40 11.95 29.88 8.23
N LYS A 41 12.81 29.32 7.38
CA LYS A 41 13.10 27.89 7.29
C LYS A 41 11.86 27.05 7.03
N ARG A 42 10.76 27.68 6.61
CA ARG A 42 9.53 26.98 6.27
C ARG A 42 9.52 26.52 4.82
N GLU A 43 10.44 27.07 4.00
CA GLU A 43 10.47 26.81 2.56
C GLU A 43 10.35 25.33 2.24
N SER A 44 9.58 25.02 1.20
CA SER A 44 9.19 23.65 0.89
C SER A 44 10.37 22.85 0.34
N LYS A 45 10.22 21.52 0.44
CA LYS A 45 11.22 20.61 -0.10
C LYS A 45 11.18 20.57 -1.63
N THR A 46 9.99 20.78 -2.22
CA THR A 46 9.89 20.80 -3.67
C THR A 46 10.80 21.85 -4.29
N ARG A 47 11.00 22.96 -3.58
CA ARG A 47 11.92 23.99 -4.06
C ARG A 47 13.37 23.51 -3.96
N LEU A 48 13.69 22.71 -2.93
CA LEU A 48 15.03 22.18 -2.77
C LEU A 48 15.32 21.06 -3.77
N LEU A 49 14.32 20.21 -4.06
CA LEU A 49 14.54 19.14 -5.03
C LEU A 49 14.91 19.71 -6.40
N ASN A 50 14.43 20.91 -6.71
CA ASN A 50 14.84 21.57 -7.95
C ASN A 50 16.30 22.01 -7.86
N ILE A 51 16.70 22.60 -6.73
CA ILE A 51 18.07 23.04 -6.56
C ILE A 51 19.02 21.84 -6.60
N VAL A 52 18.64 20.74 -5.96
CA VAL A 52 19.46 19.53 -5.97
C VAL A 52 19.65 19.02 -7.39
N MET A 53 18.57 18.96 -8.16
CA MET A 53 18.64 18.40 -9.52
C MET A 53 19.48 19.28 -10.43
N GLN A 54 19.41 20.60 -10.28
CA GLN A 54 20.23 21.48 -11.13
C GLN A 54 21.70 21.39 -10.75
N LEU A 55 22.00 21.32 -9.45
CA LEU A 55 23.39 21.18 -9.01
C LEU A 55 23.99 19.85 -9.45
N ARG A 56 23.17 18.80 -9.59
CA ARG A 56 23.69 17.54 -10.08
C ARG A 56 24.01 17.60 -11.57
N LYS A 57 23.18 18.31 -12.34
CA LYS A 57 23.53 18.56 -13.74
C LYS A 57 24.80 19.37 -13.84
N CYS A 58 24.98 20.35 -12.95
CA CYS A 58 26.18 21.17 -12.97
C CYS A 58 27.42 20.34 -12.68
N CYS A 59 27.32 19.40 -11.74
CA CYS A 59 28.45 18.51 -11.46
C CYS A 59 28.78 17.62 -12.65
N ASN A 60 27.77 17.27 -13.46
CA ASN A 60 28.02 16.44 -14.63
C ASN A 60 28.65 17.23 -15.77
N HIS A 61 27.94 18.25 -16.26
CA HIS A 61 28.42 19.08 -17.36
C HIS A 61 27.57 20.33 -17.52
N PRO A 62 28.18 21.51 -17.62
CA PRO A 62 27.39 22.73 -17.81
C PRO A 62 26.58 22.74 -19.08
N TYR A 63 27.03 22.04 -20.14
CA TYR A 63 26.33 22.08 -21.41
C TYR A 63 24.93 21.47 -21.33
N LEU A 64 24.60 20.79 -20.23
CA LEU A 64 23.23 20.37 -20.01
C LEU A 64 22.31 21.56 -19.75
N PHE A 65 22.87 22.68 -19.29
CA PHE A 65 22.12 23.92 -19.17
C PHE A 65 22.16 24.64 -20.51
N GLU A 66 21.01 25.15 -20.93
CA GLU A 66 20.91 25.81 -22.22
C GLU A 66 21.43 27.25 -22.12
N GLY A 67 22.18 27.66 -23.13
CA GLY A 67 22.82 28.96 -23.15
C GLY A 67 24.20 28.96 -22.54
N ALA A 68 24.65 27.83 -22.01
CA ALA A 68 25.99 27.71 -21.42
C ALA A 68 27.07 27.63 -22.50
N GLU A 69 26.96 26.67 -23.42
CA GLU A 69 27.95 26.46 -24.46
C GLU A 69 28.15 27.71 -25.35
N PRO A 70 29.39 28.00 -25.77
CA PRO A 70 29.64 29.20 -26.59
C PRO A 70 28.75 29.33 -27.84
N GLY A 71 28.26 30.57 -28.07
CA GLY A 71 27.36 30.92 -29.15
C GLY A 71 27.94 30.66 -30.54
N PRO A 72 27.15 30.92 -31.63
CA PRO A 72 27.66 30.63 -32.98
C PRO A 72 29.01 31.27 -33.20
N PRO A 73 29.94 30.53 -33.79
CA PRO A 73 29.84 29.16 -34.28
C PRO A 73 29.84 28.12 -33.15
N TYR A 74 28.95 27.13 -33.24
CA TYR A 74 28.88 25.99 -32.33
C TYR A 74 29.65 24.85 -32.99
N THR A 75 30.63 24.31 -32.26
CA THR A 75 31.54 23.29 -32.76
C THR A 75 31.89 22.35 -31.62
N THR A 76 32.13 21.10 -31.98
CA THR A 76 32.66 20.11 -31.05
C THR A 76 34.18 20.18 -31.12
N ASP A 77 34.82 20.74 -30.09
CA ASP A 77 36.27 20.87 -30.02
C ASP A 77 36.78 20.43 -28.65
N GLU A 78 37.92 20.98 -28.23
CA GLU A 78 38.46 20.66 -26.91
C GLU A 78 37.68 21.28 -25.77
N HIS A 79 36.86 22.30 -26.04
CA HIS A 79 36.06 22.93 -24.99
C HIS A 79 35.03 21.98 -24.39
N LEU A 80 34.68 20.91 -25.10
CA LEU A 80 33.75 19.93 -24.55
C LEU A 80 34.36 19.21 -23.34
N ILE A 81 35.68 19.19 -23.24
CA ILE A 81 36.38 18.50 -22.16
C ILE A 81 36.77 19.48 -21.07
N TYR A 82 37.53 20.52 -21.42
CA TYR A 82 38.11 21.36 -20.36
C TYR A 82 37.09 22.27 -19.68
N ASN A 83 35.82 22.20 -20.04
CA ASN A 83 34.77 22.93 -19.33
C ASN A 83 34.04 22.08 -18.30
N ALA A 84 34.40 20.80 -18.18
CA ALA A 84 33.80 19.91 -17.20
C ALA A 84 34.92 19.14 -16.50
N GLY A 85 34.95 19.24 -15.16
CA GLY A 85 36.00 18.56 -14.41
C GLY A 85 36.03 17.07 -14.66
N LYS A 86 34.85 16.44 -14.68
CA LYS A 86 34.79 14.99 -14.87
C LYS A 86 35.27 14.60 -16.26
N MET A 87 35.01 15.44 -17.27
CA MET A 87 35.48 15.13 -18.62
C MET A 87 37.00 15.16 -18.69
N VAL A 88 37.63 16.13 -18.01
CA VAL A 88 39.08 16.22 -18.00
C VAL A 88 39.68 14.97 -17.37
N VAL A 89 39.15 14.56 -16.21
CA VAL A 89 39.63 13.36 -15.56
C VAL A 89 39.34 12.12 -16.41
N LEU A 90 38.13 12.06 -16.98
CA LEU A 90 37.77 10.92 -17.82
C LEU A 90 38.65 10.84 -19.06
N ASP A 91 38.96 11.99 -19.66
CA ASP A 91 39.72 12.00 -20.90
C ASP A 91 41.11 11.40 -20.68
N LYS A 92 41.75 11.75 -19.56
CA LYS A 92 43.06 11.20 -19.27
C LYS A 92 42.96 9.80 -18.69
N LEU A 93 41.85 9.50 -18.01
CA LEU A 93 41.62 8.16 -17.50
C LEU A 93 41.49 7.17 -18.65
N LEU A 94 40.72 7.53 -19.67
CA LEU A 94 40.56 6.66 -20.84
C LEU A 94 41.87 6.49 -21.59
N LYS A 95 42.68 7.55 -21.67
CA LYS A 95 43.94 7.48 -22.40
C LYS A 95 44.88 6.44 -21.80
N ARG A 96 44.88 6.33 -20.47
CA ARG A 96 45.67 5.31 -19.80
C ARG A 96 45.01 3.93 -19.90
N ILE A 97 43.67 3.91 -19.85
CA ILE A 97 42.93 2.64 -19.90
C ILE A 97 43.15 1.92 -21.22
N GLN A 98 43.12 2.65 -22.33
CA GLN A 98 43.23 2.01 -23.64
C GLN A 98 44.62 1.41 -23.87
N LYS A 99 45.67 2.08 -23.39
CA LYS A 99 47.03 1.61 -23.66
C LYS A 99 47.33 0.30 -22.94
N GLN A 100 46.72 0.08 -21.78
CA GLN A 100 46.92 -1.15 -21.03
C GLN A 100 45.96 -2.26 -21.47
N GLY A 101 45.31 -2.11 -22.62
CA GLY A 101 44.48 -3.16 -23.16
C GLY A 101 43.22 -3.44 -22.36
N SER A 102 42.63 -2.41 -21.76
CA SER A 102 41.41 -2.56 -20.97
C SER A 102 40.26 -1.88 -21.69
N ARG A 103 39.07 -2.48 -21.55
CA ARG A 103 37.84 -1.95 -22.11
C ARG A 103 36.91 -1.55 -20.98
N VAL A 104 36.15 -0.49 -21.20
CA VAL A 104 35.46 0.20 -20.12
C VAL A 104 33.97 0.35 -20.45
N LEU A 105 33.12 0.07 -19.47
CA LEU A 105 31.71 0.43 -19.50
C LEU A 105 31.53 1.74 -18.74
N ILE A 106 30.83 2.69 -19.35
CA ILE A 106 30.59 4.00 -18.75
C ILE A 106 29.10 4.15 -18.53
N PHE A 107 28.70 4.26 -17.26
CA PHE A 107 27.31 4.40 -16.88
C PHE A 107 26.98 5.84 -16.50
N SER A 108 25.70 6.18 -16.55
CA SER A 108 25.25 7.52 -16.20
C SER A 108 23.77 7.50 -15.84
N GLN A 109 23.38 8.46 -15.00
CA GLN A 109 21.98 8.64 -14.65
C GLN A 109 21.21 9.36 -15.75
N MET A 110 21.90 10.17 -16.55
CA MET A 110 21.26 11.04 -17.53
C MET A 110 21.65 10.59 -18.94
N SER A 111 20.65 10.29 -19.77
CA SER A 111 20.94 9.91 -21.15
C SER A 111 21.49 11.08 -21.94
N ARG A 112 21.10 12.30 -21.57
CA ARG A 112 21.64 13.49 -22.24
C ARG A 112 23.12 13.70 -21.94
N LEU A 113 23.65 13.06 -20.90
CA LEU A 113 25.08 13.09 -20.66
C LEU A 113 25.81 12.13 -21.59
N LEU A 114 25.23 10.95 -21.82
CA LEU A 114 25.79 10.05 -22.81
C LEU A 114 25.85 10.70 -24.18
N ASP A 115 24.89 11.58 -24.49
CA ASP A 115 24.93 12.35 -25.71
C ASP A 115 26.20 13.20 -25.77
N ILE A 116 26.57 13.83 -24.65
CA ILE A 116 27.83 14.57 -24.60
C ILE A 116 29.00 13.62 -24.76
N LEU A 117 28.93 12.46 -24.10
CA LEU A 117 29.99 11.47 -24.23
C LEU A 117 30.07 10.92 -25.65
N GLU A 118 28.93 10.82 -26.33
CA GLU A 118 28.93 10.37 -27.72
C GLU A 118 29.72 11.33 -28.60
N ASP A 119 29.44 12.63 -28.47
CA ASP A 119 30.20 13.63 -29.22
C ASP A 119 31.67 13.59 -28.82
N TYR A 120 31.94 13.32 -27.55
CA TYR A 120 33.32 13.18 -27.08
C TYR A 120 33.98 11.93 -27.65
N CYS A 121 33.29 10.79 -27.61
CA CYS A 121 33.88 9.55 -28.11
C CYS A 121 34.21 9.65 -29.59
N VAL A 122 33.32 10.24 -30.39
CA VAL A 122 33.58 10.42 -31.81
C VAL A 122 34.71 11.43 -32.03
N PHE A 123 34.76 12.48 -31.20
CA PHE A 123 35.80 13.50 -31.36
C PHE A 123 37.19 12.94 -31.11
N ARG A 124 37.31 11.90 -30.30
CA ARG A 124 38.61 11.30 -30.00
C ARG A 124 38.85 10.03 -30.79
N GLY A 125 37.87 9.55 -31.54
CA GLY A 125 38.01 8.32 -32.30
C GLY A 125 37.78 7.09 -31.48
N TYR A 126 36.96 7.18 -30.44
CA TYR A 126 36.65 6.04 -29.58
C TYR A 126 35.44 5.30 -30.14
N LYS A 127 35.66 4.04 -30.52
CA LYS A 127 34.58 3.16 -30.95
C LYS A 127 33.70 2.83 -29.77
N TYR A 128 32.38 2.92 -29.94
CA TYR A 128 31.48 2.73 -28.80
C TYR A 128 30.18 2.08 -29.23
N CYS A 129 29.43 1.63 -28.23
CA CYS A 129 28.05 1.16 -28.35
C CYS A 129 27.21 1.87 -27.30
N ARG A 130 25.89 1.71 -27.37
CA ARG A 130 25.04 2.44 -26.41
C ARG A 130 23.70 1.76 -26.18
N ILE A 131 23.28 1.69 -24.90
CA ILE A 131 21.95 1.24 -24.49
C ILE A 131 21.31 2.31 -23.62
N ASP A 132 20.20 2.88 -24.09
CA ASP A 132 19.47 3.94 -23.38
C ASP A 132 18.28 3.41 -22.58
N GLY A 133 17.64 2.38 -23.10
CA GLY A 133 16.29 2.03 -22.73
C GLY A 133 15.30 2.59 -23.72
N SER A 134 15.79 3.41 -24.64
CA SER A 134 15.10 3.77 -25.87
C SER A 134 15.68 3.04 -27.08
N THR A 135 16.69 2.19 -26.87
CA THR A 135 17.27 1.36 -27.92
C THR A 135 16.71 -0.05 -27.79
N ALA A 136 16.17 -0.56 -28.89
CA ALA A 136 15.34 -1.77 -28.86
C ALA A 136 16.20 -3.01 -28.58
N HIS A 137 15.50 -4.12 -28.28
CA HIS A 137 16.17 -5.39 -28.01
C HIS A 137 16.86 -5.91 -29.25
N GLU A 138 16.24 -5.77 -30.43
CA GLU A 138 16.89 -6.13 -31.68
C GLU A 138 18.20 -5.38 -31.84
N ASP A 139 18.23 -4.10 -31.46
CA ASP A 139 19.45 -3.33 -31.49
C ASP A 139 20.32 -3.58 -30.28
N ARG A 140 19.70 -3.92 -29.14
CA ARG A 140 20.45 -4.32 -27.94
C ARG A 140 21.40 -5.45 -28.27
N ILE A 141 20.83 -6.62 -28.58
CA ILE A 141 21.65 -7.80 -28.84
C ILE A 141 22.61 -7.58 -30.01
N ALA A 142 22.28 -6.68 -30.92
CA ALA A 142 23.19 -6.30 -31.99
C ALA A 142 24.38 -5.50 -31.48
N ALA A 143 24.38 -5.05 -30.22
CA ALA A 143 25.51 -4.29 -29.70
C ALA A 143 26.15 -4.91 -28.47
N ILE A 144 25.35 -5.34 -27.48
CA ILE A 144 25.95 -6.00 -26.32
C ILE A 144 26.55 -7.34 -26.72
N ASP A 145 25.76 -8.19 -27.37
CA ASP A 145 26.27 -9.50 -27.77
C ASP A 145 27.31 -9.36 -28.87
N GLU A 146 27.34 -8.21 -29.55
CA GLU A 146 28.42 -7.92 -30.48
C GLU A 146 29.66 -7.46 -29.73
N TYR A 147 29.49 -6.54 -28.77
CA TYR A 147 30.60 -5.95 -28.03
C TYR A 147 31.53 -7.00 -27.44
N ASN A 148 31.02 -8.18 -27.12
CA ASN A 148 31.79 -9.21 -26.45
C ASN A 148 32.61 -10.04 -27.43
N LYS A 149 32.25 -10.00 -28.70
CA LYS A 149 32.86 -10.83 -29.74
C LYS A 149 34.37 -10.60 -29.86
N PRO A 150 35.14 -11.66 -30.11
CA PRO A 150 36.61 -11.54 -30.24
C PRO A 150 37.04 -10.59 -31.35
N GLY A 151 38.09 -9.84 -31.07
CA GLY A 151 38.63 -8.89 -32.02
C GLY A 151 37.72 -7.71 -32.21
N SER A 152 37.01 -7.34 -31.16
CA SER A 152 36.05 -6.25 -31.27
C SER A 152 36.81 -4.96 -31.53
N ASP A 153 36.18 -4.09 -32.32
CA ASP A 153 36.79 -2.81 -32.62
C ASP A 153 36.50 -1.81 -31.52
N LYS A 154 35.46 -2.07 -30.73
CA LYS A 154 34.99 -1.16 -29.69
C LYS A 154 35.91 -1.12 -28.49
N PHE A 155 35.83 0.00 -27.76
CA PHE A 155 36.60 0.31 -26.58
C PHE A 155 35.73 0.84 -25.44
N ILE A 156 34.71 1.64 -25.75
CA ILE A 156 33.82 2.25 -24.77
C ILE A 156 32.40 1.75 -25.01
N PHE A 157 31.65 1.54 -23.92
CA PHE A 157 30.23 1.20 -24.03
C PHE A 157 29.43 2.13 -23.12
N LEU A 158 28.62 2.99 -23.72
CA LEU A 158 27.82 3.96 -22.98
C LEU A 158 26.45 3.39 -22.65
N LEU A 159 26.09 3.42 -21.38
CA LEU A 159 24.79 2.94 -20.94
C LEU A 159 24.24 3.88 -19.88
N THR A 160 22.92 3.92 -19.78
CA THR A 160 22.29 4.56 -18.64
C THR A 160 22.21 3.56 -17.50
N THR A 161 22.35 4.06 -16.27
CA THR A 161 22.34 3.18 -15.10
C THR A 161 21.06 2.36 -15.03
N ARG A 162 19.95 2.92 -15.50
CA ARG A 162 18.64 2.30 -15.42
C ARG A 162 18.15 1.82 -16.78
N ALA A 163 19.05 1.23 -17.57
CA ALA A 163 18.65 0.68 -18.87
C ALA A 163 17.69 -0.48 -18.71
N GLY A 164 17.81 -1.24 -17.62
CA GLY A 164 16.88 -2.29 -17.27
C GLY A 164 17.32 -3.69 -17.62
N GLY A 165 18.29 -3.83 -18.51
CA GLY A 165 18.71 -5.13 -19.00
C GLY A 165 19.09 -6.13 -17.93
N LEU A 166 18.20 -7.09 -17.66
CA LEU A 166 18.46 -8.14 -16.70
C LEU A 166 19.21 -9.29 -17.36
N GLY A 167 20.24 -9.78 -16.68
CA GLY A 167 21.06 -10.84 -17.23
C GLY A 167 21.85 -10.47 -18.44
N ILE A 168 22.01 -9.18 -18.72
CA ILE A 168 22.89 -8.74 -19.80
C ILE A 168 24.29 -8.76 -19.22
N ASN A 169 25.19 -9.47 -19.89
CA ASN A 169 26.51 -9.70 -19.34
C ASN A 169 27.57 -9.17 -20.30
N LEU A 170 28.41 -8.26 -19.79
CA LEU A 170 29.49 -7.67 -20.58
C LEU A 170 30.81 -7.94 -19.87
N THR A 171 31.07 -9.21 -19.57
CA THR A 171 32.29 -9.60 -18.87
C THR A 171 33.55 -9.43 -19.70
N THR A 172 33.40 -9.17 -21.00
CA THR A 172 34.56 -8.88 -21.84
C THR A 172 35.12 -7.49 -21.59
N ALA A 173 34.46 -6.70 -20.75
CA ALA A 173 35.00 -5.43 -20.28
C ALA A 173 35.43 -5.60 -18.83
N ASP A 174 36.46 -4.85 -18.43
CA ASP A 174 37.03 -4.99 -17.10
C ASP A 174 36.98 -3.73 -16.26
N ILE A 175 36.50 -2.62 -16.81
CA ILE A 175 36.47 -1.35 -16.09
C ILE A 175 35.06 -0.77 -16.13
N VAL A 176 34.57 -0.32 -14.99
CA VAL A 176 33.25 0.29 -14.87
C VAL A 176 33.41 1.70 -14.30
N ILE A 177 32.84 2.68 -15.00
CA ILE A 177 32.91 4.08 -14.58
C ILE A 177 31.50 4.58 -14.31
N LEU A 178 31.21 4.90 -13.06
CA LEU A 178 29.94 5.54 -12.70
C LEU A 178 30.16 7.05 -12.75
N TYR A 179 29.87 7.63 -13.92
CA TYR A 179 30.06 9.07 -14.12
C TYR A 179 29.31 9.87 -13.05
N ASP A 180 28.08 9.46 -12.74
CA ASP A 180 27.35 9.99 -11.60
C ASP A 180 26.70 8.83 -10.88
N SER A 181 26.26 9.08 -9.65
CA SER A 181 25.81 8.02 -8.76
C SER A 181 24.31 8.08 -8.56
N ASP A 182 23.71 6.90 -8.39
CA ASP A 182 22.29 6.79 -8.09
C ASP A 182 22.06 7.02 -6.60
N TRP A 183 20.86 7.49 -6.26
CA TRP A 183 20.47 7.65 -4.87
C TRP A 183 20.09 6.33 -4.22
N ASN A 184 19.91 5.28 -5.00
CA ASN A 184 19.77 3.93 -4.49
C ASN A 184 21.05 3.18 -4.82
N PRO A 185 21.90 2.88 -3.84
CA PRO A 185 23.19 2.23 -4.16
C PRO A 185 23.04 0.90 -4.88
N GLN A 186 21.97 0.16 -4.63
CA GLN A 186 21.75 -1.11 -5.32
C GLN A 186 21.56 -0.91 -6.82
N ALA A 187 21.14 0.27 -7.25
CA ALA A 187 21.05 0.56 -8.68
C ALA A 187 22.43 0.64 -9.31
N ASP A 188 23.37 1.27 -8.61
CA ASP A 188 24.76 1.29 -9.07
C ASP A 188 25.36 -0.10 -9.02
N LEU A 189 24.95 -0.91 -8.04
CA LEU A 189 25.48 -2.26 -7.89
C LEU A 189 25.12 -3.12 -9.10
N GLN A 190 23.91 -2.96 -9.64
CA GLN A 190 23.54 -3.68 -10.86
C GLN A 190 24.42 -3.28 -12.02
N ALA A 191 24.65 -1.97 -12.18
CA ALA A 191 25.49 -1.48 -13.26
C ALA A 191 26.89 -2.07 -13.19
N MET A 192 27.40 -2.26 -11.96
CA MET A 192 28.70 -2.91 -11.81
C MET A 192 28.64 -4.37 -12.23
N ASP A 193 27.54 -5.06 -11.87
CA ASP A 193 27.35 -6.48 -12.12
C ASP A 193 26.94 -6.76 -13.57
N ARG A 194 27.35 -5.89 -14.49
CA ARG A 194 27.36 -6.23 -15.90
C ARG A 194 28.71 -6.78 -16.33
N ALA A 195 29.77 -6.44 -15.59
CA ALA A 195 31.10 -6.97 -15.79
C ALA A 195 31.56 -7.87 -14.65
N HIS A 196 31.22 -7.52 -13.41
CA HIS A 196 31.62 -8.31 -12.26
C HIS A 196 30.54 -9.35 -11.94
N ARG A 197 30.49 -10.37 -12.79
CA ARG A 197 29.59 -11.51 -12.59
C ARG A 197 30.22 -12.76 -13.18
N ILE A 198 29.54 -13.89 -13.01
CA ILE A 198 29.99 -15.20 -13.47
C ILE A 198 30.26 -15.16 -14.97
N GLY A 199 31.51 -15.36 -15.36
CA GLY A 199 31.91 -15.25 -16.74
C GLY A 199 33.12 -14.36 -16.89
N GLN A 200 33.35 -13.50 -15.90
CA GLN A 200 34.51 -12.62 -15.88
C GLN A 200 35.78 -13.36 -15.50
N THR A 201 36.86 -13.08 -16.23
CA THR A 201 38.15 -13.71 -15.98
C THR A 201 39.17 -12.77 -15.35
N LYS A 202 39.00 -11.46 -15.48
CA LYS A 202 39.97 -10.49 -14.99
C LYS A 202 39.43 -9.71 -13.80
N GLN A 203 40.29 -8.86 -13.24
CA GLN A 203 39.95 -8.04 -12.09
C GLN A 203 39.11 -6.83 -12.50
N VAL A 204 37.89 -6.75 -11.97
CA VAL A 204 36.98 -5.66 -12.28
C VAL A 204 37.27 -4.47 -11.37
N VAL A 205 37.52 -3.31 -11.98
CA VAL A 205 37.77 -2.07 -11.24
C VAL A 205 36.65 -1.07 -11.56
N VAL A 206 36.05 -0.52 -10.51
CA VAL A 206 34.93 0.40 -10.64
C VAL A 206 35.36 1.77 -10.11
N TYR A 207 35.35 2.77 -10.99
CA TYR A 207 35.66 4.15 -10.63
C TYR A 207 34.37 4.95 -10.50
N ARG A 208 34.12 5.52 -9.32
CA ARG A 208 32.93 6.31 -9.05
C ARG A 208 33.29 7.79 -8.98
N PHE A 209 32.93 8.54 -10.03
CA PHE A 209 33.21 9.98 -10.06
C PHE A 209 32.38 10.71 -9.00
N VAL A 210 33.05 11.50 -8.18
CA VAL A 210 32.40 12.30 -7.13
C VAL A 210 32.99 13.70 -7.16
N THR A 211 32.15 14.71 -7.38
CA THR A 211 32.59 16.10 -7.36
C THR A 211 32.90 16.49 -5.91
N ASP A 212 34.19 16.59 -5.59
CA ASP A 212 34.62 16.86 -4.23
C ASP A 212 34.21 18.27 -3.78
N ASN A 213 33.92 18.39 -2.49
CA ASN A 213 33.50 19.65 -1.86
C ASN A 213 32.28 20.27 -2.53
N ALA A 214 31.42 19.44 -3.09
CA ALA A 214 30.15 19.88 -3.67
C ALA A 214 29.06 18.92 -3.22
N ILE A 215 27.89 19.04 -3.84
CA ILE A 215 26.75 18.21 -3.44
C ILE A 215 27.05 16.73 -3.62
N GLU A 216 27.86 16.38 -4.63
CA GLU A 216 28.13 14.97 -4.89
C GLU A 216 28.96 14.33 -3.78
N GLU A 217 29.76 15.12 -3.06
CA GLU A 217 30.52 14.56 -1.95
C GLU A 217 29.61 14.25 -0.77
N LYS A 218 28.64 15.13 -0.50
CA LYS A 218 27.73 14.88 0.61
C LYS A 218 26.78 13.73 0.30
N VAL A 219 26.33 13.63 -0.96
CA VAL A 219 25.47 12.52 -1.36
C VAL A 219 26.20 11.19 -1.16
N LEU A 220 27.49 11.15 -1.49
CA LEU A 220 28.26 9.92 -1.28
C LEU A 220 28.26 9.52 0.18
N GLU A 221 28.31 10.50 1.08
CA GLU A 221 28.28 10.21 2.52
C GLU A 221 26.88 9.79 2.96
N ARG A 222 25.85 10.32 2.32
CA ARG A 222 24.49 9.88 2.61
C ARG A 222 24.20 8.52 1.98
N ALA A 223 24.91 8.19 0.90
CA ALA A 223 24.73 6.89 0.26
C ALA A 223 25.30 5.77 1.13
N ALA A 224 26.41 6.04 1.82
CA ALA A 224 27.00 5.05 2.69
C ALA A 224 26.10 4.72 3.88
N GLN A 225 25.30 5.69 4.33
CA GLN A 225 24.37 5.42 5.44
C GLN A 225 23.28 4.45 5.02
N LYS A 226 22.59 4.74 3.92
CA LYS A 226 21.54 3.86 3.43
C LYS A 226 22.10 2.49 3.08
N LEU A 227 23.32 2.48 2.53
CA LEU A 227 23.99 1.23 2.21
C LEU A 227 24.29 0.43 3.47
N ARG A 228 24.61 1.13 4.55
CA ARG A 228 24.89 0.47 5.82
C ARG A 228 23.61 0.02 6.50
N LEU A 229 22.55 0.84 6.41
CA LEU A 229 21.27 0.49 7.01
C LEU A 229 20.62 -0.70 6.33
N ASP A 230 20.84 -0.87 5.02
CA ASP A 230 20.31 -2.05 4.34
C ASP A 230 20.92 -3.32 4.89
N GLN A 231 22.21 -3.30 5.23
CA GLN A 231 22.82 -4.45 5.87
C GLN A 231 22.15 -4.77 7.21
N LEU A 232 21.77 -3.73 7.97
CA LEU A 232 21.15 -3.95 9.27
C LEU A 232 19.75 -4.55 9.11
N VAL A 233 19.01 -4.08 8.10
CA VAL A 233 17.70 -4.65 7.77
C VAL A 233 17.84 -6.11 7.35
N ILE A 234 18.83 -6.39 6.49
CA ILE A 234 19.11 -7.78 6.14
C ILE A 234 19.45 -8.61 7.37
N GLN A 235 20.33 -8.09 8.23
CA GLN A 235 20.75 -8.90 9.39
C GLN A 235 19.59 -9.12 10.35
N GLN A 236 18.74 -8.09 10.54
CA GLN A 236 17.57 -8.24 11.39
C GLN A 236 16.64 -9.31 10.87
N GLY A 237 16.52 -9.42 9.54
CA GLY A 237 15.74 -10.50 8.96
C GLY A 237 16.28 -11.87 9.31
N ARG A 238 17.61 -12.02 9.30
CA ARG A 238 18.21 -13.29 9.68
C ARG A 238 17.86 -13.66 11.11
N ALA A 239 17.99 -12.71 12.04
CA ALA A 239 17.65 -12.99 13.42
C ALA A 239 16.16 -13.27 13.59
N GLN A 240 15.32 -12.67 12.74
CA GLN A 240 13.89 -12.92 12.86
C GLN A 240 13.55 -14.35 12.46
N VAL A 241 14.13 -14.83 11.36
CA VAL A 241 13.85 -16.19 10.89
C VAL A 241 14.32 -17.20 11.93
N ALA A 242 15.53 -17.00 12.46
CA ALA A 242 16.06 -17.92 13.46
C ALA A 242 15.24 -17.88 14.75
N ALA A 243 14.72 -16.70 15.12
CA ALA A 243 13.90 -16.61 16.32
C ALA A 243 12.55 -17.30 16.12
N LYS A 244 12.03 -17.26 14.91
CA LYS A 244 10.74 -17.88 14.58
C LYS A 244 10.89 -19.38 14.30
N ALA A 245 12.12 -19.87 14.18
CA ALA A 245 12.34 -21.27 13.79
C ALA A 245 12.05 -22.23 14.94
N ALA A 246 11.25 -23.25 14.65
CA ALA A 246 11.03 -24.32 15.61
C ALA A 246 12.18 -25.33 15.54
N ALA A 247 12.29 -26.15 16.58
CA ALA A 247 13.37 -27.12 16.63
C ALA A 247 13.15 -28.24 15.61
N ASN A 248 14.19 -28.56 14.86
CA ASN A 248 14.19 -29.71 13.96
C ASN A 248 14.50 -30.99 14.75
N LYS A 249 14.37 -32.14 14.08
CA LYS A 249 14.74 -33.39 14.73
C LYS A 249 16.22 -33.43 15.08
N ASP A 250 17.07 -32.68 14.38
CA ASP A 250 18.46 -32.62 14.79
C ASP A 250 18.63 -31.81 16.07
N GLU A 251 17.85 -30.74 16.22
CA GLU A 251 17.90 -29.98 17.46
C GLU A 251 17.31 -30.79 18.62
N LEU A 252 16.21 -31.51 18.34
CA LEU A 252 15.57 -32.34 19.36
C LEU A 252 16.47 -33.50 19.78
N LEU A 253 17.20 -34.08 18.83
CA LEU A 253 18.04 -35.24 19.14
C LEU A 253 19.17 -34.87 20.09
N SER A 254 19.83 -33.72 19.87
CA SER A 254 20.91 -33.32 20.76
C SER A 254 20.40 -33.03 22.17
N MET A 255 19.14 -32.59 22.29
CA MET A 255 18.55 -32.34 23.60
C MET A 255 18.29 -33.64 24.34
N ILE A 256 17.79 -34.66 23.63
CA ILE A 256 17.54 -35.96 24.24
C ILE A 256 18.86 -36.64 24.59
N GLN A 257 19.83 -36.55 23.68
CA GLN A 257 21.12 -37.21 23.87
C GLN A 257 22.00 -36.53 24.91
N HIS A 258 21.70 -35.29 25.27
CA HIS A 258 22.57 -34.54 26.19
C HIS A 258 22.58 -35.22 27.56
N GLY A 259 23.70 -35.83 27.92
CA GLY A 259 23.84 -36.49 29.19
C GLY A 259 23.23 -37.87 29.28
N ALA A 260 22.63 -38.37 28.19
CA ALA A 260 22.00 -39.69 28.23
C ALA A 260 23.00 -40.79 28.56
N GLU A 261 24.22 -40.68 28.02
CA GLU A 261 25.26 -41.66 28.35
C GLU A 261 25.65 -41.54 29.81
N LYS A 262 25.72 -40.31 30.32
CA LYS A 262 26.07 -40.10 31.72
C LYS A 262 24.99 -40.65 32.63
N VAL A 263 23.73 -40.63 32.17
CA VAL A 263 22.63 -41.23 32.93
C VAL A 263 22.70 -42.75 32.87
N PHE A 264 22.95 -43.30 31.66
CA PHE A 264 23.09 -44.74 31.51
C PHE A 264 24.26 -45.27 32.33
N GLN A 265 25.33 -44.45 32.47
CA GLN A 265 26.47 -44.85 33.28
C GLN A 265 26.16 -44.79 34.76
N THR A 266 25.32 -43.84 35.17
CA THR A 266 25.02 -43.65 36.58
C THR A 266 24.20 -44.82 37.12
N LYS A 267 24.60 -45.35 38.27
CA LYS A 267 23.89 -46.41 38.94
C LYS A 267 23.37 -46.02 40.32
N GLY A 268 23.79 -44.87 40.85
CA GLY A 268 23.30 -44.38 42.11
C GLY A 268 22.45 -43.13 41.96
N ALA A 269 22.85 -42.05 42.62
CA ALA A 269 22.19 -40.76 42.46
C ALA A 269 22.90 -39.92 41.43
N PHE A 270 22.28 -38.81 41.04
CA PHE A 270 22.74 -38.00 39.92
C PHE A 270 23.10 -36.60 40.40
N GLY A 271 24.31 -36.16 40.09
CA GLY A 271 24.74 -34.79 40.30
C GLY A 271 24.63 -34.26 41.72
N THR A 272 23.69 -33.33 41.93
CA THR A 272 23.54 -32.71 43.25
C THR A 272 23.10 -33.73 44.30
N MET A 273 22.19 -34.64 43.92
CA MET A 273 21.76 -35.68 44.85
C MET A 273 22.86 -36.67 45.16
N ALA A 274 23.85 -36.81 44.27
CA ALA A 274 25.00 -37.64 44.58
C ALA A 274 25.90 -36.95 45.61
N GLU A 275 25.94 -35.61 45.59
CA GLU A 275 26.69 -34.86 46.60
C GLU A 275 26.14 -35.14 47.99
N LYS A 276 24.85 -34.87 48.20
CA LYS A 276 24.20 -35.12 49.48
C LYS A 276 22.99 -36.03 49.31
N GLY A 277 21.90 -35.54 48.74
CA GLY A 277 20.68 -36.32 48.63
C GLY A 277 19.72 -36.03 49.76
N SER A 278 20.22 -36.09 50.99
CA SER A 278 19.45 -35.65 52.14
C SER A 278 19.59 -34.13 52.30
N GLN A 279 18.60 -33.53 52.97
CA GLN A 279 18.55 -32.08 53.17
C GLN A 279 19.53 -31.72 54.28
N LEU A 280 20.73 -31.31 53.89
CA LEU A 280 21.83 -31.06 54.79
C LEU A 280 22.06 -29.54 54.90
N ASP A 281 23.31 -29.14 55.11
CA ASP A 281 23.60 -27.78 55.57
C ASP A 281 23.14 -26.75 54.54
N ASP A 282 22.81 -25.55 55.03
CA ASP A 282 22.63 -24.42 54.12
C ASP A 282 23.94 -23.96 53.52
N ASP A 283 25.08 -24.46 54.01
CA ASP A 283 26.35 -24.27 53.32
C ASP A 283 26.33 -24.96 51.96
N ASP A 284 25.60 -26.08 51.86
CA ASP A 284 25.46 -26.75 50.57
C ASP A 284 24.60 -25.91 49.63
N ILE A 285 23.53 -25.32 50.18
CA ILE A 285 22.69 -24.45 49.35
C ILE A 285 23.46 -23.18 49.01
N ASP A 286 24.26 -22.68 49.95
CA ASP A 286 25.10 -21.52 49.68
C ASP A 286 26.16 -21.84 48.64
N ALA A 287 26.60 -23.10 48.57
CA ALA A 287 27.55 -23.49 47.54
C ALA A 287 26.87 -23.65 46.19
N ILE A 288 25.65 -24.19 46.17
CA ILE A 288 24.91 -24.35 44.93
C ILE A 288 24.52 -22.99 44.37
N LEU A 289 23.92 -22.13 45.20
CA LEU A 289 23.53 -20.81 44.74
C LEU A 289 24.75 -20.00 44.32
N GLN A 290 25.90 -20.26 44.94
CA GLN A 290 27.14 -19.61 44.53
C GLN A 290 27.57 -20.13 43.18
N ALA A 291 27.57 -21.46 43.00
CA ALA A 291 27.94 -22.05 41.73
C ALA A 291 26.90 -21.78 40.64
N GLY A 292 25.63 -21.71 41.02
CA GLY A 292 24.60 -21.41 40.03
C GLY A 292 24.70 -20.00 39.50
N GLU A 293 24.89 -19.02 40.40
CA GLU A 293 25.06 -17.63 39.99
C GLU A 293 26.30 -17.45 39.14
N THR A 294 27.34 -18.26 39.36
CA THR A 294 28.53 -18.18 38.53
C THR A 294 28.24 -18.65 37.11
N ARG A 295 27.57 -19.80 36.98
CA ARG A 295 27.26 -20.32 35.65
C ARG A 295 26.22 -19.45 34.94
N THR A 296 25.38 -18.73 35.69
CA THR A 296 24.39 -17.85 35.08
C THR A 296 25.05 -16.67 34.39
N LYS A 297 26.02 -16.02 35.05
CA LYS A 297 26.75 -14.93 34.42
C LYS A 297 27.52 -15.43 33.21
N GLU A 298 28.10 -16.63 33.30
CA GLU A 298 28.85 -17.19 32.19
C GLU A 298 27.96 -17.44 30.99
N LEU A 299 26.74 -17.93 31.24
CA LEU A 299 25.80 -18.17 30.14
C LEU A 299 25.41 -16.86 29.48
N ASN A 300 25.13 -15.83 30.30
CA ASN A 300 24.75 -14.53 29.74
C ASN A 300 25.89 -13.95 28.91
N ALA A 301 27.13 -14.15 29.34
CA ALA A 301 28.27 -13.59 28.61
C ALA A 301 28.43 -14.24 27.24
N ARG A 302 28.12 -15.53 27.12
CA ARG A 302 28.30 -16.22 25.85
C ARG A 302 27.37 -15.66 24.77
N TYR A 303 26.13 -15.35 25.12
CA TYR A 303 25.17 -14.91 24.13
C TYR A 303 25.10 -13.39 24.01
N GLU A 304 25.48 -12.66 25.05
CA GLU A 304 25.56 -11.20 24.99
C GLU A 304 26.76 -10.73 24.18
N LYS A 305 27.59 -11.65 23.68
CA LYS A 305 28.80 -11.30 22.93
C LYS A 305 28.71 -11.65 21.46
N LEU A 306 27.61 -12.25 21.00
CA LEU A 306 27.46 -12.57 19.58
C LEU A 306 26.88 -11.38 18.83
N GLY A 307 25.61 -11.07 19.09
CA GLY A 307 25.03 -9.85 18.54
C GLY A 307 24.93 -9.87 17.02
N ILE A 308 24.26 -8.83 16.51
CA ILE A 308 24.06 -8.66 15.07
C ILE A 308 25.41 -8.63 14.36
N ASP A 309 25.39 -8.76 13.02
CA ASP A 309 26.56 -8.78 12.14
C ASP A 309 27.38 -10.05 12.29
N ASP A 310 27.15 -10.82 13.35
CA ASP A 310 27.69 -12.16 13.48
C ASP A 310 26.62 -13.22 13.27
N LEU A 311 25.42 -12.82 12.85
CA LEU A 311 24.34 -13.76 12.62
C LEU A 311 24.69 -14.71 11.49
N GLN A 312 24.33 -15.99 11.67
CA GLN A 312 24.76 -17.03 10.75
C GLN A 312 24.19 -16.80 9.36
N LYS A 313 25.02 -17.06 8.36
CA LYS A 313 24.69 -16.81 6.96
C LYS A 313 24.17 -18.08 6.33
N PHE A 314 22.90 -18.07 5.92
CA PHE A 314 22.32 -19.12 5.09
C PHE A 314 22.24 -18.69 3.62
N THR A 315 21.68 -17.51 3.37
CA THR A 315 21.68 -16.91 2.04
C THR A 315 22.76 -15.84 1.98
N SER A 316 23.46 -15.77 0.85
CA SER A 316 24.61 -14.86 0.70
C SER A 316 24.17 -13.53 0.10
N GLU A 317 23.34 -12.80 0.84
CA GLU A 317 22.86 -11.50 0.40
C GLU A 317 23.57 -10.40 1.19
N SER A 318 24.22 -9.49 0.47
CA SER A 318 24.80 -8.30 1.06
C SER A 318 24.05 -7.07 0.56
N ALA A 319 24.12 -5.99 1.33
CA ALA A 319 23.76 -4.69 0.79
C ALA A 319 24.81 -4.16 -0.17
N TYR A 320 25.95 -4.84 -0.26
CA TYR A 320 27.10 -4.40 -1.05
C TYR A 320 27.30 -5.28 -2.27
N GLU A 321 26.28 -6.04 -2.66
CA GLU A 321 26.26 -6.86 -3.87
C GLU A 321 24.93 -6.63 -4.58
N TRP A 322 24.83 -7.16 -5.80
CA TRP A 322 23.67 -6.87 -6.64
C TRP A 322 22.39 -7.38 -6.01
N ASN A 323 21.38 -6.50 -5.99
CA ASN A 323 20.04 -6.85 -5.52
C ASN A 323 19.54 -8.13 -6.19
N GLY A 324 19.74 -8.25 -7.49
CA GLY A 324 19.03 -9.19 -8.33
C GLY A 324 17.86 -8.57 -9.06
N GLU A 325 17.37 -7.43 -8.57
CA GLU A 325 16.37 -6.64 -9.25
C GLU A 325 17.01 -5.88 -10.41
N ASP A 326 16.23 -5.66 -11.47
CA ASP A 326 16.65 -4.78 -12.55
C ASP A 326 15.98 -3.43 -12.41
N PHE A 327 16.70 -2.37 -12.75
CA PHE A 327 16.25 -1.00 -12.51
C PHE A 327 16.01 -0.30 -13.84
N ALA A 328 14.81 0.27 -13.97
CA ALA A 328 14.46 1.12 -15.11
C ALA A 328 13.95 2.45 -14.57
N ALA A 329 14.34 3.54 -15.23
CA ALA A 329 13.96 4.87 -14.78
C ALA A 329 12.52 5.19 -15.17
N LYS B 2 -34.77 13.53 11.76
CA LYS B 2 -35.18 14.92 11.63
C LYS B 2 -34.75 15.50 10.29
N SER B 3 -35.27 16.69 9.97
CA SER B 3 -35.04 17.30 8.67
C SER B 3 -33.67 17.97 8.64
N LEU B 4 -32.81 17.52 7.72
CA LEU B 4 -31.50 18.11 7.48
C LEU B 4 -31.50 18.76 6.10
N LEU B 5 -31.56 20.09 6.08
CA LEU B 5 -31.63 20.82 4.82
C LEU B 5 -30.37 20.58 3.98
N PRO B 6 -30.50 20.32 2.69
CA PRO B 6 -29.30 20.18 1.84
C PRO B 6 -28.47 21.46 1.88
N LYS B 7 -27.16 21.28 1.85
CA LYS B 7 -26.24 22.40 1.95
C LYS B 7 -26.17 23.18 0.64
N LYS B 8 -26.17 24.51 0.74
CA LYS B 8 -25.99 25.39 -0.41
C LYS B 8 -24.49 25.64 -0.58
N GLU B 9 -23.91 25.03 -1.61
CA GLU B 9 -22.50 25.18 -1.92
C GLU B 9 -22.38 26.19 -3.07
N ILE B 10 -21.80 27.35 -2.79
CA ILE B 10 -21.73 28.45 -3.76
C ILE B 10 -20.28 28.89 -3.94
N ASN B 11 -19.79 28.78 -5.18
CA ASN B 11 -18.50 29.36 -5.55
C ASN B 11 -18.63 30.86 -5.77
N VAL B 12 -17.85 31.65 -5.05
CA VAL B 12 -17.82 33.10 -5.26
C VAL B 12 -16.49 33.47 -5.94
N TYR B 13 -16.57 33.84 -7.22
CA TYR B 13 -15.36 34.13 -7.99
C TYR B 13 -14.82 35.53 -7.68
N ILE B 14 -13.52 35.60 -7.36
CA ILE B 14 -12.88 36.79 -6.83
C ILE B 14 -11.69 37.18 -7.69
N GLY B 15 -11.47 38.49 -7.81
CA GLY B 15 -10.30 39.03 -8.51
C GLY B 15 -9.11 39.22 -7.59
N MET B 16 -8.08 39.87 -8.14
CA MET B 16 -6.83 40.12 -7.44
C MET B 16 -6.54 41.61 -7.36
N SER B 17 -5.91 42.03 -6.26
CA SER B 17 -5.50 43.41 -6.10
C SER B 17 -4.31 43.71 -7.01
N GLU B 18 -3.98 45.00 -7.14
CA GLU B 18 -2.83 45.41 -7.93
C GLU B 18 -1.55 44.76 -7.42
N MET B 19 -1.43 44.65 -6.10
CA MET B 19 -0.25 44.04 -5.51
C MET B 19 -0.17 42.57 -5.86
N GLN B 20 -1.33 41.88 -5.83
CA GLN B 20 -1.36 40.47 -6.22
C GLN B 20 -0.92 40.30 -7.67
N VAL B 21 -1.37 41.19 -8.56
CA VAL B 21 -1.01 41.09 -9.97
C VAL B 21 0.50 41.20 -10.15
N LYS B 22 1.14 42.13 -9.42
CA LYS B 22 2.59 42.26 -9.51
C LYS B 22 3.28 40.97 -9.11
N TRP B 23 2.84 40.38 -7.99
CA TRP B 23 3.48 39.15 -7.52
C TRP B 23 3.16 37.98 -8.42
N TYR B 24 1.91 37.86 -8.87
CA TYR B 24 1.54 36.81 -9.82
C TYR B 24 2.38 36.90 -11.08
N GLN B 25 2.61 38.13 -11.57
CA GLN B 25 3.50 38.34 -12.70
C GLN B 25 4.95 37.95 -12.34
N LYS B 26 5.40 38.35 -11.15
CA LYS B 26 6.77 38.03 -10.74
C LYS B 26 7.00 36.53 -10.64
N ILE B 27 6.01 35.79 -10.14
CA ILE B 27 6.14 34.34 -10.03
C ILE B 27 6.29 33.70 -11.40
N LEU B 28 5.42 34.09 -12.34
CA LEU B 28 5.49 33.56 -13.70
C LEU B 28 6.80 33.94 -14.39
N GLU B 29 7.34 35.13 -14.08
CA GLU B 29 8.54 35.59 -14.76
C GLU B 29 9.78 34.80 -14.35
N LYS B 30 9.91 34.52 -13.05
CA LYS B 30 11.09 33.86 -12.51
C LYS B 30 11.22 32.40 -12.98
N ASP B 31 10.25 31.88 -13.72
CA ASP B 31 10.34 30.56 -14.32
C ASP B 31 9.55 30.54 -15.63
N ILE B 32 9.79 31.55 -16.48
CA ILE B 32 9.02 31.67 -17.72
C ILE B 32 9.35 30.53 -18.68
N ASP B 33 10.58 29.99 -18.61
CA ASP B 33 10.94 28.90 -19.50
C ASP B 33 10.13 27.64 -19.20
N ALA B 34 9.85 27.39 -17.91
CA ALA B 34 8.98 26.27 -17.57
C ALA B 34 7.55 26.57 -17.98
N VAL B 35 7.14 27.84 -17.86
CA VAL B 35 5.78 28.23 -18.26
C VAL B 35 5.63 28.22 -19.78
N ASN B 36 6.62 28.82 -20.47
CA ASN B 36 6.51 28.97 -21.93
C ASN B 36 6.57 27.62 -22.64
N GLY B 37 7.41 26.72 -22.16
CA GLY B 37 7.56 25.42 -22.79
C GLY B 37 7.67 24.32 -21.75
N ALA B 38 8.85 23.74 -21.63
CA ALA B 38 9.10 22.68 -20.66
C ALA B 38 10.61 22.47 -20.56
N GLY B 39 10.99 21.55 -19.69
CA GLY B 39 12.33 21.01 -19.68
C GLY B 39 12.24 19.52 -19.96
N GLY B 40 13.26 18.76 -19.60
CA GLY B 40 13.13 17.32 -19.61
C GLY B 40 11.98 16.93 -18.68
N LYS B 41 11.13 16.00 -19.12
CA LYS B 41 9.91 15.69 -18.38
C LYS B 41 10.20 15.38 -16.91
N ARG B 42 11.39 14.86 -16.62
CA ARG B 42 11.78 14.65 -15.22
C ARG B 42 11.82 15.96 -14.45
N GLU B 43 12.42 16.99 -15.04
CA GLU B 43 12.63 18.26 -14.34
C GLU B 43 11.36 19.08 -14.23
N SER B 44 10.57 19.13 -15.31
CA SER B 44 9.49 20.10 -15.38
C SER B 44 8.47 19.92 -14.27
N LYS B 45 8.21 18.68 -13.87
CA LYS B 45 7.11 18.42 -12.94
C LYS B 45 7.36 19.02 -11.57
N THR B 46 8.54 18.74 -10.99
CA THR B 46 8.85 19.32 -9.69
C THR B 46 9.00 20.84 -9.80
N ARG B 47 9.48 21.33 -10.94
CA ARG B 47 9.63 22.76 -11.15
C ARG B 47 8.28 23.45 -11.34
N LEU B 48 7.33 22.79 -12.00
CA LEU B 48 6.00 23.36 -12.15
C LEU B 48 5.22 23.29 -10.84
N LEU B 49 5.41 22.19 -10.09
CA LEU B 49 4.70 22.03 -8.82
C LEU B 49 5.03 23.15 -7.84
N ASN B 50 6.24 23.71 -7.91
CA ASN B 50 6.57 24.85 -7.05
C ASN B 50 5.82 26.10 -7.50
N ILE B 51 5.74 26.32 -8.81
CA ILE B 51 5.01 27.48 -9.33
C ILE B 51 3.56 27.43 -8.86
N VAL B 52 2.98 26.24 -8.82
CA VAL B 52 1.60 26.08 -8.39
C VAL B 52 1.43 26.61 -6.96
N MET B 53 2.31 26.24 -6.04
CA MET B 53 2.14 26.68 -4.66
C MET B 53 2.34 28.18 -4.53
N GLN B 54 3.27 28.75 -5.29
CA GLN B 54 3.52 30.18 -5.18
C GLN B 54 2.32 30.96 -5.71
N LEU B 55 1.74 30.50 -6.83
CA LEU B 55 0.52 31.11 -7.34
C LEU B 55 -0.64 30.85 -6.39
N ARG B 56 -0.67 29.67 -5.77
CA ARG B 56 -1.64 29.38 -4.71
C ARG B 56 -1.49 30.37 -3.56
N LYS B 57 -0.25 30.69 -3.18
CA LYS B 57 -0.03 31.67 -2.12
C LYS B 57 -0.45 33.06 -2.55
N CYS B 58 -0.16 33.42 -3.81
CA CYS B 58 -0.51 34.75 -4.30
C CYS B 58 -2.01 34.95 -4.33
N CYS B 59 -2.76 33.91 -4.71
CA CYS B 59 -4.22 34.00 -4.70
C CYS B 59 -4.75 34.18 -3.28
N ASN B 60 -4.03 33.65 -2.29
CA ASN B 60 -4.47 33.78 -0.90
C ASN B 60 -4.17 35.17 -0.35
N HIS B 61 -2.89 35.56 -0.33
CA HIS B 61 -2.49 36.87 0.18
C HIS B 61 -1.04 37.17 -0.18
N PRO B 62 -0.75 38.36 -0.72
CA PRO B 62 0.65 38.71 -1.02
C PRO B 62 1.54 38.73 0.21
N TYR B 63 0.98 39.04 1.38
CA TYR B 63 1.79 39.13 2.59
C TYR B 63 2.38 37.79 3.00
N LEU B 64 1.98 36.70 2.35
CA LEU B 64 2.62 35.41 2.57
C LEU B 64 4.06 35.42 2.04
N PHE B 65 4.37 36.30 1.09
CA PHE B 65 5.73 36.50 0.62
C PHE B 65 6.43 37.54 1.49
N GLU B 66 7.71 37.28 1.79
CA GLU B 66 8.46 38.16 2.68
C GLU B 66 8.87 39.45 1.97
N GLY B 67 8.74 40.56 2.69
CA GLY B 67 9.08 41.85 2.13
C GLY B 67 7.99 42.49 1.31
N ALA B 68 6.87 41.81 1.12
CA ALA B 68 5.78 42.35 0.31
C ALA B 68 5.08 43.48 1.06
N GLU B 69 4.61 43.21 2.28
CA GLU B 69 3.96 44.24 3.08
C GLU B 69 4.92 45.42 3.26
N PRO B 70 4.41 46.67 3.22
CA PRO B 70 5.29 47.82 3.40
C PRO B 70 6.20 47.66 4.61
N GLY B 71 7.45 48.10 4.49
CA GLY B 71 8.48 47.75 5.43
C GLY B 71 8.18 48.13 6.87
N PRO B 72 9.00 47.61 7.79
CA PRO B 72 8.86 47.75 9.25
C PRO B 72 8.75 49.20 9.70
N PRO B 73 7.93 49.46 10.74
CA PRO B 73 7.16 48.46 11.48
C PRO B 73 5.89 47.98 10.77
N TYR B 74 5.60 46.69 10.86
CA TYR B 74 4.41 46.10 10.26
C TYR B 74 3.21 46.39 11.15
N THR B 75 2.44 47.42 10.81
CA THR B 75 1.23 47.76 11.53
C THR B 75 0.02 47.18 10.81
N THR B 76 -0.97 46.73 11.59
CA THR B 76 -2.20 46.17 11.05
C THR B 76 -3.21 47.30 10.83
N ASP B 77 -3.46 47.61 9.57
CA ASP B 77 -4.42 48.65 9.21
C ASP B 77 -5.36 48.14 8.11
N GLU B 78 -5.93 49.06 7.33
CA GLU B 78 -6.82 48.65 6.24
C GLU B 78 -6.06 48.04 5.07
N HIS B 79 -4.74 48.29 4.99
CA HIS B 79 -3.95 47.72 3.90
C HIS B 79 -3.97 46.20 3.93
N LEU B 80 -4.11 45.61 5.11
CA LEU B 80 -4.17 44.15 5.23
C LEU B 80 -5.33 43.55 4.45
N ILE B 81 -6.36 44.34 4.17
CA ILE B 81 -7.57 43.85 3.50
C ILE B 81 -7.54 44.14 2.00
N TYR B 82 -7.37 45.39 1.60
CA TYR B 82 -7.50 45.75 0.19
C TYR B 82 -6.30 45.31 -0.64
N ASN B 83 -5.27 44.72 -0.04
CA ASN B 83 -4.14 44.17 -0.79
C ASN B 83 -4.34 42.71 -1.17
N ALA B 84 -5.45 42.11 -0.77
CA ALA B 84 -5.76 40.72 -1.10
C ALA B 84 -7.20 40.65 -1.59
N GLY B 85 -7.38 40.04 -2.77
CA GLY B 85 -8.70 39.96 -3.35
C GLY B 85 -9.73 39.28 -2.46
N LYS B 86 -9.34 38.17 -1.84
CA LYS B 86 -10.29 37.43 -1.01
C LYS B 86 -10.66 38.19 0.25
N MET B 87 -9.76 39.01 0.78
CA MET B 87 -10.05 39.76 2.00
C MET B 87 -11.16 40.78 1.79
N VAL B 88 -11.16 41.46 0.64
CA VAL B 88 -12.20 42.45 0.35
C VAL B 88 -13.57 41.76 0.33
N VAL B 89 -13.66 40.61 -0.34
CA VAL B 89 -14.91 39.86 -0.36
C VAL B 89 -15.24 39.36 1.05
N LEU B 90 -14.24 38.87 1.78
CA LEU B 90 -14.48 38.35 3.12
C LEU B 90 -14.93 39.46 4.08
N ASP B 91 -14.33 40.65 3.97
CA ASP B 91 -14.65 41.72 4.91
C ASP B 91 -16.12 42.12 4.81
N LYS B 92 -16.64 42.20 3.59
CA LYS B 92 -18.03 42.57 3.41
C LYS B 92 -18.95 41.37 3.64
N LEU B 93 -18.47 40.17 3.34
CA LEU B 93 -19.24 38.96 3.56
C LEU B 93 -19.47 38.73 5.05
N LEU B 94 -18.41 38.87 5.85
CA LEU B 94 -18.54 38.70 7.30
C LEU B 94 -19.43 39.78 7.91
N LYS B 95 -19.35 41.00 7.38
CA LYS B 95 -20.16 42.09 7.92
C LYS B 95 -21.64 41.79 7.78
N ARG B 96 -22.04 41.17 6.67
CA ARG B 96 -23.43 40.78 6.48
C ARG B 96 -23.78 39.51 7.26
N ILE B 97 -22.83 38.58 7.37
CA ILE B 97 -23.10 37.32 8.09
C ILE B 97 -23.43 37.56 9.56
N GLN B 98 -22.68 38.45 10.21
CA GLN B 98 -22.93 38.69 11.63
C GLN B 98 -24.26 39.37 11.86
N LYS B 99 -24.66 40.27 10.95
CA LYS B 99 -25.90 41.02 11.14
C LYS B 99 -27.12 40.13 11.06
N GLN B 100 -27.06 39.05 10.28
CA GLN B 100 -28.16 38.09 10.17
C GLN B 100 -28.09 37.00 11.25
N GLY B 101 -27.26 37.17 12.27
CA GLY B 101 -27.23 36.22 13.36
C GLY B 101 -26.68 34.85 13.00
N SER B 102 -25.70 34.79 12.10
CA SER B 102 -25.10 33.53 11.68
C SER B 102 -23.66 33.47 12.15
N ARG B 103 -23.19 32.26 12.44
CA ARG B 103 -21.81 32.03 12.84
C ARG B 103 -21.08 31.23 11.76
N VAL B 104 -19.80 31.51 11.58
CA VAL B 104 -19.06 31.09 10.40
C VAL B 104 -17.79 30.35 10.78
N LEU B 105 -17.54 29.23 10.11
CA LEU B 105 -16.26 28.53 10.14
C LEU B 105 -15.47 28.90 8.88
N ILE B 106 -14.20 29.27 9.06
CA ILE B 106 -13.32 29.61 7.95
C ILE B 106 -12.18 28.60 7.93
N PHE B 107 -12.11 27.80 6.87
CA PHE B 107 -11.05 26.81 6.71
C PHE B 107 -10.00 27.33 5.75
N SER B 108 -8.80 26.76 5.84
CA SER B 108 -7.71 27.18 4.97
C SER B 108 -6.67 26.07 4.86
N GLN B 109 -5.95 26.07 3.74
CA GLN B 109 -4.85 25.14 3.52
C GLN B 109 -3.56 25.58 4.21
N MET B 110 -3.38 26.87 4.42
CA MET B 110 -2.12 27.42 4.91
C MET B 110 -2.31 28.00 6.31
N SER B 111 -1.52 27.52 7.25
CA SER B 111 -1.59 28.04 8.61
C SER B 111 -1.09 29.47 8.69
N ARG B 112 -0.14 29.85 7.83
CA ARG B 112 0.32 31.23 7.83
C ARG B 112 -0.75 32.20 7.35
N LEU B 113 -1.77 31.70 6.64
CA LEU B 113 -2.90 32.53 6.27
C LEU B 113 -3.85 32.71 7.45
N LEU B 114 -4.06 31.65 8.23
CA LEU B 114 -4.84 31.79 9.46
C LEU B 114 -4.19 32.82 10.37
N ASP B 115 -2.86 32.91 10.36
CA ASP B 115 -2.16 33.95 11.08
C ASP B 115 -2.57 35.33 10.57
N ILE B 116 -2.69 35.49 9.26
CA ILE B 116 -3.15 36.75 8.68
C ILE B 116 -4.59 37.02 9.08
N LEU B 117 -5.42 35.98 9.09
CA LEU B 117 -6.82 36.13 9.47
C LEU B 117 -6.95 36.54 10.94
N GLU B 118 -6.03 36.08 11.78
CA GLU B 118 -6.05 36.43 13.20
C GLU B 118 -5.86 37.94 13.40
N ASP B 119 -4.85 38.52 12.73
CA ASP B 119 -4.64 39.95 12.85
C ASP B 119 -5.82 40.73 12.31
N TYR B 120 -6.49 40.20 11.29
CA TYR B 120 -7.70 40.83 10.76
C TYR B 120 -8.84 40.79 11.78
N CYS B 121 -9.05 39.62 12.40
CA CYS B 121 -10.15 39.48 13.36
C CYS B 121 -10.02 40.46 14.51
N VAL B 122 -8.80 40.63 15.04
CA VAL B 122 -8.58 41.58 16.12
C VAL B 122 -8.78 43.00 15.62
N PHE B 123 -8.36 43.28 14.38
CA PHE B 123 -8.50 44.62 13.83
C PHE B 123 -9.96 45.01 13.67
N ARG B 124 -10.84 44.02 13.49
CA ARG B 124 -12.27 44.26 13.36
C ARG B 124 -13.03 43.94 14.64
N GLY B 125 -12.37 43.34 15.63
CA GLY B 125 -13.03 42.99 16.87
C GLY B 125 -13.82 41.71 16.85
N TYR B 126 -13.45 40.76 16.00
CA TYR B 126 -14.17 39.50 15.89
C TYR B 126 -13.59 38.48 16.87
N LYS B 127 -14.41 38.07 17.84
CA LYS B 127 -14.01 37.01 18.76
C LYS B 127 -13.96 35.69 18.00
N TYR B 128 -12.90 34.90 18.20
CA TYR B 128 -12.68 33.72 17.37
C TYR B 128 -12.00 32.61 18.16
N CYS B 129 -11.92 31.44 17.52
CA CYS B 129 -11.15 30.29 17.98
C CYS B 129 -10.26 29.81 16.83
N ARG B 130 -9.34 28.89 17.12
CA ARG B 130 -8.43 28.46 16.06
C ARG B 130 -7.87 27.07 16.38
N ILE B 131 -7.91 26.19 15.37
CA ILE B 131 -7.21 24.89 15.43
C ILE B 131 -6.31 24.84 14.19
N ASP B 132 -5.00 24.83 14.43
CA ASP B 132 -3.98 24.91 13.41
C ASP B 132 -3.66 23.54 12.86
N GLY B 133 -3.68 22.52 13.71
CA GLY B 133 -3.13 21.25 13.33
C GLY B 133 -1.91 20.96 14.19
N SER B 134 -1.05 21.97 14.44
CA SER B 134 -0.06 21.83 15.53
C SER B 134 -0.73 21.77 16.90
N THR B 135 -2.02 22.08 16.97
CA THR B 135 -2.72 22.11 18.24
C THR B 135 -2.78 20.73 18.88
N ALA B 136 -2.57 20.66 20.20
CA ALA B 136 -2.58 19.40 20.93
C ALA B 136 -4.00 18.85 21.09
N HIS B 137 -4.09 17.63 21.63
CA HIS B 137 -5.37 16.92 21.61
C HIS B 137 -6.44 17.63 22.42
N GLU B 138 -6.15 17.99 23.67
CA GLU B 138 -7.13 18.62 24.54
C GLU B 138 -7.28 20.12 24.29
N ASP B 139 -6.30 20.76 23.66
CA ASP B 139 -6.51 22.14 23.21
C ASP B 139 -7.50 22.18 22.04
N ARG B 140 -7.58 21.09 21.27
CA ARG B 140 -8.66 20.96 20.30
C ARG B 140 -10.02 20.98 21.00
N ILE B 141 -10.18 20.09 21.99
CA ILE B 141 -11.46 19.97 22.70
C ILE B 141 -11.77 21.26 23.46
N ALA B 142 -10.75 21.93 23.98
CA ALA B 142 -10.97 23.18 24.70
C ALA B 142 -11.51 24.25 23.76
N ALA B 143 -11.11 24.21 22.49
CA ALA B 143 -11.58 25.19 21.52
C ALA B 143 -12.99 24.84 21.03
N ILE B 144 -13.25 23.55 20.81
CA ILE B 144 -14.59 23.10 20.43
C ILE B 144 -15.62 23.53 21.47
N ASP B 145 -15.32 23.26 22.74
CA ASP B 145 -16.26 23.63 23.79
C ASP B 145 -16.46 25.13 23.87
N GLU B 146 -15.37 25.89 23.70
CA GLU B 146 -15.46 27.35 23.74
C GLU B 146 -16.42 27.90 22.69
N TYR B 147 -16.50 27.24 21.53
CA TYR B 147 -17.29 27.75 20.42
C TYR B 147 -18.74 27.27 20.50
N ASN B 148 -18.96 26.05 21.00
CA ASN B 148 -20.27 25.43 21.03
C ASN B 148 -21.09 25.76 22.28
N LYS B 149 -20.47 26.31 23.32
CA LYS B 149 -21.19 26.59 24.55
C LYS B 149 -22.41 27.48 24.26
N PRO B 150 -23.56 27.20 24.85
CA PRO B 150 -24.74 28.04 24.62
C PRO B 150 -24.49 29.47 25.07
N GLY B 151 -24.87 30.42 24.21
CA GLY B 151 -24.59 31.81 24.50
C GLY B 151 -23.14 32.19 24.34
N SER B 152 -22.44 31.57 23.40
CA SER B 152 -21.02 31.81 23.21
C SER B 152 -20.75 33.21 22.68
N ASP B 153 -19.59 33.74 23.06
CA ASP B 153 -19.15 35.05 22.59
C ASP B 153 -18.43 34.96 21.26
N LYS B 154 -17.89 33.80 20.92
CA LYS B 154 -17.09 33.63 19.70
C LYS B 154 -17.98 33.68 18.46
N PHE B 155 -17.37 34.05 17.33
CA PHE B 155 -18.10 34.21 16.08
C PHE B 155 -17.45 33.51 14.90
N ILE B 156 -16.11 33.51 14.82
CA ILE B 156 -15.38 32.88 13.72
C ILE B 156 -14.55 31.75 14.30
N PHE B 157 -14.42 30.66 13.55
CA PHE B 157 -13.55 29.55 13.94
C PHE B 157 -12.60 29.30 12.78
N LEU B 158 -11.33 29.61 13.00
CA LEU B 158 -10.30 29.47 11.98
C LEU B 158 -9.71 28.07 12.10
N LEU B 159 -9.73 27.31 11.02
CA LEU B 159 -9.20 25.96 11.04
C LEU B 159 -8.42 25.67 9.77
N THR B 160 -7.49 24.74 9.88
CA THR B 160 -6.88 24.14 8.70
C THR B 160 -7.72 22.97 8.24
N THR B 161 -7.79 22.78 6.92
CA THR B 161 -8.60 21.70 6.36
C THR B 161 -8.12 20.34 6.86
N ARG B 162 -6.83 20.21 7.17
CA ARG B 162 -6.32 18.95 7.71
C ARG B 162 -6.98 18.61 9.04
N ALA B 163 -7.16 19.60 9.91
CA ALA B 163 -7.73 19.39 11.23
C ALA B 163 -9.26 19.44 11.23
N GLY B 164 -9.88 19.63 10.07
CA GLY B 164 -11.33 19.65 9.99
C GLY B 164 -11.93 18.27 10.04
N GLY B 165 -11.32 17.32 9.34
CA GLY B 165 -11.82 15.95 9.32
C GLY B 165 -11.16 15.06 10.36
N LEU B 166 -11.46 15.32 11.63
CA LEU B 166 -10.93 14.54 12.75
C LEU B 166 -12.04 13.97 13.62
N GLY B 167 -13.30 14.13 13.22
CA GLY B 167 -14.43 13.72 14.03
C GLY B 167 -14.95 14.79 14.97
N ILE B 168 -14.59 16.05 14.72
CA ILE B 168 -15.09 17.17 15.52
C ILE B 168 -16.46 17.58 15.01
N ASN B 169 -17.28 18.10 15.91
CA ASN B 169 -18.65 18.51 15.60
C ASN B 169 -18.83 19.97 15.98
N LEU B 170 -19.15 20.80 14.98
CA LEU B 170 -19.34 22.24 15.14
C LEU B 170 -20.66 22.70 14.52
N THR B 171 -21.76 22.04 14.91
CA THR B 171 -23.06 22.39 14.34
C THR B 171 -23.58 23.74 14.83
N THR B 172 -22.93 24.34 15.83
CA THR B 172 -23.35 25.66 16.30
C THR B 172 -23.00 26.78 15.31
N ALA B 173 -22.29 26.48 14.23
CA ALA B 173 -22.09 27.41 13.14
C ALA B 173 -22.90 26.95 11.93
N ASP B 174 -23.33 27.90 11.11
CA ASP B 174 -24.18 27.59 9.97
C ASP B 174 -23.58 28.00 8.62
N ILE B 175 -22.45 28.68 8.60
CA ILE B 175 -21.84 29.15 7.37
C ILE B 175 -20.39 28.69 7.33
N VAL B 176 -19.98 28.14 6.20
CA VAL B 176 -18.62 27.64 6.00
C VAL B 176 -17.98 28.40 4.84
N ILE B 177 -16.81 28.96 5.08
CA ILE B 177 -16.05 29.67 4.06
C ILE B 177 -14.74 28.93 3.85
N LEU B 178 -14.59 28.31 2.69
CA LEU B 178 -13.33 27.67 2.30
C LEU B 178 -12.51 28.73 1.58
N TYR B 179 -11.65 29.43 2.34
CA TYR B 179 -10.84 30.50 1.78
C TYR B 179 -10.06 30.02 0.57
N ASP B 180 -9.49 28.82 0.64
CA ASP B 180 -8.90 28.16 -0.51
C ASP B 180 -9.28 26.69 -0.44
N SER B 181 -9.08 25.98 -1.54
CA SER B 181 -9.56 24.61 -1.69
C SER B 181 -8.41 23.63 -1.63
N ASP B 182 -8.69 22.45 -1.05
CA ASP B 182 -7.73 21.36 -1.00
C ASP B 182 -7.74 20.60 -2.33
N TRP B 183 -6.64 19.91 -2.60
CA TRP B 183 -6.55 19.15 -3.84
C TRP B 183 -7.47 17.93 -3.83
N ASN B 184 -7.75 17.39 -2.64
CA ASN B 184 -8.68 16.27 -2.50
C ASN B 184 -10.07 16.82 -2.24
N PRO B 185 -11.02 16.70 -3.17
CA PRO B 185 -12.36 17.26 -2.93
C PRO B 185 -13.02 16.68 -1.69
N GLN B 186 -12.71 15.43 -1.34
CA GLN B 186 -13.27 14.83 -0.15
C GLN B 186 -12.79 15.56 1.11
N ALA B 187 -11.54 16.02 1.10
CA ALA B 187 -11.03 16.77 2.25
C ALA B 187 -11.81 18.07 2.44
N ASP B 188 -12.11 18.77 1.35
CA ASP B 188 -12.95 19.96 1.45
C ASP B 188 -14.37 19.56 1.83
N LEU B 189 -14.85 18.44 1.28
CA LEU B 189 -16.18 17.95 1.61
C LEU B 189 -16.24 17.48 3.06
N GLN B 190 -15.12 16.98 3.59
CA GLN B 190 -15.07 16.56 4.99
C GLN B 190 -15.10 17.76 5.93
N ALA B 191 -14.53 18.89 5.50
CA ALA B 191 -14.55 20.10 6.31
C ALA B 191 -15.95 20.70 6.38
N MET B 192 -16.72 20.58 5.29
CA MET B 192 -18.09 21.09 5.29
C MET B 192 -18.96 20.35 6.30
N ASP B 193 -18.74 19.05 6.47
CA ASP B 193 -19.59 18.24 7.33
C ASP B 193 -19.35 18.48 8.81
N ARG B 194 -18.67 19.57 9.18
CA ARG B 194 -18.64 19.96 10.59
C ARG B 194 -19.87 20.77 10.95
N ALA B 195 -20.38 21.56 10.00
CA ALA B 195 -21.61 22.31 10.23
C ALA B 195 -22.83 21.59 9.66
N HIS B 196 -22.69 20.99 8.47
CA HIS B 196 -23.81 20.27 7.84
C HIS B 196 -23.75 18.80 8.23
N ARG B 197 -24.19 18.52 9.45
CA ARG B 197 -24.33 17.14 9.92
C ARG B 197 -25.53 17.08 10.84
N ILE B 198 -25.90 15.85 11.22
CA ILE B 198 -27.07 15.64 12.07
C ILE B 198 -26.88 16.38 13.38
N GLY B 199 -27.75 17.35 13.64
CA GLY B 199 -27.62 18.23 14.79
C GLY B 199 -27.75 19.68 14.39
N GLN B 200 -27.54 19.95 13.11
CA GLN B 200 -27.70 21.28 12.56
C GLN B 200 -29.18 21.61 12.42
N THR B 201 -29.55 22.83 12.82
CA THR B 201 -30.92 23.28 12.76
C THR B 201 -31.18 24.29 11.65
N LYS B 202 -30.14 24.93 11.13
CA LYS B 202 -30.25 26.00 10.15
C LYS B 202 -29.71 25.55 8.79
N GLN B 203 -29.87 26.41 7.80
CA GLN B 203 -29.41 26.15 6.44
C GLN B 203 -27.91 26.38 6.34
N VAL B 204 -27.16 25.33 6.00
CA VAL B 204 -25.71 25.44 5.87
C VAL B 204 -25.37 25.99 4.50
N VAL B 205 -24.64 27.11 4.46
CA VAL B 205 -24.18 27.74 3.23
C VAL B 205 -22.66 27.70 3.22
N VAL B 206 -22.10 27.16 2.13
CA VAL B 206 -20.65 27.00 2.00
C VAL B 206 -20.17 27.91 0.88
N TYR B 207 -19.29 28.85 1.21
CA TYR B 207 -18.69 29.74 0.23
C TYR B 207 -17.28 29.27 -0.10
N ARG B 208 -17.06 28.95 -1.37
CA ARG B 208 -15.76 28.49 -1.87
C ARG B 208 -15.13 29.62 -2.68
N PHE B 209 -14.16 30.30 -2.07
CA PHE B 209 -13.44 31.39 -2.71
C PHE B 209 -12.61 30.85 -3.87
N VAL B 210 -12.76 31.46 -5.05
CA VAL B 210 -12.00 31.06 -6.23
C VAL B 210 -11.46 32.32 -6.90
N THR B 211 -10.14 32.39 -7.03
CA THR B 211 -9.52 33.51 -7.74
C THR B 211 -9.82 33.32 -9.22
N ASP B 212 -10.77 34.10 -9.72
CA ASP B 212 -11.23 33.93 -11.09
C ASP B 212 -10.12 34.27 -12.09
N ASN B 213 -10.12 33.56 -13.22
CA ASN B 213 -9.16 33.76 -14.30
C ASN B 213 -7.72 33.58 -13.84
N ALA B 214 -7.50 32.73 -12.84
CA ALA B 214 -6.16 32.38 -12.38
C ALA B 214 -6.09 30.87 -12.19
N ILE B 215 -5.02 30.41 -11.54
CA ILE B 215 -4.82 28.97 -11.37
C ILE B 215 -5.96 28.34 -10.56
N GLU B 216 -6.54 29.08 -9.62
CA GLU B 216 -7.59 28.52 -8.78
C GLU B 216 -8.85 28.20 -9.57
N GLU B 217 -9.10 28.92 -10.67
CA GLU B 217 -10.28 28.61 -11.47
C GLU B 217 -10.09 27.31 -12.23
N LYS B 218 -8.88 27.05 -12.72
CA LYS B 218 -8.62 25.82 -13.45
C LYS B 218 -8.61 24.63 -12.50
N VAL B 219 -8.07 24.82 -11.29
CA VAL B 219 -8.08 23.76 -10.28
C VAL B 219 -9.51 23.34 -9.96
N LEU B 220 -10.42 24.31 -9.91
CA LEU B 220 -11.82 24.03 -9.62
C LEU B 220 -12.38 22.97 -10.57
N GLU B 221 -11.92 22.99 -11.83
CA GLU B 221 -12.37 22.02 -12.82
C GLU B 221 -11.77 20.63 -12.58
N ARG B 222 -10.53 20.55 -12.09
CA ARG B 222 -9.95 19.24 -11.79
C ARG B 222 -10.58 18.64 -10.54
N ALA B 223 -10.77 19.47 -9.51
CA ALA B 223 -11.52 19.01 -8.33
C ALA B 223 -12.92 18.56 -8.71
N ALA B 224 -13.53 19.22 -9.70
CA ALA B 224 -14.83 18.80 -10.17
C ALA B 224 -14.77 17.43 -10.83
N GLN B 225 -13.65 17.13 -11.50
CA GLN B 225 -13.46 15.80 -12.07
C GLN B 225 -13.27 14.76 -10.97
N LYS B 226 -12.32 15.01 -10.06
CA LYS B 226 -11.99 14.05 -9.02
C LYS B 226 -13.21 13.74 -8.15
N LEU B 227 -14.05 14.74 -7.91
CA LEU B 227 -15.27 14.50 -7.14
C LEU B 227 -16.22 13.59 -7.91
N ARG B 228 -16.24 13.70 -9.24
CA ARG B 228 -17.09 12.85 -10.06
C ARG B 228 -16.50 11.44 -10.23
N LEU B 229 -15.18 11.34 -10.42
CA LEU B 229 -14.57 10.01 -10.56
C LEU B 229 -14.69 9.21 -9.28
N ASP B 230 -14.59 9.88 -8.13
CA ASP B 230 -14.80 9.20 -6.85
C ASP B 230 -16.23 8.71 -6.74
N GLN B 231 -17.18 9.51 -7.25
CA GLN B 231 -18.58 9.08 -7.28
C GLN B 231 -18.75 7.83 -8.13
N LEU B 232 -17.98 7.70 -9.22
CA LEU B 232 -18.10 6.56 -10.09
C LEU B 232 -17.53 5.29 -9.45
N VAL B 233 -16.40 5.43 -8.74
CA VAL B 233 -15.82 4.31 -8.00
C VAL B 233 -16.79 3.79 -6.95
N ILE B 234 -17.45 4.69 -6.24
CA ILE B 234 -18.51 4.29 -5.32
C ILE B 234 -19.56 3.47 -6.05
N GLN B 235 -19.96 3.91 -7.23
CA GLN B 235 -20.98 3.19 -7.98
C GLN B 235 -20.48 1.82 -8.45
N GLN B 236 -19.21 1.75 -8.89
CA GLN B 236 -18.67 0.47 -9.31
C GLN B 236 -18.62 -0.53 -8.16
N GLY B 237 -18.32 -0.04 -6.95
CA GLY B 237 -18.39 -0.91 -5.79
C GLY B 237 -19.79 -1.42 -5.53
N ARG B 238 -20.80 -0.55 -5.67
CA ARG B 238 -22.18 -0.98 -5.48
C ARG B 238 -22.58 -2.03 -6.51
N ALA B 239 -22.28 -1.79 -7.79
CA ALA B 239 -22.60 -2.77 -8.81
C ALA B 239 -21.79 -4.05 -8.62
N GLN B 240 -20.57 -3.93 -8.10
CA GLN B 240 -19.74 -5.11 -7.87
C GLN B 240 -20.30 -5.95 -6.73
N VAL B 241 -20.80 -5.31 -5.67
CA VAL B 241 -21.41 -6.05 -4.57
C VAL B 241 -22.65 -6.78 -5.06
N ALA B 242 -23.49 -6.11 -5.85
CA ALA B 242 -24.69 -6.75 -6.37
C ALA B 242 -24.35 -7.87 -7.35
N ALA B 243 -23.28 -7.69 -8.14
CA ALA B 243 -22.89 -8.71 -9.11
C ALA B 243 -22.30 -9.94 -8.41
N LYS B 244 -21.54 -9.73 -7.34
CA LYS B 244 -20.98 -10.85 -6.60
C LYS B 244 -21.99 -11.49 -5.65
N ALA B 245 -23.13 -10.84 -5.44
CA ALA B 245 -24.12 -11.33 -4.48
C ALA B 245 -24.85 -12.54 -5.04
N ALA B 246 -24.90 -13.60 -4.24
CA ALA B 246 -25.69 -14.78 -4.59
C ALA B 246 -27.16 -14.54 -4.24
N ALA B 247 -28.01 -15.44 -4.74
CA ALA B 247 -29.45 -15.29 -4.54
C ALA B 247 -29.82 -15.49 -3.08
N ASN B 248 -30.70 -14.62 -2.59
CA ASN B 248 -31.24 -14.73 -1.25
C ASN B 248 -32.39 -15.74 -1.21
N LYS B 249 -32.85 -16.02 0.01
CA LYS B 249 -33.99 -16.89 0.22
C LYS B 249 -35.25 -16.34 -0.43
N ASP B 250 -35.35 -15.00 -0.50
CA ASP B 250 -36.47 -14.37 -1.17
C ASP B 250 -36.32 -14.43 -2.69
N GLU B 251 -35.08 -14.34 -3.18
CA GLU B 251 -34.85 -14.41 -4.61
C GLU B 251 -35.18 -15.79 -5.17
N LEU B 252 -34.82 -16.85 -4.44
CA LEU B 252 -35.12 -18.21 -4.87
C LEU B 252 -36.62 -18.46 -4.92
N LEU B 253 -37.36 -17.91 -3.95
CA LEU B 253 -38.81 -18.14 -3.87
C LEU B 253 -39.55 -17.48 -5.03
N SER B 254 -39.18 -16.25 -5.39
CA SER B 254 -39.86 -15.57 -6.48
C SER B 254 -39.65 -16.28 -7.81
N MET B 255 -38.52 -16.97 -7.96
CA MET B 255 -38.26 -17.72 -9.18
C MET B 255 -39.12 -18.98 -9.25
N ILE B 256 -39.31 -19.66 -8.11
CA ILE B 256 -40.08 -20.90 -8.11
C ILE B 256 -41.56 -20.62 -8.37
N GLN B 257 -42.11 -19.59 -7.74
CA GLN B 257 -43.53 -19.30 -7.87
C GLN B 257 -43.89 -18.73 -9.24
N HIS B 258 -42.91 -18.29 -10.01
CA HIS B 258 -43.16 -17.65 -11.30
C HIS B 258 -43.83 -18.62 -12.27
N GLY B 259 -45.10 -18.37 -12.57
CA GLY B 259 -45.83 -19.22 -13.48
C GLY B 259 -46.32 -20.51 -12.87
N ALA B 260 -46.01 -20.76 -11.59
CA ALA B 260 -46.46 -21.99 -10.94
C ALA B 260 -47.97 -22.07 -10.89
N GLU B 261 -48.64 -20.92 -10.73
CA GLU B 261 -50.10 -20.89 -10.74
C GLU B 261 -50.63 -21.29 -12.11
N LYS B 262 -49.96 -20.85 -13.17
CA LYS B 262 -50.39 -21.20 -14.52
C LYS B 262 -50.22 -22.69 -14.80
N VAL B 263 -49.23 -23.32 -14.18
CA VAL B 263 -49.02 -24.76 -14.35
C VAL B 263 -50.09 -25.57 -13.63
N PHE B 264 -50.42 -25.19 -12.39
CA PHE B 264 -51.45 -25.89 -11.64
C PHE B 264 -52.81 -25.84 -12.33
N GLN B 265 -53.11 -24.76 -13.05
CA GLN B 265 -54.38 -24.68 -13.76
C GLN B 265 -54.39 -25.58 -14.98
N THR B 266 -53.27 -25.66 -15.69
CA THR B 266 -53.20 -26.41 -16.94
C THR B 266 -53.47 -27.89 -16.70
N LYS B 267 -54.43 -28.43 -17.44
CA LYS B 267 -54.83 -29.83 -17.33
C LYS B 267 -54.18 -30.71 -18.39
N GLY B 268 -54.20 -30.26 -19.65
CA GLY B 268 -53.68 -31.06 -20.74
C GLY B 268 -52.21 -30.80 -21.03
N ALA B 269 -51.93 -29.83 -21.90
CA ALA B 269 -50.57 -29.51 -22.31
C ALA B 269 -50.25 -28.07 -21.98
N PHE B 270 -48.96 -27.77 -21.86
CA PHE B 270 -48.47 -26.47 -21.44
C PHE B 270 -47.84 -25.72 -22.61
N GLY B 271 -48.33 -24.51 -22.85
CA GLY B 271 -47.63 -23.59 -23.74
C GLY B 271 -47.55 -24.06 -25.18
N THR B 272 -46.37 -23.85 -25.79
CA THR B 272 -46.20 -24.04 -27.22
C THR B 272 -46.58 -25.44 -27.67
N MET B 273 -46.43 -26.44 -26.80
CA MET B 273 -46.88 -27.78 -27.14
C MET B 273 -48.40 -27.85 -27.26
N ALA B 274 -49.13 -27.04 -26.48
CA ALA B 274 -50.58 -27.05 -26.60
C ALA B 274 -51.04 -26.46 -27.94
N GLU B 275 -50.30 -25.48 -28.47
CA GLU B 275 -50.63 -24.93 -29.79
C GLU B 275 -50.48 -25.99 -30.87
N LYS B 276 -49.30 -26.60 -30.95
CA LYS B 276 -49.03 -27.66 -31.91
C LYS B 276 -48.74 -28.96 -31.18
N GLY B 277 -47.50 -29.11 -30.70
CA GLY B 277 -47.14 -30.20 -29.82
C GLY B 277 -46.44 -31.37 -30.46
N SER B 278 -46.41 -31.46 -31.78
CA SER B 278 -45.78 -32.59 -32.43
C SER B 278 -45.44 -32.22 -33.86
N GLN B 279 -44.40 -32.88 -34.38
CA GLN B 279 -44.03 -32.80 -35.79
C GLN B 279 -43.97 -31.35 -36.26
N LEU B 280 -43.02 -30.61 -35.67
CA LEU B 280 -42.89 -29.19 -35.92
C LEU B 280 -42.89 -28.88 -37.41
N ASP B 281 -43.83 -28.04 -37.83
CA ASP B 281 -43.86 -27.59 -39.20
C ASP B 281 -42.83 -26.48 -39.41
N ASP B 282 -42.41 -26.32 -40.68
CA ASP B 282 -41.43 -25.28 -41.00
C ASP B 282 -41.95 -23.90 -40.61
N ASP B 283 -43.22 -23.62 -40.89
CA ASP B 283 -43.80 -22.33 -40.49
C ASP B 283 -44.00 -22.25 -38.98
N ASP B 284 -44.20 -23.39 -38.31
CA ASP B 284 -44.40 -23.34 -36.86
C ASP B 284 -43.12 -22.90 -36.14
N ILE B 285 -41.96 -23.42 -36.56
CA ILE B 285 -40.70 -22.99 -35.96
C ILE B 285 -40.34 -21.58 -36.41
N ASP B 286 -40.68 -21.21 -37.65
CA ASP B 286 -40.44 -19.86 -38.13
C ASP B 286 -41.19 -18.82 -37.31
N ALA B 287 -42.34 -19.20 -36.76
CA ALA B 287 -43.09 -18.29 -35.90
C ALA B 287 -42.46 -18.19 -34.51
N ILE B 288 -41.92 -19.30 -34.00
CA ILE B 288 -41.27 -19.29 -32.68
C ILE B 288 -40.00 -18.46 -32.74
N LEU B 289 -39.15 -18.72 -33.73
CA LEU B 289 -37.90 -17.97 -33.85
C LEU B 289 -38.15 -16.49 -34.10
N GLN B 290 -39.25 -16.18 -34.79
CA GLN B 290 -39.62 -14.78 -35.02
C GLN B 290 -40.05 -14.10 -33.73
N ALA B 291 -40.94 -14.73 -32.98
CA ALA B 291 -41.39 -14.16 -31.71
C ALA B 291 -40.29 -14.17 -30.66
N GLY B 292 -39.42 -15.18 -30.70
CA GLY B 292 -38.33 -15.25 -29.74
C GLY B 292 -37.31 -14.14 -29.91
N GLU B 293 -36.92 -13.86 -31.15
CA GLU B 293 -35.96 -12.79 -31.41
C GLU B 293 -36.51 -11.43 -31.03
N THR B 294 -37.83 -11.24 -31.14
CA THR B 294 -38.42 -9.98 -30.69
C THR B 294 -38.34 -9.84 -29.17
N ARG B 295 -38.68 -10.92 -28.46
CA ARG B 295 -38.61 -10.91 -27.01
C ARG B 295 -37.16 -10.84 -26.53
N THR B 296 -36.22 -11.35 -27.35
CA THR B 296 -34.82 -11.25 -27.00
C THR B 296 -34.34 -9.80 -27.05
N LYS B 297 -34.74 -9.06 -28.09
CA LYS B 297 -34.44 -7.63 -28.15
C LYS B 297 -35.08 -6.89 -26.98
N GLU B 298 -36.28 -7.30 -26.59
CA GLU B 298 -36.98 -6.64 -25.49
C GLU B 298 -36.22 -6.79 -24.17
N LEU B 299 -35.68 -7.98 -23.91
CA LEU B 299 -34.93 -8.19 -22.67
C LEU B 299 -33.66 -7.37 -22.65
N ASN B 300 -32.90 -7.39 -23.75
CA ASN B 300 -31.65 -6.63 -23.82
C ASN B 300 -31.89 -5.13 -23.71
N ALA B 301 -33.00 -4.64 -24.26
CA ALA B 301 -33.29 -3.21 -24.22
C ALA B 301 -33.51 -2.71 -22.79
N ARG B 302 -34.13 -3.54 -21.95
CA ARG B 302 -34.43 -3.10 -20.57
C ARG B 302 -33.17 -2.83 -19.77
N TYR B 303 -32.14 -3.67 -19.92
CA TYR B 303 -30.95 -3.56 -19.10
C TYR B 303 -29.84 -2.74 -19.74
N GLU B 304 -29.83 -2.61 -21.06
CA GLU B 304 -28.82 -1.80 -21.73
C GLU B 304 -29.03 -0.31 -21.50
N LYS B 305 -30.23 0.10 -21.10
CA LYS B 305 -30.57 1.49 -20.86
C LYS B 305 -30.39 1.88 -19.38
N LEU B 306 -29.87 0.97 -18.55
CA LEU B 306 -29.87 1.18 -17.11
C LEU B 306 -28.65 1.98 -16.65
N GLY B 307 -27.47 1.37 -16.67
CA GLY B 307 -26.26 2.09 -16.34
C GLY B 307 -26.02 2.25 -14.85
N ILE B 308 -24.82 2.75 -14.54
CA ILE B 308 -24.39 2.93 -13.15
C ILE B 308 -25.36 3.84 -12.40
N ASP B 309 -25.48 5.10 -12.83
CA ASP B 309 -26.26 6.09 -12.06
C ASP B 309 -27.69 5.65 -11.81
N ASP B 310 -28.17 4.62 -12.51
CA ASP B 310 -29.49 4.04 -12.27
C ASP B 310 -29.35 2.62 -11.71
N LEU B 311 -28.40 2.43 -10.80
CA LEU B 311 -28.11 1.08 -10.29
C LEU B 311 -29.26 0.56 -9.43
N GLN B 312 -29.66 1.32 -8.41
CA GLN B 312 -30.61 0.81 -7.42
C GLN B 312 -32.03 0.71 -7.96
N LYS B 313 -32.16 0.36 -9.24
CA LYS B 313 -33.42 -0.13 -9.78
C LYS B 313 -33.42 -1.65 -9.93
N PHE B 314 -32.22 -2.23 -10.07
CA PHE B 314 -32.06 -3.66 -10.29
C PHE B 314 -30.89 -4.18 -9.46
N LYS C 2 9.69 3.07 73.65
CA LYS C 2 10.96 3.71 73.34
C LYS C 2 11.18 4.94 74.21
N SER C 3 12.42 5.44 74.21
CA SER C 3 12.81 6.58 75.03
C SER C 3 12.53 7.89 74.30
N LEU C 4 11.72 8.74 74.91
CA LEU C 4 11.46 10.10 74.42
C LEU C 4 12.05 11.08 75.42
N LEU C 5 13.13 11.75 75.05
CA LEU C 5 13.84 12.63 75.98
C LEU C 5 12.93 13.76 76.43
N PRO C 6 12.85 14.04 77.73
CA PRO C 6 12.03 15.15 78.24
C PRO C 6 12.45 16.50 77.65
N LYS C 7 11.47 17.36 77.43
CA LYS C 7 11.72 18.67 76.83
C LYS C 7 12.38 19.62 77.82
N LYS C 8 13.39 20.33 77.34
CA LYS C 8 14.06 21.37 78.12
C LYS C 8 13.40 22.70 77.81
N GLU C 9 12.65 23.23 78.77
CA GLU C 9 11.97 24.51 78.61
C GLU C 9 12.78 25.61 79.29
N ILE C 10 13.27 26.56 78.50
CA ILE C 10 14.17 27.60 78.98
C ILE C 10 13.52 28.96 78.70
N ASN C 11 13.29 29.74 79.75
CA ASN C 11 12.90 31.14 79.59
C ASN C 11 14.14 31.94 79.22
N VAL C 12 14.10 32.59 78.06
CA VAL C 12 15.17 33.44 77.59
C VAL C 12 14.71 34.89 77.74
N TYR C 13 15.18 35.56 78.78
CA TYR C 13 14.71 36.90 79.09
C TYR C 13 15.39 37.91 78.18
N ILE C 14 14.58 38.75 77.54
CA ILE C 14 15.03 39.63 76.48
C ILE C 14 14.67 41.07 76.85
N GLY C 15 15.55 42.00 76.50
CA GLY C 15 15.31 43.42 76.68
C GLY C 15 14.57 44.04 75.51
N MET C 16 14.49 45.36 75.53
CA MET C 16 13.78 46.12 74.51
C MET C 16 14.74 47.06 73.78
N SER C 17 14.49 47.23 72.48
CA SER C 17 15.27 48.11 71.65
C SER C 17 14.99 49.58 71.98
N GLU C 18 15.80 50.45 71.39
CA GLU C 18 15.62 51.90 71.58
C GLU C 18 14.22 52.34 71.15
N MET C 19 13.74 51.79 70.03
CA MET C 19 12.42 52.17 69.53
C MET C 19 11.31 51.61 70.40
N GLN C 20 11.46 50.38 70.89
CA GLN C 20 10.43 49.76 71.72
C GLN C 20 10.12 50.58 72.97
N VAL C 21 11.16 51.12 73.61
CA VAL C 21 10.96 51.89 74.83
C VAL C 21 10.05 53.10 74.57
N LYS C 22 10.26 53.77 73.44
CA LYS C 22 9.43 54.93 73.11
C LYS C 22 7.96 54.54 73.00
N TRP C 23 7.66 53.44 72.32
CA TRP C 23 6.27 53.01 72.16
C TRP C 23 5.68 52.48 73.46
N TYR C 24 6.46 51.71 74.22
CA TYR C 24 5.98 51.24 75.53
C TYR C 24 5.63 52.41 76.43
N GLN C 25 6.44 53.47 76.39
CA GLN C 25 6.10 54.69 77.11
C GLN C 25 4.84 55.33 76.52
N LYS C 26 4.77 55.38 75.19
CA LYS C 26 3.63 55.99 74.51
C LYS C 26 2.33 55.27 74.83
N ILE C 27 2.37 53.95 74.91
CA ILE C 27 1.18 53.18 75.27
C ILE C 27 0.75 53.53 76.69
N LEU C 28 1.70 53.52 77.62
CA LEU C 28 1.39 53.87 79.00
C LEU C 28 0.97 55.33 79.12
N GLU C 29 1.55 56.22 78.31
CA GLU C 29 1.23 57.65 78.43
C GLU C 29 -0.16 57.96 77.91
N LYS C 30 -0.58 57.33 76.82
CA LYS C 30 -1.88 57.61 76.23
C LYS C 30 -3.03 57.14 77.12
N ASP C 31 -2.73 56.45 78.21
CA ASP C 31 -3.71 56.00 79.18
C ASP C 31 -3.07 55.98 80.57
N ILE C 32 -2.42 57.09 80.92
CA ILE C 32 -1.64 57.17 82.16
C ILE C 32 -2.52 57.15 83.41
N ASP C 33 -3.80 57.55 83.32
CA ASP C 33 -4.64 57.59 84.51
C ASP C 33 -4.92 56.20 85.07
N ALA C 34 -5.19 55.22 84.21
CA ALA C 34 -5.47 53.87 84.70
C ALA C 34 -4.21 53.17 85.21
N VAL C 35 -3.06 53.44 84.59
CA VAL C 35 -1.83 52.75 84.96
C VAL C 35 -1.38 53.16 86.36
N ASN C 36 -1.47 54.45 86.68
CA ASN C 36 -0.96 54.95 87.97
C ASN C 36 -1.78 54.42 89.14
N GLY C 37 -3.09 54.31 88.98
CA GLY C 37 -3.95 53.83 90.06
C GLY C 37 -3.88 54.65 91.33
N ALA C 38 -3.40 55.89 91.25
CA ALA C 38 -3.29 56.78 92.40
C ALA C 38 -4.42 57.79 92.48
N GLY C 39 -5.59 57.42 91.97
CA GLY C 39 -6.74 58.31 91.98
C GLY C 39 -8.02 57.60 92.39
N GLY C 40 -8.87 57.28 91.42
CA GLY C 40 -10.13 56.65 91.71
C GLY C 40 -10.05 55.15 91.83
N LYS C 41 -9.11 54.53 91.12
CA LYS C 41 -8.95 53.08 91.02
C LYS C 41 -10.21 52.39 90.50
N ARG C 42 -11.13 53.15 89.93
CA ARG C 42 -12.38 52.63 89.38
C ARG C 42 -12.24 52.20 87.93
N GLU C 43 -11.19 52.66 87.25
CA GLU C 43 -10.95 52.41 85.82
C GLU C 43 -11.26 50.97 85.43
N SER C 44 -12.12 50.83 84.42
CA SER C 44 -12.64 49.53 84.06
C SER C 44 -11.56 48.61 83.52
N LYS C 45 -11.80 47.31 83.65
CA LYS C 45 -10.85 46.30 83.16
C LYS C 45 -10.78 46.29 81.64
N THR C 46 -11.89 46.61 80.96
CA THR C 46 -11.86 46.72 79.50
C THR C 46 -10.87 47.80 79.07
N ARG C 47 -10.74 48.87 79.87
CA ARG C 47 -9.74 49.89 79.57
C ARG C 47 -8.34 49.35 79.82
N LEU C 48 -8.20 48.47 80.82
CA LEU C 48 -6.91 47.85 81.12
C LEU C 48 -6.57 46.77 80.09
N LEU C 49 -7.56 46.01 79.63
CA LEU C 49 -7.32 44.98 78.63
C LEU C 49 -6.75 45.59 77.35
N ASN C 50 -7.09 46.85 77.09
CA ASN C 50 -6.54 47.55 75.95
C ASN C 50 -5.04 47.80 76.12
N ILE C 51 -4.64 48.22 77.33
CA ILE C 51 -3.22 48.46 77.60
C ILE C 51 -2.43 47.16 77.50
N VAL C 52 -2.95 46.09 78.10
CA VAL C 52 -2.26 44.80 78.09
C VAL C 52 -2.01 44.31 76.67
N MET C 53 -3.06 44.37 75.84
CA MET C 53 -2.97 43.83 74.49
C MET C 53 -2.00 44.63 73.62
N GLN C 54 -1.98 45.95 73.80
CA GLN C 54 -1.01 46.77 73.06
C GLN C 54 0.40 46.60 73.60
N LEU C 55 0.55 46.45 74.92
CA LEU C 55 1.89 46.21 75.47
C LEU C 55 2.46 44.89 74.98
N ARG C 56 1.61 43.89 74.70
CA ARG C 56 2.10 42.66 74.11
C ARG C 56 2.59 42.90 72.69
N LYS C 57 1.84 43.67 71.90
CA LYS C 57 2.29 44.05 70.56
C LYS C 57 3.63 44.79 70.64
N CYS C 58 3.77 45.68 71.63
CA CYS C 58 5.03 46.39 71.81
C CYS C 58 6.14 45.43 72.20
N CYS C 59 5.84 44.47 73.08
CA CYS C 59 6.83 43.46 73.45
C CYS C 59 7.20 42.58 72.27
N ASN C 60 6.27 42.37 71.33
CA ASN C 60 6.55 41.53 70.17
C ASN C 60 7.39 42.27 69.12
N HIS C 61 6.85 43.36 68.59
CA HIS C 61 7.53 44.13 67.54
C HIS C 61 6.85 45.48 67.36
N PRO C 62 7.62 46.58 67.34
CA PRO C 62 7.01 47.90 67.14
C PRO C 62 6.30 48.07 65.82
N TYR C 63 6.75 47.38 64.77
CA TYR C 63 6.16 47.54 63.45
C TYR C 63 4.73 47.04 63.38
N LEU C 64 4.25 46.36 64.42
CA LEU C 64 2.84 45.99 64.50
C LEU C 64 1.94 47.20 64.64
N PHE C 65 2.47 48.30 65.15
CA PHE C 65 1.77 49.57 65.17
C PHE C 65 2.00 50.25 63.83
N GLU C 66 0.93 50.81 63.26
CA GLU C 66 1.04 51.45 61.95
C GLU C 66 1.66 52.83 62.07
N GLY C 67 2.57 53.13 61.15
CA GLY C 67 3.30 54.38 61.16
C GLY C 67 4.56 54.36 61.99
N ALA C 68 4.86 53.25 62.66
CA ALA C 68 6.08 53.16 63.44
C ALA C 68 7.29 53.02 62.54
N GLU C 69 7.28 51.99 61.70
CA GLU C 69 8.35 51.75 60.74
C GLU C 69 8.49 52.92 59.77
N PRO C 70 9.71 53.27 59.39
CA PRO C 70 9.90 54.32 58.38
C PRO C 70 9.01 54.07 57.17
N GLY C 71 8.46 55.16 56.62
CA GLY C 71 7.42 55.08 55.61
C GLY C 71 7.80 54.30 54.36
N PRO C 72 6.80 54.04 53.50
CA PRO C 72 6.82 53.31 52.23
C PRO C 72 7.91 53.79 51.27
N PRO C 73 8.46 52.87 50.45
CA PRO C 73 8.11 51.44 50.38
C PRO C 73 8.68 50.60 51.51
N TYR C 74 7.87 49.68 52.02
CA TYR C 74 8.28 48.82 53.13
C TYR C 74 9.27 47.78 52.65
N THR C 75 10.56 48.01 52.92
CA THR C 75 11.63 47.13 52.48
C THR C 75 12.21 46.39 53.68
N THR C 76 12.61 45.13 53.46
CA THR C 76 13.18 44.28 54.50
C THR C 76 14.69 44.49 54.57
N ASP C 77 15.15 45.09 55.66
CA ASP C 77 16.58 45.33 55.86
C ASP C 77 16.99 44.85 57.25
N GLU C 78 18.12 45.37 57.73
CA GLU C 78 18.62 45.05 59.07
C GLU C 78 17.85 45.74 60.17
N HIS C 79 17.15 46.83 59.87
CA HIS C 79 16.35 47.52 60.87
C HIS C 79 15.15 46.70 61.30
N LEU C 80 14.74 45.72 60.49
CA LEU C 80 13.68 44.80 60.87
C LEU C 80 14.06 43.97 62.08
N ILE C 81 15.35 43.77 62.33
CA ILE C 81 15.83 42.95 63.44
C ILE C 81 16.18 43.81 64.64
N TYR C 82 16.97 44.86 64.44
CA TYR C 82 17.54 45.65 65.52
C TYR C 82 16.57 46.69 66.08
N ASN C 83 15.31 46.68 65.66
CA ASN C 83 14.29 47.51 66.26
C ASN C 83 13.42 46.77 67.25
N ALA C 84 13.65 45.46 67.42
CA ALA C 84 12.91 44.65 68.39
C ALA C 84 13.90 43.78 69.15
N GLY C 85 13.85 43.86 70.49
CA GLY C 85 14.78 43.09 71.31
C GLY C 85 14.73 41.61 71.03
N LYS C 86 13.51 41.06 70.87
CA LYS C 86 13.37 39.63 70.64
C LYS C 86 13.97 39.21 69.30
N MET C 87 13.90 40.09 68.29
CA MET C 87 14.46 39.75 66.98
C MET C 87 15.97 39.63 67.04
N VAL C 88 16.64 40.49 67.81
CA VAL C 88 18.10 40.42 67.94
C VAL C 88 18.49 39.07 68.55
N VAL C 89 17.81 38.67 69.62
CA VAL C 89 18.07 37.37 70.23
C VAL C 89 17.74 36.26 69.23
N LEU C 90 16.64 36.42 68.50
CA LEU C 90 16.25 35.44 67.51
C LEU C 90 17.27 35.34 66.38
N ASP C 91 17.83 36.48 65.96
CA ASP C 91 18.70 36.50 64.78
C ASP C 91 19.96 35.65 64.98
N LYS C 92 20.60 35.76 66.14
CA LYS C 92 21.80 34.95 66.38
C LYS C 92 21.45 33.55 66.87
N LEU C 93 20.32 33.40 67.56
CA LEU C 93 19.91 32.07 68.00
C LEU C 93 19.65 31.16 66.81
N LEU C 94 18.98 31.67 65.78
CA LEU C 94 18.73 30.87 64.58
C LEU C 94 20.03 30.49 63.89
N LYS C 95 21.00 31.41 63.86
CA LYS C 95 22.28 31.12 63.21
C LYS C 95 23.01 29.98 63.90
N ARG C 96 22.92 29.92 65.23
CA ARG C 96 23.53 28.82 65.98
C ARG C 96 22.75 27.53 65.80
N ILE C 97 21.43 27.62 65.74
CA ILE C 97 20.58 26.43 65.65
C ILE C 97 20.85 25.64 64.37
N GLN C 98 20.94 26.35 63.23
CA GLN C 98 21.17 25.63 61.98
C GLN C 98 22.58 25.06 61.90
N LYS C 99 23.56 25.77 62.46
CA LYS C 99 24.95 25.35 62.36
C LYS C 99 25.18 24.04 63.12
N GLN C 100 24.43 23.80 64.18
CA GLN C 100 24.49 22.56 64.94
C GLN C 100 23.55 21.49 64.37
N GLY C 101 23.04 21.70 63.16
CA GLY C 101 22.21 20.70 62.50
C GLY C 101 20.86 20.51 63.14
N SER C 102 20.29 21.56 63.72
CA SER C 102 18.98 21.49 64.36
C SER C 102 17.98 22.34 63.58
N ARG C 103 16.73 21.88 63.56
CA ARG C 103 15.64 22.59 62.92
C ARG C 103 14.64 23.07 63.97
N VAL C 104 14.04 24.22 63.72
CA VAL C 104 13.29 24.94 64.75
C VAL C 104 11.89 25.26 64.26
N LEU C 105 10.90 25.03 65.12
CA LEU C 105 9.54 25.51 64.92
C LEU C 105 9.37 26.80 65.72
N ILE C 106 8.81 27.82 65.08
CA ILE C 106 8.60 29.12 65.72
C ILE C 106 7.10 29.38 65.78
N PHE C 107 6.55 29.41 66.99
CA PHE C 107 5.13 29.68 67.19
C PHE C 107 4.94 31.11 67.68
N SER C 108 3.72 31.62 67.47
CA SER C 108 3.39 32.97 67.90
C SER C 108 1.88 33.11 68.01
N GLN C 109 1.46 34.07 68.86
CA GLN C 109 0.05 34.36 69.02
C GLN C 109 -0.50 35.17 67.86
N MET C 110 0.34 35.95 67.19
CA MET C 110 -0.08 36.90 66.16
C MET C 110 0.45 36.47 64.80
N SER C 111 -0.46 36.30 63.83
CA SER C 111 -0.03 35.96 62.48
C SER C 111 0.69 37.13 61.83
N ARG C 112 0.35 38.36 62.21
CA ARG C 112 1.04 39.53 61.69
C ARG C 112 2.49 39.59 62.13
N LEU C 113 2.83 38.88 63.21
CA LEU C 113 4.23 38.74 63.59
C LEU C 113 4.90 37.68 62.74
N LEU C 114 4.19 36.59 62.44
CA LEU C 114 4.72 35.60 61.51
C LEU C 114 4.99 36.25 60.15
N ASP C 115 4.15 37.21 59.76
CA ASP C 115 4.42 38.01 58.57
C ASP C 115 5.72 38.78 58.71
N ILE C 116 5.98 39.33 59.90
CA ILE C 116 7.27 39.96 60.14
C ILE C 116 8.37 38.92 60.07
N LEU C 117 8.11 37.74 60.64
CA LEU C 117 9.08 36.65 60.56
C LEU C 117 9.25 36.15 59.12
N GLU C 118 8.18 36.17 58.32
CA GLU C 118 8.30 35.77 56.92
C GLU C 118 9.23 36.69 56.16
N ASP C 119 9.05 38.00 56.29
CA ASP C 119 9.96 38.94 55.64
C ASP C 119 11.37 38.81 56.19
N TYR C 120 11.51 38.45 57.47
CA TYR C 120 12.84 38.22 58.03
C TYR C 120 13.46 36.96 57.44
N CYS C 121 12.69 35.87 57.35
CA CYS C 121 13.22 34.61 56.85
C CYS C 121 13.71 34.75 55.40
N VAL C 122 12.95 35.45 54.56
CA VAL C 122 13.38 35.67 53.18
C VAL C 122 14.62 36.55 53.16
N PHE C 123 14.70 37.52 54.08
CA PHE C 123 15.84 38.42 54.15
C PHE C 123 17.14 37.68 54.47
N ARG C 124 17.05 36.55 55.18
CA ARG C 124 18.23 35.78 55.53
C ARG C 124 18.44 34.55 54.66
N GLY C 125 17.48 34.24 53.79
CA GLY C 125 17.60 33.06 52.95
C GLY C 125 17.16 31.80 53.64
N TYR C 126 16.24 31.90 54.60
CA TYR C 126 15.75 30.75 55.34
C TYR C 126 14.56 30.14 54.61
N LYS C 127 14.70 28.90 54.16
CA LYS C 127 13.57 28.17 53.61
C LYS C 127 12.59 27.85 54.72
N TYR C 128 11.31 28.10 54.48
CA TYR C 128 10.33 27.94 55.55
C TYR C 128 8.98 27.47 55.01
N CYS C 129 8.14 27.04 55.94
CA CYS C 129 6.74 26.72 55.70
C CYS C 129 5.91 27.47 56.74
N ARG C 130 4.59 27.46 56.57
CA ARG C 130 3.77 28.23 57.50
C ARG C 130 2.37 27.65 57.61
N ILE C 131 1.88 27.53 58.84
CA ILE C 131 0.51 27.12 59.15
C ILE C 131 -0.13 28.21 60.02
N ASP C 132 -1.12 28.91 59.47
CA ASP C 132 -1.78 30.01 60.17
C ASP C 132 -3.11 29.63 60.80
N GLY C 133 -3.64 28.44 60.50
CA GLY C 133 -5.05 28.25 60.77
C GLY C 133 -5.88 29.00 59.75
N SER C 134 -5.23 29.51 58.70
CA SER C 134 -5.86 30.11 57.54
C SER C 134 -5.32 29.52 56.26
N THR C 135 -4.52 28.45 56.34
CA THR C 135 -4.02 27.74 55.18
C THR C 135 -4.88 26.49 54.96
N ALA C 136 -5.20 26.21 53.70
CA ALA C 136 -6.09 25.10 53.39
C ALA C 136 -5.47 23.77 53.80
N HIS C 137 -6.34 22.80 54.10
CA HIS C 137 -5.89 21.47 54.51
C HIS C 137 -4.97 20.85 53.48
N GLU C 138 -5.28 21.04 52.19
CA GLU C 138 -4.45 20.50 51.12
C GLU C 138 -3.02 21.02 51.22
N ASP C 139 -2.88 22.34 51.41
CA ASP C 139 -1.56 22.93 51.49
C ASP C 139 -0.88 22.61 52.81
N ARG C 140 -1.64 22.59 53.91
CA ARG C 140 -1.07 22.27 55.21
C ARG C 140 -0.53 20.84 55.23
N ILE C 141 -1.33 19.88 54.78
CA ILE C 141 -0.84 18.52 54.65
C ILE C 141 0.34 18.43 53.69
N ALA C 142 0.37 19.30 52.68
CA ALA C 142 1.52 19.39 51.78
C ALA C 142 2.69 20.11 52.42
N ALA C 143 2.42 21.05 53.33
CA ALA C 143 3.51 21.81 53.95
C ALA C 143 4.23 20.97 55.00
N ILE C 144 3.49 20.18 55.78
CA ILE C 144 4.12 19.29 56.75
C ILE C 144 4.99 18.25 56.05
N ASP C 145 4.47 17.62 55.00
CA ASP C 145 5.25 16.59 54.31
C ASP C 145 6.52 17.16 53.69
N GLU C 146 6.39 18.24 52.90
CA GLU C 146 7.58 18.78 52.26
C GLU C 146 8.52 19.49 53.23
N TYR C 147 8.18 19.53 54.51
CA TYR C 147 9.11 19.92 55.57
C TYR C 147 9.81 18.74 56.22
N ASN C 148 9.14 17.59 56.30
CA ASN C 148 9.69 16.42 56.97
C ASN C 148 10.51 15.52 56.05
N LYS C 149 10.25 15.59 54.75
CA LYS C 149 10.88 14.69 53.78
C LYS C 149 12.41 14.80 53.83
N PRO C 150 13.11 13.67 53.70
CA PRO C 150 14.58 13.66 53.79
C PRO C 150 15.25 14.60 52.79
N GLY C 151 16.28 15.29 53.28
CA GLY C 151 16.95 16.29 52.47
C GLY C 151 16.13 17.53 52.31
N SER C 152 15.32 17.86 53.33
CA SER C 152 14.46 19.03 53.23
C SER C 152 15.33 20.27 53.16
N ASP C 153 14.89 21.23 52.35
CA ASP C 153 15.59 22.49 52.21
C ASP C 153 15.14 23.47 53.29
N LYS C 154 13.97 23.23 53.88
CA LYS C 154 13.42 24.12 54.87
C LYS C 154 14.20 24.03 56.18
N PHE C 155 14.16 25.10 56.95
CA PHE C 155 14.85 25.22 58.23
C PHE C 155 13.94 25.75 59.33
N ILE C 156 13.04 26.68 59.00
CA ILE C 156 12.14 27.31 59.96
C ILE C 156 10.72 26.94 59.57
N PHE C 157 9.87 26.72 60.58
CA PHE C 157 8.44 26.50 60.36
C PHE C 157 7.67 27.47 61.24
N LEU C 158 7.00 28.42 60.60
CA LEU C 158 6.24 29.45 61.31
C LEU C 158 4.81 28.97 61.50
N LEU C 159 4.33 28.99 62.75
CA LEU C 159 2.98 28.55 63.05
C LEU C 159 2.36 29.48 64.08
N THR C 160 1.03 29.55 64.06
CA THR C 160 0.30 30.19 65.14
C THR C 160 0.07 29.19 66.26
N THR C 161 0.17 29.65 67.50
CA THR C 161 -0.03 28.75 68.64
C THR C 161 -1.43 28.15 68.61
N ARG C 162 -2.45 28.99 68.56
CA ARG C 162 -3.82 28.53 68.42
C ARG C 162 -4.10 28.14 66.98
N GLY C 167 -3.20 17.12 66.26
CA GLY C 167 -2.68 15.83 65.84
C GLY C 167 -1.65 15.90 64.73
N ILE C 168 -1.10 17.09 64.53
CA ILE C 168 -0.06 17.29 63.52
C ILE C 168 1.29 16.85 64.05
N ASN C 169 2.13 16.36 63.16
CA ASN C 169 3.44 15.79 63.48
C ASN C 169 4.56 16.53 62.77
N LEU C 170 5.47 17.11 63.56
CA LEU C 170 6.68 17.74 63.06
C LEU C 170 7.88 17.26 63.87
N THR C 171 7.97 15.94 64.07
CA THR C 171 9.05 15.37 64.88
C THR C 171 10.39 15.43 64.19
N THR C 172 10.42 15.76 62.90
CA THR C 172 11.68 15.93 62.20
C THR C 172 12.41 17.22 62.61
N ALA C 173 11.80 18.05 63.43
CA ALA C 173 12.44 19.21 64.04
C ALA C 173 12.65 18.95 65.53
N ASP C 174 13.68 19.58 66.10
CA ASP C 174 14.04 19.34 67.49
C ASP C 174 14.03 20.57 68.39
N ILE C 175 13.75 21.77 67.86
CA ILE C 175 13.76 22.99 68.67
C ILE C 175 12.44 23.73 68.48
N VAL C 176 11.85 24.20 69.58
CA VAL C 176 10.59 24.93 69.58
C VAL C 176 10.81 26.29 70.24
N ILE C 177 10.39 27.36 69.56
CA ILE C 177 10.52 28.72 70.06
C ILE C 177 9.13 29.33 70.24
N LEU C 178 8.77 29.62 71.48
CA LEU C 178 7.53 30.35 71.79
C LEU C 178 7.87 31.83 71.83
N TYR C 179 7.73 32.51 70.69
CA TYR C 179 8.05 33.93 70.61
C TYR C 179 7.29 34.74 71.66
N ASP C 180 6.00 34.44 71.83
CA ASP C 180 5.20 35.00 72.91
C ASP C 180 4.35 33.88 73.49
N SER C 181 3.76 34.14 74.65
CA SER C 181 3.09 33.10 75.41
C SER C 181 1.58 33.26 75.37
N ASP C 182 0.90 32.11 75.38
CA ASP C 182 -0.55 32.08 75.48
C ASP C 182 -0.95 32.20 76.95
N TRP C 183 -2.05 32.91 77.21
CA TRP C 183 -2.52 33.04 78.59
C TRP C 183 -2.87 31.70 79.20
N ASN C 184 -3.33 30.75 78.38
CA ASN C 184 -3.60 29.39 78.84
C ASN C 184 -2.35 28.56 78.64
N PRO C 185 -1.66 28.14 79.70
CA PRO C 185 -0.41 27.39 79.52
C PRO C 185 -0.58 26.11 78.71
N GLN C 186 -1.76 25.49 78.77
CA GLN C 186 -1.98 24.25 78.04
C GLN C 186 -2.01 24.46 76.53
N ALA C 187 -2.26 25.68 76.08
CA ALA C 187 -2.21 25.97 74.65
C ALA C 187 -0.77 25.90 74.12
N ASP C 188 0.19 26.38 74.90
CA ASP C 188 1.59 26.31 74.50
C ASP C 188 2.08 24.87 74.45
N LEU C 189 1.61 24.02 75.36
CA LEU C 189 2.05 22.63 75.38
C LEU C 189 1.62 21.86 74.13
N GLN C 190 0.46 22.20 73.54
CA GLN C 190 0.14 21.63 72.24
C GLN C 190 1.15 22.05 71.20
N ALA C 191 1.52 23.33 71.19
CA ALA C 191 2.52 23.81 70.25
C ALA C 191 3.85 23.10 70.46
N MET C 192 4.19 22.81 71.72
CA MET C 192 5.42 22.07 72.00
C MET C 192 5.34 20.63 71.50
N ASP C 193 4.20 19.98 71.71
CA ASP C 193 4.05 18.57 71.39
C ASP C 193 3.83 18.32 69.90
N ARG C 194 4.22 19.25 69.04
CA ARG C 194 4.30 18.99 67.61
C ARG C 194 5.65 18.45 67.21
N ALA C 195 6.69 18.71 68.01
CA ALA C 195 8.00 18.08 67.88
C ALA C 195 8.26 17.07 68.98
N HIS C 196 7.83 17.37 70.21
CA HIS C 196 8.01 16.48 71.37
C HIS C 196 6.81 15.56 71.51
N ARG C 197 6.77 14.55 70.63
CA ARG C 197 5.73 13.53 70.68
C ARG C 197 6.34 12.20 70.23
N ILE C 198 5.51 11.15 70.28
CA ILE C 198 5.92 9.81 69.86
C ILE C 198 6.38 9.88 68.41
N GLY C 199 7.65 9.62 68.16
CA GLY C 199 8.21 9.77 66.83
C GLY C 199 9.48 10.58 66.85
N GLN C 200 9.64 11.38 67.90
CA GLN C 200 10.85 12.18 68.07
C GLN C 200 12.02 11.30 68.51
N THR C 201 13.18 11.52 67.89
CA THR C 201 14.37 10.74 68.19
C THR C 201 15.41 11.51 69.00
N LYS C 202 15.39 12.84 68.97
CA LYS C 202 16.37 13.67 69.64
C LYS C 202 15.76 14.44 70.80
N GLN C 203 16.62 15.20 71.49
CA GLN C 203 16.23 16.02 72.64
C GLN C 203 15.51 17.29 72.19
N VAL C 204 14.26 17.44 72.62
CA VAL C 204 13.47 18.64 72.29
C VAL C 204 13.80 19.74 73.28
N VAL C 205 14.21 20.90 72.77
CA VAL C 205 14.52 22.08 73.59
C VAL C 205 13.56 23.20 73.21
N VAL C 206 12.89 23.77 74.23
CA VAL C 206 11.87 24.80 74.03
C VAL C 206 12.34 26.11 74.64
N TYR C 207 12.45 27.15 73.81
CA TYR C 207 12.82 28.49 74.25
C TYR C 207 11.60 29.38 74.33
N ARG C 208 11.32 29.92 75.52
CA ARG C 208 10.18 30.81 75.75
C ARG C 208 10.66 32.25 75.90
N PHE C 209 10.47 33.05 74.86
CA PHE C 209 10.87 34.45 74.90
C PHE C 209 9.98 35.23 75.86
N VAL C 210 10.59 35.93 76.80
CA VAL C 210 9.88 36.75 77.79
C VAL C 210 10.61 38.08 77.90
N THR C 211 9.89 39.17 77.64
CA THR C 211 10.47 40.51 77.76
C THR C 211 10.72 40.82 79.23
N ASP C 212 11.98 40.78 79.65
CA ASP C 212 12.34 40.97 81.04
C ASP C 212 12.03 42.40 81.49
N ASN C 213 11.67 42.52 82.77
CA ASN C 213 11.32 43.79 83.41
C ASN C 213 10.17 44.50 82.69
N ALA C 214 9.29 43.73 82.05
CA ALA C 214 8.11 44.28 81.40
C ALA C 214 6.91 43.40 81.74
N ILE C 215 5.80 43.66 81.03
CA ILE C 215 4.55 42.95 81.31
C ILE C 215 4.70 41.45 81.06
N GLU C 216 5.54 41.06 80.09
CA GLU C 216 5.69 39.64 79.78
C GLU C 216 6.32 38.87 80.94
N GLU C 217 7.12 39.54 81.76
CA GLU C 217 7.71 38.86 82.92
C GLU C 217 6.67 38.60 84.00
N LYS C 218 5.76 39.55 84.19
CA LYS C 218 4.71 39.37 85.20
C LYS C 218 3.70 38.31 84.75
N VAL C 219 3.40 38.26 83.45
CA VAL C 219 2.53 37.21 82.94
C VAL C 219 3.16 35.84 83.20
N LEU C 220 4.48 35.74 83.04
CA LEU C 220 5.18 34.49 83.31
C LEU C 220 4.96 34.02 84.74
N GLU C 221 4.94 34.96 85.69
CA GLU C 221 4.74 34.60 87.10
C GLU C 221 3.29 34.18 87.36
N ARG C 222 2.34 34.84 86.70
CA ARG C 222 0.93 34.50 86.88
C ARG C 222 0.54 33.27 86.07
N ALA C 223 1.23 33.01 84.96
CA ALA C 223 0.99 31.78 84.21
C ALA C 223 1.47 30.56 84.99
N ALA C 224 2.57 30.72 85.73
CA ALA C 224 3.09 29.63 86.55
C ALA C 224 2.12 29.28 87.67
N GLN C 225 1.37 30.27 88.18
CA GLN C 225 0.36 29.99 89.19
C GLN C 225 -0.77 29.15 88.59
N LYS C 226 -1.29 29.56 87.44
CA LYS C 226 -2.36 28.80 86.79
C LYS C 226 -1.90 27.40 86.46
N LEU C 227 -0.64 27.26 86.03
CA LEU C 227 -0.09 25.96 85.71
C LEU C 227 0.02 25.10 86.96
N ARG C 228 0.31 25.72 88.10
CA ARG C 228 0.38 24.98 89.36
C ARG C 228 -1.02 24.67 89.90
N LEU C 229 -1.95 25.62 89.78
CA LEU C 229 -3.31 25.40 90.26
C LEU C 229 -4.01 24.32 89.45
N ASP C 230 -3.68 24.21 88.16
CA ASP C 230 -4.23 23.12 87.35
C ASP C 230 -3.75 21.77 87.86
N GLN C 231 -2.48 21.69 88.27
CA GLN C 231 -1.98 20.45 88.87
C GLN C 231 -2.71 20.09 90.14
N LEU C 232 -3.09 21.08 90.95
CA LEU C 232 -3.77 20.77 92.21
C LEU C 232 -5.19 20.27 91.94
N VAL C 233 -5.87 20.87 90.96
CA VAL C 233 -7.20 20.41 90.55
C VAL C 233 -7.13 19.00 89.99
N ILE C 234 -6.14 18.73 89.14
CA ILE C 234 -5.92 17.37 88.65
C ILE C 234 -5.74 16.39 89.81
N GLN C 235 -4.93 16.77 90.81
CA GLN C 235 -4.71 15.87 91.94
C GLN C 235 -5.96 15.72 92.81
N GLN C 236 -6.73 16.80 92.99
CA GLN C 236 -7.96 16.70 93.78
C GLN C 236 -8.93 15.72 93.14
N GLY C 237 -8.99 15.68 91.81
CA GLY C 237 -9.82 14.69 91.14
C GLY C 237 -9.41 13.27 91.48
N ARG C 238 -8.10 13.00 91.52
CA ARG C 238 -7.63 11.67 91.90
C ARG C 238 -8.07 11.31 93.32
N ALA C 239 -7.88 12.23 94.26
CA ALA C 239 -8.32 11.97 95.62
C ALA C 239 -9.83 11.84 95.73
N GLN C 240 -10.57 12.55 94.87
CA GLN C 240 -12.02 12.43 94.89
C GLN C 240 -12.48 11.06 94.37
N VAL C 241 -11.90 10.61 93.25
CA VAL C 241 -12.27 9.32 92.68
C VAL C 241 -11.85 8.18 93.61
N ALA C 242 -10.63 8.26 94.15
CA ALA C 242 -10.14 7.20 95.03
C ALA C 242 -10.97 7.09 96.30
N ALA C 243 -11.46 8.23 96.81
CA ALA C 243 -12.30 8.19 98.01
C ALA C 243 -13.67 7.61 97.71
N LYS C 244 -14.18 7.83 96.50
CA LYS C 244 -15.48 7.34 96.07
C LYS C 244 -15.47 5.88 95.67
N ALA C 245 -14.29 5.27 95.53
CA ALA C 245 -14.19 3.91 95.05
C ALA C 245 -14.62 2.91 96.12
N ALA C 246 -15.48 1.97 95.73
CA ALA C 246 -15.80 0.87 96.61
C ALA C 246 -14.70 -0.17 96.55
N ALA C 247 -14.71 -1.09 97.51
CA ALA C 247 -13.64 -2.08 97.61
C ALA C 247 -13.70 -3.06 96.44
N ASN C 248 -12.54 -3.42 95.92
CA ASN C 248 -12.48 -4.45 94.91
C ASN C 248 -12.60 -5.82 95.57
N LYS C 249 -12.79 -6.84 94.74
CA LYS C 249 -12.77 -8.20 95.26
C LYS C 249 -11.40 -8.56 95.81
N ASP C 250 -10.35 -7.94 95.27
CA ASP C 250 -9.00 -8.16 95.78
C ASP C 250 -8.78 -7.44 97.11
N GLU C 251 -9.34 -6.23 97.25
CA GLU C 251 -9.22 -5.49 98.49
C GLU C 251 -9.99 -6.17 99.62
N LEU C 252 -11.19 -6.68 99.31
CA LEU C 252 -11.98 -7.36 100.33
C LEU C 252 -11.30 -8.65 100.78
N LEU C 253 -10.66 -9.37 99.85
CA LEU C 253 -10.01 -10.62 100.23
C LEU C 253 -8.82 -10.35 101.15
N SER C 254 -8.05 -9.30 100.88
CA SER C 254 -6.94 -8.98 101.76
C SER C 254 -7.44 -8.61 103.15
N MET C 255 -8.66 -8.08 103.24
CA MET C 255 -9.27 -7.80 104.53
C MET C 255 -9.68 -9.10 105.22
N ILE C 256 -10.23 -10.04 104.45
CA ILE C 256 -10.64 -11.33 105.01
C ILE C 256 -9.41 -12.14 105.41
N GLN C 257 -8.38 -12.13 104.57
CA GLN C 257 -7.18 -12.92 104.83
C GLN C 257 -6.33 -12.36 105.97
N HIS C 258 -6.53 -11.09 106.33
CA HIS C 258 -5.68 -10.44 107.32
C HIS C 258 -5.79 -11.08 108.69
N GLY C 259 -4.71 -11.72 109.14
CA GLY C 259 -4.70 -12.39 110.42
C GLY C 259 -5.34 -13.74 110.42
N ALA C 260 -5.85 -14.20 109.28
CA ALA C 260 -6.49 -15.51 109.21
C ALA C 260 -5.52 -16.63 109.55
N GLU C 261 -4.25 -16.49 109.17
CA GLU C 261 -3.28 -17.51 109.49
C GLU C 261 -3.06 -17.60 111.00
N LYS C 262 -2.97 -16.45 111.67
CA LYS C 262 -2.81 -16.46 113.12
C LYS C 262 -4.05 -16.99 113.82
N VAL C 263 -5.23 -16.81 113.23
CA VAL C 263 -6.44 -17.35 113.82
C VAL C 263 -6.45 -18.87 113.70
N PHE C 264 -6.14 -19.38 112.50
CA PHE C 264 -6.01 -20.82 112.32
C PHE C 264 -4.87 -21.38 113.17
N GLN C 265 -3.84 -20.57 113.40
CA GLN C 265 -2.71 -21.00 114.23
C GLN C 265 -3.10 -21.05 115.70
N THR C 266 -4.10 -20.27 116.10
CA THR C 266 -4.47 -20.13 117.50
C THR C 266 -5.24 -21.36 117.97
N LYS C 267 -4.85 -21.88 119.15
CA LYS C 267 -5.51 -23.01 119.75
C LYS C 267 -6.39 -22.63 120.95
N GLY C 268 -6.15 -21.50 121.58
CA GLY C 268 -6.96 -21.05 122.69
C GLY C 268 -7.59 -19.69 122.42
N ALA C 269 -7.46 -18.77 123.37
CA ALA C 269 -7.93 -17.41 123.16
C ALA C 269 -6.92 -16.63 122.31
N PHE C 270 -7.31 -15.42 121.91
CA PHE C 270 -6.55 -14.65 120.94
C PHE C 270 -6.01 -13.37 121.55
N GLY C 271 -4.72 -13.10 121.32
CA GLY C 271 -4.09 -11.84 121.65
C GLY C 271 -4.28 -11.34 123.07
N THR C 272 -4.97 -10.21 123.21
CA THR C 272 -5.15 -9.60 124.53
C THR C 272 -5.93 -10.49 125.47
N MET C 273 -6.86 -11.29 124.93
CA MET C 273 -7.62 -12.20 125.78
C MET C 273 -6.75 -13.32 126.33
N ALA C 274 -5.74 -13.74 125.57
CA ALA C 274 -4.79 -14.72 126.09
C ALA C 274 -3.91 -14.10 127.17
N GLU C 275 -3.70 -12.78 127.12
CA GLU C 275 -2.89 -12.10 128.13
C GLU C 275 -3.49 -12.26 129.52
N LYS C 276 -4.80 -12.06 129.64
CA LYS C 276 -5.50 -12.26 130.89
C LYS C 276 -6.86 -12.92 130.65
N GLY C 277 -7.85 -12.13 130.22
CA GLY C 277 -9.14 -12.66 129.84
C GLY C 277 -10.18 -12.69 130.93
N SER C 278 -9.82 -12.40 132.17
CA SER C 278 -10.76 -12.35 133.28
C SER C 278 -10.72 -10.96 133.91
N GLN C 279 -11.54 -10.75 134.92
CA GLN C 279 -11.61 -9.44 135.59
C GLN C 279 -10.37 -9.27 136.46
N LEU C 280 -9.30 -8.75 135.86
CA LEU C 280 -8.05 -8.54 136.57
C LEU C 280 -7.75 -7.05 136.71
N ASP C 281 -6.47 -6.72 136.91
CA ASP C 281 -6.07 -5.42 137.41
C ASP C 281 -6.50 -4.31 136.45
N ASP C 282 -6.68 -3.11 137.02
CA ASP C 282 -6.73 -1.90 136.20
C ASP C 282 -5.36 -1.53 135.66
N ASP C 283 -4.32 -2.26 136.05
CA ASP C 283 -3.04 -2.18 135.37
C ASP C 283 -3.13 -2.77 133.97
N ASP C 284 -3.99 -3.78 133.78
CA ASP C 284 -4.16 -4.35 132.45
C ASP C 284 -4.87 -3.39 131.51
N ILE C 285 -5.93 -2.73 131.98
CA ILE C 285 -6.63 -1.78 131.12
C ILE C 285 -5.80 -0.53 130.90
N ASP C 286 -5.04 -0.09 131.93
CA ASP C 286 -4.17 1.06 131.73
C ASP C 286 -3.07 0.75 130.74
N ALA C 287 -2.65 -0.51 130.65
CA ALA C 287 -1.64 -0.92 129.68
C ALA C 287 -2.21 -1.00 128.27
N ILE C 288 -3.47 -1.44 128.15
CA ILE C 288 -4.10 -1.54 126.84
C ILE C 288 -4.28 -0.13 126.25
N LEU C 289 -4.84 0.78 127.03
CA LEU C 289 -5.07 2.15 126.57
C LEU C 289 -3.76 2.86 126.27
N GLN C 290 -2.70 2.53 126.99
CA GLN C 290 -1.41 3.17 126.76
C GLN C 290 -0.82 2.73 125.41
N ALA C 291 -0.80 1.43 125.16
CA ALA C 291 -0.29 0.94 123.87
C ALA C 291 -1.23 1.31 122.74
N GLY C 292 -2.53 1.37 123.00
CA GLY C 292 -3.48 1.75 121.96
C GLY C 292 -3.33 3.20 121.57
N GLU C 293 -3.19 4.10 122.55
CA GLU C 293 -2.98 5.50 122.25
C GLU C 293 -1.66 5.71 121.52
N THR C 294 -0.66 4.87 121.79
CA THR C 294 0.58 4.93 121.01
C THR C 294 0.34 4.49 119.58
N ARG C 295 -0.38 3.37 119.40
CA ARG C 295 -0.69 2.89 118.06
C ARG C 295 -1.65 3.82 117.33
N THR C 296 -2.49 4.54 118.09
CA THR C 296 -3.39 5.50 117.47
C THR C 296 -2.62 6.68 116.88
N LYS C 297 -1.66 7.22 117.64
CA LYS C 297 -0.81 8.27 117.13
C LYS C 297 0.03 7.79 115.94
N GLU C 298 0.53 6.55 116.03
CA GLU C 298 1.35 6.00 114.95
C GLU C 298 0.55 5.83 113.67
N LEU C 299 -0.71 5.39 113.80
CA LEU C 299 -1.57 5.23 112.63
C LEU C 299 -1.84 6.57 111.96
N ASN C 300 -2.13 7.60 112.76
CA ASN C 300 -2.41 8.93 112.21
C ASN C 300 -1.19 9.47 111.46
N ALA C 301 0.01 9.18 111.95
CA ALA C 301 1.22 9.67 111.31
C ALA C 301 1.40 9.10 109.90
N ARG C 302 0.99 7.84 109.69
CA ARG C 302 1.15 7.23 108.38
C ARG C 302 0.37 7.99 107.32
N TYR C 303 -0.81 8.49 107.68
CA TYR C 303 -1.68 9.19 106.75
C TYR C 303 -1.51 10.70 106.82
N GLU C 304 -0.96 11.22 107.92
CA GLU C 304 -0.67 12.64 108.00
C GLU C 304 0.49 13.00 107.09
N LYS C 305 1.25 12.01 106.62
CA LYS C 305 2.37 12.22 105.71
C LYS C 305 1.99 11.87 104.27
N LEU C 306 0.71 11.92 103.92
CA LEU C 306 0.31 11.65 102.55
C LEU C 306 0.18 12.96 101.78
N GLY C 307 -1.02 13.53 101.73
CA GLY C 307 -1.21 14.83 101.11
C GLY C 307 -1.15 14.79 99.59
N ILE C 308 -1.55 15.93 99.01
CA ILE C 308 -1.54 16.10 97.56
C ILE C 308 -0.11 15.88 97.04
N ASP C 309 -0.02 15.47 95.77
CA ASP C 309 1.22 15.17 95.04
C ASP C 309 1.83 13.85 95.48
N ASP C 310 1.26 13.17 96.47
CA ASP C 310 1.64 11.81 96.83
C ASP C 310 0.54 10.81 96.48
N LEU C 311 -0.34 11.18 95.55
CA LEU C 311 -1.47 10.35 95.17
C LEU C 311 -1.08 9.40 94.04
N GLN C 312 -1.69 8.23 94.05
CA GLN C 312 -1.42 7.24 93.03
C GLN C 312 -1.96 7.73 91.69
N LYS C 313 -1.15 7.56 90.65
CA LYS C 313 -1.60 7.86 89.30
C LYS C 313 -2.12 6.55 88.70
N PHE C 314 -3.25 6.64 88.02
CA PHE C 314 -3.67 5.61 87.08
C PHE C 314 -3.62 6.15 85.66
N THR C 315 -4.03 7.41 85.49
CA THR C 315 -3.91 8.15 84.26
C THR C 315 -2.85 9.23 84.45
N SER C 316 -1.83 9.23 83.60
CA SER C 316 -0.72 10.18 83.71
C SER C 316 -1.09 11.51 83.03
N GLU C 317 -1.98 12.24 83.69
CA GLU C 317 -2.33 13.58 83.24
C GLU C 317 -1.62 14.60 84.12
N SER C 318 -0.94 15.55 83.48
CA SER C 318 -0.27 16.62 84.18
C SER C 318 -0.69 17.95 83.56
N ALA C 319 -0.71 19.00 84.39
CA ALA C 319 -0.83 20.34 83.85
C ALA C 319 0.41 20.69 83.03
N TYR C 320 1.54 20.07 83.34
CA TYR C 320 2.79 20.24 82.62
C TYR C 320 2.89 19.33 81.40
N GLU C 321 1.81 18.66 81.03
CA GLU C 321 1.76 17.84 79.83
C GLU C 321 0.48 18.14 79.06
N TRP C 322 0.47 17.75 77.79
CA TRP C 322 -0.60 18.13 76.88
C TRP C 322 -1.95 17.61 77.36
N ASN C 323 -2.97 18.45 77.24
CA ASN C 323 -4.32 18.08 77.64
C ASN C 323 -4.94 17.08 76.66
N GLY C 324 -4.59 17.18 75.38
CA GLY C 324 -5.31 16.50 74.32
C GLY C 324 -6.34 17.35 73.63
N GLU C 325 -6.62 18.53 74.17
CA GLU C 325 -7.60 19.45 73.59
C GLU C 325 -7.04 20.08 72.31
N ASP C 326 -7.91 20.28 71.32
CA ASP C 326 -7.54 20.93 70.08
C ASP C 326 -7.82 22.42 70.21
N PHE C 327 -6.79 23.24 70.02
CA PHE C 327 -6.86 24.67 70.28
C PHE C 327 -6.93 25.45 68.97
N ALA C 328 -7.98 26.26 68.82
CA ALA C 328 -8.15 27.16 67.69
C ALA C 328 -8.60 28.52 68.22
N ALA C 329 -8.01 29.58 67.67
CA ALA C 329 -8.32 30.94 68.12
C ALA C 329 -9.74 31.33 67.75
N LYS D 2 -12.96 -6.11 -74.26
CA LYS D 2 -13.37 -4.71 -74.41
C LYS D 2 -12.66 -4.06 -75.58
N SER D 3 -13.09 -2.85 -75.94
CA SER D 3 -12.58 -2.17 -77.13
C SER D 3 -11.21 -1.55 -76.84
N LEU D 4 -10.19 -1.98 -77.59
CA LEU D 4 -8.85 -1.43 -77.53
C LEU D 4 -8.58 -0.73 -78.86
N LEU D 5 -8.56 0.60 -78.84
CA LEU D 5 -8.45 1.39 -80.06
C LEU D 5 -7.12 1.09 -80.78
N PRO D 6 -7.16 0.83 -82.09
CA PRO D 6 -5.91 0.61 -82.83
C PRO D 6 -4.99 1.82 -82.78
N LYS D 7 -3.69 1.55 -82.77
CA LYS D 7 -2.70 2.61 -82.67
C LYS D 7 -2.54 3.35 -83.99
N LYS D 8 -2.45 4.67 -83.90
CA LYS D 8 -2.14 5.53 -85.05
C LYS D 8 -0.62 5.65 -85.13
N GLU D 9 -0.02 5.02 -86.13
CA GLU D 9 1.42 5.03 -86.33
C GLU D 9 1.74 6.09 -87.40
N ILE D 10 2.39 7.17 -86.98
CA ILE D 10 2.69 8.30 -87.85
C ILE D 10 4.18 8.58 -87.82
N ASN D 11 4.82 8.50 -88.99
CA ASN D 11 6.20 8.94 -89.16
C ASN D 11 6.22 10.45 -89.29
N VAL D 12 6.94 11.13 -88.40
CA VAL D 12 7.09 12.58 -88.51
C VAL D 12 8.49 12.91 -89.00
N TYR D 13 8.59 13.35 -90.26
CA TYR D 13 9.89 13.57 -90.89
C TYR D 13 10.49 14.91 -90.47
N ILE D 14 11.74 14.88 -90.03
CA ILE D 14 12.41 16.04 -89.42
C ILE D 14 13.72 16.30 -90.15
N GLY D 15 14.09 17.57 -90.26
CA GLY D 15 15.34 17.98 -90.84
C GLY D 15 16.48 18.01 -89.83
N MET D 16 17.60 18.56 -90.27
CA MET D 16 18.80 18.64 -89.45
C MET D 16 19.18 20.09 -89.20
N SER D 17 19.71 20.34 -88.01
CA SER D 17 20.13 21.69 -87.66
C SER D 17 21.40 22.07 -88.43
N GLU D 18 21.73 23.36 -88.34
CA GLU D 18 22.95 23.87 -88.96
C GLU D 18 24.17 23.14 -88.42
N MET D 19 24.14 22.81 -87.12
CA MET D 19 25.24 22.07 -86.51
C MET D 19 25.27 20.62 -87.00
N GLN D 20 24.10 19.99 -87.14
CA GLN D 20 24.04 18.60 -87.57
C GLN D 20 24.62 18.40 -88.97
N VAL D 21 24.32 19.32 -89.90
CA VAL D 21 24.81 19.19 -91.26
C VAL D 21 26.33 19.16 -91.29
N LYS D 22 26.98 19.99 -90.47
CA LYS D 22 28.43 20.00 -90.42
C LYS D 22 28.99 18.65 -90.02
N TRP D 23 28.40 18.02 -88.99
CA TRP D 23 28.89 16.73 -88.55
C TRP D 23 28.56 15.63 -89.55
N TYR D 24 27.35 15.65 -90.11
CA TYR D 24 26.99 14.68 -91.14
C TYR D 24 27.97 14.75 -92.32
N GLN D 25 28.38 15.96 -92.70
CA GLN D 25 29.41 16.11 -93.72
C GLN D 25 30.75 15.59 -93.21
N LYS D 26 31.11 15.92 -91.96
CA LYS D 26 32.38 15.47 -91.40
C LYS D 26 32.46 13.96 -91.37
N ILE D 27 31.35 13.30 -91.03
CA ILE D 27 31.31 11.83 -91.03
C ILE D 27 31.51 11.31 -92.45
N LEU D 28 30.78 11.88 -93.41
CA LEU D 28 30.90 11.45 -94.81
C LEU D 28 32.29 11.77 -95.37
N GLU D 29 32.86 12.91 -94.99
CA GLU D 29 34.15 13.31 -95.56
C GLU D 29 35.30 12.50 -94.97
N LYS D 30 35.26 12.22 -93.66
CA LYS D 30 36.37 11.51 -93.04
C LYS D 30 36.52 10.08 -93.54
N ASP D 31 35.56 9.59 -94.32
CA ASP D 31 35.65 8.25 -94.88
C ASP D 31 34.93 8.25 -96.23
N ILE D 32 35.26 9.24 -97.07
CA ILE D 32 34.58 9.40 -98.35
C ILE D 32 34.88 8.24 -99.29
N ASP D 33 36.01 7.56 -99.08
CA ASP D 33 36.39 6.42 -99.93
C ASP D 33 35.41 5.27 -99.73
N ALA D 34 34.97 5.05 -98.50
CA ALA D 34 34.02 3.97 -98.23
C ALA D 34 32.64 4.29 -98.81
N VAL D 35 32.28 5.58 -98.86
CA VAL D 35 30.99 5.96 -99.42
C VAL D 35 30.95 5.63 -100.91
N ASN D 36 32.06 5.86 -101.61
CA ASN D 36 32.12 5.61 -103.04
C ASN D 36 31.99 4.12 -103.36
N GLY D 37 32.52 3.27 -102.49
CA GLY D 37 32.49 1.82 -102.67
C GLY D 37 33.82 1.11 -102.87
N ALA D 38 34.93 1.83 -102.66
CA ALA D 38 36.26 1.23 -102.76
C ALA D 38 36.48 0.19 -101.68
N GLY D 39 37.17 -0.89 -102.05
CA GLY D 39 37.51 -1.96 -101.14
C GLY D 39 36.74 -3.24 -101.45
N GLY D 40 37.19 -4.32 -100.82
CA GLY D 40 36.47 -5.58 -100.92
C GLY D 40 35.28 -5.63 -99.99
N LYS D 41 34.48 -6.69 -100.11
CA LYS D 41 33.29 -6.80 -99.28
C LYS D 41 33.63 -7.26 -97.87
N ARG D 42 34.64 -8.12 -97.72
CA ARG D 42 35.01 -8.59 -96.40
C ARG D 42 35.49 -7.45 -95.51
N GLU D 43 36.20 -6.48 -96.09
CA GLU D 43 36.81 -5.42 -95.30
C GLU D 43 36.04 -4.11 -95.32
N SER D 44 35.24 -3.84 -96.35
CA SER D 44 34.55 -2.56 -96.43
C SER D 44 33.17 -2.58 -95.77
N LYS D 45 32.59 -3.76 -95.53
CA LYS D 45 31.33 -3.78 -94.80
C LYS D 45 31.52 -3.26 -93.38
N THR D 46 32.63 -3.64 -92.74
CA THR D 46 32.94 -3.08 -91.42
C THR D 46 33.17 -1.59 -91.51
N ARG D 47 33.73 -1.12 -92.62
CA ARG D 47 33.95 0.30 -92.82
C ARG D 47 32.63 1.03 -93.05
N LEU D 48 31.69 0.39 -93.74
CA LEU D 48 30.38 1.00 -93.97
C LEU D 48 29.51 0.95 -92.73
N LEU D 49 29.55 -0.16 -91.99
CA LEU D 49 28.76 -0.28 -90.76
C LEU D 49 29.18 0.77 -89.74
N ASN D 50 30.44 1.20 -89.77
CA ASN D 50 30.89 2.27 -88.88
C ASN D 50 30.28 3.60 -89.27
N ILE D 51 30.22 3.89 -90.58
CA ILE D 51 29.60 5.13 -91.04
C ILE D 51 28.13 5.18 -90.66
N VAL D 52 27.44 4.03 -90.77
CA VAL D 52 26.00 3.98 -90.49
C VAL D 52 25.70 4.42 -89.06
N MET D 53 26.47 3.92 -88.08
CA MET D 53 26.18 4.27 -86.69
C MET D 53 26.43 5.75 -86.43
N GLN D 54 27.47 6.31 -87.05
CA GLN D 54 27.79 7.71 -86.81
C GLN D 54 26.74 8.62 -87.41
N LEU D 55 26.22 8.27 -88.59
CA LEU D 55 25.16 9.06 -89.20
C LEU D 55 23.88 8.99 -88.37
N ARG D 56 23.60 7.83 -87.77
CA ARG D 56 22.46 7.73 -86.86
C ARG D 56 22.71 8.57 -85.61
N LYS D 57 23.94 8.57 -85.10
CA LYS D 57 24.27 9.42 -83.96
C LYS D 57 24.08 10.89 -84.31
N CYS D 58 24.48 11.28 -85.52
CA CYS D 58 24.32 12.67 -85.94
C CYS D 58 22.85 13.03 -86.10
N CYS D 59 22.04 12.11 -86.65
CA CYS D 59 20.62 12.36 -86.80
C CYS D 59 19.94 12.53 -85.45
N ASN D 60 20.47 11.88 -84.41
CA ASN D 60 19.91 12.01 -83.08
C ASN D 60 20.33 13.33 -82.43
N HIS D 61 21.63 13.55 -82.27
CA HIS D 61 22.13 14.76 -81.65
C HIS D 61 23.64 14.89 -81.83
N PRO D 62 24.13 16.05 -82.27
CA PRO D 62 25.59 16.22 -82.42
C PRO D 62 26.36 16.06 -81.12
N TYR D 63 25.73 16.36 -79.98
CA TYR D 63 26.42 16.29 -78.69
C TYR D 63 26.87 14.89 -78.33
N LEU D 64 26.44 13.87 -79.09
CA LEU D 64 26.95 12.52 -78.89
C LEU D 64 28.42 12.43 -79.26
N PHE D 65 28.91 13.33 -80.12
CA PHE D 65 30.31 13.45 -80.43
C PHE D 65 30.98 14.36 -79.43
N GLU D 66 32.18 13.99 -78.98
CA GLU D 66 32.89 14.80 -78.00
C GLU D 66 33.49 16.03 -78.67
N GLY D 67 33.37 17.18 -78.01
CA GLY D 67 33.86 18.43 -78.53
C GLY D 67 32.87 19.18 -79.41
N ALA D 68 31.69 18.61 -79.66
CA ALA D 68 30.69 19.29 -80.47
C ALA D 68 30.05 20.42 -79.68
N GLU D 69 29.50 20.10 -78.51
CA GLU D 69 28.88 21.10 -77.65
C GLU D 69 29.91 22.16 -77.25
N PRO D 70 29.49 23.42 -77.15
CA PRO D 70 30.42 24.48 -76.74
C PRO D 70 31.17 24.11 -75.47
N GLY D 71 32.45 24.50 -75.41
CA GLY D 71 33.37 24.05 -74.40
C GLY D 71 32.95 24.31 -72.97
N PRO D 72 33.68 23.72 -72.01
CA PRO D 72 33.41 23.77 -70.57
C PRO D 72 33.21 25.16 -69.99
N PRO D 73 32.29 25.29 -69.01
CA PRO D 73 31.43 24.22 -68.49
C PRO D 73 30.26 23.89 -69.40
N TYR D 74 29.75 22.67 -69.31
CA TYR D 74 28.63 22.22 -70.14
C TYR D 74 27.33 22.45 -69.39
N THR D 75 26.57 23.45 -69.82
CA THR D 75 25.32 23.86 -69.19
C THR D 75 24.12 23.57 -70.08
N THR D 76 23.00 23.24 -69.45
CA THR D 76 21.75 22.98 -70.18
C THR D 76 21.05 24.31 -70.41
N ASP D 77 21.01 24.75 -71.66
CA ASP D 77 20.34 26.00 -72.02
C ASP D 77 19.39 25.70 -73.18
N GLU D 78 19.03 26.74 -73.93
CA GLU D 78 18.20 26.54 -75.11
C GLU D 78 19.00 25.93 -76.25
N HIS D 79 20.33 26.05 -76.23
CA HIS D 79 21.15 25.47 -77.28
C HIS D 79 21.06 23.95 -77.30
N LEU D 80 20.68 23.33 -76.18
CA LEU D 80 20.48 21.89 -76.15
C LEU D 80 19.32 21.45 -77.03
N ILE D 81 18.39 22.35 -77.32
CA ILE D 81 17.19 22.02 -78.10
C ILE D 81 17.35 22.40 -79.56
N TYR D 82 17.73 23.64 -79.85
CA TYR D 82 17.77 24.08 -81.25
C TYR D 82 19.02 23.67 -81.99
N ASN D 83 19.90 22.88 -81.38
CA ASN D 83 21.03 22.30 -82.09
C ASN D 83 20.70 20.93 -82.67
N ALA D 84 19.51 20.40 -82.42
CA ALA D 84 19.08 19.11 -82.95
C ALA D 84 17.67 19.23 -83.51
N GLY D 85 17.50 18.79 -84.76
CA GLY D 85 16.19 18.87 -85.40
C GLY D 85 15.10 18.14 -84.62
N LYS D 86 15.42 16.93 -84.13
CA LYS D 86 14.42 16.14 -83.43
C LYS D 86 14.04 16.77 -82.09
N MET D 87 14.99 17.43 -81.41
CA MET D 87 14.68 18.07 -80.14
C MET D 87 13.70 19.22 -80.32
N VAL D 88 13.87 20.00 -81.38
CA VAL D 88 12.97 21.12 -81.64
C VAL D 88 11.54 20.62 -81.84
N VAL D 89 11.38 19.59 -82.68
CA VAL D 89 10.05 19.01 -82.90
C VAL D 89 9.52 18.41 -81.60
N LEU D 90 10.39 17.74 -80.84
CA LEU D 90 9.97 17.17 -79.57
C LEU D 90 9.56 18.26 -78.58
N ASP D 91 10.25 19.40 -78.60
CA ASP D 91 10.00 20.46 -77.63
C ASP D 91 8.58 21.02 -77.76
N LYS D 92 8.12 21.24 -79.00
CA LYS D 92 6.77 21.75 -79.21
C LYS D 92 5.72 20.65 -79.13
N LEU D 93 6.09 19.42 -79.49
CA LEU D 93 5.15 18.30 -79.38
C LEU D 93 4.80 18.02 -77.94
N LEU D 94 5.80 17.99 -77.06
CA LEU D 94 5.55 17.75 -75.63
C LEU D 94 4.71 18.88 -75.02
N LYS D 95 4.96 20.12 -75.45
CA LYS D 95 4.20 21.25 -74.93
C LYS D 95 2.73 21.11 -75.29
N ARG D 96 2.45 20.60 -76.49
CA ARG D 96 1.08 20.32 -76.90
C ARG D 96 0.55 19.06 -76.21
N ILE D 97 1.41 18.05 -76.03
CA ILE D 97 0.99 16.79 -75.40
C ILE D 97 0.51 17.02 -73.99
N GLN D 98 1.24 17.84 -73.21
CA GLN D 98 0.85 18.06 -71.82
C GLN D 98 -0.45 18.85 -71.74
N LYS D 99 -0.65 19.80 -72.66
CA LYS D 99 -1.85 20.64 -72.62
C LYS D 99 -3.11 19.84 -72.92
N GLN D 100 -3.01 18.81 -73.74
CA GLN D 100 -4.14 17.94 -74.05
C GLN D 100 -4.31 16.80 -73.06
N GLY D 101 -3.65 16.88 -71.90
CA GLY D 101 -3.84 15.91 -70.84
C GLY D 101 -3.32 14.53 -71.16
N SER D 102 -2.25 14.43 -71.93
CA SER D 102 -1.67 13.16 -72.32
C SER D 102 -0.28 12.98 -71.71
N ARG D 103 0.06 11.73 -71.43
CA ARG D 103 1.38 11.33 -70.94
C ARG D 103 2.06 10.46 -71.97
N VAL D 104 3.39 10.56 -72.06
CA VAL D 104 4.14 10.04 -73.19
C VAL D 104 5.27 9.13 -72.71
N LEU D 105 5.42 7.97 -73.36
CA LEU D 105 6.59 7.12 -73.23
C LEU D 105 7.54 7.43 -74.39
N ILE D 106 8.81 7.66 -74.08
CA ILE D 106 9.82 8.00 -75.08
C ILE D 106 10.88 6.91 -75.11
N PHE D 107 11.00 6.23 -76.25
CA PHE D 107 11.99 5.17 -76.41
C PHE D 107 13.17 5.66 -77.25
N SER D 108 14.30 4.97 -77.11
CA SER D 108 15.49 5.29 -77.87
C SER D 108 16.42 4.09 -77.93
N GLN D 109 17.23 4.04 -78.99
CA GLN D 109 18.24 3.00 -79.13
C GLN D 109 19.47 3.27 -78.29
N MET D 110 19.76 4.53 -78.00
CA MET D 110 21.00 4.94 -77.34
C MET D 110 20.69 5.49 -75.96
N SER D 111 21.32 4.91 -74.93
CA SER D 111 21.12 5.41 -73.58
C SER D 111 21.74 6.78 -73.38
N ARG D 112 22.80 7.10 -74.12
CA ARG D 112 23.43 8.40 -74.03
C ARG D 112 22.50 9.51 -74.55
N LEU D 113 21.49 9.15 -75.34
CA LEU D 113 20.50 10.13 -75.76
C LEU D 113 19.52 10.41 -74.63
N LEU D 114 19.11 9.35 -73.91
CA LEU D 114 18.26 9.53 -72.74
C LEU D 114 18.94 10.41 -71.70
N ASP D 115 20.27 10.30 -71.57
CA ASP D 115 21.02 11.20 -70.71
C ASP D 115 20.84 12.65 -71.18
N ILE D 116 20.90 12.87 -72.49
CA ILE D 116 20.63 14.19 -73.04
C ILE D 116 19.18 14.58 -72.81
N LEU D 117 18.27 13.63 -72.98
CA LEU D 117 16.85 13.89 -72.75
C LEU D 117 16.57 14.20 -71.28
N GLU D 118 17.34 13.61 -70.38
CA GLU D 118 17.17 13.88 -68.95
C GLU D 118 17.44 15.34 -68.63
N ASP D 119 18.58 15.87 -69.10
CA ASP D 119 18.91 17.27 -68.87
C ASP D 119 17.91 18.19 -69.56
N TYR D 120 17.33 17.76 -70.67
CA TYR D 120 16.27 18.55 -71.30
C TYR D 120 15.04 18.59 -70.39
N CYS D 121 14.64 17.43 -69.86
CA CYS D 121 13.47 17.38 -68.99
C CYS D 121 13.69 18.24 -67.74
N VAL D 122 14.91 18.21 -67.19
CA VAL D 122 15.22 19.07 -66.05
C VAL D 122 15.17 20.54 -66.48
N PHE D 123 15.65 20.83 -67.69
CA PHE D 123 15.63 22.19 -68.19
C PHE D 123 14.21 22.71 -68.39
N ARG D 124 13.26 21.82 -68.67
CA ARG D 124 11.87 22.21 -68.87
C ARG D 124 10.97 21.92 -67.67
N GLY D 125 11.49 21.22 -66.67
CA GLY D 125 10.70 20.92 -65.49
C GLY D 125 9.76 19.75 -65.61
N TYR D 126 10.08 18.77 -66.46
CA TYR D 126 9.24 17.60 -66.67
C TYR D 126 9.65 16.48 -65.72
N LYS D 127 8.71 16.05 -64.86
CA LYS D 127 8.94 14.88 -64.03
C LYS D 127 8.99 13.62 -64.88
N TYR D 128 9.99 12.78 -64.62
CA TYR D 128 10.19 11.59 -65.43
C TYR D 128 10.78 10.46 -64.59
N CYS D 129 10.73 9.25 -65.17
CA CYS D 129 11.45 8.09 -64.68
C CYS D 129 12.19 7.46 -65.87
N ARG D 130 13.04 6.46 -65.59
CA ARG D 130 13.86 5.89 -66.65
C ARG D 130 14.23 4.43 -66.41
N ILE D 131 14.08 3.60 -67.45
CA ILE D 131 14.58 2.22 -67.45
C ILE D 131 15.43 2.09 -68.72
N ASP D 132 16.77 1.96 -68.57
CA ASP D 132 17.70 1.82 -69.69
C ASP D 132 18.42 0.46 -69.73
N GLY D 133 17.97 -0.52 -68.95
CA GLY D 133 18.64 -1.79 -68.85
C GLY D 133 19.89 -1.82 -68.00
N SER D 134 20.45 -0.67 -67.63
CA SER D 134 21.38 -0.69 -66.52
C SER D 134 20.68 -1.06 -65.22
N THR D 135 19.43 -0.63 -65.08
CA THR D 135 18.73 -0.79 -63.82
C THR D 135 18.46 -2.26 -63.52
N ALA D 136 18.53 -2.62 -62.24
CA ALA D 136 18.27 -3.99 -61.82
C ALA D 136 16.77 -4.29 -61.81
N HIS D 137 16.45 -5.57 -61.59
CA HIS D 137 15.05 -6.02 -61.61
C HIS D 137 14.20 -5.28 -60.59
N GLU D 138 14.66 -5.21 -59.34
CA GLU D 138 13.96 -4.44 -58.31
C GLU D 138 13.75 -2.99 -58.74
N ASP D 139 14.80 -2.33 -59.25
CA ASP D 139 14.69 -0.90 -59.59
C ASP D 139 13.67 -0.67 -60.71
N ARG D 140 13.75 -1.47 -61.77
CA ARG D 140 12.76 -1.41 -62.85
C ARG D 140 11.34 -1.51 -62.33
N ILE D 141 11.08 -2.46 -61.43
CA ILE D 141 9.76 -2.60 -60.82
C ILE D 141 9.37 -1.30 -60.10
N ALA D 142 10.30 -0.74 -59.33
CA ALA D 142 10.01 0.47 -58.56
C ALA D 142 9.66 1.65 -59.46
N ALA D 143 10.27 1.70 -60.65
CA ALA D 143 10.00 2.81 -61.57
C ALA D 143 8.67 2.63 -62.29
N ILE D 144 8.36 1.40 -62.70
CA ILE D 144 7.06 1.13 -63.33
C ILE D 144 5.93 1.52 -62.39
N ASP D 145 6.05 1.14 -61.12
CA ASP D 145 5.01 1.46 -60.15
C ASP D 145 4.86 2.96 -59.99
N GLU D 146 5.97 3.71 -60.05
CA GLU D 146 5.91 5.15 -59.90
C GLU D 146 5.18 5.84 -61.04
N TYR D 147 5.18 5.23 -62.24
CA TYR D 147 4.58 5.87 -63.40
C TYR D 147 3.10 5.57 -63.53
N ASN D 148 2.67 4.38 -63.10
CA ASN D 148 1.29 3.92 -63.24
C ASN D 148 0.39 4.33 -62.08
N LYS D 149 0.96 4.76 -60.95
CA LYS D 149 0.19 5.08 -59.77
C LYS D 149 -0.92 6.09 -60.07
N PRO D 150 -2.12 5.90 -59.54
CA PRO D 150 -3.22 6.84 -59.80
C PRO D 150 -2.86 8.24 -59.30
N GLY D 151 -3.12 9.24 -60.14
CA GLY D 151 -2.75 10.59 -59.77
C GLY D 151 -1.25 10.80 -59.81
N SER D 152 -0.57 10.15 -60.75
CA SER D 152 0.88 10.18 -60.79
C SER D 152 1.40 11.59 -61.07
N ASP D 153 2.59 11.86 -60.53
CA ASP D 153 3.26 13.13 -60.76
C ASP D 153 4.02 13.11 -62.07
N LYS D 154 4.40 11.92 -62.54
CA LYS D 154 5.23 11.79 -63.73
C LYS D 154 4.43 12.05 -65.00
N PHE D 155 5.14 12.44 -66.04
CA PHE D 155 4.59 12.78 -67.35
C PHE D 155 5.35 12.10 -68.48
N ILE D 156 6.67 11.96 -68.36
CA ILE D 156 7.51 11.33 -69.38
C ILE D 156 8.16 10.10 -68.77
N PHE D 157 8.29 9.04 -69.57
CA PHE D 157 9.00 7.83 -69.20
C PHE D 157 10.01 7.48 -70.28
N LEU D 158 11.29 7.56 -69.93
CA LEU D 158 12.39 7.31 -70.87
C LEU D 158 12.81 5.85 -70.80
N LEU D 159 12.88 5.19 -71.96
CA LEU D 159 13.30 3.80 -72.04
C LEU D 159 14.27 3.59 -73.18
N THR D 160 15.12 2.58 -73.01
CA THR D 160 15.88 2.03 -74.11
C THR D 160 15.02 0.95 -74.78
N THR D 161 15.12 0.86 -76.10
CA THR D 161 14.32 -0.13 -76.83
C THR D 161 14.65 -1.55 -76.36
N ARG D 162 15.88 -1.78 -75.90
CA ARG D 162 16.23 -3.06 -75.30
C ARG D 162 15.31 -3.38 -74.13
N ALA D 163 15.15 -2.44 -73.20
CA ALA D 163 14.39 -2.65 -71.98
C ALA D 163 12.89 -2.59 -72.19
N GLY D 164 12.42 -2.44 -73.44
CA GLY D 164 11.01 -2.40 -73.72
C GLY D 164 10.34 -3.76 -73.63
N GLY D 165 10.91 -4.76 -74.29
CA GLY D 165 10.33 -6.09 -74.32
C GLY D 165 10.70 -6.95 -73.14
N LEU D 166 10.32 -6.51 -71.94
CA LEU D 166 10.60 -7.25 -70.72
C LEU D 166 9.33 -7.64 -69.96
N GLY D 167 8.16 -7.41 -70.54
CA GLY D 167 6.90 -7.72 -69.91
C GLY D 167 6.34 -6.64 -69.00
N ILE D 168 6.80 -5.41 -69.15
CA ILE D 168 6.31 -4.29 -68.36
C ILE D 168 5.02 -3.74 -68.95
N ASN D 169 4.18 -3.17 -68.10
CA ASN D 169 2.87 -2.63 -68.49
C ASN D 169 2.83 -1.15 -68.16
N LEU D 170 2.64 -0.31 -69.18
CA LEU D 170 2.56 1.13 -69.02
C LEU D 170 1.33 1.69 -69.74
N THR D 171 0.17 1.08 -69.49
CA THR D 171 -1.05 1.51 -70.16
C THR D 171 -1.58 2.84 -69.63
N THR D 172 -1.04 3.34 -68.52
CA THR D 172 -1.47 4.63 -68.01
C THR D 172 -0.94 5.79 -68.85
N ALA D 173 -0.08 5.52 -69.83
CA ALA D 173 0.34 6.49 -70.83
C ALA D 173 -0.31 6.16 -72.16
N ASP D 174 -0.53 7.19 -72.98
CA ASP D 174 -1.23 7.03 -74.25
C ASP D 174 -0.43 7.46 -75.47
N ILE D 175 0.77 8.01 -75.31
CA ILE D 175 1.55 8.51 -76.43
C ILE D 175 2.94 7.88 -76.39
N VAL D 176 3.40 7.41 -77.55
CA VAL D 176 4.71 6.79 -77.70
C VAL D 176 5.50 7.56 -78.74
N ILE D 177 6.72 7.98 -78.39
CA ILE D 177 7.60 8.71 -79.30
C ILE D 177 8.85 7.88 -79.51
N LEU D 178 9.05 7.38 -80.72
CA LEU D 178 10.28 6.68 -81.09
C LEU D 178 11.27 7.67 -81.66
N TYR D 179 12.13 8.21 -80.79
CA TYR D 179 13.13 9.18 -81.21
C TYR D 179 13.99 8.64 -82.35
N ASP D 180 14.39 7.37 -82.24
CA ASP D 180 15.03 6.66 -83.33
C ASP D 180 14.47 5.24 -83.38
N SER D 181 14.75 4.55 -84.48
CA SER D 181 14.13 3.26 -84.77
C SER D 181 15.14 2.12 -84.66
N ASP D 182 14.64 0.96 -84.25
CA ASP D 182 15.43 -0.27 -84.23
C ASP D 182 15.47 -0.87 -85.63
N TRP D 183 16.60 -1.50 -85.96
CA TRP D 183 16.72 -2.14 -87.27
C TRP D 183 15.79 -3.34 -87.38
N ASN D 184 15.47 -3.98 -86.26
CA ASN D 184 14.46 -5.03 -86.24
C ASN D 184 13.14 -4.43 -85.83
N PRO D 185 12.17 -4.30 -86.74
CA PRO D 185 10.90 -3.62 -86.40
C PRO D 185 10.16 -4.25 -85.23
N GLN D 186 10.28 -5.56 -85.04
CA GLN D 186 9.58 -6.22 -83.94
C GLN D 186 10.02 -5.70 -82.57
N ALA D 187 11.24 -5.15 -82.47
CA ALA D 187 11.66 -4.56 -81.21
C ALA D 187 10.96 -3.23 -80.96
N ASP D 188 10.83 -2.40 -82.01
CA ASP D 188 10.07 -1.17 -81.87
C ASP D 188 8.59 -1.46 -81.70
N LEU D 189 8.09 -2.47 -82.42
CA LEU D 189 6.68 -2.85 -82.30
C LEU D 189 6.38 -3.39 -80.91
N GLN D 190 7.37 -4.04 -80.27
CA GLN D 190 7.22 -4.47 -78.89
C GLN D 190 7.22 -3.28 -77.94
N ALA D 191 7.94 -2.21 -78.29
CA ALA D 191 7.94 -1.00 -77.47
C ALA D 191 6.58 -0.31 -77.50
N MET D 192 5.89 -0.36 -78.63
CA MET D 192 4.57 0.26 -78.73
C MET D 192 3.56 -0.45 -77.83
N ASP D 193 3.65 -1.77 -77.72
CA ASP D 193 2.68 -2.56 -76.96
C ASP D 193 2.84 -2.44 -75.46
N ARG D 194 3.75 -1.59 -74.98
CA ARG D 194 3.74 -1.26 -73.56
C ARG D 194 2.56 -0.37 -73.22
N ALA D 195 2.17 0.50 -74.13
CA ALA D 195 0.98 1.33 -73.97
C ALA D 195 -0.22 0.74 -74.70
N HIS D 196 0.00 0.18 -75.90
CA HIS D 196 -1.09 -0.41 -76.68
C HIS D 196 -1.21 -1.89 -76.36
N ARG D 197 -1.79 -2.16 -75.19
CA ARG D 197 -2.11 -3.53 -74.79
C ARG D 197 -3.39 -3.46 -73.97
N ILE D 198 -3.93 -4.65 -73.65
CA ILE D 198 -5.19 -4.72 -72.91
C ILE D 198 -5.05 -4.01 -71.57
N GLY D 199 -5.85 -2.97 -71.36
CA GLY D 199 -5.77 -2.13 -70.19
C GLY D 199 -5.77 -0.66 -70.55
N GLN D 200 -5.35 -0.37 -71.78
CA GLN D 200 -5.38 1.00 -72.28
C GLN D 200 -6.82 1.36 -72.65
N THR D 201 -7.25 2.56 -72.26
CA THR D 201 -8.60 3.02 -72.53
C THR D 201 -8.67 4.08 -73.62
N LYS D 202 -7.57 4.75 -73.91
CA LYS D 202 -7.54 5.86 -74.86
C LYS D 202 -6.79 5.45 -76.13
N GLN D 203 -6.75 6.36 -77.09
CA GLN D 203 -6.10 6.14 -78.38
C GLN D 203 -4.59 6.27 -78.24
N VAL D 204 -3.87 5.20 -78.55
CA VAL D 204 -2.41 5.22 -78.50
C VAL D 204 -1.89 5.82 -79.80
N VAL D 205 -1.10 6.88 -79.69
CA VAL D 205 -0.53 7.56 -80.84
C VAL D 205 0.98 7.41 -80.80
N VAL D 206 1.55 6.91 -81.90
CA VAL D 206 2.98 6.64 -82.00
C VAL D 206 3.60 7.56 -83.05
N TYR D 207 4.52 8.41 -82.61
CA TYR D 207 5.27 9.30 -83.50
C TYR D 207 6.67 8.72 -83.69
N ARG D 208 7.02 8.42 -84.94
CA ARG D 208 8.32 7.84 -85.29
C ARG D 208 9.17 8.93 -85.94
N PHE D 209 10.14 9.45 -85.18
CA PHE D 209 11.02 10.50 -85.70
C PHE D 209 11.90 9.94 -86.81
N VAL D 210 11.91 10.62 -87.97
CA VAL D 210 12.70 10.23 -89.13
C VAL D 210 13.40 11.45 -89.69
N THR D 211 14.73 11.40 -89.77
CA THR D 211 15.52 12.47 -90.38
C THR D 211 15.32 12.43 -91.90
N ASP D 212 14.54 13.37 -92.43
CA ASP D 212 14.19 13.35 -93.84
C ASP D 212 15.41 13.59 -94.72
N ASN D 213 15.42 12.93 -95.89
CA ASN D 213 16.49 13.05 -96.89
C ASN D 213 17.86 12.71 -96.30
N ALA D 214 17.88 11.83 -95.30
CA ALA D 214 19.14 11.35 -94.73
C ALA D 214 19.07 9.84 -94.56
N ILE D 215 20.04 9.26 -93.86
CA ILE D 215 20.11 7.80 -93.75
C ILE D 215 18.87 7.25 -93.06
N GLU D 216 18.28 8.02 -92.13
CA GLU D 216 17.12 7.53 -91.41
C GLU D 216 15.90 7.35 -92.31
N GLU D 217 15.82 8.11 -93.40
CA GLU D 217 14.70 7.96 -94.32
C GLU D 217 14.83 6.66 -95.13
N LYS D 218 16.04 6.31 -95.53
CA LYS D 218 16.26 5.09 -96.29
C LYS D 218 16.04 3.85 -95.43
N VAL D 219 16.47 3.91 -94.16
CA VAL D 219 16.26 2.80 -93.23
C VAL D 219 14.78 2.53 -93.04
N LEU D 220 13.96 3.59 -92.99
CA LEU D 220 12.52 3.42 -92.78
C LEU D 220 11.90 2.52 -93.83
N GLU D 221 12.32 2.64 -95.08
CA GLU D 221 11.77 1.76 -96.12
C GLU D 221 12.32 0.35 -96.00
N ARG D 222 13.56 0.21 -95.53
CA ARG D 222 14.14 -1.12 -95.34
C ARG D 222 13.49 -1.86 -94.19
N ALA D 223 13.08 -1.12 -93.14
CA ALA D 223 12.37 -1.75 -92.03
C ALA D 223 11.00 -2.24 -92.47
N ALA D 224 10.35 -1.50 -93.37
CA ALA D 224 9.05 -1.94 -93.88
C ALA D 224 9.19 -3.23 -94.68
N GLN D 225 10.32 -3.44 -95.34
CA GLN D 225 10.54 -4.71 -96.03
C GLN D 225 10.64 -5.83 -95.00
N LYS D 226 11.48 -5.64 -93.98
CA LYS D 226 11.63 -6.65 -92.92
C LYS D 226 10.32 -6.87 -92.19
N LEU D 227 9.52 -5.81 -91.99
CA LEU D 227 8.25 -5.96 -91.31
C LEU D 227 7.28 -6.83 -92.09
N ARG D 228 7.28 -6.67 -93.41
CA ARG D 228 6.35 -7.41 -94.26
C ARG D 228 6.79 -8.86 -94.41
N LEU D 229 8.10 -9.09 -94.50
CA LEU D 229 8.62 -10.44 -94.63
C LEU D 229 8.34 -11.26 -93.37
N ASP D 230 8.35 -10.60 -92.21
CA ASP D 230 7.95 -11.27 -90.98
C ASP D 230 6.49 -11.67 -91.01
N GLN D 231 5.64 -10.81 -91.58
CA GLN D 231 4.23 -11.15 -91.73
C GLN D 231 4.05 -12.36 -92.63
N LEU D 232 4.88 -12.47 -93.69
CA LEU D 232 4.73 -13.58 -94.63
C LEU D 232 5.19 -14.89 -94.00
N VAL D 233 6.26 -14.84 -93.21
CA VAL D 233 6.73 -16.01 -92.46
C VAL D 233 5.65 -16.44 -91.46
N ILE D 234 5.06 -15.47 -90.75
CA ILE D 234 3.92 -15.79 -89.90
C ILE D 234 2.80 -16.44 -90.70
N GLN D 235 2.49 -15.88 -91.87
CA GLN D 235 1.41 -16.47 -92.66
C GLN D 235 1.82 -17.85 -93.18
N GLN D 236 3.08 -18.02 -93.55
CA GLN D 236 3.56 -19.32 -94.01
C GLN D 236 3.46 -20.37 -92.90
N GLY D 237 3.74 -19.96 -91.65
CA GLY D 237 3.59 -20.89 -90.54
C GLY D 237 2.17 -21.39 -90.40
N ARG D 238 1.19 -20.51 -90.58
CA ARG D 238 -0.20 -20.94 -90.53
C ARG D 238 -0.52 -21.93 -91.64
N ALA D 239 -0.08 -21.64 -92.87
CA ALA D 239 -0.28 -22.58 -93.95
C ALA D 239 0.51 -23.87 -93.73
N GLN D 240 1.66 -23.77 -93.05
CA GLN D 240 2.45 -24.97 -92.76
C GLN D 240 1.74 -25.86 -91.75
N VAL D 241 1.24 -25.25 -90.67
CA VAL D 241 0.55 -26.01 -89.62
C VAL D 241 -0.75 -26.60 -90.16
N ALA D 242 -1.49 -25.80 -90.94
CA ALA D 242 -2.77 -26.28 -91.48
C ALA D 242 -2.57 -27.46 -92.41
N ALA D 243 -1.46 -27.49 -93.14
CA ALA D 243 -1.18 -28.61 -94.04
C ALA D 243 -0.83 -29.87 -93.27
N LYS D 244 -0.20 -29.73 -92.10
CA LYS D 244 0.22 -30.86 -91.29
C LYS D 244 -0.93 -31.47 -90.48
N ALA D 245 -2.08 -30.78 -90.43
CA ALA D 245 -3.17 -31.23 -89.58
C ALA D 245 -3.87 -32.45 -90.18
N ALA D 246 -4.07 -33.47 -89.35
CA ALA D 246 -4.87 -34.60 -89.74
C ALA D 246 -6.35 -34.22 -89.62
N ALA D 247 -7.21 -35.06 -90.19
CA ALA D 247 -8.63 -34.75 -90.21
C ALA D 247 -9.19 -34.73 -88.79
N ASN D 248 -10.04 -33.75 -88.51
CA ASN D 248 -10.71 -33.70 -87.22
C ASN D 248 -11.84 -34.72 -87.21
N LYS D 249 -12.36 -34.99 -86.02
CA LYS D 249 -13.52 -35.88 -85.92
C LYS D 249 -14.74 -35.26 -86.59
N ASP D 250 -14.81 -33.93 -86.59
CA ASP D 250 -15.85 -33.24 -87.37
C ASP D 250 -15.51 -33.27 -88.86
N GLU D 251 -14.22 -33.18 -89.19
CA GLU D 251 -13.82 -33.26 -90.59
C GLU D 251 -14.13 -34.65 -91.13
N LEU D 252 -13.88 -35.68 -90.31
CA LEU D 252 -14.25 -37.04 -90.71
C LEU D 252 -15.76 -37.19 -90.80
N LEU D 253 -16.49 -36.55 -89.88
CA LEU D 253 -17.95 -36.66 -89.87
C LEU D 253 -18.58 -36.01 -91.09
N SER D 254 -18.10 -34.81 -91.47
CA SER D 254 -18.65 -34.14 -92.64
C SER D 254 -18.37 -34.91 -93.92
N MET D 255 -17.26 -35.65 -93.96
CA MET D 255 -16.95 -36.46 -95.14
C MET D 255 -17.87 -37.66 -95.23
N ILE D 256 -18.16 -38.31 -94.11
CA ILE D 256 -19.05 -39.47 -94.12
C ILE D 256 -20.48 -39.04 -94.42
N GLN D 257 -20.93 -37.95 -93.80
CA GLN D 257 -22.31 -37.49 -93.96
C GLN D 257 -22.58 -36.89 -95.32
N HIS D 258 -21.55 -36.56 -96.09
CA HIS D 258 -21.74 -35.90 -97.38
C HIS D 258 -22.52 -36.81 -98.32
N GLY D 259 -23.77 -36.44 -98.62
CA GLY D 259 -24.61 -37.23 -99.48
C GLY D 259 -25.25 -38.43 -98.82
N ALA D 260 -25.01 -38.63 -97.52
CA ALA D 260 -25.56 -39.80 -96.84
C ALA D 260 -27.08 -39.78 -96.84
N GLU D 261 -27.69 -38.60 -96.72
CA GLU D 261 -29.15 -38.53 -96.77
C GLU D 261 -29.66 -38.88 -98.17
N LYS D 262 -28.98 -38.41 -99.20
CA LYS D 262 -29.39 -38.72 -100.57
C LYS D 262 -29.18 -40.18 -100.92
N VAL D 263 -28.18 -40.85 -100.34
CA VAL D 263 -27.99 -42.26 -100.58
C VAL D 263 -29.11 -43.07 -99.93
N PHE D 264 -29.45 -42.72 -98.68
CA PHE D 264 -30.59 -43.35 -98.02
C PHE D 264 -31.88 -43.09 -98.80
N GLN D 265 -31.97 -41.96 -99.49
CA GLN D 265 -33.15 -41.64 -100.28
C GLN D 265 -33.24 -42.45 -101.56
N THR D 266 -32.15 -43.07 -102.00
CA THR D 266 -32.12 -43.75 -103.29
C THR D 266 -32.67 -45.17 -103.16
N LYS D 267 -33.46 -45.57 -104.17
CA LYS D 267 -33.93 -46.94 -104.29
C LYS D 267 -33.36 -47.68 -105.48
N GLY D 268 -33.14 -46.98 -106.59
CA GLY D 268 -32.54 -47.58 -107.77
C GLY D 268 -31.04 -47.40 -107.82
N ALA D 269 -30.56 -46.72 -108.86
CA ALA D 269 -29.15 -46.43 -109.03
C ALA D 269 -28.86 -44.98 -108.65
N PHE D 270 -27.59 -44.61 -108.67
CA PHE D 270 -27.13 -43.30 -108.20
C PHE D 270 -26.36 -42.59 -109.29
N GLY D 271 -26.59 -41.28 -109.41
CA GLY D 271 -25.81 -40.42 -110.29
C GLY D 271 -25.72 -40.87 -111.73
N THR D 272 -24.48 -41.09 -112.20
CA THR D 272 -24.26 -41.50 -113.59
C THR D 272 -24.98 -42.80 -113.90
N MET D 273 -24.90 -43.78 -112.98
CA MET D 273 -25.56 -45.06 -113.22
C MET D 273 -27.08 -44.89 -113.29
N ALA D 274 -27.63 -43.89 -112.60
CA ALA D 274 -29.05 -43.59 -112.73
C ALA D 274 -29.34 -42.92 -114.07
N GLU D 275 -28.43 -42.05 -114.52
CA GLU D 275 -28.66 -41.30 -115.75
C GLU D 275 -28.77 -42.23 -116.95
N LYS D 276 -27.75 -43.03 -117.19
CA LYS D 276 -27.79 -44.03 -118.26
C LYS D 276 -27.44 -45.39 -117.68
N GLY D 277 -26.22 -45.53 -117.18
CA GLY D 277 -25.87 -46.61 -116.26
C GLY D 277 -25.84 -48.02 -116.79
N SER D 278 -25.45 -48.22 -118.05
CA SER D 278 -25.26 -49.56 -118.57
C SER D 278 -24.03 -49.60 -119.46
N GLN D 279 -24.26 -49.54 -120.77
CA GLN D 279 -23.21 -49.25 -121.73
C GLN D 279 -23.39 -47.81 -122.20
N LEU D 280 -22.28 -47.12 -122.41
CA LEU D 280 -22.30 -45.67 -122.61
C LEU D 280 -21.89 -45.32 -124.03
N ASP D 281 -22.70 -44.50 -124.69
CA ASP D 281 -22.29 -44.00 -126.00
C ASP D 281 -21.17 -42.99 -125.85
N ASP D 282 -20.59 -42.60 -126.98
CA ASP D 282 -19.67 -41.47 -126.98
C ASP D 282 -20.37 -40.23 -126.43
N ASP D 283 -21.64 -40.05 -126.77
CA ASP D 283 -22.39 -38.88 -126.30
C ASP D 283 -22.54 -38.90 -124.79
N ASP D 284 -22.63 -40.10 -124.19
CA ASP D 284 -22.71 -40.19 -122.74
C ASP D 284 -21.37 -39.85 -122.09
N ILE D 285 -20.28 -40.36 -122.68
CA ILE D 285 -18.94 -40.11 -122.16
C ILE D 285 -18.50 -38.68 -122.43
N ASP D 286 -18.79 -38.16 -123.61
CA ASP D 286 -18.43 -36.79 -123.90
C ASP D 286 -19.23 -35.81 -123.05
N ALA D 287 -20.44 -36.20 -122.62
CA ALA D 287 -21.19 -35.33 -121.72
C ALA D 287 -20.62 -35.35 -120.31
N ILE D 288 -20.17 -36.51 -119.85
CA ILE D 288 -19.55 -36.61 -118.52
C ILE D 288 -18.22 -35.87 -118.50
N LEU D 289 -17.35 -36.14 -119.47
CA LEU D 289 -16.05 -35.49 -119.52
C LEU D 289 -16.16 -33.99 -119.72
N GLN D 290 -17.17 -33.53 -120.44
CA GLN D 290 -17.38 -32.10 -120.62
C GLN D 290 -17.83 -31.45 -119.32
N ALA D 291 -18.83 -32.05 -118.65
CA ALA D 291 -19.29 -31.51 -117.38
C ALA D 291 -18.23 -31.69 -116.30
N GLY D 292 -17.44 -32.76 -116.38
CA GLY D 292 -16.38 -32.96 -115.39
C GLY D 292 -15.27 -31.94 -115.53
N GLU D 293 -14.83 -31.70 -116.77
CA GLU D 293 -13.79 -30.70 -117.01
C GLU D 293 -14.26 -29.30 -116.62
N THR D 294 -15.57 -29.05 -116.70
CA THR D 294 -16.11 -27.78 -116.24
C THR D 294 -15.95 -27.65 -114.72
N ARG D 295 -16.28 -28.70 -113.99
CA ARG D 295 -16.18 -28.68 -112.54
C ARG D 295 -14.72 -28.65 -112.06
N THR D 296 -13.79 -29.18 -112.86
CA THR D 296 -12.38 -29.13 -112.50
C THR D 296 -11.87 -27.70 -112.55
N LYS D 297 -12.20 -26.98 -113.63
CA LYS D 297 -11.83 -25.57 -113.74
C LYS D 297 -12.50 -24.77 -112.63
N GLU D 298 -13.75 -25.11 -112.31
CA GLU D 298 -14.47 -24.43 -111.25
C GLU D 298 -13.84 -24.71 -109.89
N LEU D 299 -13.41 -25.95 -109.65
CA LEU D 299 -12.79 -26.32 -108.38
C LEU D 299 -11.44 -25.64 -108.19
N ASN D 300 -10.57 -25.71 -109.21
CA ASN D 300 -9.24 -25.12 -109.09
C ASN D 300 -9.31 -23.60 -108.93
N ALA D 301 -10.26 -22.96 -109.61
CA ALA D 301 -10.39 -21.51 -109.51
C ALA D 301 -10.76 -21.08 -108.10
N ARG D 302 -11.52 -21.92 -107.39
CA ARG D 302 -11.95 -21.59 -106.04
C ARG D 302 -10.76 -21.42 -105.10
N TYR D 303 -9.73 -22.26 -105.26
CA TYR D 303 -8.57 -22.24 -104.38
C TYR D 303 -7.41 -21.42 -104.94
N GLU D 304 -7.35 -21.24 -106.26
CA GLU D 304 -6.30 -20.47 -106.90
C GLU D 304 -6.44 -18.98 -106.68
N LYS D 305 -7.55 -18.53 -106.09
CA LYS D 305 -7.74 -17.13 -105.72
C LYS D 305 -7.55 -16.90 -104.22
N LEU D 306 -7.05 -17.89 -103.51
CA LEU D 306 -6.70 -17.78 -102.10
C LEU D 306 -5.18 -17.82 -101.96
N GLY D 307 -4.68 -17.21 -100.90
CA GLY D 307 -3.24 -17.21 -100.67
C GLY D 307 -2.77 -16.29 -99.56
N ILE D 308 -2.26 -16.91 -98.49
CA ILE D 308 -1.73 -16.25 -97.28
C ILE D 308 -2.45 -14.94 -96.97
N ASP D 309 -3.77 -14.96 -97.01
CA ASP D 309 -4.56 -13.77 -96.72
C ASP D 309 -5.25 -13.88 -95.37
N SER E 3 -30.24 5.10 -30.36
CA SER E 3 -29.12 4.65 -31.19
C SER E 3 -28.27 5.82 -31.66
N LEU E 4 -27.01 5.84 -31.22
CA LEU E 4 -26.06 6.88 -31.63
C LEU E 4 -25.14 6.31 -32.70
N LEU E 5 -25.18 6.91 -33.88
CA LEU E 5 -24.43 6.38 -35.02
C LEU E 5 -22.93 6.60 -34.81
N PRO E 6 -22.10 5.62 -35.14
CA PRO E 6 -20.65 5.81 -35.07
C PRO E 6 -20.20 6.89 -36.05
N LYS E 7 -19.32 7.76 -35.58
CA LYS E 7 -18.91 8.91 -36.37
C LYS E 7 -18.02 8.49 -37.54
N LYS E 8 -18.07 9.27 -38.61
CA LYS E 8 -17.23 9.07 -39.78
C LYS E 8 -16.03 10.01 -39.69
N GLU E 9 -14.84 9.43 -39.55
CA GLU E 9 -13.60 10.20 -39.50
C GLU E 9 -12.85 10.01 -40.80
N ILE E 10 -12.54 11.12 -41.47
CA ILE E 10 -11.91 11.09 -42.79
C ILE E 10 -10.69 12.02 -42.78
N ASN E 11 -9.54 11.48 -43.15
CA ASN E 11 -8.37 12.32 -43.39
C ASN E 11 -8.45 12.90 -44.80
N VAL E 12 -8.41 14.23 -44.89
CA VAL E 12 -8.43 14.94 -46.16
C VAL E 12 -7.01 15.45 -46.41
N TYR E 13 -6.33 14.84 -47.36
CA TYR E 13 -4.92 15.15 -47.60
C TYR E 13 -4.79 16.32 -48.55
N ILE E 14 -4.12 17.37 -48.10
CA ILE E 14 -4.06 18.65 -48.80
C ILE E 14 -2.62 19.00 -49.15
N GLY E 15 -2.45 19.71 -50.26
CA GLY E 15 -1.16 20.23 -50.67
C GLY E 15 -0.92 21.63 -50.13
N MET E 16 0.07 22.29 -50.69
CA MET E 16 0.46 23.63 -50.26
C MET E 16 0.47 24.58 -51.45
N SER E 17 0.14 25.84 -51.18
CA SER E 17 0.17 26.86 -52.23
C SER E 17 1.62 27.19 -52.59
N GLU E 18 1.77 27.95 -53.67
CA GLU E 18 3.10 28.38 -54.10
C GLU E 18 3.77 29.22 -53.02
N MET E 19 2.99 30.04 -52.31
CA MET E 19 3.54 30.89 -51.27
C MET E 19 4.02 30.07 -50.07
N GLN E 20 3.27 29.03 -49.71
CA GLN E 20 3.69 28.18 -48.61
C GLN E 20 5.02 27.49 -48.91
N VAL E 21 5.20 27.03 -50.15
CA VAL E 21 6.44 26.37 -50.53
C VAL E 21 7.63 27.30 -50.35
N LYS E 22 7.44 28.58 -50.69
CA LYS E 22 8.49 29.56 -50.46
C LYS E 22 8.85 29.66 -48.97
N TRP E 23 7.82 29.80 -48.12
CA TRP E 23 8.07 29.90 -46.69
C TRP E 23 8.54 28.56 -46.12
N TYR E 24 7.99 27.45 -46.61
CA TYR E 24 8.42 26.14 -46.15
C TYR E 24 9.90 25.92 -46.45
N GLN E 25 10.35 26.36 -47.63
CA GLN E 25 11.76 26.24 -47.98
C GLN E 25 12.62 27.12 -47.09
N LYS E 26 12.18 28.36 -46.83
CA LYS E 26 12.96 29.27 -46.00
C LYS E 26 13.14 28.72 -44.59
N ILE E 27 12.07 28.17 -44.01
CA ILE E 27 12.17 27.59 -42.67
C ILE E 27 13.18 26.45 -42.65
N LEU E 28 13.13 25.58 -43.67
CA LEU E 28 14.10 24.49 -43.75
C LEU E 28 15.50 25.01 -44.05
N GLU E 29 15.60 26.13 -44.79
CA GLU E 29 16.92 26.65 -45.17
C GLU E 29 17.59 27.40 -44.02
N LYS E 30 16.83 28.20 -43.27
CA LYS E 30 17.42 29.04 -42.23
C LYS E 30 18.10 28.21 -41.16
N ASP E 31 17.78 26.92 -41.06
CA ASP E 31 18.46 26.01 -40.15
C ASP E 31 18.58 24.64 -40.83
N ILE E 32 19.28 24.62 -41.96
CA ILE E 32 19.44 23.40 -42.74
C ILE E 32 20.38 22.42 -42.06
N ASP E 33 21.26 22.90 -41.17
CA ASP E 33 22.14 22.01 -40.43
C ASP E 33 21.35 21.03 -39.58
N ALA E 34 20.43 21.55 -38.76
CA ALA E 34 19.59 20.68 -37.94
C ALA E 34 18.69 19.80 -38.80
N VAL E 35 18.30 20.29 -39.99
CA VAL E 35 17.42 19.51 -40.86
C VAL E 35 18.12 18.24 -41.33
N ASN E 36 19.38 18.37 -41.76
CA ASN E 36 20.16 17.23 -42.21
C ASN E 36 20.71 16.40 -41.05
N GLY E 37 20.33 16.71 -39.81
CA GLY E 37 20.84 15.97 -38.67
C GLY E 37 22.30 16.22 -38.38
N ALA E 38 22.74 17.47 -38.47
CA ALA E 38 24.12 17.83 -38.20
C ALA E 38 24.26 18.41 -36.79
N GLY E 39 25.50 18.60 -36.37
CA GLY E 39 25.78 19.02 -35.01
C GLY E 39 25.89 17.83 -34.08
N GLY E 40 26.07 18.14 -32.79
CA GLY E 40 26.22 17.10 -31.80
C GLY E 40 24.90 16.45 -31.43
N LYS E 41 25.01 15.24 -30.89
CA LYS E 41 23.84 14.56 -30.31
C LYS E 41 23.46 15.13 -28.95
N ARG E 42 24.29 16.03 -28.41
CA ARG E 42 24.03 16.65 -27.12
C ARG E 42 23.10 17.84 -27.21
N GLU E 43 22.74 18.28 -28.42
CA GLU E 43 21.88 19.44 -28.59
C GLU E 43 20.53 19.22 -27.92
N SER E 44 20.07 20.23 -27.20
CA SER E 44 18.77 20.14 -26.57
C SER E 44 17.66 20.05 -27.62
N LYS E 45 16.49 19.59 -27.18
CA LYS E 45 15.36 19.41 -28.08
C LYS E 45 14.80 20.73 -28.60
N THR E 46 15.27 21.86 -28.09
CA THR E 46 14.65 23.16 -28.39
C THR E 46 14.79 23.52 -29.87
N ARG E 47 15.96 23.25 -30.46
CA ARG E 47 16.23 23.70 -31.82
C ARG E 47 15.30 23.01 -32.82
N LEU E 48 15.18 21.69 -32.74
CA LEU E 48 14.30 20.96 -33.66
C LEU E 48 12.84 21.31 -33.42
N LEU E 49 12.44 21.42 -32.15
CA LEU E 49 11.05 21.75 -31.85
C LEU E 49 10.65 23.11 -32.39
N ASN E 50 11.59 24.04 -32.48
CA ASN E 50 11.27 25.33 -33.09
C ASN E 50 10.98 25.18 -34.57
N ILE E 51 11.73 24.31 -35.26
CA ILE E 51 11.45 24.04 -36.67
C ILE E 51 10.08 23.40 -36.82
N VAL E 52 9.72 22.50 -35.90
CA VAL E 52 8.42 21.85 -35.96
C VAL E 52 7.29 22.88 -35.86
N MET E 53 7.44 23.84 -34.94
CA MET E 53 6.43 24.87 -34.77
C MET E 53 6.25 25.68 -36.05
N GLN E 54 7.36 26.09 -36.67
CA GLN E 54 7.28 26.92 -37.87
C GLN E 54 6.65 26.16 -39.03
N LEU E 55 7.03 24.88 -39.20
CA LEU E 55 6.42 24.08 -40.25
C LEU E 55 4.94 23.83 -39.96
N ARG E 56 4.58 23.70 -38.68
CA ARG E 56 3.17 23.54 -38.33
C ARG E 56 2.38 24.80 -38.66
N LYS E 57 2.92 25.97 -38.32
CA LYS E 57 2.27 27.22 -38.68
C LYS E 57 2.19 27.38 -40.19
N CYS E 58 3.25 27.00 -40.90
CA CYS E 58 3.27 27.13 -42.35
C CYS E 58 2.28 26.19 -43.02
N CYS E 59 2.09 24.99 -42.47
CA CYS E 59 1.06 24.10 -43.00
C CYS E 59 -0.34 24.60 -42.70
N ASN E 60 -0.50 25.45 -41.67
CA ASN E 60 -1.81 26.04 -41.39
C ASN E 60 -2.09 27.21 -42.33
N HIS E 61 -1.31 28.28 -42.21
CA HIS E 61 -1.51 29.47 -43.03
C HIS E 61 -0.26 30.34 -43.04
N PRO E 62 0.19 30.79 -44.21
CA PRO E 62 1.41 31.61 -44.27
C PRO E 62 1.29 32.93 -43.54
N TYR E 63 0.08 33.46 -43.41
CA TYR E 63 -0.10 34.75 -42.76
C TYR E 63 0.15 34.69 -41.26
N LEU E 64 0.47 33.52 -40.72
CA LEU E 64 0.92 33.41 -39.34
C LEU E 64 2.35 33.90 -39.16
N PHE E 65 3.09 34.09 -40.26
CA PHE E 65 4.41 34.70 -40.22
C PHE E 65 4.27 36.18 -40.54
N GLU E 66 4.93 37.02 -39.76
CA GLU E 66 4.84 38.46 -40.00
C GLU E 66 5.57 38.83 -41.28
N GLY E 67 4.99 39.76 -42.04
CA GLY E 67 5.55 40.15 -43.31
C GLY E 67 5.22 39.20 -44.45
N ALA E 68 4.30 38.27 -44.26
CA ALA E 68 3.92 37.32 -45.30
C ALA E 68 2.78 37.87 -46.17
N GLU E 69 1.71 38.32 -45.53
CA GLU E 69 0.56 38.84 -46.26
C GLU E 69 1.00 39.95 -47.21
N PRO E 70 0.45 39.98 -48.45
CA PRO E 70 0.85 41.00 -49.43
C PRO E 70 0.96 42.40 -48.87
N GLY E 71 1.93 43.16 -49.39
CA GLY E 71 2.37 44.41 -48.80
C GLY E 71 1.28 45.42 -48.52
N PRO E 72 1.58 46.37 -47.61
CA PRO E 72 0.67 47.44 -47.17
C PRO E 72 0.15 48.29 -48.31
N PRO E 73 -1.10 48.78 -48.21
CA PRO E 73 -2.04 48.47 -47.11
C PRO E 73 -2.61 47.06 -47.21
N TYR E 74 -3.14 46.55 -46.11
CA TYR E 74 -3.60 45.16 -46.03
C TYR E 74 -5.10 45.09 -46.25
N THR E 75 -5.52 44.21 -47.16
CA THR E 75 -6.93 43.97 -47.43
C THR E 75 -7.28 42.53 -47.09
N THR E 76 -8.56 42.28 -46.89
CA THR E 76 -9.08 40.95 -46.61
C THR E 76 -9.94 40.53 -47.81
N ASP E 77 -9.37 39.69 -48.68
CA ASP E 77 -10.04 39.34 -49.92
C ASP E 77 -9.91 37.85 -50.23
N GLU E 78 -9.73 37.52 -51.51
CA GLU E 78 -9.61 36.12 -51.91
C GLU E 78 -8.21 35.55 -51.65
N HIS E 79 -7.20 36.42 -51.52
CA HIS E 79 -5.86 35.93 -51.20
C HIS E 79 -5.80 35.25 -49.84
N LEU E 80 -6.70 35.63 -48.94
CA LEU E 80 -6.81 34.93 -47.66
C LEU E 80 -7.23 33.47 -47.87
N ILE E 81 -7.86 33.15 -48.99
CA ILE E 81 -8.26 31.78 -49.27
C ILE E 81 -7.21 31.04 -50.09
N TYR E 82 -6.73 31.63 -51.18
CA TYR E 82 -5.89 30.90 -52.12
C TYR E 82 -4.41 30.88 -51.76
N ASN E 83 -4.02 31.52 -50.66
CA ASN E 83 -2.63 31.47 -50.23
C ASN E 83 -2.34 30.33 -49.26
N ALA E 84 -3.35 29.55 -48.89
CA ALA E 84 -3.17 28.41 -48.01
C ALA E 84 -4.01 27.25 -48.51
N GLY E 85 -3.36 26.11 -48.78
CA GLY E 85 -4.07 24.97 -49.35
C GLY E 85 -5.24 24.50 -48.52
N LYS E 86 -5.13 24.59 -47.19
CA LYS E 86 -6.24 24.18 -46.34
C LYS E 86 -7.43 25.11 -46.47
N MET E 87 -7.19 26.39 -46.74
CA MET E 87 -8.29 27.34 -46.92
C MET E 87 -9.06 27.06 -48.20
N VAL E 88 -8.36 26.66 -49.27
CA VAL E 88 -9.03 26.39 -50.54
C VAL E 88 -9.95 25.19 -50.42
N VAL E 89 -9.48 24.12 -49.76
CA VAL E 89 -10.33 22.95 -49.55
C VAL E 89 -11.46 23.28 -48.60
N LEU E 90 -11.19 24.08 -47.57
CA LEU E 90 -12.21 24.43 -46.59
C LEU E 90 -13.31 25.27 -47.20
N ASP E 91 -12.96 26.16 -48.14
CA ASP E 91 -13.94 27.09 -48.69
C ASP E 91 -15.05 26.35 -49.43
N LYS E 92 -14.69 25.37 -50.27
CA LYS E 92 -15.70 24.58 -50.96
C LYS E 92 -16.35 23.56 -50.02
N LEU E 93 -15.62 23.11 -49.00
CA LEU E 93 -16.19 22.18 -48.04
C LEU E 93 -17.27 22.86 -47.21
N LEU E 94 -16.97 24.06 -46.68
CA LEU E 94 -17.97 24.81 -45.93
C LEU E 94 -19.17 25.17 -46.79
N LYS E 95 -18.92 25.53 -48.06
CA LYS E 95 -20.00 25.85 -48.98
C LYS E 95 -20.94 24.66 -49.16
N ARG E 96 -20.36 23.48 -49.36
CA ARG E 96 -21.16 22.27 -49.53
C ARG E 96 -21.83 21.85 -48.23
N ILE E 97 -21.25 22.22 -47.09
CA ILE E 97 -21.85 21.86 -45.80
C ILE E 97 -23.13 22.66 -45.56
N GLN E 98 -23.10 23.96 -45.85
CA GLN E 98 -24.30 24.78 -45.66
C GLN E 98 -25.39 24.41 -46.66
N LYS E 99 -25.00 23.98 -47.87
CA LYS E 99 -25.97 23.64 -48.89
C LYS E 99 -26.82 22.44 -48.51
N GLN E 100 -26.24 21.48 -47.77
CA GLN E 100 -26.95 20.30 -47.33
C GLN E 100 -27.61 20.47 -45.97
N GLY E 101 -27.68 21.70 -45.47
CA GLY E 101 -28.32 21.95 -44.19
C GLY E 101 -27.53 21.49 -42.98
N SER E 102 -26.21 21.42 -43.09
CA SER E 102 -25.35 20.96 -42.01
C SER E 102 -24.61 22.13 -41.39
N ARG E 103 -24.31 22.00 -40.10
CA ARG E 103 -23.52 22.96 -39.36
C ARG E 103 -22.24 22.29 -38.88
N VAL E 104 -21.22 23.11 -38.62
CA VAL E 104 -19.85 22.59 -38.51
C VAL E 104 -19.13 23.23 -37.33
N LEU E 105 -18.39 22.40 -36.59
CA LEU E 105 -17.42 22.86 -35.60
C LEU E 105 -16.04 22.79 -36.20
N ILE E 106 -15.29 23.89 -36.13
CA ILE E 106 -13.94 23.97 -36.67
C ILE E 106 -12.97 24.15 -35.51
N PHE E 107 -12.09 23.17 -35.31
CA PHE E 107 -11.12 23.19 -34.23
C PHE E 107 -9.72 23.48 -34.76
N SER E 108 -8.88 24.07 -33.91
CA SER E 108 -7.51 24.39 -34.28
C SER E 108 -6.64 24.40 -33.02
N GLN E 109 -5.34 24.24 -33.23
CA GLN E 109 -4.40 24.33 -32.13
C GLN E 109 -4.00 25.77 -31.84
N MET E 110 -4.03 26.63 -32.85
CA MET E 110 -3.51 27.99 -32.74
C MET E 110 -4.66 28.99 -32.77
N SER E 111 -4.68 29.89 -31.78
CA SER E 111 -5.72 30.92 -31.75
C SER E 111 -5.50 31.95 -32.85
N ARG E 112 -4.25 32.20 -33.24
CA ARG E 112 -3.97 33.11 -34.34
C ARG E 112 -4.51 32.59 -35.66
N LEU E 113 -4.79 31.28 -35.75
CA LEU E 113 -5.46 30.75 -36.94
C LEU E 113 -6.95 31.00 -36.89
N LEU E 114 -7.56 30.84 -35.71
CA LEU E 114 -8.97 31.20 -35.56
C LEU E 114 -9.20 32.68 -35.84
N ASP E 115 -8.20 33.52 -35.56
CA ASP E 115 -8.26 34.92 -35.97
C ASP E 115 -8.32 35.03 -37.48
N ILE E 116 -7.50 34.25 -38.19
CA ILE E 116 -7.57 34.22 -39.64
C ILE E 116 -8.93 33.71 -40.11
N LEU E 117 -9.45 32.67 -39.44
CA LEU E 117 -10.76 32.14 -39.80
C LEU E 117 -11.87 33.12 -39.48
N GLU E 118 -11.67 33.99 -38.48
CA GLU E 118 -12.65 35.03 -38.21
C GLU E 118 -12.77 35.98 -39.39
N ASP E 119 -11.64 36.45 -39.92
CA ASP E 119 -11.65 37.31 -41.09
C ASP E 119 -12.27 36.62 -42.30
N TYR E 120 -12.09 35.30 -42.40
CA TYR E 120 -12.73 34.55 -43.48
C TYR E 120 -14.24 34.53 -43.30
N CYS E 121 -14.71 34.23 -42.08
CA CYS E 121 -16.15 34.12 -41.84
C CYS E 121 -16.85 35.46 -42.05
N VAL E 122 -16.20 36.58 -41.72
CA VAL E 122 -16.79 37.88 -42.00
C VAL E 122 -16.76 38.16 -43.50
N PHE E 123 -15.70 37.72 -44.18
CA PHE E 123 -15.56 37.97 -45.61
C PHE E 123 -16.66 37.26 -46.40
N ARG E 124 -16.97 36.02 -46.04
CA ARG E 124 -18.01 35.25 -46.71
C ARG E 124 -19.38 35.44 -46.08
N GLY E 125 -19.48 36.26 -45.03
CA GLY E 125 -20.77 36.52 -44.41
C GLY E 125 -21.31 35.38 -43.57
N TYR E 126 -20.43 34.55 -43.00
CA TYR E 126 -20.86 33.44 -42.18
C TYR E 126 -21.13 33.89 -40.75
N LYS E 127 -22.28 33.51 -40.21
CA LYS E 127 -22.57 33.73 -38.80
C LYS E 127 -21.84 32.68 -37.98
N TYR E 128 -21.14 33.10 -36.92
CA TYR E 128 -20.27 32.17 -36.21
C TYR E 128 -20.16 32.53 -34.74
N CYS E 129 -19.66 31.56 -33.97
CA CYS E 129 -19.31 31.75 -32.57
C CYS E 129 -17.86 31.33 -32.37
N ARG E 130 -17.29 31.74 -31.23
CA ARG E 130 -15.89 31.44 -30.97
C ARG E 130 -15.64 31.23 -29.49
N ILE E 131 -15.04 30.09 -29.14
CA ILE E 131 -14.48 29.83 -27.82
C ILE E 131 -12.98 29.62 -27.99
N ASP E 132 -12.20 30.33 -27.18
CA ASP E 132 -10.77 30.46 -27.43
C ASP E 132 -9.89 29.66 -26.49
N GLY E 133 -10.34 29.41 -25.26
CA GLY E 133 -9.45 29.03 -24.19
C GLY E 133 -8.88 30.21 -23.45
N SER E 134 -8.76 31.35 -24.13
CA SER E 134 -8.59 32.66 -23.50
C SER E 134 -9.93 33.38 -23.40
N THR E 135 -10.98 32.64 -23.10
CA THR E 135 -12.36 33.14 -23.09
C THR E 135 -12.96 32.90 -21.71
N ALA E 136 -13.56 33.95 -21.13
CA ALA E 136 -14.12 33.85 -19.80
C ALA E 136 -15.23 32.81 -19.72
N HIS E 137 -15.54 32.39 -18.51
CA HIS E 137 -16.51 31.31 -18.30
C HIS E 137 -17.90 31.71 -18.77
N GLU E 138 -18.37 32.87 -18.32
CA GLU E 138 -19.72 33.30 -18.70
C GLU E 138 -19.82 33.58 -20.19
N ASP E 139 -18.72 33.95 -20.83
CA ASP E 139 -18.73 34.17 -22.27
C ASP E 139 -19.01 32.87 -23.02
N ARG E 140 -18.22 31.84 -22.76
CA ARG E 140 -18.39 30.59 -23.50
C ARG E 140 -19.71 29.90 -23.18
N ILE E 141 -20.27 30.14 -22.00
CA ILE E 141 -21.62 29.65 -21.72
C ILE E 141 -22.61 30.25 -22.70
N ALA E 142 -22.56 31.58 -22.86
CA ALA E 142 -23.42 32.25 -23.84
C ALA E 142 -23.09 31.84 -25.26
N ALA E 143 -21.81 31.58 -25.56
CA ALA E 143 -21.44 31.12 -26.89
C ALA E 143 -22.00 29.74 -27.17
N ILE E 144 -21.95 28.84 -26.18
CA ILE E 144 -22.56 27.52 -26.33
C ILE E 144 -24.06 27.66 -26.57
N ASP E 145 -24.73 28.46 -25.74
CA ASP E 145 -26.18 28.60 -25.85
C ASP E 145 -26.58 29.23 -27.17
N GLU E 146 -25.84 30.24 -27.63
CA GLU E 146 -26.13 30.89 -28.91
C GLU E 146 -26.16 29.88 -30.04
N TYR E 147 -25.14 29.01 -30.11
CA TYR E 147 -25.07 28.03 -31.18
C TYR E 147 -26.08 26.91 -30.98
N ASN E 148 -26.46 26.63 -29.74
CA ASN E 148 -27.42 25.58 -29.43
C ASN E 148 -28.85 26.07 -29.34
N LYS E 149 -29.11 27.36 -29.57
CA LYS E 149 -30.47 27.85 -29.55
C LYS E 149 -31.28 27.26 -30.69
N PRO E 150 -32.53 26.89 -30.45
CA PRO E 150 -33.37 26.36 -31.55
C PRO E 150 -33.59 27.42 -32.62
N GLY E 151 -33.30 27.05 -33.86
CA GLY E 151 -33.35 27.99 -34.97
C GLY E 151 -32.25 29.02 -34.87
N SER E 152 -31.03 28.57 -34.61
CA SER E 152 -29.91 29.48 -34.38
C SER E 152 -29.47 30.14 -35.69
N ASP E 153 -29.06 31.40 -35.58
CA ASP E 153 -28.56 32.13 -36.75
C ASP E 153 -27.18 31.63 -37.17
N LYS E 154 -26.41 31.10 -36.22
CA LYS E 154 -25.02 30.77 -36.46
C LYS E 154 -24.88 29.53 -37.35
N PHE E 155 -23.68 29.35 -37.89
CA PHE E 155 -23.40 28.27 -38.83
C PHE E 155 -22.09 27.57 -38.49
N ILE E 156 -21.02 28.34 -38.27
CA ILE E 156 -19.70 27.81 -37.95
C ILE E 156 -19.41 28.11 -36.48
N PHE E 157 -18.77 27.16 -35.81
CA PHE E 157 -18.29 27.35 -34.44
C PHE E 157 -16.78 27.16 -34.44
N LEU E 158 -16.05 28.22 -34.13
CA LEU E 158 -14.59 28.20 -34.09
C LEU E 158 -14.13 27.93 -32.66
N LEU E 159 -13.35 26.88 -32.48
CA LEU E 159 -12.83 26.55 -31.16
C LEU E 159 -11.37 26.13 -31.28
N THR E 160 -10.66 26.24 -30.16
CA THR E 160 -9.37 25.57 -30.01
C THR E 160 -9.62 24.23 -29.34
N THR E 161 -8.83 23.22 -29.74
CA THR E 161 -9.10 21.84 -29.36
C THR E 161 -9.24 21.67 -27.84
N ARG E 162 -8.63 22.56 -27.06
CA ARG E 162 -8.64 22.45 -25.61
C ARG E 162 -9.65 23.35 -24.92
N ALA E 163 -10.13 24.38 -25.61
CA ALA E 163 -10.77 25.54 -24.98
C ALA E 163 -11.85 25.19 -23.96
N GLY E 164 -12.95 24.57 -24.43
CA GLY E 164 -14.18 24.56 -23.64
C GLY E 164 -14.06 23.88 -22.30
N GLY E 165 -13.36 22.76 -22.23
CA GLY E 165 -13.38 21.92 -21.06
C GLY E 165 -14.26 20.70 -21.28
N LEU E 166 -14.29 19.84 -20.27
CA LEU E 166 -15.02 18.58 -20.39
C LEU E 166 -16.51 18.81 -20.49
N GLY E 167 -17.19 17.93 -21.22
CA GLY E 167 -18.63 17.77 -21.13
C GLY E 167 -19.48 18.83 -21.80
N ILE E 168 -18.89 19.83 -22.45
CA ILE E 168 -19.71 20.81 -23.16
C ILE E 168 -20.38 20.12 -24.35
N ASN E 169 -21.58 20.59 -24.70
CA ASN E 169 -22.43 19.92 -25.67
C ASN E 169 -22.67 20.83 -26.87
N LEU E 170 -22.37 20.32 -28.07
CA LEU E 170 -22.59 21.03 -29.32
C LEU E 170 -23.23 20.10 -30.34
N THR E 171 -24.25 19.36 -29.90
CA THR E 171 -24.91 18.39 -30.78
C THR E 171 -25.78 19.05 -31.83
N THR E 172 -25.97 20.37 -31.78
CA THR E 172 -26.65 21.09 -32.84
C THR E 172 -25.79 21.25 -34.09
N ALA E 173 -24.61 20.62 -34.09
CA ALA E 173 -23.79 20.47 -35.28
C ALA E 173 -23.58 18.99 -35.55
N ASP E 174 -23.35 18.65 -36.81
CA ASP E 174 -23.14 17.27 -37.20
C ASP E 174 -21.85 17.05 -37.98
N ILE E 175 -21.07 18.11 -38.24
CA ILE E 175 -19.82 18.00 -38.96
C ILE E 175 -18.73 18.68 -38.12
N VAL E 176 -17.57 18.04 -38.03
CA VAL E 176 -16.44 18.55 -37.29
C VAL E 176 -15.24 18.62 -38.23
N ILE E 177 -14.57 19.77 -38.25
CA ILE E 177 -13.41 19.99 -39.11
C ILE E 177 -12.22 20.30 -38.23
N LEU E 178 -11.22 19.41 -38.25
CA LEU E 178 -9.97 19.62 -37.54
C LEU E 178 -8.97 20.24 -38.51
N TYR E 179 -8.80 21.56 -38.42
CA TYR E 179 -7.86 22.26 -39.29
C TYR E 179 -6.46 21.70 -39.15
N ASP E 180 -6.03 21.47 -37.92
CA ASP E 180 -4.74 20.83 -37.63
C ASP E 180 -4.92 19.91 -36.44
N SER E 181 -4.03 18.93 -36.32
CA SER E 181 -4.17 17.89 -35.32
C SER E 181 -3.32 18.17 -34.08
N ASP E 182 -3.65 17.46 -33.01
CA ASP E 182 -2.99 17.57 -31.72
C ASP E 182 -2.00 16.41 -31.55
N TRP E 183 -1.02 16.63 -30.67
CA TRP E 183 0.00 15.60 -30.46
C TRP E 183 -0.55 14.41 -29.66
N ASN E 184 -1.46 14.65 -28.70
CA ASN E 184 -2.09 13.54 -28.00
C ASN E 184 -3.48 13.30 -28.60
N PRO E 185 -3.77 12.07 -29.04
CA PRO E 185 -5.02 11.83 -29.79
C PRO E 185 -6.28 12.00 -28.97
N GLN E 186 -6.19 11.94 -27.64
CA GLN E 186 -7.39 12.12 -26.82
C GLN E 186 -7.92 13.54 -26.94
N ALA E 187 -7.05 14.51 -27.26
CA ALA E 187 -7.48 15.90 -27.38
C ALA E 187 -8.38 16.09 -28.58
N ASP E 188 -7.95 15.60 -29.75
CA ASP E 188 -8.80 15.68 -30.94
C ASP E 188 -10.04 14.83 -30.78
N LEU E 189 -9.90 13.66 -30.14
CA LEU E 189 -11.04 12.77 -29.94
C LEU E 189 -12.09 13.41 -29.03
N GLN E 190 -11.66 14.23 -28.06
CA GLN E 190 -12.61 14.94 -27.21
C GLN E 190 -13.32 16.05 -27.98
N ALA E 191 -12.66 16.63 -28.98
CA ALA E 191 -13.27 17.69 -29.76
C ALA E 191 -14.34 17.16 -30.71
N MET E 192 -14.14 15.94 -31.22
CA MET E 192 -15.20 15.30 -32.01
C MET E 192 -16.41 15.00 -31.15
N ASP E 193 -16.18 14.59 -29.90
CA ASP E 193 -17.25 14.23 -28.97
C ASP E 193 -17.94 15.44 -28.38
N ARG E 194 -17.64 16.65 -28.86
CA ARG E 194 -18.49 17.80 -28.56
C ARG E 194 -19.80 17.72 -29.34
N ALA E 195 -19.75 17.19 -30.56
CA ALA E 195 -20.93 16.99 -31.39
C ALA E 195 -21.36 15.54 -31.47
N HIS E 196 -20.46 14.60 -31.17
CA HIS E 196 -20.76 13.17 -31.21
C HIS E 196 -20.99 12.68 -29.78
N ARG E 197 -22.19 12.95 -29.27
CA ARG E 197 -22.56 12.51 -27.94
C ARG E 197 -24.09 12.46 -27.85
N ILE E 198 -24.58 11.98 -26.72
CA ILE E 198 -26.02 11.77 -26.55
C ILE E 198 -26.76 13.08 -26.74
N GLY E 199 -27.77 13.05 -27.62
CA GLY E 199 -28.45 14.24 -28.09
C GLY E 199 -28.22 14.52 -29.55
N GLN E 200 -27.16 13.97 -30.12
CA GLN E 200 -26.90 14.10 -31.55
C GLN E 200 -27.80 13.14 -32.32
N THR E 201 -28.58 13.67 -33.25
CA THR E 201 -29.49 12.86 -34.04
C THR E 201 -28.86 12.40 -35.35
N LYS E 202 -28.08 13.27 -36.00
CA LYS E 202 -27.57 13.00 -37.33
C LYS E 202 -26.18 12.38 -37.29
N GLN E 203 -25.76 11.83 -38.43
CA GLN E 203 -24.47 11.18 -38.55
C GLN E 203 -23.35 12.21 -38.40
N VAL E 204 -22.50 12.02 -37.39
CA VAL E 204 -21.37 12.91 -37.16
C VAL E 204 -20.25 12.53 -38.13
N VAL E 205 -19.80 13.50 -38.92
CA VAL E 205 -18.68 13.33 -39.83
C VAL E 205 -17.56 14.26 -39.40
N VAL E 206 -16.35 13.73 -39.31
CA VAL E 206 -15.18 14.50 -38.87
C VAL E 206 -14.18 14.53 -40.01
N TYR E 207 -13.83 15.73 -40.47
CA TYR E 207 -12.82 15.92 -41.49
C TYR E 207 -11.55 16.46 -40.83
N ARG E 208 -10.42 15.80 -41.09
CA ARG E 208 -9.14 16.17 -40.51
C ARG E 208 -8.21 16.62 -41.63
N PHE E 209 -7.91 17.92 -41.66
CA PHE E 209 -7.01 18.45 -42.67
C PHE E 209 -5.58 18.03 -42.39
N VAL E 210 -4.93 17.44 -43.40
CA VAL E 210 -3.58 16.92 -43.26
C VAL E 210 -2.77 17.36 -44.48
N THR E 211 -1.62 17.99 -44.23
CA THR E 211 -0.75 18.45 -45.32
C THR E 211 0.04 17.25 -45.82
N ASP E 212 -0.38 16.70 -46.97
CA ASP E 212 0.24 15.50 -47.51
C ASP E 212 1.68 15.79 -47.94
N ASN E 213 2.53 14.78 -47.78
CA ASN E 213 3.93 14.84 -48.20
C ASN E 213 4.69 15.97 -47.49
N ALA E 214 4.24 16.35 -46.30
CA ALA E 214 4.94 17.35 -45.52
C ALA E 214 5.13 16.87 -44.09
N ILE E 215 5.15 17.81 -43.14
CA ILE E 215 5.39 17.42 -41.75
C ILE E 215 4.13 16.89 -41.09
N GLU E 216 2.95 17.38 -41.49
CA GLU E 216 1.73 17.02 -40.79
C GLU E 216 1.29 15.59 -41.08
N GLU E 217 1.66 15.03 -42.23
CA GLU E 217 1.40 13.62 -42.47
C GLU E 217 2.23 12.74 -41.54
N LYS E 218 3.49 13.15 -41.30
CA LYS E 218 4.33 12.39 -40.39
C LYS E 218 3.91 12.59 -38.94
N VAL E 219 3.44 13.79 -38.61
CA VAL E 219 2.86 14.03 -37.28
C VAL E 219 1.69 13.09 -37.04
N LEU E 220 0.84 12.92 -38.06
CA LEU E 220 -0.40 12.15 -37.90
C LEU E 220 -0.12 10.68 -37.60
N GLU E 221 0.87 10.09 -38.29
CA GLU E 221 1.18 8.69 -38.06
C GLU E 221 1.56 8.43 -36.60
N ARG E 222 2.33 9.34 -36.01
CA ARG E 222 2.74 9.16 -34.61
C ARG E 222 1.53 9.17 -33.69
N ALA E 223 0.64 10.14 -33.85
CA ALA E 223 -0.56 10.19 -33.03
C ALA E 223 -1.42 8.96 -33.22
N ALA E 224 -1.57 8.50 -34.46
CA ALA E 224 -2.30 7.27 -34.72
C ALA E 224 -1.66 6.08 -34.00
N GLN E 225 -0.32 6.07 -33.91
CA GLN E 225 0.36 5.05 -33.13
C GLN E 225 0.04 5.20 -31.65
N LYS E 226 0.24 6.40 -31.10
CA LYS E 226 -0.05 6.62 -29.68
C LYS E 226 -1.51 6.33 -29.35
N LEU E 227 -2.42 6.57 -30.31
CA LEU E 227 -3.81 6.18 -30.10
C LEU E 227 -3.96 4.67 -30.05
N ARG E 228 -3.24 3.95 -30.91
CA ARG E 228 -3.31 2.49 -30.90
C ARG E 228 -2.70 1.93 -29.62
N LEU E 229 -1.62 2.53 -29.13
CA LEU E 229 -1.03 2.10 -27.87
C LEU E 229 -2.02 2.23 -26.72
N ASP E 230 -2.68 3.39 -26.62
CA ASP E 230 -3.64 3.64 -25.55
C ASP E 230 -4.71 2.56 -25.51
N GLN E 231 -5.22 2.17 -26.68
CA GLN E 231 -6.26 1.15 -26.74
C GLN E 231 -5.77 -0.17 -26.18
N LEU E 232 -4.52 -0.53 -26.46
CA LEU E 232 -3.98 -1.79 -25.96
C LEU E 232 -3.83 -1.76 -24.44
N VAL E 233 -3.39 -0.63 -23.90
CA VAL E 233 -3.31 -0.48 -22.45
C VAL E 233 -4.69 -0.61 -21.83
N ILE E 234 -5.64 0.19 -22.31
CA ILE E 234 -6.97 0.22 -21.72
C ILE E 234 -7.64 -1.15 -21.85
N GLN E 235 -7.48 -1.80 -23.00
CA GLN E 235 -8.10 -3.11 -23.20
C GLN E 235 -7.47 -4.17 -22.30
N GLN E 236 -6.21 -3.98 -21.91
CA GLN E 236 -5.50 -4.92 -21.04
C GLN E 236 -5.48 -4.47 -19.59
N GLY E 237 -6.24 -3.42 -19.25
CA GLY E 237 -6.24 -2.91 -17.89
C GLY E 237 -6.77 -3.89 -16.86
N ARG E 238 -7.40 -4.98 -17.30
CA ARG E 238 -7.93 -6.00 -16.40
C ARG E 238 -6.91 -7.05 -16.02
N ALA E 239 -5.68 -6.95 -16.56
CA ALA E 239 -4.72 -8.05 -16.43
C ALA E 239 -4.05 -8.08 -15.06
N GLN E 240 -3.69 -6.92 -14.51
CA GLN E 240 -2.97 -6.91 -13.23
C GLN E 240 -3.85 -7.33 -12.07
N VAL E 241 -5.14 -6.95 -12.09
CA VAL E 241 -6.03 -7.33 -11.01
C VAL E 241 -6.29 -8.83 -11.00
N ALA E 242 -6.04 -9.51 -12.12
CA ALA E 242 -6.20 -10.96 -12.19
C ALA E 242 -4.93 -11.70 -11.82
N ALA E 243 -3.77 -11.11 -12.08
CA ALA E 243 -2.50 -11.74 -11.73
C ALA E 243 -2.21 -11.59 -10.24
N ALA E 246 -5.37 -14.03 -5.60
CA ALA E 246 -6.13 -14.80 -4.62
C ALA E 246 -6.74 -16.04 -5.28
N ALA E 247 -7.94 -16.41 -4.85
CA ALA E 247 -8.61 -17.59 -5.39
C ALA E 247 -10.08 -17.51 -4.99
N ASN E 248 -10.96 -17.57 -5.98
CA ASN E 248 -12.39 -17.57 -5.72
C ASN E 248 -12.77 -18.82 -4.92
N LYS E 249 -13.99 -18.79 -4.35
CA LYS E 249 -14.52 -20.00 -3.74
C LYS E 249 -14.66 -21.10 -4.77
N ASP E 250 -15.21 -20.76 -5.94
CA ASP E 250 -15.40 -21.74 -7.00
C ASP E 250 -14.07 -22.24 -7.54
N GLU E 251 -13.08 -21.33 -7.67
CA GLU E 251 -11.76 -21.75 -8.10
C GLU E 251 -11.16 -22.77 -7.13
N LEU E 252 -11.26 -22.49 -5.83
CA LEU E 252 -10.82 -23.46 -4.83
C LEU E 252 -11.73 -24.68 -4.80
N LEU E 253 -13.03 -24.49 -5.06
CA LEU E 253 -13.95 -25.63 -5.09
C LEU E 253 -13.69 -26.52 -6.29
N SER E 254 -13.35 -25.93 -7.44
CA SER E 254 -13.08 -26.72 -8.63
C SER E 254 -11.78 -27.51 -8.49
N MET E 255 -10.79 -26.96 -7.79
CA MET E 255 -9.55 -27.69 -7.58
C MET E 255 -9.77 -28.96 -6.77
N ILE E 256 -10.64 -28.89 -5.77
CA ILE E 256 -10.88 -30.04 -4.91
C ILE E 256 -11.80 -31.05 -5.59
N GLN E 257 -12.85 -30.57 -6.25
CA GLN E 257 -13.83 -31.45 -6.89
C GLN E 257 -13.30 -32.09 -8.16
N HIS E 258 -12.19 -31.59 -8.73
CA HIS E 258 -11.69 -32.10 -10.00
C HIS E 258 -11.28 -33.57 -9.89
N GLY E 259 -12.01 -34.45 -10.57
CA GLY E 259 -11.71 -35.87 -10.53
C GLY E 259 -12.08 -36.55 -9.24
N ALA E 260 -12.78 -35.87 -8.33
CA ALA E 260 -13.13 -36.47 -7.05
C ALA E 260 -14.13 -37.60 -7.20
N GLU E 261 -15.04 -37.50 -8.18
CA GLU E 261 -15.98 -38.58 -8.43
C GLU E 261 -15.23 -39.84 -8.86
N LYS E 262 -14.27 -39.70 -9.78
CA LYS E 262 -13.49 -40.84 -10.22
C LYS E 262 -12.66 -41.44 -9.09
N VAL E 263 -12.29 -40.62 -8.11
CA VAL E 263 -11.55 -41.13 -6.95
C VAL E 263 -12.47 -41.99 -6.08
N PHE E 264 -13.67 -41.50 -5.80
CA PHE E 264 -14.63 -42.27 -5.03
C PHE E 264 -14.98 -43.58 -5.74
N GLN E 265 -15.06 -43.55 -7.07
CA GLN E 265 -15.32 -44.78 -7.82
C GLN E 265 -14.21 -45.80 -7.65
N THR E 266 -12.97 -45.33 -7.61
CA THR E 266 -11.82 -46.23 -7.59
C THR E 266 -11.74 -46.99 -6.28
N LYS E 267 -11.55 -48.30 -6.38
CA LYS E 267 -11.30 -49.15 -5.21
C LYS E 267 -9.85 -49.60 -5.09
N GLY E 268 -9.16 -49.80 -6.21
CA GLY E 268 -7.76 -50.15 -6.16
C GLY E 268 -6.86 -48.93 -6.30
N ALA E 269 -6.09 -48.87 -7.38
CA ALA E 269 -5.22 -47.75 -7.67
C ALA E 269 -5.79 -46.91 -8.80
N PHE E 270 -5.25 -45.71 -8.95
CA PHE E 270 -5.71 -44.79 -9.98
C PHE E 270 -5.14 -45.22 -11.32
N GLY E 271 -5.28 -44.36 -12.34
CA GLY E 271 -4.93 -44.67 -13.71
C GLY E 271 -3.59 -45.35 -13.91
N THR E 272 -2.52 -44.54 -14.00
CA THR E 272 -1.18 -45.03 -14.29
C THR E 272 -0.80 -46.22 -13.42
N MET E 273 -1.36 -46.29 -12.22
CA MET E 273 -1.01 -47.35 -11.28
C MET E 273 -1.87 -48.59 -11.48
N ALA E 274 -3.16 -48.42 -11.77
CA ALA E 274 -4.03 -49.58 -11.93
C ALA E 274 -3.70 -50.37 -13.18
N GLU E 275 -3.35 -49.67 -14.26
CA GLU E 275 -3.09 -50.34 -15.53
C GLU E 275 -1.76 -51.06 -15.52
N LYS E 276 -0.79 -50.57 -14.74
CA LYS E 276 0.58 -51.08 -14.87
C LYS E 276 1.11 -51.63 -13.54
N GLY E 277 0.62 -51.09 -12.41
CA GLY E 277 0.86 -51.66 -11.10
C GLY E 277 2.24 -51.50 -10.45
N SER E 278 2.74 -50.28 -10.31
CA SER E 278 3.97 -49.98 -9.57
C SER E 278 5.20 -50.68 -10.14
N GLN E 279 5.09 -51.32 -11.30
CA GLN E 279 6.21 -51.87 -12.04
C GLN E 279 6.10 -51.39 -13.48
N LEU E 280 7.20 -50.84 -14.00
CA LEU E 280 7.18 -50.15 -15.28
C LEU E 280 8.39 -50.57 -16.10
N ASP E 281 8.15 -51.23 -17.22
CA ASP E 281 9.19 -51.50 -18.18
C ASP E 281 9.40 -50.29 -19.08
N ASP E 282 10.46 -50.35 -19.90
CA ASP E 282 10.85 -49.19 -20.69
C ASP E 282 9.72 -48.72 -21.60
N ASP E 283 8.94 -49.66 -22.13
CA ASP E 283 7.84 -49.31 -23.03
C ASP E 283 6.75 -48.52 -22.32
N ASP E 284 6.49 -48.82 -21.04
CA ASP E 284 5.44 -48.11 -20.32
C ASP E 284 5.87 -46.68 -20.00
N ILE E 285 7.14 -46.48 -19.63
CA ILE E 285 7.64 -45.14 -19.37
C ILE E 285 7.59 -44.31 -20.65
N ASP E 286 7.97 -44.92 -21.77
CA ASP E 286 8.01 -44.19 -23.04
C ASP E 286 6.64 -43.70 -23.46
N ALA E 287 5.58 -44.44 -23.12
CA ALA E 287 4.23 -43.96 -23.40
C ALA E 287 3.85 -42.81 -22.48
N ILE E 288 4.30 -42.87 -21.22
CA ILE E 288 3.99 -41.82 -20.25
C ILE E 288 4.57 -40.49 -20.70
N LEU E 289 5.82 -40.51 -21.17
CA LEU E 289 6.49 -39.29 -21.61
C LEU E 289 5.98 -38.79 -22.96
N GLN E 290 5.59 -39.71 -23.85
CA GLN E 290 5.03 -39.28 -25.13
C GLN E 290 3.64 -38.71 -24.96
N ALA E 291 2.85 -39.30 -24.05
CA ALA E 291 1.51 -38.77 -23.78
C ALA E 291 1.59 -37.42 -23.09
N GLY E 292 2.57 -37.24 -22.19
CA GLY E 292 2.68 -35.99 -21.47
C GLY E 292 3.10 -34.83 -22.35
N GLU E 293 4.15 -35.04 -23.15
CA GLU E 293 4.61 -33.99 -24.05
C GLU E 293 3.52 -33.59 -25.04
N THR E 294 2.72 -34.54 -25.50
CA THR E 294 1.61 -34.23 -26.37
C THR E 294 0.57 -33.38 -25.66
N ARG E 295 0.20 -33.78 -24.43
CA ARG E 295 -0.72 -32.98 -23.64
C ARG E 295 -0.11 -31.65 -23.26
N THR E 296 1.22 -31.60 -23.09
CA THR E 296 1.87 -30.35 -22.75
C THR E 296 1.81 -29.35 -23.90
N LYS E 297 2.05 -29.83 -25.14
CA LYS E 297 1.97 -28.94 -26.30
C LYS E 297 0.57 -28.38 -26.47
N GLU E 298 -0.44 -29.26 -26.46
CA GLU E 298 -1.81 -28.81 -26.66
C GLU E 298 -2.26 -27.85 -25.58
N LEU E 299 -1.77 -28.03 -24.34
CA LEU E 299 -2.15 -27.15 -23.25
C LEU E 299 -1.51 -25.77 -23.42
N ASN E 300 -0.20 -25.75 -23.70
CA ASN E 300 0.49 -24.48 -23.86
C ASN E 300 0.03 -23.73 -25.09
N ALA E 301 -0.12 -24.42 -26.22
CA ALA E 301 -0.59 -23.79 -27.45
C ALA E 301 -2.02 -23.30 -27.35
N ARG E 302 -2.76 -23.73 -26.33
CA ARG E 302 -4.14 -23.27 -26.13
C ARG E 302 -4.21 -22.00 -25.29
N TYR E 303 -3.34 -21.88 -24.29
CA TYR E 303 -3.38 -20.75 -23.36
C TYR E 303 -2.48 -19.59 -23.79
N GLU E 304 -1.30 -19.90 -24.34
CA GLU E 304 -0.40 -18.85 -24.82
C GLU E 304 -0.97 -18.09 -26.01
N LYS E 305 -2.08 -18.55 -26.57
CA LYS E 305 -2.77 -17.90 -27.67
C LYS E 305 -3.95 -17.04 -27.23
N LEU E 306 -4.36 -17.15 -25.96
CA LEU E 306 -5.58 -16.53 -25.49
C LEU E 306 -5.41 -15.02 -25.34
N GLY E 307 -6.53 -14.36 -25.02
CA GLY E 307 -6.55 -12.94 -24.76
C GLY E 307 -7.24 -12.63 -23.45
N ILE E 308 -7.29 -11.33 -23.13
CA ILE E 308 -7.81 -10.90 -21.83
C ILE E 308 -9.29 -11.24 -21.71
N ASP E 309 -10.04 -11.17 -22.81
CA ASP E 309 -11.47 -11.44 -22.78
C ASP E 309 -11.80 -12.88 -22.44
N ASP E 310 -10.83 -13.79 -22.52
CA ASP E 310 -11.03 -15.18 -22.12
C ASP E 310 -10.53 -15.47 -20.72
N LEU E 311 -9.50 -14.77 -20.27
CA LEU E 311 -8.96 -14.99 -18.92
C LEU E 311 -9.75 -14.22 -17.87
N GLN E 312 -10.35 -13.10 -18.25
CA GLN E 312 -11.02 -12.24 -17.28
C GLN E 312 -12.21 -12.96 -16.65
N LYS E 313 -12.21 -13.04 -15.33
CA LYS E 313 -13.29 -13.66 -14.58
C LYS E 313 -14.31 -12.59 -14.21
N PHE E 314 -15.55 -12.77 -14.67
CA PHE E 314 -16.60 -11.83 -14.33
C PHE E 314 -16.82 -11.79 -12.82
N THR E 315 -17.23 -10.62 -12.32
CA THR E 315 -17.53 -10.49 -10.91
C THR E 315 -18.74 -11.33 -10.50
N SER E 316 -19.63 -11.64 -11.44
CA SER E 316 -20.76 -12.51 -11.14
C SER E 316 -20.36 -13.96 -10.91
N GLU E 317 -19.12 -14.34 -11.26
CA GLU E 317 -18.65 -15.69 -10.97
C GLU E 317 -18.51 -15.92 -9.47
N SER E 318 -18.21 -14.87 -8.71
CA SER E 318 -18.16 -14.98 -7.25
C SER E 318 -19.53 -15.23 -6.65
N ALA E 319 -20.61 -14.97 -7.40
CA ALA E 319 -21.97 -15.23 -6.93
C ALA E 319 -22.26 -16.72 -7.06
N TYR E 320 -21.57 -17.50 -6.24
CA TYR E 320 -21.75 -18.94 -6.24
C TYR E 320 -23.12 -19.30 -5.71
N GLU E 321 -23.83 -20.16 -6.44
CA GLU E 321 -25.19 -20.55 -6.07
C GLU E 321 -25.39 -22.06 -6.22
N SER F 3 32.90 -3.87 28.12
CA SER F 3 32.25 -3.04 29.12
C SER F 3 32.57 -1.56 28.89
N LEU F 4 31.55 -0.80 28.47
CA LEU F 4 31.68 0.63 28.24
C LEU F 4 31.04 1.38 29.39
N LEU F 5 31.84 2.21 30.08
CA LEU F 5 31.33 2.92 31.25
C LEU F 5 30.35 4.00 30.83
N PRO F 6 29.23 4.12 31.54
CA PRO F 6 28.28 5.22 31.25
C PRO F 6 28.95 6.58 31.45
N LYS F 7 28.48 7.56 30.67
CA LYS F 7 29.12 8.87 30.66
C LYS F 7 28.48 9.81 31.67
N LYS F 8 29.32 10.53 32.41
CA LYS F 8 28.87 11.56 33.33
C LYS F 8 28.48 12.80 32.54
N GLU F 9 27.22 13.21 32.64
CA GLU F 9 26.73 14.39 31.97
C GLU F 9 26.36 15.44 33.01
N ILE F 10 27.05 16.59 32.97
CA ILE F 10 26.91 17.63 33.97
C ILE F 10 26.66 18.95 33.27
N ASN F 11 25.53 19.59 33.62
CA ASN F 11 25.30 20.97 33.23
C ASN F 11 26.03 21.87 34.21
N VAL F 12 26.88 22.74 33.71
CA VAL F 12 27.65 23.62 34.58
C VAL F 12 27.13 25.04 34.36
N TYR F 13 26.44 25.57 35.36
CA TYR F 13 25.71 26.82 35.22
C TYR F 13 26.61 28.01 35.50
N ILE F 14 26.69 28.92 34.54
CA ILE F 14 27.67 30.00 34.54
C ILE F 14 26.97 31.34 34.37
N GLY F 15 27.59 32.39 34.91
CA GLY F 15 27.12 33.74 34.73
C GLY F 15 27.85 34.48 33.61
N MET F 16 27.67 35.79 33.59
CA MET F 16 28.23 36.64 32.56
C MET F 16 29.09 37.73 33.19
N SER F 17 30.12 38.15 32.46
CA SER F 17 30.95 39.26 32.90
C SER F 17 30.18 40.57 32.80
N GLU F 18 30.77 41.63 33.36
CA GLU F 18 30.16 42.95 33.24
C GLU F 18 30.00 43.36 31.78
N MET F 19 30.95 42.98 30.94
CA MET F 19 30.86 43.31 29.52
C MET F 19 29.70 42.60 28.86
N GLN F 20 29.47 41.33 29.20
CA GLN F 20 28.37 40.59 28.63
C GLN F 20 27.01 41.18 29.03
N VAL F 21 26.88 41.54 30.31
CA VAL F 21 25.64 42.17 30.78
C VAL F 21 25.34 43.42 29.96
N LYS F 22 26.37 44.17 29.60
CA LYS F 22 26.19 45.34 28.76
C LYS F 22 25.63 44.96 27.39
N TRP F 23 26.29 44.01 26.72
CA TRP F 23 25.83 43.60 25.39
C TRP F 23 24.51 42.84 25.44
N TYR F 24 24.29 42.04 26.50
CA TYR F 24 23.00 41.37 26.65
C TYR F 24 21.88 42.40 26.81
N GLN F 25 22.17 43.51 27.47
CA GLN F 25 21.19 44.59 27.58
C GLN F 25 21.07 45.35 26.26
N LYS F 26 22.20 45.64 25.61
CA LYS F 26 22.17 46.39 24.36
C LYS F 26 21.34 45.67 23.30
N ILE F 27 21.41 44.33 23.27
CA ILE F 27 20.63 43.57 22.31
C ILE F 27 19.14 43.66 22.63
N LEU F 28 18.79 43.46 23.90
CA LEU F 28 17.38 43.54 24.29
C LEU F 28 16.84 44.94 24.13
N GLU F 29 17.69 45.97 24.28
CA GLU F 29 17.24 47.34 24.16
C GLU F 29 16.97 47.72 22.71
N LYS F 30 17.92 47.41 21.82
CA LYS F 30 17.82 47.82 20.42
C LYS F 30 16.63 47.19 19.70
N ASP F 31 15.96 46.22 20.31
CA ASP F 31 14.79 45.58 19.73
C ASP F 31 13.77 45.32 20.84
N ILE F 32 13.52 46.33 21.67
CA ILE F 32 12.71 46.16 22.87
C ILE F 32 11.26 45.86 22.51
N ASP F 33 10.80 46.27 21.33
CA ASP F 33 9.41 46.06 20.96
C ASP F 33 9.11 44.58 20.74
N ALA F 34 9.97 43.89 19.97
CA ALA F 34 9.77 42.47 19.74
C ALA F 34 9.93 41.67 21.03
N VAL F 35 10.82 42.10 21.93
CA VAL F 35 10.97 41.44 23.22
C VAL F 35 9.66 41.51 24.00
N ASN F 36 8.96 42.64 23.90
CA ASN F 36 7.63 42.77 24.49
C ASN F 36 6.54 42.12 23.65
N GLY F 37 6.88 41.64 22.45
CA GLY F 37 5.90 41.05 21.57
C GLY F 37 5.00 42.10 20.94
N ALA F 38 5.36 42.56 19.74
CA ALA F 38 4.67 43.66 19.09
C ALA F 38 3.95 43.25 17.81
N GLY F 39 4.56 42.39 16.99
CA GLY F 39 3.97 42.07 15.72
C GLY F 39 2.80 41.11 15.82
N GLY F 40 2.03 41.06 14.73
CA GLY F 40 0.91 40.15 14.63
C GLY F 40 1.33 38.74 14.31
N LYS F 41 0.32 37.86 14.25
CA LYS F 41 0.58 36.44 13.99
C LYS F 41 1.20 36.20 12.62
N ARG F 42 1.00 37.13 11.67
CA ARG F 42 1.50 36.94 10.32
C ARG F 42 3.00 37.19 10.21
N GLU F 43 3.59 37.94 11.14
CA GLU F 43 5.01 38.25 11.06
C GLU F 43 5.83 36.98 11.24
N SER F 44 6.80 36.77 10.35
CA SER F 44 7.60 35.57 10.37
C SER F 44 8.47 35.50 11.62
N LYS F 45 9.07 34.32 11.84
CA LYS F 45 9.93 34.12 13.00
C LYS F 45 11.28 34.82 12.87
N THR F 46 11.61 35.36 11.70
CA THR F 46 12.95 35.86 11.43
C THR F 46 13.38 36.92 12.43
N ARG F 47 12.47 37.83 12.78
CA ARG F 47 12.83 38.93 13.67
C ARG F 47 13.18 38.41 15.07
N LEU F 48 12.37 37.49 15.61
CA LEU F 48 12.65 36.95 16.93
C LEU F 48 13.83 35.99 16.90
N LEU F 49 13.95 35.20 15.83
CA LEU F 49 15.07 34.27 15.72
C LEU F 49 16.41 35.01 15.71
N ASN F 50 16.44 36.20 15.09
CA ASN F 50 17.67 36.97 15.07
C ASN F 50 18.01 37.49 16.46
N ILE F 51 17.01 37.90 17.23
CA ILE F 51 17.24 38.28 18.62
C ILE F 51 17.79 37.10 19.41
N VAL F 52 17.32 35.89 19.09
CA VAL F 52 17.80 34.70 19.79
C VAL F 52 19.27 34.46 19.48
N MET F 53 19.66 34.58 18.21
CA MET F 53 21.03 34.30 17.83
C MET F 53 22.00 35.30 18.45
N GLN F 54 21.63 36.59 18.49
CA GLN F 54 22.50 37.58 19.09
C GLN F 54 22.71 37.30 20.58
N LEU F 55 21.64 36.90 21.28
CA LEU F 55 21.79 36.52 22.68
C LEU F 55 22.63 35.26 22.83
N ARG F 56 22.50 34.32 21.87
CA ARG F 56 23.35 33.13 21.89
C ARG F 56 24.81 33.51 21.71
N LYS F 57 25.11 34.36 20.72
CA LYS F 57 26.47 34.83 20.52
C LYS F 57 26.99 35.58 21.74
N CYS F 58 26.11 36.32 22.42
CA CYS F 58 26.51 37.05 23.61
C CYS F 58 26.79 36.12 24.78
N CYS F 59 26.08 34.99 24.87
CA CYS F 59 26.33 34.04 25.93
C CYS F 59 27.63 33.29 25.74
N ASN F 60 28.13 33.18 24.51
CA ASN F 60 29.41 32.51 24.28
C ASN F 60 30.58 33.44 24.58
N HIS F 61 30.73 34.51 23.78
CA HIS F 61 31.82 35.44 23.98
C HIS F 61 31.47 36.79 23.36
N PRO F 62 31.69 37.90 24.08
CA PRO F 62 31.36 39.23 23.52
C PRO F 62 32.15 39.57 22.27
N TYR F 63 33.33 38.98 22.08
CA TYR F 63 34.14 39.31 20.92
C TYR F 63 33.55 38.77 19.62
N LEU F 64 32.42 38.06 19.68
CA LEU F 64 31.72 37.66 18.47
C LEU F 64 31.02 38.84 17.80
N PHE F 65 30.76 39.91 18.55
CA PHE F 65 30.26 41.15 17.98
C PHE F 65 31.44 42.03 17.57
N GLU F 66 31.29 42.70 16.43
CA GLU F 66 32.37 43.56 15.93
C GLU F 66 32.42 44.86 16.71
N GLY F 67 33.63 45.26 17.09
CA GLY F 67 33.83 46.46 17.87
C GLY F 67 33.62 46.29 19.36
N ALA F 68 33.42 45.06 19.82
CA ALA F 68 33.23 44.82 21.25
C ALA F 68 34.55 44.80 21.99
N GLU F 69 35.50 43.99 21.52
CA GLU F 69 36.82 43.92 22.12
C GLU F 69 37.46 45.32 22.14
N PRO F 70 38.21 45.66 23.22
CA PRO F 70 38.92 46.94 23.26
C PRO F 70 39.60 47.30 21.95
N GLY F 71 39.50 48.57 21.56
CA GLY F 71 39.88 49.03 20.24
C GLY F 71 41.27 48.64 19.79
N PRO F 72 41.50 48.69 18.48
CA PRO F 72 42.77 48.30 17.84
C PRO F 72 43.98 49.02 18.45
N PRO F 73 45.12 48.32 18.57
CA PRO F 73 45.35 46.94 18.11
C PRO F 73 44.74 45.88 19.02
N TYR F 74 44.30 44.78 18.43
CA TYR F 74 43.65 43.69 19.15
C TYR F 74 44.72 42.68 19.57
N THR F 75 45.07 42.69 20.86
CA THR F 75 46.11 41.82 21.39
C THR F 75 45.49 40.77 22.29
N THR F 76 45.85 39.51 22.05
CA THR F 76 45.34 38.39 22.83
C THR F 76 46.00 38.37 24.20
N ASP F 77 45.24 38.66 25.24
CA ASP F 77 45.75 38.62 26.61
C ASP F 77 44.75 37.96 27.54
N GLU F 78 44.73 38.40 28.80
CA GLU F 78 43.81 37.83 29.77
C GLU F 78 42.39 38.33 29.57
N HIS F 79 42.24 39.53 29.00
CA HIS F 79 40.92 40.09 28.75
C HIS F 79 40.07 39.18 27.87
N LEU F 80 40.73 38.41 26.99
CA LEU F 80 40.01 37.42 26.21
C LEU F 80 39.31 36.41 27.10
N ILE F 81 39.88 36.12 28.27
CA ILE F 81 39.33 35.13 29.19
C ILE F 81 38.35 35.74 30.18
N TYR F 82 38.72 36.84 30.83
CA TYR F 82 37.89 37.31 31.94
C TYR F 82 36.72 38.18 31.49
N ASN F 83 36.49 38.34 30.19
CA ASN F 83 35.31 39.04 29.70
C ASN F 83 34.20 38.09 29.29
N ALA F 84 34.39 36.78 29.42
CA ALA F 84 33.37 35.80 29.12
C ALA F 84 33.29 34.81 30.27
N GLY F 85 32.09 34.69 30.85
CA GLY F 85 31.93 33.81 32.00
C GLY F 85 32.30 32.37 31.72
N LYS F 86 32.09 31.91 30.49
CA LYS F 86 32.44 30.54 30.14
C LYS F 86 33.95 30.37 29.97
N MET F 87 34.66 31.41 29.52
CA MET F 87 36.11 31.34 29.44
C MET F 87 36.73 31.28 30.84
N VAL F 88 36.12 31.97 31.80
CA VAL F 88 36.62 31.93 33.17
C VAL F 88 36.49 30.53 33.75
N VAL F 89 35.37 29.86 33.47
CA VAL F 89 35.17 28.50 33.97
C VAL F 89 36.04 27.53 33.19
N LEU F 90 36.14 27.71 31.87
CA LEU F 90 36.94 26.80 31.05
C LEU F 90 38.42 26.89 31.39
N ASP F 91 38.89 28.08 31.79
CA ASP F 91 40.32 28.28 32.01
C ASP F 91 40.82 27.42 33.16
N LYS F 92 40.09 27.40 34.28
CA LYS F 92 40.47 26.56 35.40
C LYS F 92 40.11 25.09 35.17
N LEU F 93 39.00 24.84 34.48
CA LEU F 93 38.60 23.45 34.22
C LEU F 93 39.59 22.74 33.32
N LEU F 94 40.07 23.40 32.27
CA LEU F 94 41.12 22.83 31.43
C LEU F 94 42.40 22.61 32.24
N LYS F 95 42.74 23.58 33.09
CA LYS F 95 43.95 23.48 33.91
C LYS F 95 43.93 22.22 34.77
N ARG F 96 42.78 21.95 35.41
CA ARG F 96 42.64 20.75 36.23
C ARG F 96 42.55 19.48 35.39
N ILE F 97 41.96 19.58 34.20
CA ILE F 97 41.81 18.40 33.35
C ILE F 97 43.18 17.88 32.91
N GLN F 98 44.05 18.79 32.45
CA GLN F 98 45.39 18.39 32.05
C GLN F 98 46.23 17.94 33.25
N LYS F 99 45.91 18.47 34.44
CA LYS F 99 46.67 18.11 35.64
C LYS F 99 46.57 16.61 35.92
N GLN F 100 45.38 16.04 35.79
CA GLN F 100 45.15 14.63 36.06
C GLN F 100 45.34 13.75 34.82
N GLY F 101 46.05 14.25 33.81
CA GLY F 101 46.33 13.47 32.62
C GLY F 101 45.11 13.11 31.79
N SER F 102 44.14 14.01 31.70
CA SER F 102 42.94 13.80 30.90
C SER F 102 42.96 14.73 29.69
N ARG F 103 42.42 14.25 28.58
CA ARG F 103 42.36 15.00 27.33
C ARG F 103 40.90 15.28 26.98
N VAL F 104 40.67 16.45 26.38
CA VAL F 104 39.34 17.02 26.30
C VAL F 104 38.97 17.30 24.85
N LEU F 105 37.70 17.05 24.51
CA LEU F 105 37.10 17.51 23.27
C LEU F 105 36.19 18.69 23.57
N ILE F 106 36.39 19.80 22.87
CA ILE F 106 35.57 21.00 23.03
C ILE F 106 34.80 21.21 21.73
N PHE F 107 33.47 21.15 21.83
CA PHE F 107 32.58 21.36 20.69
C PHE F 107 31.91 22.72 20.80
N SER F 108 31.51 23.27 19.65
CA SER F 108 30.81 24.54 19.63
C SER F 108 29.91 24.61 18.41
N GLN F 109 28.80 25.34 18.56
CA GLN F 109 27.91 25.57 17.43
C GLN F 109 28.51 26.53 16.42
N MET F 110 29.28 27.51 16.89
CA MET F 110 29.79 28.58 16.06
C MET F 110 31.29 28.40 15.85
N SER F 111 31.71 28.40 14.58
CA SER F 111 33.14 28.30 14.28
C SER F 111 33.89 29.59 14.61
N ARG F 112 33.20 30.73 14.62
CA ARG F 112 33.84 31.98 14.99
C ARG F 112 34.25 31.99 16.46
N LEU F 113 33.54 31.23 17.29
CA LEU F 113 33.99 31.05 18.67
C LEU F 113 35.17 30.09 18.73
N LEU F 114 35.18 29.05 17.89
CA LEU F 114 36.37 28.23 17.74
C LEU F 114 37.56 29.07 17.29
N ASP F 115 37.30 30.16 16.57
CA ASP F 115 38.35 31.11 16.26
C ASP F 115 38.84 31.81 17.52
N ILE F 116 37.96 32.03 18.50
CA ILE F 116 38.37 32.63 19.77
C ILE F 116 39.11 31.61 20.62
N LEU F 117 38.54 30.41 20.77
CA LEU F 117 39.24 29.34 21.47
C LEU F 117 40.55 29.00 20.79
N GLU F 118 40.65 29.24 19.48
CA GLU F 118 41.92 29.08 18.78
C GLU F 118 42.97 30.03 19.36
N ASP F 119 42.59 31.29 19.57
CA ASP F 119 43.54 32.26 20.12
C ASP F 119 43.85 31.96 21.57
N TYR F 120 42.87 31.44 22.32
CA TYR F 120 43.08 31.13 23.73
C TYR F 120 44.16 30.07 23.91
N CYS F 121 44.08 29.00 23.12
CA CYS F 121 45.01 27.88 23.28
C CYS F 121 46.45 28.32 23.04
N VAL F 122 46.69 29.16 22.04
CA VAL F 122 48.04 29.66 21.79
C VAL F 122 48.51 30.52 22.96
N PHE F 123 47.61 31.36 23.50
CA PHE F 123 47.96 32.21 24.62
C PHE F 123 48.30 31.41 25.87
N ARG F 124 47.73 30.21 26.00
CA ARG F 124 48.02 29.34 27.14
C ARG F 124 48.99 28.22 26.81
N GLY F 125 49.32 28.02 25.53
CA GLY F 125 50.26 27.00 25.14
C GLY F 125 49.67 25.60 25.12
N TYR F 126 48.50 25.45 24.52
CA TYR F 126 47.84 24.16 24.40
C TYR F 126 48.00 23.63 22.98
N LYS F 127 48.54 22.42 22.86
CA LYS F 127 48.61 21.76 21.56
C LYS F 127 47.24 21.19 21.19
N TYR F 128 46.76 21.53 19.99
CA TYR F 128 45.38 21.25 19.64
C TYR F 128 45.25 20.82 18.19
N CYS F 129 44.03 20.40 17.84
CA CYS F 129 43.59 20.16 16.47
C CYS F 129 42.26 20.87 16.26
N ARG F 130 41.80 20.92 15.00
CA ARG F 130 40.55 21.61 14.72
C ARG F 130 39.90 21.03 13.47
N ILE F 131 38.59 20.78 13.56
CA ILE F 131 37.76 20.42 12.42
C ILE F 131 36.51 21.30 12.47
N ASP F 132 36.18 21.92 11.35
CA ASP F 132 35.03 22.82 11.26
C ASP F 132 33.84 22.21 10.53
N GLY F 133 34.06 21.20 9.71
CA GLY F 133 33.13 20.87 8.64
C GLY F 133 33.40 21.65 7.38
N SER F 134 34.00 22.83 7.50
CA SER F 134 34.70 23.49 6.40
C SER F 134 36.04 22.83 6.13
N THR F 135 36.39 21.80 6.89
CA THR F 135 37.65 21.10 6.76
C THR F 135 37.53 19.97 5.74
N ALA F 136 38.57 19.79 4.93
CA ALA F 136 38.56 18.77 3.90
C ALA F 136 38.53 17.38 4.53
N HIS F 137 38.22 16.38 3.69
CA HIS F 137 38.19 15.00 4.16
C HIS F 137 39.58 14.53 4.56
N GLU F 138 40.56 14.72 3.67
CA GLU F 138 41.93 14.33 3.98
C GLU F 138 42.50 15.14 5.14
N ASP F 139 42.12 16.41 5.25
CA ASP F 139 42.65 17.26 6.32
C ASP F 139 42.17 16.78 7.69
N ARG F 140 40.87 16.50 7.82
CA ARG F 140 40.35 16.08 9.11
C ARG F 140 40.65 14.62 9.41
N ILE F 141 40.92 13.80 8.39
CA ILE F 141 41.43 12.45 8.65
C ILE F 141 42.79 12.53 9.32
N ALA F 142 43.68 13.37 8.78
CA ALA F 142 45.00 13.55 9.38
C ALA F 142 44.89 14.09 10.80
N ALA F 143 43.93 14.98 11.04
CA ALA F 143 43.72 15.49 12.39
C ALA F 143 43.22 14.38 13.32
N ILE F 144 42.37 13.49 12.81
CA ILE F 144 41.90 12.36 13.61
C ILE F 144 43.06 11.48 14.02
N ASP F 145 43.93 11.13 13.07
CA ASP F 145 45.04 10.23 13.37
C ASP F 145 46.07 10.89 14.26
N GLU F 146 46.36 12.18 14.03
CA GLU F 146 47.34 12.89 14.84
C GLU F 146 46.92 12.93 16.31
N TYR F 147 45.66 13.26 16.57
CA TYR F 147 45.18 13.30 17.95
C TYR F 147 45.12 11.91 18.56
N ASN F 148 44.74 10.91 17.77
CA ASN F 148 44.67 9.54 18.24
C ASN F 148 46.00 8.81 18.17
N LYS F 149 47.06 9.48 17.74
CA LYS F 149 48.37 8.84 17.66
C LYS F 149 48.83 8.41 19.05
N PRO F 150 49.42 7.22 19.20
CA PRO F 150 50.00 6.84 20.49
C PRO F 150 51.14 7.78 20.85
N GLY F 151 51.03 8.38 22.03
CA GLY F 151 51.96 9.43 22.41
C GLY F 151 51.69 10.73 21.68
N SER F 152 50.42 11.10 21.55
CA SER F 152 50.07 12.30 20.81
C SER F 152 50.48 13.54 21.57
N ASP F 153 50.94 14.56 20.82
CA ASP F 153 51.33 15.82 21.42
C ASP F 153 50.11 16.67 21.78
N LYS F 154 48.98 16.44 21.11
CA LYS F 154 47.81 17.29 21.27
C LYS F 154 47.08 16.99 22.57
N PHE F 155 46.42 18.01 23.10
CA PHE F 155 45.68 17.93 24.36
C PHE F 155 44.22 18.33 24.21
N ILE F 156 43.93 19.39 23.48
CA ILE F 156 42.56 19.83 23.20
C ILE F 156 42.24 19.50 21.75
N PHE F 157 40.99 19.12 21.49
CA PHE F 157 40.49 18.95 20.13
C PHE F 157 39.30 19.86 19.94
N LEU F 158 39.44 20.83 19.04
CA LEU F 158 38.38 21.79 18.74
C LEU F 158 37.54 21.28 17.59
N LEU F 159 36.23 21.20 17.79
CA LEU F 159 35.31 20.71 16.78
C LEU F 159 34.05 21.57 16.79
N THR F 160 33.38 21.64 15.65
CA THR F 160 32.00 22.11 15.63
C THR F 160 31.08 20.90 15.74
N THR F 161 29.96 21.08 16.45
CA THR F 161 29.13 19.96 16.87
C THR F 161 28.74 19.04 15.73
N ARG F 162 28.55 19.59 14.52
CA ARG F 162 28.10 18.82 13.37
C ARG F 162 29.24 18.33 12.48
N ALA F 163 30.47 18.82 12.70
CA ALA F 163 31.52 18.73 11.69
C ALA F 163 31.86 17.29 11.33
N GLY F 164 32.42 16.54 12.29
CA GLY F 164 33.14 15.31 12.04
C GLY F 164 32.62 14.34 11.00
N GLY F 165 31.30 14.21 10.92
CA GLY F 165 30.68 13.13 10.17
C GLY F 165 30.06 12.11 11.10
N LEU F 166 29.87 10.91 10.58
CA LEU F 166 29.25 9.83 11.35
C LEU F 166 30.28 8.76 11.68
N GLY F 167 30.50 8.54 12.97
CA GLY F 167 31.29 7.42 13.42
C GLY F 167 32.78 7.64 13.51
N ILE F 168 33.25 8.88 13.54
CA ILE F 168 34.66 9.13 13.80
C ILE F 168 34.97 8.75 15.24
N ASN F 169 36.20 8.32 15.48
CA ASN F 169 36.60 7.81 16.79
C ASN F 169 37.66 8.71 17.39
N LEU F 170 37.35 9.28 18.56
CA LEU F 170 38.29 10.07 19.34
C LEU F 170 38.26 9.65 20.79
N THR F 171 38.38 8.34 21.02
CA THR F 171 38.42 7.80 22.38
C THR F 171 39.74 8.07 23.08
N THR F 172 40.75 8.56 22.36
CA THR F 172 41.99 8.98 23.01
C THR F 172 41.83 10.24 23.85
N ALA F 173 40.63 10.80 23.88
CA ALA F 173 40.23 11.80 24.86
C ALA F 173 39.15 11.20 25.75
N ASP F 174 39.03 11.75 26.96
CA ASP F 174 38.11 11.20 27.93
C ASP F 174 37.11 12.22 28.49
N ILE F 175 37.23 13.49 28.14
CA ILE F 175 36.35 14.53 28.68
C ILE F 175 35.78 15.32 27.52
N VAL F 176 34.48 15.58 27.56
CA VAL F 176 33.77 16.32 26.52
C VAL F 176 33.24 17.62 27.13
N ILE F 177 33.50 18.73 26.45
CA ILE F 177 33.03 20.04 26.88
C ILE F 177 32.20 20.63 25.76
N LEU F 178 30.91 20.78 25.99
CA LEU F 178 29.99 21.42 25.04
C LEU F 178 29.87 22.89 25.45
N TYR F 179 30.64 23.75 24.77
CA TYR F 179 30.64 25.17 25.10
C TYR F 179 29.26 25.78 24.96
N ASP F 180 28.56 25.46 23.88
CA ASP F 180 27.17 25.88 23.68
C ASP F 180 26.40 24.72 23.07
N SER F 181 25.13 24.61 23.45
CA SER F 181 24.32 23.45 23.11
C SER F 181 23.64 23.62 21.76
N ASP F 182 23.21 22.49 21.21
CA ASP F 182 22.47 22.46 19.96
C ASP F 182 20.97 22.53 20.25
N TRP F 183 20.23 23.10 19.29
CA TRP F 183 18.77 23.04 19.37
C TRP F 183 18.28 21.61 19.30
N ASN F 184 18.95 20.78 18.49
CA ASN F 184 18.60 19.38 18.33
C ASN F 184 19.35 18.55 19.36
N PRO F 185 18.66 17.91 20.30
CA PRO F 185 19.36 17.16 21.37
C PRO F 185 20.23 16.04 20.84
N GLN F 186 19.84 15.39 19.74
CA GLN F 186 20.61 14.27 19.20
C GLN F 186 21.85 14.72 18.44
N ALA F 187 22.16 16.02 18.42
CA ALA F 187 23.41 16.50 17.86
C ALA F 187 24.50 16.57 18.92
N ASP F 188 24.18 17.13 20.09
CA ASP F 188 25.11 17.09 21.22
C ASP F 188 25.31 15.66 21.69
N LEU F 189 24.25 14.84 21.63
CA LEU F 189 24.38 13.43 21.95
C LEU F 189 25.37 12.74 21.01
N GLN F 190 25.34 13.09 19.73
CA GLN F 190 26.30 12.55 18.77
C GLN F 190 27.73 12.93 19.15
N ALA F 191 27.93 14.15 19.66
CA ALA F 191 29.27 14.62 19.96
C ALA F 191 29.89 13.86 21.12
N MET F 192 29.11 13.63 22.19
CA MET F 192 29.62 12.88 23.33
C MET F 192 30.05 11.48 22.92
N ASP F 193 29.35 10.86 21.99
CA ASP F 193 29.66 9.52 21.53
C ASP F 193 30.77 9.48 20.50
N ARG F 194 31.51 10.59 20.34
CA ARG F 194 32.77 10.53 19.62
C ARG F 194 33.89 10.04 20.52
N ALA F 195 33.76 10.27 21.83
CA ALA F 195 34.65 9.71 22.82
C ALA F 195 34.01 8.57 23.62
N HIS F 196 32.70 8.64 23.84
CA HIS F 196 31.97 7.59 24.54
C HIS F 196 31.47 6.57 23.52
N ARG F 197 32.36 5.65 23.16
CA ARG F 197 32.04 4.57 22.23
C ARG F 197 33.07 3.47 22.41
N ILE F 198 32.98 2.46 21.54
CA ILE F 198 33.88 1.31 21.64
C ILE F 198 35.32 1.76 21.48
N GLY F 199 36.18 1.31 22.39
CA GLY F 199 37.56 1.74 22.46
C GLY F 199 37.87 2.63 23.63
N GLN F 200 36.87 3.29 24.20
CA GLN F 200 37.07 4.16 25.35
C GLN F 200 37.38 3.34 26.59
N THR F 201 38.57 3.53 27.15
CA THR F 201 38.97 2.80 28.36
C THR F 201 38.56 3.49 29.64
N LYS F 202 38.52 4.83 29.64
CA LYS F 202 38.28 5.59 30.85
C LYS F 202 36.85 6.12 30.90
N GLN F 203 36.54 6.83 31.99
CA GLN F 203 35.20 7.36 32.21
C GLN F 203 35.03 8.66 31.44
N VAL F 204 34.03 8.70 30.57
CA VAL F 204 33.75 9.89 29.77
C VAL F 204 32.92 10.87 30.60
N VAL F 205 33.46 12.06 30.82
CA VAL F 205 32.76 13.13 31.53
C VAL F 205 32.34 14.18 30.51
N VAL F 206 31.08 14.61 30.60
CA VAL F 206 30.50 15.56 29.65
C VAL F 206 30.10 16.82 30.41
N TYR F 207 30.72 17.94 30.05
CA TYR F 207 30.41 19.23 30.65
C TYR F 207 29.67 20.08 29.62
N ARG F 208 28.51 20.62 30.02
CA ARG F 208 27.70 21.46 29.15
C ARG F 208 27.57 22.84 29.78
N PHE F 209 28.22 23.84 29.16
CA PHE F 209 28.11 25.20 29.66
C PHE F 209 26.70 25.73 29.43
N VAL F 210 26.07 26.21 30.50
CA VAL F 210 24.71 26.75 30.45
C VAL F 210 24.69 28.07 31.21
N THR F 211 24.48 29.17 30.49
CA THR F 211 24.41 30.48 31.13
C THR F 211 23.13 30.57 31.94
N ASP F 212 23.27 30.56 33.27
CA ASP F 212 22.11 30.61 34.15
C ASP F 212 21.41 31.97 34.07
N ASN F 213 20.08 31.96 34.20
CA ASN F 213 19.27 33.16 34.18
C ASN F 213 19.42 33.94 32.87
N ALA F 214 19.67 33.23 31.78
CA ALA F 214 19.76 33.85 30.45
C ALA F 214 18.94 33.00 29.48
N ILE F 215 19.22 33.17 28.19
CA ILE F 215 18.48 32.41 27.19
C ILE F 215 18.87 30.94 27.21
N GLU F 216 20.14 30.65 27.54
CA GLU F 216 20.62 29.27 27.47
C GLU F 216 19.97 28.39 28.54
N GLU F 217 19.56 28.97 29.67
CA GLU F 217 18.84 28.19 30.66
C GLU F 217 17.49 27.73 30.13
N LYS F 218 16.81 28.59 29.37
CA LYS F 218 15.53 28.23 28.80
C LYS F 218 15.67 27.32 27.58
N VAL F 219 16.75 27.50 26.80
CA VAL F 219 17.03 26.56 25.71
C VAL F 219 17.29 25.17 26.27
N LEU F 220 18.02 25.10 27.39
CA LEU F 220 18.35 23.82 28.01
C LEU F 220 17.11 23.00 28.32
N GLU F 221 16.05 23.66 28.81
CA GLU F 221 14.83 22.95 29.15
C GLU F 221 14.13 22.41 27.91
N ARG F 222 14.09 23.21 26.83
CA ARG F 222 13.40 22.78 25.62
C ARG F 222 14.10 21.60 24.97
N ALA F 223 15.43 21.56 25.03
CA ALA F 223 16.17 20.44 24.47
C ALA F 223 15.91 19.17 25.27
N ALA F 224 15.84 19.28 26.60
CA ALA F 224 15.56 18.12 27.42
C ALA F 224 14.15 17.61 27.20
N GLN F 225 13.20 18.51 26.91
CA GLN F 225 11.84 18.08 26.58
C GLN F 225 11.82 17.32 25.25
N LYS F 226 12.44 17.89 24.21
CA LYS F 226 12.54 17.20 22.94
C LYS F 226 13.36 15.92 23.07
N LEU F 227 14.31 15.89 24.01
CA LEU F 227 15.04 14.64 24.27
C LEU F 227 14.12 13.60 24.88
N ARG F 228 13.22 14.00 25.77
CA ARG F 228 12.28 13.06 26.36
C ARG F 228 11.29 12.55 25.33
N LEU F 229 10.78 13.45 24.49
CA LEU F 229 9.82 13.03 23.46
C LEU F 229 10.49 12.13 22.43
N ASP F 230 11.78 12.31 22.18
CA ASP F 230 12.50 11.41 21.28
C ASP F 230 12.52 10.00 21.82
N GLN F 231 12.74 9.84 23.12
CA GLN F 231 12.79 8.51 23.70
C GLN F 231 11.41 7.86 23.70
N LEU F 232 10.38 8.62 24.11
CA LEU F 232 9.03 8.08 24.17
C LEU F 232 8.55 7.59 22.81
N VAL F 233 8.99 8.23 21.74
CA VAL F 233 8.61 7.78 20.42
C VAL F 233 9.46 6.59 19.96
N ILE F 234 10.70 6.51 20.44
CA ILE F 234 11.50 5.30 20.20
C ILE F 234 10.97 4.16 21.06
N GLN F 235 10.62 4.46 22.32
CA GLN F 235 10.14 3.44 23.25
C GLN F 235 8.86 2.80 22.74
N GLN F 236 7.91 3.61 22.29
CA GLN F 236 6.67 3.11 21.71
C GLN F 236 6.79 2.78 20.23
N GLY F 237 8.02 2.59 19.74
CA GLY F 237 8.21 2.35 18.32
C GLY F 237 7.65 1.01 17.86
N ARG F 238 7.85 -0.04 18.66
CA ARG F 238 7.41 -1.38 18.28
C ARG F 238 5.90 -1.55 18.43
N ALA F 239 5.20 -0.58 19.02
CA ALA F 239 3.76 -0.72 19.23
C ALA F 239 3.00 -0.80 17.92
N GLN F 240 3.47 -0.10 16.88
CA GLN F 240 2.80 -0.13 15.60
C GLN F 240 2.89 -1.52 14.96
N VAL F 241 4.04 -2.19 15.14
CA VAL F 241 4.18 -3.55 14.62
C VAL F 241 3.38 -4.53 15.47
N ALA F 242 3.15 -4.20 16.75
CA ALA F 242 2.42 -5.08 17.63
C ALA F 242 0.93 -5.10 17.31
N ALA F 243 0.37 -3.97 16.84
CA ALA F 243 -1.04 -3.93 16.50
C ALA F 243 -1.32 -4.57 15.14
N LYS F 244 -0.34 -4.54 14.24
CA LYS F 244 -0.49 -5.20 12.94
C LYS F 244 -0.50 -6.72 13.10
N ALA F 245 0.11 -7.23 14.16
CA ALA F 245 0.37 -8.66 14.28
C ALA F 245 -0.92 -9.47 14.26
N ALA F 246 -0.93 -10.51 13.44
CA ALA F 246 -1.99 -11.51 13.45
C ALA F 246 -1.64 -12.61 14.45
N ALA F 247 -2.66 -13.35 14.87
CA ALA F 247 -2.49 -14.35 15.91
C ALA F 247 -1.55 -15.46 15.45
N ASN F 248 -0.51 -15.73 16.24
CA ASN F 248 0.40 -16.82 15.97
C ASN F 248 -0.21 -18.14 16.45
N LYS F 249 0.59 -19.21 16.34
CA LYS F 249 0.08 -20.54 16.65
C LYS F 249 -0.30 -20.67 18.12
N ASP F 250 0.54 -20.14 19.02
CA ASP F 250 0.28 -20.26 20.45
C ASP F 250 -1.01 -19.55 20.84
N GLU F 251 -1.25 -18.36 20.28
CA GLU F 251 -2.47 -17.63 20.60
C GLU F 251 -3.70 -18.41 20.14
N LEU F 252 -3.68 -18.90 18.90
CA LEU F 252 -4.78 -19.71 18.41
C LEU F 252 -4.94 -20.98 19.22
N LEU F 253 -3.81 -21.61 19.59
CA LEU F 253 -3.87 -22.84 20.39
C LEU F 253 -4.46 -22.56 21.77
N SER F 254 -3.99 -21.50 22.43
CA SER F 254 -4.53 -21.16 23.75
C SER F 254 -5.98 -20.70 23.68
N MET F 255 -6.38 -20.07 22.57
CA MET F 255 -7.77 -19.72 22.37
C MET F 255 -8.65 -20.96 22.32
N ILE F 256 -8.26 -21.94 21.51
CA ILE F 256 -9.06 -23.15 21.34
C ILE F 256 -9.09 -23.95 22.64
N GLN F 257 -7.94 -24.09 23.30
CA GLN F 257 -7.83 -24.89 24.51
C GLN F 257 -8.56 -24.29 25.70
N HIS F 258 -8.95 -23.02 25.63
CA HIS F 258 -9.53 -22.34 26.80
C HIS F 258 -10.87 -22.97 27.15
N GLY F 259 -10.93 -23.64 28.29
CA GLY F 259 -12.15 -24.27 28.77
C GLY F 259 -12.49 -25.59 28.12
N ALA F 260 -11.64 -26.09 27.22
CA ALA F 260 -11.94 -27.34 26.52
C ALA F 260 -12.03 -28.51 27.51
N GLU F 261 -11.14 -28.56 28.49
CA GLU F 261 -11.17 -29.63 29.49
C GLU F 261 -12.50 -29.65 30.21
N LYS F 262 -12.97 -28.50 30.69
CA LYS F 262 -14.24 -28.43 31.38
C LYS F 262 -15.41 -28.74 30.45
N VAL F 263 -15.27 -28.45 29.16
CA VAL F 263 -16.33 -28.76 28.20
C VAL F 263 -16.51 -30.27 28.06
N PHE F 264 -15.41 -30.99 27.85
CA PHE F 264 -15.50 -32.44 27.69
C PHE F 264 -16.03 -33.11 28.95
N GLN F 265 -15.72 -32.56 30.13
CA GLN F 265 -16.23 -33.14 31.36
C GLN F 265 -17.72 -32.90 31.51
N THR F 266 -18.24 -31.80 30.94
CA THR F 266 -19.64 -31.46 31.08
C THR F 266 -20.50 -32.45 30.28
N LYS F 267 -21.43 -33.12 30.97
CA LYS F 267 -22.38 -34.00 30.32
C LYS F 267 -23.76 -33.38 30.19
N GLY F 268 -24.06 -32.37 31.01
CA GLY F 268 -25.28 -31.61 30.86
C GLY F 268 -25.03 -30.30 30.15
N ALA F 269 -25.33 -29.18 30.83
CA ALA F 269 -25.08 -27.85 30.29
C ALA F 269 -24.03 -27.15 31.15
N PHE F 270 -23.65 -25.94 30.73
CA PHE F 270 -22.68 -25.16 31.48
C PHE F 270 -23.39 -24.47 32.65
N GLY F 271 -22.67 -23.56 33.32
CA GLY F 271 -23.12 -22.96 34.56
C GLY F 271 -24.50 -22.34 34.56
N THR F 272 -24.72 -21.37 33.67
CA THR F 272 -26.00 -20.66 33.65
C THR F 272 -27.15 -21.59 33.29
N MET F 273 -26.97 -22.39 32.24
CA MET F 273 -28.05 -23.25 31.74
C MET F 273 -28.31 -24.47 32.60
N ALA F 274 -27.40 -24.79 33.53
CA ALA F 274 -27.59 -25.99 34.35
C ALA F 274 -28.70 -25.80 35.39
N GLU F 275 -28.74 -24.63 36.02
CA GLU F 275 -29.72 -24.37 37.07
C GLU F 275 -31.14 -24.36 36.53
N ASP F 281 -35.63 -16.64 36.80
CA ASP F 281 -35.91 -15.40 37.51
C ASP F 281 -35.13 -14.23 36.93
N ASP F 282 -35.66 -13.02 37.13
CA ASP F 282 -34.87 -11.82 36.88
C ASP F 282 -33.89 -11.54 38.01
N ASP F 283 -34.04 -12.22 39.15
CA ASP F 283 -32.99 -12.19 40.17
C ASP F 283 -31.74 -12.90 39.69
N ASP F 284 -31.90 -13.87 38.78
CA ASP F 284 -30.75 -14.55 38.19
C ASP F 284 -30.05 -13.64 37.19
N ILE F 285 -30.82 -12.99 36.30
CA ILE F 285 -30.24 -12.12 35.30
C ILE F 285 -29.60 -10.90 35.96
N ASP F 286 -30.27 -10.33 36.96
CA ASP F 286 -29.70 -9.19 37.68
C ASP F 286 -28.40 -9.56 38.37
N ALA F 287 -28.24 -10.84 38.72
CA ALA F 287 -26.99 -11.30 39.32
C ALA F 287 -25.88 -11.45 38.30
N ILE F 288 -26.23 -11.76 37.04
CA ILE F 288 -25.22 -11.88 36.00
C ILE F 288 -24.71 -10.50 35.57
N LEU F 289 -25.62 -9.56 35.37
CA LEU F 289 -25.22 -8.21 35.02
C LEU F 289 -24.43 -7.55 36.15
N GLN F 290 -24.79 -7.86 37.39
CA GLN F 290 -24.04 -7.34 38.53
C GLN F 290 -22.63 -7.92 38.56
N ALA F 291 -22.52 -9.24 38.45
CA ALA F 291 -21.21 -9.89 38.42
C ALA F 291 -20.48 -9.64 37.11
N GLY F 292 -21.20 -9.33 36.03
CA GLY F 292 -20.54 -9.06 34.77
C GLY F 292 -19.83 -7.72 34.76
N GLU F 293 -20.48 -6.68 35.28
CA GLU F 293 -19.83 -5.38 35.37
C GLU F 293 -18.63 -5.44 36.31
N THR F 294 -18.71 -6.25 37.37
CA THR F 294 -17.57 -6.42 38.27
C THR F 294 -16.37 -7.02 37.54
N ARG F 295 -16.61 -8.04 36.73
CA ARG F 295 -15.53 -8.63 35.95
C ARG F 295 -15.05 -7.71 34.84
N THR F 296 -15.93 -6.81 34.37
CA THR F 296 -15.54 -5.90 33.30
C THR F 296 -14.60 -4.82 33.82
N LYS F 297 -14.88 -4.26 35.00
CA LYS F 297 -14.05 -3.20 35.55
C LYS F 297 -12.62 -3.69 35.80
N GLU F 298 -12.48 -4.89 36.39
CA GLU F 298 -11.16 -5.39 36.75
C GLU F 298 -10.31 -5.67 35.52
N LEU F 299 -10.92 -6.20 34.45
CA LEU F 299 -10.16 -6.53 33.26
C LEU F 299 -9.61 -5.27 32.59
N ASN F 300 -10.43 -4.23 32.48
CA ASN F 300 -9.98 -3.00 31.86
C ASN F 300 -8.92 -2.31 32.73
N ALA F 301 -9.13 -2.27 34.04
CA ALA F 301 -8.17 -1.63 34.93
C ALA F 301 -6.81 -2.32 34.85
N ARG F 302 -6.80 -3.63 34.63
CA ARG F 302 -5.54 -4.35 34.51
C ARG F 302 -4.83 -3.99 33.21
N TYR F 303 -5.57 -3.92 32.09
CA TYR F 303 -4.99 -3.69 30.78
C TYR F 303 -4.78 -2.21 30.45
N GLU F 304 -5.74 -1.35 30.82
CA GLU F 304 -5.61 0.07 30.51
C GLU F 304 -4.52 0.76 31.31
N LYS F 305 -3.79 0.03 32.16
CA LYS F 305 -2.59 0.55 32.82
C LYS F 305 -1.31 -0.04 32.26
N LEU F 306 -1.40 -1.02 31.36
CA LEU F 306 -0.21 -1.74 30.90
C LEU F 306 0.63 -0.88 29.97
N GLY F 307 1.82 -1.39 29.65
CA GLY F 307 2.75 -0.71 28.76
C GLY F 307 3.25 -1.64 27.68
N ILE F 308 4.18 -1.10 26.87
CA ILE F 308 4.64 -1.81 25.69
C ILE F 308 5.49 -3.03 26.05
N ASP F 309 6.16 -2.99 27.21
CA ASP F 309 6.99 -4.12 27.61
C ASP F 309 6.16 -5.39 27.80
N ASP F 310 4.96 -5.25 28.36
CA ASP F 310 4.12 -6.40 28.62
C ASP F 310 3.35 -6.83 27.37
N LEU F 311 2.71 -5.87 26.70
CA LEU F 311 1.83 -6.18 25.57
C LEU F 311 2.60 -6.67 24.34
N GLN F 312 3.92 -6.54 24.32
CA GLN F 312 4.70 -6.93 23.15
C GLN F 312 4.78 -8.44 23.02
N LYS F 313 4.72 -8.92 21.78
CA LYS F 313 4.95 -10.33 21.46
C LYS F 313 6.38 -10.48 20.94
N PHE F 314 7.22 -11.18 21.70
CA PHE F 314 8.57 -11.44 21.24
C PHE F 314 8.54 -12.25 19.95
N THR F 315 9.65 -12.19 19.20
CA THR F 315 9.72 -12.88 17.93
C THR F 315 9.71 -14.40 18.11
N SER F 316 10.39 -14.89 19.15
CA SER F 316 10.49 -16.32 19.39
C SER F 316 9.16 -16.94 19.82
N GLU F 317 8.13 -16.13 20.05
CA GLU F 317 6.81 -16.67 20.39
C GLU F 317 6.25 -17.53 19.26
N SER F 318 6.56 -17.19 18.01
CA SER F 318 5.99 -17.92 16.87
C SER F 318 6.57 -19.32 16.70
N ALA F 319 7.70 -19.61 17.36
CA ALA F 319 8.39 -20.89 17.18
C ALA F 319 7.84 -21.91 18.18
N TYR F 320 6.65 -22.42 17.89
CA TYR F 320 6.03 -23.41 18.77
C TYR F 320 6.90 -24.66 18.83
N GLU F 321 7.37 -24.98 20.03
CA GLU F 321 8.20 -26.16 20.26
C GLU F 321 7.37 -27.34 20.74
N TRP F 322 6.71 -27.18 21.89
CA TRP F 322 5.90 -28.24 22.48
C TRP F 322 4.89 -27.61 23.42
N ASN F 323 3.85 -28.37 23.76
CA ASN F 323 2.90 -27.91 24.76
C ASN F 323 3.51 -28.03 26.15
N GLY F 324 2.90 -27.29 27.10
CA GLY F 324 3.32 -27.41 28.48
C GLY F 324 2.70 -28.58 29.20
N GLU F 325 1.51 -29.03 28.75
CA GLU F 325 0.79 -30.11 29.39
C GLU F 325 0.32 -31.22 28.45
N ASP F 326 0.18 -30.98 27.15
CA ASP F 326 -0.38 -31.96 26.21
C ASP F 326 -1.77 -32.45 26.65
N SER G 3 -50.46 36.55 49.22
CA SER G 3 -49.41 36.15 48.30
C SER G 3 -48.55 37.34 47.88
N LEU G 4 -47.30 37.33 48.34
CA LEU G 4 -46.33 38.38 48.03
C LEU G 4 -45.45 37.90 46.88
N LEU G 5 -45.47 38.63 45.77
CA LEU G 5 -44.74 38.20 44.58
C LEU G 5 -43.24 38.23 44.84
N PRO G 6 -42.53 37.12 44.60
CA PRO G 6 -41.08 37.10 44.84
C PRO G 6 -40.35 38.13 43.98
N LYS G 7 -39.25 38.63 44.52
CA LYS G 7 -38.52 39.71 43.87
C LYS G 7 -37.59 39.17 42.79
N LYS G 8 -37.46 39.93 41.70
CA LYS G 8 -36.57 39.60 40.60
C LYS G 8 -35.30 40.43 40.76
N GLU G 9 -34.20 39.77 41.09
CA GLU G 9 -32.91 40.43 41.28
C GLU G 9 -32.07 40.26 40.02
N ILE G 10 -31.64 41.37 39.44
CA ILE G 10 -30.90 41.35 38.18
C ILE G 10 -29.64 42.20 38.35
N ASN G 11 -28.47 41.57 38.16
CA ASN G 11 -27.24 42.32 38.02
C ASN G 11 -27.17 42.89 36.61
N VAL G 12 -26.95 44.19 36.50
CA VAL G 12 -26.80 44.83 35.19
C VAL G 12 -25.34 45.25 35.07
N TYR G 13 -24.66 44.70 34.08
CA TYR G 13 -23.22 44.83 33.97
C TYR G 13 -22.87 46.03 33.09
N ILE G 14 -22.12 46.98 33.64
CA ILE G 14 -21.87 48.26 33.00
C ILE G 14 -20.37 48.47 32.84
N GLY G 15 -20.00 49.19 31.78
CA GLY G 15 -18.62 49.57 31.55
C GLY G 15 -18.29 50.92 32.13
N MET G 16 -17.10 51.40 31.81
CA MET G 16 -16.60 52.67 32.32
C MET G 16 -16.33 53.64 31.17
N SER G 17 -16.57 54.92 31.41
CA SER G 17 -16.25 55.94 30.43
C SER G 17 -14.74 56.15 30.37
N GLU G 18 -14.30 56.94 29.38
CA GLU G 18 -12.89 57.25 29.26
C GLU G 18 -12.36 57.96 30.50
N MET G 19 -13.18 58.85 31.07
CA MET G 19 -12.75 59.59 32.26
C MET G 19 -12.55 58.65 33.45
N GLN G 20 -13.42 57.65 33.58
CA GLN G 20 -13.25 56.65 34.63
C GLN G 20 -11.95 55.87 34.43
N VAL G 21 -11.69 55.44 33.21
CA VAL G 21 -10.50 54.64 32.91
C VAL G 21 -9.24 55.44 33.22
N LYS G 22 -9.24 56.73 32.90
CA LYS G 22 -8.09 57.58 33.20
C LYS G 22 -7.81 57.60 34.70
N TRP G 23 -8.85 57.82 35.51
CA TRP G 23 -8.67 57.84 36.96
C TRP G 23 -8.42 56.44 37.50
N TYR G 24 -9.10 55.43 36.95
CA TYR G 24 -8.86 54.05 37.36
C TYR G 24 -7.41 53.67 37.14
N GLN G 25 -6.82 54.15 36.03
CA GLN G 25 -5.41 53.90 35.79
C GLN G 25 -4.52 54.69 36.75
N LYS G 26 -4.89 55.96 37.02
CA LYS G 26 -4.12 56.76 37.94
C LYS G 26 -4.06 56.12 39.32
N ILE G 27 -5.18 55.56 39.78
CA ILE G 27 -5.20 54.89 41.08
C ILE G 27 -4.29 53.66 41.04
N LEU G 28 -4.37 52.88 39.95
CA LEU G 28 -3.50 51.73 39.81
C LEU G 28 -2.05 52.15 39.62
N GLU G 29 -1.81 53.25 38.91
CA GLU G 29 -0.45 53.69 38.65
C GLU G 29 0.25 54.14 39.93
N LYS G 30 -0.39 55.02 40.71
CA LYS G 30 0.27 55.68 41.83
C LYS G 30 0.60 54.70 42.95
N ASP G 31 0.18 53.45 42.82
CA ASP G 31 0.51 52.42 43.79
C ASP G 31 0.67 51.09 43.06
N ILE G 32 1.42 51.10 41.96
CA ILE G 32 1.57 49.90 41.14
C ILE G 32 2.32 48.80 41.89
N ASP G 33 3.14 49.18 42.88
CA ASP G 33 3.83 48.18 43.69
C ASP G 33 2.85 47.35 44.51
N ALA G 34 1.86 48.01 45.12
CA ALA G 34 0.83 47.30 45.85
C ALA G 34 -0.10 46.53 44.92
N VAL G 35 -0.37 47.08 43.72
CA VAL G 35 -1.17 46.36 42.74
C VAL G 35 -0.47 45.08 42.32
N ASN G 36 0.85 45.13 42.15
CA ASN G 36 1.63 43.92 41.94
C ASN G 36 1.82 43.14 43.25
N GLY G 37 1.80 43.84 44.38
CA GLY G 37 1.94 43.20 45.68
C GLY G 37 3.32 42.64 45.94
N GLY G 40 6.29 44.17 51.03
CA GLY G 40 6.57 43.21 52.07
C GLY G 40 5.32 42.59 52.66
N LYS G 41 5.50 41.59 53.52
CA LYS G 41 4.38 40.92 54.17
C LYS G 41 3.99 41.57 55.49
N ARG G 42 4.77 42.54 55.99
CA ARG G 42 4.49 43.14 57.28
C ARG G 42 3.31 44.09 57.22
N GLU G 43 3.18 44.82 56.11
CA GLU G 43 2.25 45.94 56.04
C GLU G 43 0.82 45.53 56.33
N SER G 44 0.11 46.39 57.05
CA SER G 44 -1.28 46.16 57.37
C SER G 44 -2.15 46.26 56.12
N LYS G 45 -3.42 45.87 56.27
CA LYS G 45 -4.36 45.92 55.15
C LYS G 45 -4.64 47.34 54.68
N THR G 46 -4.17 48.36 55.42
CA THR G 46 -4.54 49.74 55.12
C THR G 46 -4.15 50.14 53.70
N ARG G 47 -2.91 49.81 53.31
CA ARG G 47 -2.41 50.25 52.00
C ARG G 47 -3.25 49.67 50.86
N LEU G 48 -3.67 48.41 50.98
CA LEU G 48 -4.54 47.82 49.97
C LEU G 48 -5.99 48.27 50.13
N LEU G 49 -6.45 48.47 51.36
CA LEU G 49 -7.82 48.90 51.58
C LEU G 49 -8.08 50.27 50.95
N ASN G 50 -7.08 51.15 50.98
CA ASN G 50 -7.26 52.48 50.40
C ASN G 50 -7.46 52.38 48.88
N ILE G 51 -6.65 51.56 48.21
CA ILE G 51 -6.79 51.38 46.78
C ILE G 51 -8.17 50.80 46.45
N VAL G 52 -8.64 49.86 47.27
CA VAL G 52 -9.97 49.29 47.08
C VAL G 52 -11.02 50.40 47.14
N MET G 53 -10.91 51.28 48.14
CA MET G 53 -11.86 52.39 48.28
C MET G 53 -11.86 53.27 47.05
N GLN G 54 -10.67 53.70 46.60
CA GLN G 54 -10.59 54.63 45.47
C GLN G 54 -11.09 53.96 44.19
N LEU G 55 -10.85 52.66 44.04
CA LEU G 55 -11.36 51.96 42.86
C LEU G 55 -12.89 51.87 42.90
N ARG G 56 -13.47 51.72 44.08
CA ARG G 56 -14.93 51.65 44.18
C ARG G 56 -15.56 53.01 43.93
N LYS G 57 -14.95 54.08 44.45
CA LYS G 57 -15.41 55.42 44.13
C LYS G 57 -15.34 55.68 42.63
N CYS G 58 -14.27 55.22 41.98
CA CYS G 58 -14.14 55.39 40.54
C CYS G 58 -15.19 54.60 39.78
N CYS G 59 -15.63 53.46 40.32
CA CYS G 59 -16.70 52.70 39.69
C CYS G 59 -18.05 53.37 39.88
N ASN G 60 -18.17 54.31 40.81
CA ASN G 60 -19.42 55.05 41.01
C ASN G 60 -19.44 56.30 40.13
N HIS G 61 -18.58 57.26 40.43
CA HIS G 61 -18.49 58.48 39.63
C HIS G 61 -17.13 59.13 39.80
N PRO G 62 -16.47 59.52 38.71
CA PRO G 62 -15.16 60.19 38.85
C PRO G 62 -15.22 61.52 39.58
N TYR G 63 -16.38 62.18 39.58
CA TYR G 63 -16.49 63.47 40.25
C TYR G 63 -16.31 63.35 41.76
N LEU G 64 -16.35 62.13 42.31
CA LEU G 64 -16.06 61.94 43.72
C LEU G 64 -14.60 62.25 44.05
N PHE G 65 -13.72 62.22 43.06
CA PHE G 65 -12.34 62.65 43.24
C PHE G 65 -12.23 64.15 42.98
N GLU G 66 -11.47 64.84 43.83
CA GLU G 66 -11.30 66.27 43.66
C GLU G 66 -10.46 66.57 42.44
N GLY G 67 -10.81 67.64 41.73
CA GLY G 67 -10.08 68.01 40.53
C GLY G 67 -10.36 67.11 39.34
N ALA G 68 -11.53 66.46 39.33
CA ALA G 68 -11.93 65.60 38.22
C ALA G 68 -12.97 66.26 37.33
N GLU G 69 -14.06 66.72 37.92
CA GLU G 69 -15.10 67.40 37.15
C GLU G 69 -14.52 68.60 36.43
N PRO G 70 -14.94 68.86 35.17
CA PRO G 70 -14.41 70.01 34.41
C PRO G 70 -14.29 71.29 35.21
N GLY G 71 -13.22 72.05 34.95
CA GLY G 71 -12.85 73.19 35.75
C GLY G 71 -13.90 74.29 35.79
N PRO G 72 -13.70 75.27 36.68
CA PRO G 72 -14.60 76.40 36.92
C PRO G 72 -14.97 77.15 35.65
N PRO G 73 -16.24 77.57 35.53
CA PRO G 73 -17.29 77.35 36.54
C PRO G 73 -17.89 75.94 36.48
N TYR G 74 -18.20 75.39 37.65
CA TYR G 74 -18.79 74.06 37.73
C TYR G 74 -20.25 74.11 37.29
N THR G 75 -20.59 73.35 36.24
CA THR G 75 -21.92 73.36 35.67
C THR G 75 -22.50 71.96 35.65
N THR G 76 -23.76 71.82 36.04
CA THR G 76 -24.48 70.56 35.95
C THR G 76 -24.87 70.34 34.49
N ASP G 77 -24.19 69.41 33.82
CA ASP G 77 -24.31 69.23 32.39
C ASP G 77 -24.74 67.80 32.06
N GLU G 78 -24.78 67.51 30.77
CA GLU G 78 -24.98 66.12 30.33
C GLU G 78 -23.78 65.26 30.70
N HIS G 79 -22.58 65.84 30.73
CA HIS G 79 -21.37 65.11 31.09
C HIS G 79 -21.37 64.65 32.54
N LEU G 80 -22.27 65.18 33.37
CA LEU G 80 -22.49 64.58 34.68
C LEU G 80 -22.94 63.13 34.55
N ILE G 81 -23.57 62.80 33.42
CA ILE G 81 -24.03 61.44 33.15
C ILE G 81 -23.02 60.67 32.30
N TYR G 82 -22.53 61.29 31.23
CA TYR G 82 -21.72 60.59 30.23
C TYR G 82 -20.30 60.30 30.70
N ASN G 83 -19.89 60.83 31.85
CA ASN G 83 -18.59 60.52 32.42
C ASN G 83 -18.64 59.39 33.43
N ALA G 84 -19.81 58.77 33.62
CA ALA G 84 -19.95 57.63 34.51
C ALA G 84 -20.87 56.61 33.84
N GLY G 85 -20.33 55.42 33.58
CA GLY G 85 -21.10 54.42 32.84
C GLY G 85 -22.41 54.06 33.50
N LYS G 86 -22.43 53.98 34.84
CA LYS G 86 -23.66 53.65 35.54
C LYS G 86 -24.72 54.72 35.33
N MET G 87 -24.31 56.01 35.37
CA MET G 87 -25.25 57.10 35.15
C MET G 87 -25.90 57.00 33.78
N VAL G 88 -25.16 56.54 32.77
CA VAL G 88 -25.74 56.36 31.43
C VAL G 88 -26.88 55.35 31.49
N VAL G 89 -26.62 54.17 32.05
CA VAL G 89 -27.67 53.16 32.20
C VAL G 89 -28.77 53.68 33.12
N LEU G 90 -28.39 54.36 34.20
CA LEU G 90 -29.36 54.93 35.12
C LEU G 90 -30.21 55.99 34.44
N ASP G 91 -29.64 56.73 33.48
CA ASP G 91 -30.38 57.78 32.81
C ASP G 91 -31.52 57.20 31.97
N LYS G 92 -31.22 56.17 31.16
CA LYS G 92 -32.26 55.57 30.33
C LYS G 92 -33.24 54.74 31.17
N LEU G 93 -32.74 54.12 32.24
CA LEU G 93 -33.61 53.28 33.07
C LEU G 93 -34.67 54.11 33.78
N LEU G 94 -34.27 55.24 34.37
CA LEU G 94 -35.23 56.10 35.04
C LEU G 94 -36.25 56.68 34.07
N LYS G 95 -35.80 57.08 32.87
CA LYS G 95 -36.70 57.64 31.87
C LYS G 95 -37.72 56.60 31.41
N ARG G 96 -37.37 55.33 31.51
CA ARG G 96 -38.25 54.23 31.12
C ARG G 96 -39.06 53.70 32.29
N ILE G 97 -38.55 53.81 33.52
CA ILE G 97 -39.30 53.38 34.68
C ILE G 97 -40.47 54.30 34.96
N GLN G 98 -40.24 55.62 34.87
CA GLN G 98 -41.34 56.58 35.00
C GLN G 98 -42.36 56.40 33.89
N LYS G 99 -41.93 55.90 32.74
CA LYS G 99 -42.83 55.70 31.61
C LYS G 99 -43.85 54.61 31.91
N GLN G 100 -43.38 53.47 32.43
CA GLN G 100 -44.26 52.34 32.71
C GLN G 100 -45.07 52.51 34.00
N GLY G 101 -45.00 53.68 34.63
CA GLY G 101 -45.79 53.94 35.82
C GLY G 101 -45.25 53.31 37.09
N SER G 102 -43.94 53.11 37.18
CA SER G 102 -43.32 52.51 38.35
C SER G 102 -42.54 53.57 39.13
N ARG G 103 -42.32 53.29 40.42
CA ARG G 103 -41.56 54.16 41.30
C ARG G 103 -40.38 53.39 41.86
N VAL G 104 -39.25 54.07 42.02
CA VAL G 104 -37.96 53.41 42.23
C VAL G 104 -37.29 53.94 43.48
N LEU G 105 -36.72 53.03 44.26
CA LEU G 105 -35.84 53.37 45.38
C LEU G 105 -34.40 53.13 44.95
N ILE G 106 -33.55 54.15 45.10
CA ILE G 106 -32.16 54.08 44.68
C ILE G 106 -31.27 54.16 45.91
N PHE G 107 -30.49 53.10 46.14
CA PHE G 107 -29.59 53.01 47.28
C PHE G 107 -28.14 53.14 46.82
N SER G 108 -27.28 53.50 47.77
CA SER G 108 -25.85 53.62 47.50
C SER G 108 -25.08 53.55 48.80
N GLN G 109 -23.82 53.11 48.70
CA GLN G 109 -22.95 53.03 49.87
C GLN G 109 -22.41 54.41 50.26
N MET G 110 -22.27 55.30 49.29
CA MET G 110 -21.61 56.59 49.50
C MET G 110 -22.64 57.70 49.42
N SER G 111 -22.71 58.52 50.47
CA SER G 111 -23.62 59.66 50.47
C SER G 111 -23.15 60.73 49.49
N ARG G 112 -21.85 60.86 49.27
CA ARG G 112 -21.33 61.83 48.32
C ARG G 112 -21.71 61.48 46.88
N LEU G 113 -22.11 60.23 46.62
CA LEU G 113 -22.71 59.92 45.33
C LEU G 113 -24.16 60.38 45.29
N LEU G 114 -24.89 60.23 46.41
CA LEU G 114 -26.26 60.72 46.46
C LEU G 114 -26.32 62.23 46.29
N ASP G 115 -25.25 62.95 46.67
CA ASP G 115 -25.17 64.36 46.34
C ASP G 115 -25.20 64.59 44.84
N ILE G 116 -24.49 63.75 44.09
CA ILE G 116 -24.57 63.81 42.63
C ILE G 116 -25.96 63.39 42.16
N LEU G 117 -26.54 62.36 42.79
CA LEU G 117 -27.87 61.92 42.39
C LEU G 117 -28.93 62.97 42.71
N GLU G 118 -28.68 63.83 43.68
CA GLU G 118 -29.57 64.97 43.90
C GLU G 118 -29.47 65.96 42.74
N ASP G 119 -28.24 66.33 42.37
CA ASP G 119 -28.05 67.27 41.27
C ASP G 119 -28.53 66.69 39.94
N TYR G 120 -28.41 65.37 39.76
CA TYR G 120 -28.93 64.75 38.55
C TYR G 120 -30.45 64.85 38.46
N CYS G 121 -31.13 64.56 39.57
CA CYS G 121 -32.59 64.58 39.56
C CYS G 121 -33.15 65.98 39.37
N VAL G 122 -32.38 67.02 39.70
CA VAL G 122 -32.79 68.38 39.40
C VAL G 122 -32.60 68.68 37.91
N PHE G 123 -31.48 68.21 37.35
CA PHE G 123 -31.20 68.45 35.94
C PHE G 123 -32.27 67.82 35.04
N ARG G 124 -32.77 66.65 35.40
CA ARG G 124 -33.81 65.99 34.63
C ARG G 124 -35.20 66.29 35.16
N GLY G 125 -35.32 66.98 36.29
CA GLY G 125 -36.61 67.34 36.83
C GLY G 125 -37.38 66.21 37.49
N TYR G 126 -36.70 65.38 38.27
CA TYR G 126 -37.32 64.28 38.98
C TYR G 126 -37.63 64.70 40.41
N LYS G 127 -38.86 64.48 40.85
CA LYS G 127 -39.24 64.74 42.23
C LYS G 127 -38.78 63.59 43.12
N TYR G 128 -38.21 63.93 44.28
CA TYR G 128 -37.57 62.89 45.08
C TYR G 128 -37.55 63.27 46.55
N CYS G 129 -37.35 62.24 47.39
CA CYS G 129 -37.04 62.38 48.80
C CYS G 129 -35.65 61.80 49.05
N ARG G 130 -35.12 62.05 50.25
CA ARG G 130 -33.77 61.61 50.55
C ARG G 130 -33.60 61.35 52.04
N ILE G 131 -32.94 60.24 52.36
CA ILE G 131 -32.54 59.90 53.73
C ILE G 131 -31.05 59.59 53.69
N ASP G 132 -30.24 60.41 54.35
CA ASP G 132 -28.81 60.17 54.42
C ASP G 132 -28.40 59.28 55.58
N GLY G 133 -29.23 59.19 56.62
CA GLY G 133 -28.82 58.61 57.87
C GLY G 133 -28.07 59.56 58.78
N SER G 134 -27.65 60.70 58.25
CA SER G 134 -27.29 61.86 59.06
C SER G 134 -28.49 62.78 59.25
N THR G 135 -29.62 62.46 58.62
CA THR G 135 -30.86 63.17 58.83
C THR G 135 -31.56 62.65 60.08
N ALA G 136 -32.25 63.56 60.76
CA ALA G 136 -32.78 63.26 62.08
C ALA G 136 -33.94 62.27 62.00
N HIS G 137 -34.52 61.97 63.16
CA HIS G 137 -35.61 61.00 63.25
C HIS G 137 -36.91 61.58 62.72
N GLU G 138 -37.32 62.75 63.24
CA GLU G 138 -38.53 63.38 62.74
C GLU G 138 -38.41 63.80 61.29
N ASP G 139 -37.18 63.98 60.79
CA ASP G 139 -36.97 64.29 59.38
C ASP G 139 -37.25 63.08 58.51
N ARG G 140 -36.57 61.96 58.78
CA ARG G 140 -36.72 60.79 57.95
C ARG G 140 -38.11 60.17 58.05
N ILE G 141 -38.86 60.48 59.10
CA ILE G 141 -40.27 60.09 59.15
C ILE G 141 -41.06 60.81 58.06
N ALA G 142 -40.82 62.12 57.93
CA ALA G 142 -41.53 62.91 56.93
C ALA G 142 -41.19 62.48 55.51
N ALA G 143 -39.90 62.20 55.26
CA ALA G 143 -39.50 61.77 53.92
C ALA G 143 -40.14 60.45 53.55
N ILE G 144 -40.30 59.55 54.53
CA ILE G 144 -40.96 58.28 54.26
C ILE G 144 -42.43 58.52 53.94
N ASP G 145 -43.10 59.39 54.71
CA ASP G 145 -44.51 59.62 54.52
C ASP G 145 -44.79 60.37 53.22
N GLU G 146 -43.92 61.32 52.87
CA GLU G 146 -44.09 62.04 51.61
C GLU G 146 -44.05 61.09 50.42
N TYR G 147 -43.16 60.11 50.47
CA TYR G 147 -43.08 59.14 49.38
C TYR G 147 -44.24 58.16 49.41
N ASN G 148 -44.74 57.84 50.59
CA ASN G 148 -45.85 56.90 50.75
C ASN G 148 -47.22 57.55 50.65
N LYS G 149 -47.27 58.86 50.39
CA LYS G 149 -48.56 59.53 50.29
C LYS G 149 -49.35 59.00 49.10
N PRO G 150 -50.65 58.73 49.26
CA PRO G 150 -51.47 58.30 48.13
C PRO G 150 -51.57 59.37 47.07
N GLY G 151 -50.80 59.23 46.00
CA GLY G 151 -50.69 60.28 45.00
C GLY G 151 -49.49 61.17 45.28
N SER G 152 -48.38 60.56 45.65
CA SER G 152 -47.19 61.31 46.02
C SER G 152 -46.61 62.06 44.83
N ASP G 153 -46.12 63.27 45.09
CA ASP G 153 -45.43 64.03 44.04
C ASP G 153 -44.09 63.39 43.69
N LYS G 154 -43.45 62.74 44.65
CA LYS G 154 -42.10 62.22 44.48
C LYS G 154 -42.11 60.96 43.62
N PHE G 155 -40.97 60.69 43.01
CA PHE G 155 -40.78 59.56 42.09
C PHE G 155 -39.56 58.72 42.44
N ILE G 156 -38.47 59.35 42.87
CA ILE G 156 -37.25 58.65 43.27
C ILE G 156 -37.08 58.83 44.78
N PHE G 157 -36.48 57.84 45.42
CA PHE G 157 -36.10 57.95 46.83
C PHE G 157 -34.62 57.59 46.95
N LEU G 158 -33.81 58.57 47.30
CA LEU G 158 -32.38 58.35 47.52
C LEU G 158 -32.13 57.98 48.97
N LEU G 159 -31.44 56.86 49.18
CA LEU G 159 -31.11 56.42 50.53
C LEU G 159 -29.71 55.81 50.54
N THR G 160 -29.11 55.80 51.73
CA THR G 160 -27.89 55.06 51.98
C THR G 160 -28.26 53.74 52.65
N THR G 161 -27.58 52.67 52.22
CA THR G 161 -28.03 51.31 52.48
C THR G 161 -28.34 51.08 53.96
N ARG G 162 -27.33 51.27 54.82
CA ARG G 162 -27.46 50.89 56.22
C ARG G 162 -28.39 51.82 56.98
N ALA G 163 -28.37 53.11 56.64
CA ALA G 163 -28.75 54.16 57.57
C ALA G 163 -30.25 54.45 57.63
N GLY G 164 -31.08 53.79 56.82
CA GLY G 164 -32.50 54.08 56.84
C GLY G 164 -33.20 53.67 58.11
N GLY G 165 -32.65 52.73 58.85
CA GLY G 165 -33.33 52.13 59.98
C GLY G 165 -33.65 50.67 59.73
N LEU G 166 -34.59 50.14 60.52
CA LEU G 166 -35.01 48.75 60.39
C LEU G 166 -36.52 48.68 60.45
N GLY G 167 -37.13 48.09 59.44
CA GLY G 167 -38.57 47.93 59.39
C GLY G 167 -39.34 49.07 58.78
N ILE G 168 -38.65 50.06 58.19
CA ILE G 168 -39.37 51.13 57.51
C ILE G 168 -40.07 50.57 56.28
N ASN G 169 -41.14 51.27 55.87
CA ASN G 169 -42.03 50.77 54.82
C ASN G 169 -42.02 51.73 53.65
N LEU G 170 -41.64 51.21 52.47
CA LEU G 170 -41.64 51.95 51.22
C LEU G 170 -42.29 51.12 50.13
N THR G 171 -43.45 50.53 50.44
CA THR G 171 -44.15 49.68 49.50
C THR G 171 -44.80 50.45 48.36
N THR G 172 -44.85 51.78 48.43
CA THR G 172 -45.36 52.58 47.33
C THR G 172 -44.40 52.63 46.15
N ALA G 173 -43.24 52.02 46.27
CA ALA G 173 -42.32 51.81 45.16
C ALA G 173 -42.15 50.31 44.93
N ASP G 174 -41.85 49.95 43.69
CA ASP G 174 -41.73 48.55 43.33
C ASP G 174 -40.43 48.21 42.60
N ILE G 175 -39.53 49.17 42.43
CA ILE G 175 -38.24 48.94 41.80
C ILE G 175 -37.14 49.47 42.72
N VAL G 176 -36.09 48.68 42.88
CA VAL G 176 -34.98 49.03 43.76
C VAL G 176 -33.68 48.97 42.95
N ILE G 177 -32.87 50.02 43.05
CA ILE G 177 -31.61 50.10 42.32
C ILE G 177 -30.48 50.20 43.33
N LEU G 178 -29.54 49.27 43.24
CA LEU G 178 -28.32 49.29 44.06
C LEU G 178 -27.20 49.82 43.18
N TYR G 179 -26.90 51.12 43.32
CA TYR G 179 -25.84 51.74 42.53
C TYR G 179 -24.51 51.03 42.75
N ASP G 180 -24.21 50.69 44.01
CA ASP G 180 -23.07 49.85 44.34
C ASP G 180 -23.47 48.96 45.52
N SER G 181 -22.73 47.87 45.70
CA SER G 181 -23.11 46.85 46.66
C SER G 181 -22.30 46.98 47.95
N ASP G 182 -22.86 46.44 49.02
CA ASP G 182 -22.23 46.41 50.32
C ASP G 182 -21.39 45.13 50.46
N TRP G 183 -20.39 45.20 51.35
CA TRP G 183 -19.61 43.99 51.63
C TRP G 183 -20.44 42.95 52.36
N ASN G 184 -21.48 43.38 53.07
CA ASN G 184 -22.36 42.47 53.80
C ASN G 184 -23.58 42.17 52.95
N PRO G 185 -23.83 40.90 52.62
CA PRO G 185 -24.96 40.58 51.72
C PRO G 185 -26.32 40.94 52.28
N GLN G 186 -26.51 40.83 53.60
CA GLN G 186 -27.82 41.11 54.18
C GLN G 186 -28.13 42.60 54.22
N ALA G 187 -27.11 43.46 54.15
CA ALA G 187 -27.35 44.90 54.14
C ALA G 187 -28.17 45.31 52.92
N ASP G 188 -27.77 44.83 51.74
CA ASP G 188 -28.58 45.04 50.55
C ASP G 188 -29.89 44.29 50.63
N LEU G 189 -29.89 43.12 51.28
CA LEU G 189 -31.13 42.34 51.43
C LEU G 189 -32.16 43.11 52.25
N GLN G 190 -31.71 43.75 53.33
CA GLN G 190 -32.60 44.61 54.11
C GLN G 190 -33.03 45.85 53.32
N ALA G 191 -32.26 46.22 52.29
CA ALA G 191 -32.63 47.37 51.47
C ALA G 191 -33.63 46.98 50.38
N MET G 192 -33.56 45.75 49.88
CA MET G 192 -34.58 45.28 48.94
C MET G 192 -35.92 45.10 49.64
N ASP G 193 -35.91 44.55 50.86
CA ASP G 193 -37.12 44.32 51.63
C ASP G 193 -37.73 45.59 52.19
N ARG G 194 -37.25 46.76 51.77
CA ARG G 194 -37.98 48.00 52.04
C ARG G 194 -39.17 48.17 51.12
N ALA G 195 -39.04 47.68 49.87
CA ALA G 195 -40.15 47.62 48.94
C ALA G 195 -40.78 46.24 48.84
N HIS G 196 -40.00 45.18 49.07
CA HIS G 196 -40.50 43.80 49.00
C HIS G 196 -40.86 43.35 50.42
N ARG G 197 -42.05 43.74 50.85
CA ARG G 197 -42.57 43.31 52.15
C ARG G 197 -44.09 43.44 52.11
N ILE G 198 -44.73 43.02 53.20
CA ILE G 198 -46.18 42.99 53.26
C ILE G 198 -46.73 44.39 53.02
N GLY G 199 -47.68 44.50 52.09
CA GLY G 199 -48.22 45.78 51.64
C GLY G 199 -47.93 46.07 50.18
N GLN G 200 -46.82 45.56 49.67
CA GLN G 200 -46.50 45.72 48.25
C GLN G 200 -47.43 44.87 47.40
N THR G 201 -48.05 45.50 46.41
CA THR G 201 -48.99 44.81 45.53
C THR G 201 -48.39 44.42 44.18
N LYS G 202 -47.30 45.05 43.76
CA LYS G 202 -46.74 44.85 42.44
C LYS G 202 -45.42 44.08 42.52
N GLN G 203 -44.88 43.78 41.34
CA GLN G 203 -43.66 42.99 41.23
C GLN G 203 -42.44 43.82 41.62
N VAL G 204 -41.71 43.36 42.64
CA VAL G 204 -40.50 44.04 43.09
C VAL G 204 -39.33 43.55 42.25
N VAL G 205 -38.63 44.48 41.60
CA VAL G 205 -37.47 44.17 40.76
C VAL G 205 -36.30 44.98 41.28
N VAL G 206 -35.16 44.31 41.47
CA VAL G 206 -33.96 44.94 42.04
C VAL G 206 -32.86 44.91 40.99
N TYR G 207 -32.36 46.09 40.63
CA TYR G 207 -31.23 46.23 39.73
C TYR G 207 -29.97 46.54 40.53
N ARG G 208 -28.90 45.79 40.28
CA ARG G 208 -27.63 45.94 40.97
C ARG G 208 -26.57 46.35 39.96
N PHE G 209 -26.18 47.62 39.97
CA PHE G 209 -25.15 48.12 39.07
C PHE G 209 -23.80 47.50 39.41
N VAL G 210 -23.21 46.77 38.47
CA VAL G 210 -21.92 46.11 38.66
C VAL G 210 -21.01 46.49 37.51
N THR G 211 -19.90 47.16 37.81
CA THR G 211 -18.92 47.50 36.77
C THR G 211 -18.21 46.23 36.31
N ASP G 212 -18.38 45.90 35.03
CA ASP G 212 -17.86 44.64 34.50
C ASP G 212 -16.35 44.68 34.37
N ASN G 213 -15.72 43.52 34.57
CA ASN G 213 -14.27 43.33 34.41
C ASN G 213 -13.47 44.32 35.27
N ALA G 214 -14.04 44.75 36.39
CA ALA G 214 -13.36 45.68 37.28
C ALA G 214 -13.39 45.10 38.69
N ILE G 215 -13.25 45.98 39.69
CA ILE G 215 -13.20 45.52 41.07
C ILE G 215 -14.59 45.12 41.57
N GLU G 216 -15.65 45.77 41.05
CA GLU G 216 -16.98 45.53 41.59
C GLU G 216 -17.51 44.15 41.24
N GLU G 217 -17.12 43.60 40.09
CA GLU G 217 -17.49 42.21 39.80
C GLU G 217 -16.82 41.26 40.76
N LYS G 218 -15.56 41.53 41.12
CA LYS G 218 -14.88 40.70 42.11
C LYS G 218 -15.44 40.92 43.50
N VAL G 219 -15.92 42.13 43.80
CA VAL G 219 -16.60 42.38 45.07
C VAL G 219 -17.89 41.57 45.15
N LEU G 220 -18.61 41.49 44.04
CA LEU G 220 -19.92 40.83 44.04
C LEU G 220 -19.80 39.34 44.34
N GLU G 221 -18.77 38.69 43.77
CA GLU G 221 -18.60 37.25 43.99
C GLU G 221 -18.31 36.95 45.46
N ARG G 222 -17.51 37.80 46.11
CA ARG G 222 -17.24 37.62 47.53
C ARG G 222 -18.52 37.74 48.35
N ALA G 223 -19.34 38.75 48.06
CA ALA G 223 -20.63 38.87 48.71
C ALA G 223 -21.57 37.74 48.34
N ALA G 224 -21.40 37.18 47.14
CA ALA G 224 -22.20 36.02 46.76
C ALA G 224 -21.74 34.77 47.50
N GLN G 225 -20.44 34.62 47.73
CA GLN G 225 -19.93 33.47 48.47
C GLN G 225 -20.36 33.53 49.93
N LYS G 226 -20.28 34.71 50.54
CA LYS G 226 -20.68 34.84 51.94
C LYS G 226 -22.18 34.69 52.12
N LEU G 227 -22.97 35.06 51.10
CA LEU G 227 -24.42 34.89 51.20
C LEU G 227 -24.80 33.42 51.19
N ARG G 228 -24.15 32.62 50.34
CA ARG G 228 -24.41 31.18 50.33
C ARG G 228 -23.98 30.55 51.65
N LEU G 229 -22.90 31.07 52.26
CA LEU G 229 -22.43 30.54 53.53
C LEU G 229 -23.46 30.77 54.63
N ASP G 230 -24.06 31.96 54.68
CA ASP G 230 -25.11 32.22 55.66
C ASP G 230 -26.28 31.27 55.45
N GLN G 231 -26.61 30.94 54.21
CA GLN G 231 -27.67 29.99 53.95
C GLN G 231 -27.31 28.61 54.50
N LEU G 232 -26.06 28.19 54.30
CA LEU G 232 -25.62 26.90 54.85
C LEU G 232 -25.67 26.90 56.37
N VAL G 233 -25.40 28.04 57.00
CA VAL G 233 -25.39 28.08 58.44
C VAL G 233 -26.81 28.15 59.00
N ILE G 234 -27.75 28.74 58.25
CA ILE G 234 -29.13 28.80 58.72
C ILE G 234 -29.85 27.49 58.45
N GLN G 235 -29.62 26.91 57.28
CA GLN G 235 -30.27 25.66 56.90
C GLN G 235 -29.90 24.54 57.87
N GLN G 236 -28.74 24.63 58.51
CA GLN G 236 -28.30 23.67 59.51
C GLN G 236 -28.44 24.23 60.93
N GLY G 237 -29.46 25.05 61.16
CA GLY G 237 -29.62 25.73 62.44
C GLY G 237 -29.98 24.83 63.60
N ARG G 238 -30.34 23.58 63.34
CA ARG G 238 -30.69 22.64 64.40
C ARG G 238 -29.71 21.47 64.47
N ALA G 239 -28.56 21.56 63.81
CA ALA G 239 -27.55 20.51 63.89
C ALA G 239 -27.06 20.36 65.33
N GLN G 240 -26.64 21.47 65.95
CA GLN G 240 -26.24 21.41 67.36
C GLN G 240 -27.42 21.05 68.25
N VAL G 241 -28.63 21.44 67.86
CA VAL G 241 -29.82 21.12 68.65
C VAL G 241 -30.11 19.63 68.58
N ALA G 242 -29.94 19.02 67.41
CA ALA G 242 -30.24 17.60 67.25
C ALA G 242 -29.15 16.71 67.82
N ALA G 243 -27.91 17.20 67.89
CA ALA G 243 -26.81 16.38 68.37
C ALA G 243 -26.88 16.16 69.88
N LYS G 244 -27.11 17.24 70.64
CA LYS G 244 -27.15 17.14 72.09
C LYS G 244 -28.38 16.40 72.60
N ALA G 245 -29.42 16.28 71.77
CA ALA G 245 -30.70 15.73 72.21
C ALA G 245 -30.52 14.33 72.80
N ALA G 246 -30.96 14.16 74.04
CA ALA G 246 -30.81 12.89 74.75
C ALA G 246 -31.96 11.95 74.36
N ALA G 247 -32.06 10.82 75.05
CA ALA G 247 -33.03 9.79 74.69
C ALA G 247 -34.45 10.31 74.80
N ASN G 248 -35.24 10.06 73.76
CA ASN G 248 -36.64 10.49 73.72
C ASN G 248 -37.54 9.31 74.08
N LYS G 249 -38.70 9.64 74.67
CA LYS G 249 -39.62 8.62 75.15
C LYS G 249 -40.06 7.69 74.03
N ASP G 250 -40.45 8.25 72.89
CA ASP G 250 -40.87 7.42 71.76
C ASP G 250 -39.69 6.69 71.13
N GLU G 251 -38.46 7.17 71.35
CA GLU G 251 -37.29 6.45 70.87
C GLU G 251 -36.87 5.36 71.86
N LEU G 252 -36.86 5.69 73.16
CA LEU G 252 -36.51 4.70 74.18
C LEU G 252 -37.44 3.50 74.14
N LEU G 253 -38.70 3.70 73.75
CA LEU G 253 -39.63 2.58 73.67
C LEU G 253 -39.33 1.70 72.47
N SER G 254 -39.03 2.31 71.32
CA SER G 254 -38.68 1.51 70.13
C SER G 254 -37.36 0.80 70.31
N MET G 255 -36.46 1.34 71.12
CA MET G 255 -35.24 0.62 71.48
C MET G 255 -35.56 -0.65 72.24
N ILE G 256 -36.49 -0.57 73.21
CA ILE G 256 -36.82 -1.72 74.04
C ILE G 256 -37.70 -2.70 73.28
N GLN G 257 -38.68 -2.20 72.52
CA GLN G 257 -39.62 -3.07 71.83
C GLN G 257 -39.02 -3.72 70.59
N HIS G 258 -37.85 -3.29 70.14
CA HIS G 258 -37.27 -3.80 68.90
C HIS G 258 -36.91 -5.27 69.05
N GLY G 259 -37.61 -6.12 68.31
CA GLY G 259 -37.37 -7.56 68.35
C GLY G 259 -38.01 -8.27 69.52
N ALA G 260 -38.80 -7.58 70.33
CA ALA G 260 -39.41 -8.20 71.50
C ALA G 260 -40.34 -9.34 71.13
N GLU G 261 -41.02 -9.25 69.99
CA GLU G 261 -41.90 -10.33 69.57
C GLU G 261 -41.12 -11.62 69.34
N LYS G 262 -40.08 -11.57 68.52
CA LYS G 262 -39.26 -12.75 68.28
C LYS G 262 -38.63 -13.27 69.57
N VAL G 263 -38.35 -12.36 70.52
CA VAL G 263 -37.87 -12.80 71.83
C VAL G 263 -38.98 -13.53 72.58
N PHE G 264 -40.20 -12.99 72.55
CA PHE G 264 -41.32 -13.66 73.18
C PHE G 264 -41.72 -14.93 72.42
N GLN G 265 -41.53 -14.94 71.10
CA GLN G 265 -41.88 -16.13 70.33
C GLN G 265 -40.86 -17.25 70.53
N THR G 266 -39.60 -16.89 70.76
CA THR G 266 -38.53 -17.89 70.84
C THR G 266 -38.68 -18.75 72.09
N LYS G 267 -38.65 -20.06 71.90
CA LYS G 267 -38.54 -21.01 73.00
C LYS G 267 -37.14 -21.59 73.12
N GLY G 268 -36.46 -21.79 72.00
CA GLY G 268 -35.08 -22.23 72.01
C GLY G 268 -34.12 -21.06 72.03
N ALA G 269 -33.32 -20.92 70.99
CA ALA G 269 -32.32 -19.85 70.90
C ALA G 269 -32.69 -18.90 69.76
N PHE G 270 -31.84 -17.90 69.55
CA PHE G 270 -32.08 -16.85 68.58
C PHE G 270 -31.26 -17.09 67.32
N GLY G 271 -31.47 -16.22 66.32
CA GLY G 271 -30.83 -16.27 65.01
C GLY G 271 -29.55 -17.05 64.85
N THR G 272 -28.41 -16.44 65.22
CA THR G 272 -27.13 -17.12 65.11
C THR G 272 -27.09 -18.40 65.95
N MET G 273 -27.79 -18.41 67.08
CA MET G 273 -27.79 -19.54 67.99
C MET G 273 -28.93 -20.52 67.75
N ALA G 274 -29.95 -20.13 66.99
CA ALA G 274 -30.94 -21.11 66.55
C ALA G 274 -30.51 -21.75 65.23
N GLU G 275 -30.00 -20.94 64.31
CA GLU G 275 -29.69 -21.44 62.98
C GLU G 275 -28.49 -22.39 62.99
N LYS G 276 -27.47 -22.09 63.81
CA LYS G 276 -26.25 -22.89 63.82
C LYS G 276 -25.66 -23.02 65.21
N GLY G 277 -26.49 -23.07 66.26
CA GLY G 277 -26.11 -22.48 67.52
C GLY G 277 -25.13 -23.29 68.36
N SER G 278 -24.34 -22.54 69.14
CA SER G 278 -23.44 -23.04 70.18
C SER G 278 -22.22 -23.73 69.60
N GLN G 279 -22.28 -24.12 68.33
CA GLN G 279 -21.15 -24.69 67.61
C GLN G 279 -21.03 -24.01 66.26
N LEU G 280 -19.92 -23.33 66.02
CA LEU G 280 -19.67 -22.63 64.77
C LEU G 280 -18.41 -23.18 64.11
N ASP G 281 -18.49 -23.43 62.81
CA ASP G 281 -17.32 -23.77 62.02
C ASP G 281 -16.94 -22.57 61.16
N ASP G 282 -15.69 -22.55 60.68
CA ASP G 282 -15.22 -21.33 60.05
C ASP G 282 -15.90 -21.08 58.71
N ASP G 283 -16.39 -22.15 58.07
CA ASP G 283 -17.34 -21.98 56.99
C ASP G 283 -18.61 -21.29 57.47
N ASP G 284 -19.02 -21.60 58.71
CA ASP G 284 -20.18 -20.95 59.29
C ASP G 284 -19.88 -19.52 59.74
N ILE G 285 -18.70 -19.30 60.35
CA ILE G 285 -18.36 -17.97 60.86
C ILE G 285 -18.17 -16.98 59.71
N ASP G 286 -17.64 -17.45 58.57
CA ASP G 286 -17.37 -16.53 57.48
C ASP G 286 -18.66 -16.06 56.82
N ALA G 287 -19.70 -16.90 56.85
CA ALA G 287 -21.00 -16.47 56.36
C ALA G 287 -21.58 -15.36 57.23
N ILE G 288 -21.26 -15.37 58.53
CA ILE G 288 -21.68 -14.30 59.41
C ILE G 288 -20.92 -13.02 59.09
N LEU G 289 -19.59 -13.11 59.07
CA LEU G 289 -18.76 -11.91 58.89
C LEU G 289 -19.07 -11.22 57.57
N GLN G 290 -19.16 -12.00 56.49
CA GLN G 290 -19.39 -11.41 55.17
C GLN G 290 -20.76 -10.76 55.09
N ALA G 291 -21.77 -11.39 55.71
CA ALA G 291 -23.10 -10.78 55.74
C ALA G 291 -23.10 -9.50 56.55
N GLY G 292 -22.42 -9.51 57.70
CA GLY G 292 -22.38 -8.31 58.53
C GLY G 292 -21.65 -7.16 57.85
N GLU G 293 -20.58 -7.46 57.12
CA GLU G 293 -19.88 -6.43 56.36
C GLU G 293 -20.77 -5.84 55.28
N THR G 294 -21.58 -6.68 54.64
CA THR G 294 -22.54 -6.18 53.66
C THR G 294 -23.55 -5.25 54.31
N ARG G 295 -24.15 -5.68 55.42
CA ARG G 295 -25.11 -4.84 56.13
C ARG G 295 -24.47 -3.57 56.64
N THR G 296 -23.18 -3.62 56.98
CA THR G 296 -22.51 -2.44 57.53
C THR G 296 -22.39 -1.33 56.48
N LYS G 297 -22.05 -1.70 55.24
CA LYS G 297 -21.90 -0.69 54.19
C LYS G 297 -23.24 -0.06 53.83
N GLU G 298 -24.30 -0.88 53.74
CA GLU G 298 -25.62 -0.35 53.41
C GLU G 298 -26.14 0.54 54.53
N LEU G 299 -25.91 0.16 55.78
CA LEU G 299 -26.34 0.98 56.91
C LEU G 299 -25.62 2.32 56.92
N ASN G 300 -24.32 2.32 56.61
CA ASN G 300 -23.57 3.57 56.54
C ASN G 300 -24.05 4.43 55.38
N ALA G 301 -24.02 3.88 54.17
CA ALA G 301 -24.36 4.66 52.97
C ALA G 301 -25.77 5.23 53.05
N ARG G 302 -26.70 4.49 53.64
CA ARG G 302 -28.07 4.98 53.77
C ARG G 302 -28.13 6.21 54.67
N TYR G 303 -27.30 6.24 55.71
CA TYR G 303 -27.28 7.35 56.65
C TYR G 303 -26.22 8.40 56.30
N GLU G 304 -25.14 8.00 55.63
CA GLU G 304 -24.09 8.95 55.27
C GLU G 304 -24.63 10.04 54.35
N LYS G 305 -25.43 9.66 53.36
CA LYS G 305 -25.95 10.60 52.37
C LYS G 305 -27.16 11.38 52.87
N LEU G 306 -27.46 11.33 54.16
CA LEU G 306 -28.64 12.02 54.68
C LEU G 306 -28.34 13.50 54.90
N GLY G 307 -29.41 14.26 55.14
CA GLY G 307 -29.31 15.68 55.44
C GLY G 307 -30.05 16.02 56.73
N ILE G 308 -30.06 17.32 57.02
CA ILE G 308 -30.69 17.77 58.27
C ILE G 308 -32.20 17.57 58.20
N ASP G 309 -32.79 17.57 57.00
CA ASP G 309 -34.23 17.39 56.87
C ASP G 309 -34.67 16.02 57.36
N ASP G 310 -33.87 14.98 57.10
CA ASP G 310 -34.23 13.63 57.51
C ASP G 310 -33.87 13.37 58.96
N LEU G 311 -32.70 13.85 59.40
CA LEU G 311 -32.23 13.59 60.76
C LEU G 311 -32.99 14.38 61.80
N GLN G 312 -33.69 15.44 61.41
CA GLN G 312 -34.26 16.36 62.38
C GLN G 312 -35.43 15.73 63.12
N LYS G 313 -35.43 15.88 64.44
CA LYS G 313 -36.50 15.40 65.30
C LYS G 313 -37.34 16.60 65.70
N PHE G 314 -38.52 16.72 65.10
CA PHE G 314 -39.42 17.83 65.43
C PHE G 314 -39.87 17.75 66.88
N THR G 315 -40.38 18.88 67.38
CA THR G 315 -40.78 18.96 68.78
C THR G 315 -42.02 18.11 69.08
N SER G 316 -42.83 17.79 68.08
CA SER G 316 -44.00 16.96 68.30
C SER G 316 -43.68 15.47 68.40
N GLU G 317 -42.48 15.06 67.98
CA GLU G 317 -42.07 13.67 68.13
C GLU G 317 -41.89 13.28 69.58
N SER G 318 -41.74 14.26 70.48
CA SER G 318 -41.70 13.99 71.91
C SER G 318 -43.08 13.74 72.50
N ALA G 319 -44.14 14.20 71.84
CA ALA G 319 -45.50 14.07 72.35
C ALA G 319 -46.11 12.72 71.97
N TYR G 320 -45.50 11.67 72.52
CA TYR G 320 -46.03 10.32 72.32
C TYR G 320 -47.48 10.24 72.77
N GLU G 321 -48.37 9.89 71.83
CA GLU G 321 -49.79 9.81 72.13
C GLU G 321 -50.21 8.40 72.54
N TRP G 322 -49.91 7.41 71.69
CA TRP G 322 -50.29 6.04 71.95
C TRP G 322 -49.51 5.13 71.01
N ASN G 323 -49.64 3.83 71.23
CA ASN G 323 -48.98 2.84 70.39
C ASN G 323 -49.76 2.64 69.09
N GLY G 324 -49.03 2.54 67.98
CA GLY G 324 -49.67 2.25 66.71
C GLY G 324 -50.34 0.89 66.69
N GLU G 325 -49.75 -0.09 67.38
CA GLU G 325 -50.33 -1.43 67.49
C GLU G 325 -49.60 -2.17 68.61
N ASP G 326 -50.35 -2.98 69.35
CA ASP G 326 -49.78 -3.73 70.46
C ASP G 326 -49.65 -5.22 70.11
N SER H 3 52.09 -30.06 -51.97
CA SER H 3 51.37 -29.21 -51.03
C SER H 3 51.71 -27.74 -51.26
N LEU H 4 50.73 -26.98 -51.74
CA LEU H 4 50.87 -25.55 -51.97
C LEU H 4 50.03 -24.80 -50.96
N LEU H 5 50.70 -24.02 -50.10
CA LEU H 5 50.02 -23.37 -49.00
C LEU H 5 49.14 -22.23 -49.51
N PRO H 6 47.94 -22.07 -48.94
CA PRO H 6 47.10 -20.92 -49.30
C PRO H 6 47.75 -19.61 -48.89
N LYS H 7 47.53 -18.58 -49.70
CA LYS H 7 48.20 -17.31 -49.53
C LYS H 7 47.47 -16.42 -48.53
N LYS H 8 48.25 -15.68 -47.74
CA LYS H 8 47.71 -14.70 -46.80
C LYS H 8 47.56 -13.36 -47.51
N GLU H 9 46.34 -12.83 -47.52
CA GLU H 9 46.06 -11.51 -48.10
C GLU H 9 45.76 -10.55 -46.97
N ILE H 10 46.58 -9.50 -46.85
CA ILE H 10 46.46 -8.53 -45.77
C ILE H 10 46.41 -7.14 -46.38
N ASN H 11 45.33 -6.41 -46.14
CA ASN H 11 45.27 -5.00 -46.49
C ASN H 11 46.05 -4.20 -45.46
N VAL H 12 46.85 -3.25 -45.94
CA VAL H 12 47.61 -2.35 -45.09
C VAL H 12 47.04 -0.95 -45.30
N TYR H 13 46.30 -0.45 -44.32
CA TYR H 13 45.60 0.83 -44.47
C TYR H 13 46.56 1.96 -44.08
N ILE H 14 46.75 2.91 -45.00
CA ILE H 14 47.83 3.88 -44.91
C ILE H 14 47.27 5.29 -44.95
N GLY H 15 47.79 6.16 -44.09
CA GLY H 15 47.52 7.58 -44.15
C GLY H 15 48.33 8.26 -45.24
N MET H 16 48.31 9.58 -45.20
CA MET H 16 49.01 10.38 -46.20
C MET H 16 49.86 11.44 -45.51
N SER H 17 50.87 11.93 -46.23
CA SER H 17 51.70 13.01 -45.74
C SER H 17 51.04 14.36 -45.98
N GLU H 18 51.56 15.39 -45.32
CA GLU H 18 51.02 16.73 -45.52
C GLU H 18 51.15 17.19 -46.97
N MET H 19 52.22 16.79 -47.65
CA MET H 19 52.38 17.11 -49.06
C MET H 19 51.30 16.43 -49.89
N GLN H 20 50.96 15.18 -49.56
CA GLN H 20 49.84 14.51 -50.21
C GLN H 20 48.52 15.22 -49.93
N VAL H 21 48.38 15.78 -48.72
CA VAL H 21 47.13 16.45 -48.35
C VAL H 21 46.93 17.70 -49.20
N LYS H 22 47.98 18.50 -49.37
CA LYS H 22 47.86 19.72 -50.18
C LYS H 22 47.46 19.38 -51.61
N TRP H 23 48.05 18.34 -52.18
CA TRP H 23 47.71 17.97 -53.55
C TRP H 23 46.34 17.31 -53.64
N TYR H 24 45.95 16.54 -52.61
CA TYR H 24 44.60 16.00 -52.58
C TYR H 24 43.57 17.12 -52.57
N GLN H 25 43.89 18.23 -51.90
CA GLN H 25 43.00 19.38 -51.91
C GLN H 25 42.99 20.05 -53.28
N LYS H 26 44.18 20.24 -53.88
CA LYS H 26 44.26 20.94 -55.16
C LYS H 26 43.50 20.22 -56.25
N ILE H 27 43.51 18.88 -56.23
CA ILE H 27 42.77 18.11 -57.22
C ILE H 27 41.28 18.38 -57.09
N LEU H 28 40.75 18.30 -55.86
CA LEU H 28 39.34 18.57 -55.64
C LEU H 28 39.01 20.04 -55.87
N GLU H 29 39.97 20.94 -55.64
CA GLU H 29 39.71 22.36 -55.81
C GLU H 29 39.64 22.75 -57.28
N LYS H 30 40.53 22.19 -58.10
CA LYS H 30 40.63 22.61 -59.51
C LYS H 30 39.36 22.30 -60.29
N ASP H 31 38.50 21.43 -59.77
CA ASP H 31 37.23 21.11 -60.42
C ASP H 31 36.21 20.78 -59.34
N ILE H 32 36.01 21.71 -58.41
CA ILE H 32 35.09 21.48 -57.30
C ILE H 32 33.64 21.44 -57.77
N ASP H 33 33.35 22.00 -58.95
CA ASP H 33 32.00 21.90 -59.51
C ASP H 33 31.68 20.45 -59.88
N ALA H 34 32.66 19.72 -60.41
CA ALA H 34 32.47 18.31 -60.73
C ALA H 34 32.52 17.42 -59.50
N VAL H 35 33.37 17.77 -58.52
CA VAL H 35 33.45 16.99 -57.30
C VAL H 35 32.13 17.04 -56.53
N ASN H 36 31.48 18.21 -56.55
CA ASN H 36 30.14 18.33 -55.98
C ASN H 36 29.08 17.67 -56.85
N GLY H 37 29.44 17.24 -58.05
CA GLY H 37 28.50 16.57 -58.94
C GLY H 37 27.39 17.48 -59.44
N ALA H 38 27.77 18.64 -59.97
CA ALA H 38 26.82 19.61 -60.48
C ALA H 38 26.81 19.68 -62.01
N GLY H 39 27.33 18.65 -62.67
CA GLY H 39 27.34 18.60 -64.12
C GLY H 39 26.11 17.91 -64.68
N GLY H 40 25.97 17.99 -66.00
CA GLY H 40 24.86 17.34 -66.68
C GLY H 40 25.10 15.87 -66.88
N LYS H 41 24.03 15.18 -67.29
CA LYS H 41 24.13 13.75 -67.58
C LYS H 41 24.59 13.46 -69.00
N ARG H 42 24.57 14.46 -69.88
CA ARG H 42 25.22 14.33 -71.18
C ARG H 42 26.73 14.22 -71.04
N GLU H 43 27.27 14.63 -69.89
CA GLU H 43 28.70 14.64 -69.65
C GLU H 43 29.31 13.26 -69.88
N SER H 44 30.30 13.20 -70.76
CA SER H 44 31.05 11.97 -70.94
C SER H 44 31.71 11.57 -69.63
N LYS H 45 32.00 10.27 -69.50
CA LYS H 45 32.65 9.78 -68.29
C LYS H 45 34.04 10.37 -68.08
N THR H 46 34.61 10.99 -69.12
CA THR H 46 36.00 11.42 -69.08
C THR H 46 36.25 12.42 -67.96
N ARG H 47 35.35 13.40 -67.80
CA ARG H 47 35.59 14.47 -66.85
C ARG H 47 35.73 13.94 -65.42
N LEU H 48 34.83 13.05 -65.01
CA LEU H 48 34.94 12.46 -63.68
C LEU H 48 36.06 11.43 -63.62
N LEU H 49 36.34 10.75 -64.73
CA LEU H 49 37.43 9.79 -64.74
C LEU H 49 38.79 10.46 -64.59
N ASN H 50 38.93 11.70 -65.10
CA ASN H 50 40.17 12.43 -64.92
C ASN H 50 40.45 12.71 -63.46
N ILE H 51 39.42 13.15 -62.72
CA ILE H 51 39.56 13.41 -61.29
C ILE H 51 39.97 12.14 -60.56
N VAL H 52 39.40 11.00 -60.95
CA VAL H 52 39.72 9.73 -60.29
C VAL H 52 41.20 9.39 -60.48
N MET H 53 41.70 9.54 -61.71
CA MET H 53 43.09 9.20 -61.99
C MET H 53 44.05 10.05 -61.17
N GLN H 54 43.72 11.35 -60.99
CA GLN H 54 44.59 12.23 -60.21
C GLN H 54 44.66 11.76 -58.76
N LEU H 55 43.51 11.46 -58.15
CA LEU H 55 43.51 10.98 -56.78
C LEU H 55 44.23 9.64 -56.65
N ARG H 56 44.20 8.81 -57.70
CA ARG H 56 45.02 7.61 -57.70
C ARG H 56 46.49 7.96 -57.76
N LYS H 57 46.87 8.90 -58.62
CA LYS H 57 48.25 9.37 -58.66
C LYS H 57 48.66 10.00 -57.34
N CYS H 58 47.72 10.69 -56.68
CA CYS H 58 48.02 11.34 -55.41
C CYS H 58 48.18 10.31 -54.29
N CYS H 59 47.32 9.28 -54.28
CA CYS H 59 47.43 8.24 -53.26
C CYS H 59 48.69 7.40 -53.43
N ASN H 60 49.32 7.44 -54.60
CA ASN H 60 50.57 6.70 -54.82
C ASN H 60 51.77 7.53 -54.37
N HIS H 61 52.06 8.61 -55.11
CA HIS H 61 53.17 9.48 -54.75
C HIS H 61 52.95 10.87 -55.36
N PRO H 62 53.14 11.94 -54.58
CA PRO H 62 52.91 13.29 -55.10
C PRO H 62 53.81 13.66 -56.27
N TYR H 63 54.98 13.04 -56.39
CA TYR H 63 55.94 13.43 -57.42
C TYR H 63 55.46 13.12 -58.83
N LEU H 64 54.33 12.43 -58.98
CA LEU H 64 53.79 12.16 -60.31
C LEU H 64 53.24 13.41 -60.97
N PHE H 65 52.93 14.44 -60.20
CA PHE H 65 52.47 15.70 -60.76
C PHE H 65 53.66 16.56 -61.17
N GLU H 66 53.46 17.37 -62.21
CA GLU H 66 54.50 18.27 -62.67
C GLU H 66 54.66 19.42 -61.69
N GLY H 67 55.91 19.74 -61.35
CA GLY H 67 56.17 20.80 -60.40
C GLY H 67 55.82 20.48 -58.98
N ALA H 68 55.64 19.20 -58.65
CA ALA H 68 55.34 18.78 -57.29
C ALA H 68 56.61 18.53 -56.48
N GLU H 69 57.49 17.69 -57.00
CA GLU H 69 58.77 17.42 -56.36
C GLU H 69 59.51 18.72 -56.11
N PRO H 70 60.20 18.86 -54.97
CA PRO H 70 60.94 20.10 -54.67
C PRO H 70 61.77 20.62 -55.85
N GLY H 71 61.83 21.94 -55.99
CA GLY H 71 62.45 22.58 -57.13
C GLY H 71 63.86 22.11 -57.39
N PRO H 72 64.32 22.27 -58.65
CA PRO H 72 65.64 21.84 -59.14
C PRO H 72 66.78 22.19 -58.19
N PRO H 73 67.77 21.30 -58.06
CA PRO H 73 67.87 20.05 -58.83
C PRO H 73 67.06 18.91 -58.20
N TYR H 74 66.75 17.90 -59.00
CA TYR H 74 65.99 16.74 -58.54
C TYR H 74 66.96 15.71 -58.00
N THR H 75 66.98 15.54 -56.67
CA THR H 75 67.90 14.63 -56.01
C THR H 75 67.13 13.56 -55.25
N THR H 76 67.71 12.37 -55.18
CA THR H 76 67.11 11.27 -54.43
C THR H 76 67.44 11.46 -52.95
N ASP H 77 66.41 11.74 -52.14
CA ASP H 77 66.61 12.02 -50.72
C ASP H 77 65.64 11.22 -49.85
N GLU H 78 65.53 11.60 -48.58
CA GLU H 78 64.56 10.98 -47.69
C GLU H 78 63.14 11.47 -47.95
N HIS H 79 62.99 12.67 -48.52
CA HIS H 79 61.66 13.17 -48.83
C HIS H 79 61.00 12.41 -49.97
N LEU H 80 61.78 11.63 -50.74
CA LEU H 80 61.17 10.68 -51.66
C LEU H 80 60.40 9.60 -50.92
N ILE H 81 60.71 9.39 -49.64
CA ILE H 81 60.07 8.37 -48.83
C ILE H 81 59.02 8.96 -47.90
N TYR H 82 59.31 10.09 -47.27
CA TYR H 82 58.44 10.64 -46.23
C TYR H 82 57.42 11.65 -46.77
N ASN H 83 57.36 11.86 -48.08
CA ASN H 83 56.29 12.63 -48.68
C ASN H 83 55.14 11.76 -49.17
N ALA H 84 55.30 10.45 -49.15
CA ALA H 84 54.26 9.51 -49.55
C ALA H 84 53.98 8.56 -48.40
N GLY H 85 52.70 8.43 -48.04
CA GLY H 85 52.36 7.59 -46.91
C GLY H 85 52.73 6.14 -47.11
N LYS H 86 52.56 5.63 -48.34
CA LYS H 86 52.87 4.23 -48.61
C LYS H 86 54.37 3.96 -48.53
N MET H 87 55.18 4.91 -48.96
CA MET H 87 56.63 4.70 -48.98
C MET H 87 57.20 4.55 -47.57
N VAL H 88 56.62 5.23 -46.59
CA VAL H 88 57.10 5.11 -45.21
C VAL H 88 56.91 3.68 -44.71
N VAL H 89 55.72 3.13 -44.90
CA VAL H 89 55.45 1.76 -44.48
C VAL H 89 56.23 0.78 -45.36
N LEU H 90 56.37 1.10 -46.65
CA LEU H 90 57.10 0.21 -47.55
C LEU H 90 58.56 0.07 -47.15
N ASP H 91 59.17 1.15 -46.66
CA ASP H 91 60.58 1.13 -46.32
C ASP H 91 60.86 0.13 -45.19
N LYS H 92 60.09 0.24 -44.10
CA LYS H 92 60.31 -0.66 -42.98
C LYS H 92 59.88 -2.09 -43.30
N LEU H 93 58.86 -2.25 -44.14
CA LEU H 93 58.44 -3.58 -44.55
C LEU H 93 59.52 -4.26 -45.39
N LEU H 94 60.07 -3.53 -46.36
CA LEU H 94 61.20 -4.05 -47.13
C LEU H 94 62.40 -4.32 -46.22
N LYS H 95 62.62 -3.45 -45.24
CA LYS H 95 63.74 -3.63 -44.31
C LYS H 95 63.57 -4.90 -43.49
N ARG H 96 62.34 -5.21 -43.10
CA ARG H 96 62.08 -6.40 -42.28
C ARG H 96 61.98 -7.65 -43.12
N ILE H 97 61.41 -7.55 -44.32
CA ILE H 97 61.32 -8.70 -45.22
C ILE H 97 62.71 -9.18 -45.60
N GLN H 98 63.60 -8.25 -45.96
CA GLN H 98 64.98 -8.60 -46.30
C GLN H 98 65.68 -9.27 -45.14
N LYS H 99 65.31 -8.93 -43.91
CA LYS H 99 66.00 -9.48 -42.74
C LYS H 99 65.67 -10.95 -42.53
N GLN H 100 64.44 -11.36 -42.83
CA GLN H 100 64.00 -12.74 -42.58
C GLN H 100 64.26 -13.66 -43.76
N GLY H 101 65.04 -13.23 -44.74
CA GLY H 101 65.40 -14.10 -45.86
C GLY H 101 64.26 -14.44 -46.80
N SER H 102 63.42 -13.46 -47.12
CA SER H 102 62.33 -13.65 -48.06
C SER H 102 62.50 -12.71 -49.24
N ARG H 103 62.01 -13.13 -50.40
CA ARG H 103 62.09 -12.34 -51.63
C ARG H 103 60.71 -11.87 -52.04
N VAL H 104 60.63 -10.64 -52.52
CA VAL H 104 59.37 -9.92 -52.65
C VAL H 104 59.15 -9.47 -54.09
N LEU H 105 57.91 -9.63 -54.57
CA LEU H 105 57.47 -9.06 -55.83
C LEU H 105 56.60 -7.84 -55.54
N ILE H 106 56.87 -6.72 -56.20
CA ILE H 106 56.17 -5.47 -55.98
C ILE H 106 55.48 -5.07 -57.27
N PHE H 107 54.15 -5.14 -57.28
CA PHE H 107 53.35 -4.77 -58.44
C PHE H 107 52.74 -3.39 -58.25
N SER H 108 52.41 -2.77 -59.39
CA SER H 108 51.77 -1.46 -59.38
C SER H 108 51.05 -1.25 -60.69
N GLN H 109 50.15 -0.27 -60.70
CA GLN H 109 49.38 0.07 -61.89
C GLN H 109 50.11 1.04 -62.81
N MET H 110 50.88 1.96 -62.25
CA MET H 110 51.48 3.05 -63.02
C MET H 110 52.95 2.76 -63.30
N SER H 111 53.32 2.82 -64.58
CA SER H 111 54.71 2.65 -64.95
C SER H 111 55.58 3.81 -64.48
N ARG H 112 54.97 4.98 -64.26
CA ARG H 112 55.71 6.12 -63.72
C ARG H 112 55.96 5.99 -62.22
N LEU H 113 55.23 5.11 -61.53
CA LEU H 113 55.54 4.85 -60.13
C LEU H 113 56.72 3.89 -60.02
N LEU H 114 56.81 2.90 -60.91
CA LEU H 114 57.99 2.06 -60.96
C LEU H 114 59.23 2.89 -61.25
N ASP H 115 59.08 4.02 -61.93
CA ASP H 115 60.18 4.96 -62.09
C ASP H 115 60.56 5.60 -60.75
N ILE H 116 59.60 5.75 -59.85
CA ILE H 116 59.89 6.29 -58.52
C ILE H 116 60.53 5.21 -57.65
N LEU H 117 59.97 3.99 -57.67
CA LEU H 117 60.62 2.87 -57.02
C LEU H 117 61.96 2.55 -57.66
N GLU H 118 62.17 2.95 -58.91
CA GLU H 118 63.48 2.81 -59.55
C GLU H 118 64.53 3.62 -58.80
N ASP H 119 64.22 4.88 -58.51
CA ASP H 119 65.13 5.75 -57.78
C ASP H 119 65.20 5.42 -56.29
N TYR H 120 64.16 4.79 -55.74
CA TYR H 120 64.17 4.45 -54.32
C TYR H 120 65.11 3.28 -54.04
N CYS H 121 65.06 2.24 -54.87
CA CYS H 121 65.89 1.06 -54.64
C CYS H 121 67.38 1.38 -54.79
N VAL H 122 67.72 2.40 -55.57
CA VAL H 122 69.11 2.84 -55.65
C VAL H 122 69.53 3.52 -54.35
N PHE H 123 68.62 4.30 -53.75
CA PHE H 123 68.93 5.00 -52.52
C PHE H 123 69.12 4.04 -51.34
N ARG H 124 68.48 2.88 -51.40
CA ARG H 124 68.53 1.91 -50.30
C ARG H 124 69.47 0.74 -50.58
N GLY H 125 70.10 0.70 -51.75
CA GLY H 125 71.02 -0.38 -52.05
C GLY H 125 70.36 -1.72 -52.30
N TYR H 126 69.14 -1.73 -52.82
CA TYR H 126 68.42 -2.97 -53.10
C TYR H 126 68.65 -3.36 -54.56
N LYS H 127 69.09 -4.60 -54.78
CA LYS H 127 69.21 -5.14 -56.13
C LYS H 127 67.83 -5.58 -56.63
N TYR H 128 67.55 -5.30 -57.90
CA TYR H 128 66.18 -5.46 -58.38
C TYR H 128 66.16 -5.66 -59.89
N CYS H 129 64.98 -6.09 -60.37
CA CYS H 129 64.67 -6.18 -61.79
C CYS H 129 63.39 -5.40 -62.06
N ARG H 130 63.04 -5.26 -63.33
CA ARG H 130 61.84 -4.51 -63.67
C ARG H 130 61.32 -4.92 -65.05
N ILE H 131 60.02 -5.22 -65.12
CA ILE H 131 59.31 -5.48 -66.36
C ILE H 131 58.10 -4.55 -66.42
N ASP H 132 58.03 -3.70 -67.43
CA ASP H 132 57.02 -2.66 -67.51
C ASP H 132 55.71 -3.12 -68.17
N GLY H 133 55.75 -4.15 -69.00
CA GLY H 133 54.73 -4.30 -70.01
C GLY H 133 55.00 -3.48 -71.24
N SER H 134 55.85 -2.46 -71.14
CA SER H 134 56.53 -1.82 -72.25
C SER H 134 57.90 -2.45 -72.48
N THR H 135 58.10 -3.67 -71.99
CA THR H 135 59.38 -4.36 -72.05
C THR H 135 59.35 -5.42 -73.15
N ALA H 136 60.48 -5.59 -73.82
CA ALA H 136 60.56 -6.58 -74.90
C ALA H 136 60.49 -7.99 -74.35
N HIS H 137 60.23 -8.94 -75.25
CA HIS H 137 60.03 -10.34 -74.85
C HIS H 137 61.34 -10.96 -74.38
N GLU H 138 62.35 -10.95 -75.24
CA GLU H 138 63.65 -11.52 -74.85
C GLU H 138 64.27 -10.77 -73.68
N ASP H 139 63.93 -9.49 -73.53
CA ASP H 139 64.39 -8.74 -72.37
C ASP H 139 63.76 -9.26 -71.09
N ARG H 140 62.44 -9.43 -71.08
CA ARG H 140 61.75 -9.90 -69.89
C ARG H 140 61.94 -11.39 -69.65
N ILE H 141 62.61 -12.10 -70.55
CA ILE H 141 63.07 -13.45 -70.23
C ILE H 141 64.36 -13.38 -69.40
N ALA H 142 65.27 -12.48 -69.78
CA ALA H 142 66.50 -12.29 -69.02
C ALA H 142 66.23 -11.76 -67.62
N ALA H 143 65.21 -10.90 -67.47
CA ALA H 143 64.86 -10.38 -66.15
C ALA H 143 64.23 -11.47 -65.29
N ILE H 144 63.47 -12.38 -65.89
CA ILE H 144 62.87 -13.48 -65.14
C ILE H 144 63.96 -14.46 -64.69
N ASP H 145 64.85 -14.83 -65.61
CA ASP H 145 65.91 -15.77 -65.28
C ASP H 145 66.86 -15.20 -64.24
N GLU H 146 67.25 -13.93 -64.39
CA GLU H 146 68.16 -13.31 -63.43
C GLU H 146 67.60 -13.38 -62.01
N TYR H 147 66.27 -13.21 -61.87
CA TYR H 147 65.65 -13.31 -60.57
C TYR H 147 65.48 -14.76 -60.13
N ASN H 148 65.32 -15.68 -61.08
CA ASN H 148 65.10 -17.09 -60.78
C ASN H 148 66.35 -17.94 -60.85
N LYS H 149 67.49 -17.36 -61.21
CA LYS H 149 68.73 -18.13 -61.26
C LYS H 149 69.16 -18.50 -59.84
N PRO H 150 69.66 -19.72 -59.64
CA PRO H 150 70.12 -20.11 -58.30
C PRO H 150 71.29 -19.26 -57.84
N GLY H 151 71.17 -18.70 -56.64
CA GLY H 151 72.15 -17.76 -56.14
C GLY H 151 71.98 -16.37 -56.71
N SER H 152 70.74 -15.92 -56.89
CA SER H 152 70.47 -14.66 -57.55
C SER H 152 70.87 -13.49 -56.68
N ASP H 153 71.37 -12.43 -57.33
CA ASP H 153 71.74 -11.21 -56.60
C ASP H 153 70.51 -10.40 -56.22
N LYS H 154 69.42 -10.54 -56.96
CA LYS H 154 68.27 -9.65 -56.83
C LYS H 154 67.42 -10.02 -55.62
N PHE H 155 66.58 -9.07 -55.22
CA PHE H 155 65.74 -9.22 -54.03
C PHE H 155 64.35 -8.65 -54.29
N ILE H 156 64.26 -7.57 -55.05
CA ILE H 156 63.00 -6.94 -55.40
C ILE H 156 62.75 -7.13 -56.90
N PHE H 157 61.49 -7.27 -57.27
CA PHE H 157 61.09 -7.32 -58.67
C PHE H 157 59.96 -6.32 -58.89
N LEU H 158 60.24 -5.25 -59.62
CA LEU H 158 59.25 -4.23 -59.95
C LEU H 158 58.50 -4.64 -61.21
N LEU H 159 57.17 -4.66 -61.13
CA LEU H 159 56.35 -5.05 -62.26
C LEU H 159 55.08 -4.21 -62.30
N THR H 160 54.60 -3.95 -63.52
CA THR H 160 53.25 -3.45 -63.70
C THR H 160 52.29 -4.63 -63.76
N THR H 161 51.04 -4.38 -63.36
CA THR H 161 50.04 -5.44 -63.36
C THR H 161 49.74 -5.94 -64.77
N ARG H 162 50.08 -5.15 -65.79
CA ARG H 162 49.88 -5.59 -67.18
C ARG H 162 50.70 -6.83 -67.48
N ALA H 163 52.02 -6.73 -67.34
CA ALA H 163 52.92 -7.82 -67.68
C ALA H 163 52.94 -8.94 -66.64
N GLY H 164 52.21 -8.78 -65.53
CA GLY H 164 52.19 -9.82 -64.52
C GLY H 164 51.43 -11.06 -64.97
N GLY H 165 50.24 -10.86 -65.52
CA GLY H 165 49.40 -11.97 -65.93
C GLY H 165 49.66 -12.45 -67.35
N LEU H 166 50.72 -13.22 -67.53
CA LEU H 166 51.04 -13.81 -68.82
C LEU H 166 51.26 -15.32 -68.75
N GLY H 167 51.08 -15.93 -67.58
CA GLY H 167 51.39 -17.33 -67.39
C GLY H 167 52.79 -17.59 -66.89
N ILE H 168 53.52 -16.57 -66.46
CA ILE H 168 54.91 -16.70 -66.06
C ILE H 168 55.00 -17.32 -64.67
N ASN H 169 56.22 -17.62 -64.23
CA ASN H 169 56.46 -18.31 -62.97
C ASN H 169 57.53 -17.57 -62.19
N LEU H 170 57.17 -17.10 -60.99
CA LEU H 170 58.11 -16.43 -60.09
C LEU H 170 57.94 -16.98 -58.68
N THR H 171 58.14 -18.29 -58.53
CA THR H 171 58.04 -18.93 -57.23
C THR H 171 59.32 -18.81 -56.42
N THR H 172 60.40 -18.27 -57.00
CA THR H 172 61.62 -18.06 -56.25
C THR H 172 61.47 -16.93 -55.23
N ALA H 173 60.45 -16.09 -55.39
CA ALA H 173 60.05 -15.13 -54.36
C ALA H 173 58.86 -15.70 -53.59
N ASP H 174 58.57 -15.09 -52.44
CA ASP H 174 57.50 -15.58 -51.60
C ASP H 174 56.63 -14.48 -51.00
N ILE H 175 56.83 -13.21 -51.36
CA ILE H 175 56.04 -12.11 -50.85
C ILE H 175 55.62 -11.24 -52.02
N VAL H 176 54.34 -10.86 -52.05
CA VAL H 176 53.78 -10.04 -53.11
C VAL H 176 53.22 -8.76 -52.49
N ILE H 177 53.73 -7.62 -52.92
CA ILE H 177 53.27 -6.32 -52.43
C ILE H 177 52.60 -5.60 -53.57
N LEU H 178 51.29 -5.40 -53.45
CA LEU H 178 50.52 -4.61 -54.42
C LEU H 178 50.51 -3.17 -53.95
N TYR H 179 51.25 -2.31 -54.65
CA TYR H 179 51.29 -0.89 -54.28
C TYR H 179 49.92 -0.25 -54.42
N ASP H 180 49.27 -0.46 -55.58
CA ASP H 180 47.90 -0.03 -55.79
C ASP H 180 47.17 -1.15 -56.53
N SER H 181 45.85 -1.15 -56.43
CA SER H 181 45.04 -2.22 -56.99
C SER H 181 44.38 -1.81 -58.30
N ASP H 182 44.11 -2.80 -59.13
CA ASP H 182 43.46 -2.57 -60.42
C ASP H 182 41.95 -2.53 -60.25
N TRP H 183 41.28 -1.86 -61.19
CA TRP H 183 39.82 -1.87 -61.20
C TRP H 183 39.28 -3.27 -61.41
N ASN H 184 39.99 -4.09 -62.20
CA ASN H 184 39.62 -5.48 -62.41
C ASN H 184 40.33 -6.33 -61.37
N PRO H 185 39.62 -6.89 -60.38
CA PRO H 185 40.29 -7.66 -59.32
C PRO H 185 41.04 -8.87 -59.84
N GLN H 186 40.55 -9.50 -60.91
CA GLN H 186 41.22 -10.67 -61.46
C GLN H 186 42.56 -10.34 -62.09
N ALA H 187 42.92 -9.06 -62.20
CA ALA H 187 44.25 -8.70 -62.67
C ALA H 187 45.27 -8.76 -61.54
N ASP H 188 44.89 -8.31 -60.34
CA ASP H 188 45.78 -8.44 -59.19
C ASP H 188 45.99 -9.90 -58.82
N LEU H 189 44.96 -10.73 -59.00
CA LEU H 189 45.09 -12.16 -58.74
C LEU H 189 46.02 -12.84 -59.74
N GLN H 190 46.18 -12.27 -60.94
CA GLN H 190 47.19 -12.76 -61.87
C GLN H 190 48.60 -12.44 -61.38
N ALA H 191 48.74 -11.36 -60.61
CA ALA H 191 50.03 -10.99 -60.05
C ALA H 191 50.37 -11.79 -58.79
N MET H 192 49.36 -12.09 -57.98
CA MET H 192 49.58 -12.94 -56.80
C MET H 192 50.01 -14.34 -57.22
N ASP H 193 49.40 -14.88 -58.27
CA ASP H 193 49.70 -16.21 -58.76
C ASP H 193 51.02 -16.29 -59.52
N ARG H 194 51.87 -15.28 -59.40
CA ARG H 194 53.23 -15.40 -59.90
C ARG H 194 54.11 -16.14 -58.91
N ALA H 195 53.90 -15.89 -57.62
CA ALA H 195 54.58 -16.64 -56.56
C ALA H 195 53.74 -17.83 -56.10
N HIS H 196 52.44 -17.61 -55.91
CA HIS H 196 51.54 -18.66 -55.42
C HIS H 196 51.08 -19.52 -56.59
N ARG H 197 51.95 -20.44 -57.01
CA ARG H 197 51.63 -21.39 -58.06
C ARG H 197 52.55 -22.60 -57.92
N ILE H 198 52.48 -23.51 -58.90
CA ILE H 198 53.21 -24.78 -58.81
C ILE H 198 54.70 -24.51 -58.81
N GLY H 199 55.39 -25.04 -57.79
CA GLY H 199 56.81 -24.85 -57.62
C GLY H 199 57.18 -24.03 -56.40
N GLN H 200 56.22 -23.33 -55.80
CA GLN H 200 56.48 -22.52 -54.63
C GLN H 200 56.66 -23.39 -53.40
N THR H 201 57.78 -23.21 -52.69
CA THR H 201 58.08 -24.00 -51.51
C THR H 201 57.71 -23.31 -50.20
N LYS H 202 57.65 -21.99 -50.18
CA LYS H 202 57.43 -21.24 -48.95
C LYS H 202 56.05 -20.57 -48.96
N GLN H 203 55.67 -20.06 -47.79
CA GLN H 203 54.38 -19.40 -47.64
C GLN H 203 54.36 -18.08 -48.41
N VAL H 204 53.37 -17.93 -49.29
CA VAL H 204 53.21 -16.70 -50.06
C VAL H 204 52.25 -15.77 -49.32
N VAL H 205 52.72 -14.58 -48.98
CA VAL H 205 51.92 -13.59 -48.28
C VAL H 205 51.80 -12.36 -49.17
N VAL H 206 50.57 -11.89 -49.37
CA VAL H 206 50.28 -10.75 -50.23
C VAL H 206 49.88 -9.57 -49.36
N TYR H 207 50.60 -8.46 -49.50
CA TYR H 207 50.30 -7.23 -48.80
C TYR H 207 49.75 -6.23 -49.79
N ARG H 208 48.55 -5.72 -49.52
CA ARG H 208 47.87 -4.76 -50.37
C ARG H 208 47.91 -3.39 -49.71
N PHE H 209 48.53 -2.42 -50.37
CA PHE H 209 48.60 -1.06 -49.85
C PHE H 209 47.32 -0.32 -50.18
N VAL H 210 46.61 0.13 -49.14
CA VAL H 210 45.34 0.83 -49.27
C VAL H 210 45.44 2.14 -48.52
N THR H 211 45.09 3.24 -49.18
CA THR H 211 45.06 4.54 -48.53
C THR H 211 43.74 4.67 -47.76
N ASP H 212 43.82 4.59 -46.43
CA ASP H 212 42.63 4.61 -45.60
C ASP H 212 41.94 5.97 -45.67
N ASN H 213 40.60 5.93 -45.56
CA ASN H 213 39.77 7.13 -45.51
C ASN H 213 39.96 8.02 -46.73
N ALA H 214 40.31 7.43 -47.86
CA ALA H 214 40.51 8.19 -49.10
C ALA H 214 39.78 7.48 -50.23
N ILE H 215 40.19 7.76 -51.47
CA ILE H 215 39.52 7.18 -52.63
C ILE H 215 39.92 5.71 -52.79
N GLU H 216 41.11 5.32 -52.34
CA GLU H 216 41.54 3.93 -52.50
C GLU H 216 40.76 2.99 -51.59
N GLU H 217 40.27 3.48 -50.46
CA GLU H 217 39.45 2.64 -49.58
C GLU H 217 38.11 2.32 -50.24
N LYS H 218 37.51 3.31 -50.91
CA LYS H 218 36.26 3.06 -51.63
C LYS H 218 36.50 2.19 -52.85
N VAL H 219 37.64 2.40 -53.54
CA VAL H 219 37.99 1.56 -54.68
C VAL H 219 38.09 0.10 -54.25
N LEU H 220 38.67 -0.15 -53.07
CA LEU H 220 38.81 -1.52 -52.58
C LEU H 220 37.47 -2.21 -52.45
N GLU H 221 36.43 -1.47 -52.06
CA GLU H 221 35.10 -2.06 -51.91
C GLU H 221 34.49 -2.40 -53.26
N ARG H 222 34.73 -1.56 -54.27
CA ARG H 222 34.19 -1.83 -55.60
C ARG H 222 34.80 -3.10 -56.18
N ALA H 223 36.12 -3.28 -56.01
CA ALA H 223 36.76 -4.50 -56.47
C ALA H 223 36.35 -5.70 -55.62
N ALA H 224 36.15 -5.50 -54.32
CA ALA H 224 35.67 -6.59 -53.47
C ALA H 224 34.30 -7.08 -53.88
N GLN H 225 33.46 -6.17 -54.39
CA GLN H 225 32.16 -6.59 -54.92
C GLN H 225 32.34 -7.38 -56.21
N LYS H 226 33.08 -6.82 -57.17
CA LYS H 226 33.29 -7.51 -58.44
C LYS H 226 33.90 -8.89 -58.25
N LEU H 227 34.79 -9.05 -57.25
CA LEU H 227 35.35 -10.37 -56.98
C LEU H 227 34.27 -11.34 -56.53
N ARG H 228 33.42 -10.90 -55.59
CA ARG H 228 32.33 -11.76 -55.12
C ARG H 228 31.36 -12.06 -56.25
N LEU H 229 31.08 -11.07 -57.11
CA LEU H 229 30.23 -11.31 -58.27
C LEU H 229 30.88 -12.31 -59.22
N ASP H 230 32.20 -12.20 -59.42
CA ASP H 230 32.90 -13.14 -60.28
C ASP H 230 32.78 -14.57 -59.75
N GLN H 231 32.83 -14.74 -58.43
CA GLN H 231 32.78 -16.07 -57.85
C GLN H 231 31.38 -16.67 -57.96
N LEU H 232 30.35 -15.86 -57.72
CA LEU H 232 28.98 -16.34 -57.83
C LEU H 232 28.69 -16.83 -59.25
N VAL H 233 29.18 -16.10 -60.25
CA VAL H 233 28.90 -16.48 -61.63
C VAL H 233 29.70 -17.71 -62.04
N ILE H 234 30.84 -17.97 -61.40
CA ILE H 234 31.64 -19.13 -61.74
C ILE H 234 31.05 -20.40 -61.14
N GLN H 235 30.68 -20.34 -59.86
CA GLN H 235 30.16 -21.52 -59.18
C GLN H 235 28.74 -21.86 -59.60
N GLN H 236 27.98 -20.89 -60.11
CA GLN H 236 26.65 -21.12 -60.66
C GLN H 236 26.69 -21.29 -62.18
N GLY H 237 27.87 -21.47 -62.76
CA GLY H 237 27.96 -21.63 -64.20
C GLY H 237 27.37 -22.95 -64.68
N ARG H 238 27.67 -24.04 -63.98
CA ARG H 238 27.12 -25.34 -64.33
C ARG H 238 25.62 -25.46 -64.05
N ALA H 239 25.01 -24.43 -63.47
CA ALA H 239 23.57 -24.45 -63.24
C ALA H 239 22.78 -24.38 -64.54
N GLN H 240 23.39 -23.94 -65.64
CA GLN H 240 22.71 -23.87 -66.91
C GLN H 240 22.76 -25.19 -67.68
N VAL H 241 23.89 -25.88 -67.66
CA VAL H 241 23.95 -27.21 -68.28
C VAL H 241 23.08 -28.18 -67.50
N ALA H 242 22.97 -28.01 -66.19
CA ALA H 242 22.03 -28.81 -65.40
C ALA H 242 20.60 -28.48 -65.76
N ALA H 243 20.34 -27.26 -66.22
CA ALA H 243 19.01 -26.89 -66.70
C ALA H 243 18.67 -27.54 -68.04
N LYS H 244 19.68 -27.90 -68.82
CA LYS H 244 19.46 -28.54 -70.12
C LYS H 244 19.51 -30.07 -69.97
N ALA H 247 17.06 -35.99 -69.42
CA ALA H 247 16.81 -36.93 -68.33
C ALA H 247 17.73 -38.14 -68.42
N ASN H 248 18.12 -38.68 -67.27
CA ASN H 248 19.09 -39.76 -67.20
C ASN H 248 18.45 -41.10 -67.55
N LYS H 249 19.27 -42.14 -67.53
CA LYS H 249 18.77 -43.52 -67.57
C LYS H 249 18.31 -43.96 -66.19
N ASP H 250 18.90 -43.38 -65.13
CA ASP H 250 18.50 -43.69 -63.77
C ASP H 250 17.28 -42.91 -63.34
N GLU H 251 17.12 -41.68 -63.82
CA GLU H 251 15.93 -40.90 -63.50
C GLU H 251 14.68 -41.48 -64.14
N LEU H 252 14.78 -41.91 -65.40
CA LEU H 252 13.63 -42.50 -66.08
C LEU H 252 13.19 -43.79 -65.39
N LEU H 253 14.15 -44.59 -64.92
CA LEU H 253 13.79 -45.80 -64.19
C LEU H 253 13.09 -45.48 -62.88
N SER H 254 13.67 -44.56 -62.10
CA SER H 254 13.04 -44.17 -60.83
C SER H 254 11.67 -43.54 -61.06
N MET H 255 11.52 -42.79 -62.16
CA MET H 255 10.20 -42.26 -62.51
C MET H 255 9.20 -43.39 -62.73
N ILE H 256 9.58 -44.40 -63.51
CA ILE H 256 8.69 -45.51 -63.80
C ILE H 256 8.47 -46.37 -62.56
N GLN H 257 9.52 -46.57 -61.76
CA GLN H 257 9.48 -47.48 -60.63
C GLN H 257 8.80 -46.91 -59.40
N HIS H 258 8.50 -45.60 -59.37
CA HIS H 258 8.18 -44.90 -58.12
C HIS H 258 7.16 -45.67 -57.28
N GLY H 259 5.95 -45.85 -57.82
CA GLY H 259 4.91 -46.57 -57.12
C GLY H 259 4.60 -47.94 -57.66
N ALA H 260 5.43 -48.47 -58.57
CA ALA H 260 5.14 -49.72 -59.25
C ALA H 260 4.91 -50.86 -58.26
N GLU H 261 5.67 -50.89 -57.17
CA GLU H 261 5.52 -51.95 -56.18
C GLU H 261 4.16 -51.86 -55.48
N LYS H 262 3.77 -50.66 -55.06
CA LYS H 262 2.47 -50.48 -54.43
C LYS H 262 1.32 -50.74 -55.40
N VAL H 263 1.53 -50.49 -56.69
CA VAL H 263 0.47 -50.68 -57.66
C VAL H 263 0.23 -52.17 -57.91
N PHE H 264 1.31 -52.94 -58.08
CA PHE H 264 1.18 -54.38 -58.31
C PHE H 264 0.47 -55.07 -57.15
N GLN H 265 0.62 -54.55 -55.93
CA GLN H 265 0.00 -55.19 -54.77
C GLN H 265 -1.48 -54.91 -54.68
N THR H 266 -1.94 -53.80 -55.27
CA THR H 266 -3.34 -53.41 -55.15
C THR H 266 -4.25 -54.41 -55.82
N LYS H 267 -5.40 -54.68 -55.18
CA LYS H 267 -6.43 -55.55 -55.74
C LYS H 267 -7.77 -54.85 -55.93
N GLY H 268 -7.94 -53.65 -55.39
CA GLY H 268 -9.14 -52.87 -55.63
C GLY H 268 -8.81 -51.55 -56.28
N ALA H 269 -9.08 -50.44 -55.59
CA ALA H 269 -8.68 -49.11 -56.03
C ALA H 269 -7.46 -48.68 -55.24
N PHE H 270 -6.97 -47.47 -55.53
CA PHE H 270 -5.72 -47.01 -54.96
C PHE H 270 -5.97 -46.09 -53.76
N GLY H 271 -4.97 -45.30 -53.39
CA GLY H 271 -4.93 -44.53 -52.15
C GLY H 271 -6.22 -43.86 -51.70
N THR H 272 -6.56 -42.73 -52.32
CA THR H 272 -7.75 -42.00 -51.90
C THR H 272 -9.04 -42.64 -52.40
N MET H 273 -8.97 -43.40 -53.50
CA MET H 273 -10.17 -44.02 -54.05
C MET H 273 -10.65 -45.19 -53.20
N ALA H 274 -9.75 -45.87 -52.51
CA ALA H 274 -10.13 -46.99 -51.64
C ALA H 274 -10.74 -46.47 -50.34
N ASP H 281 -18.78 -37.25 -50.27
CA ASP H 281 -18.80 -36.10 -49.37
C ASP H 281 -18.01 -34.92 -49.94
N ASP H 282 -18.55 -33.72 -49.76
CA ASP H 282 -17.70 -32.53 -49.89
C ASP H 282 -16.64 -32.50 -48.80
N ASP H 283 -16.90 -33.19 -47.68
CA ASP H 283 -15.87 -33.30 -46.66
C ASP H 283 -14.66 -34.05 -47.20
N ASP H 284 -14.90 -35.06 -48.05
CA ASP H 284 -13.80 -35.81 -48.64
C ASP H 284 -12.86 -34.94 -49.48
N ILE H 285 -13.35 -33.82 -50.03
CA ILE H 285 -12.48 -32.95 -50.82
C ILE H 285 -11.70 -31.98 -49.92
N ASP H 286 -12.29 -31.54 -48.80
CA ASP H 286 -11.58 -30.64 -47.90
C ASP H 286 -10.40 -31.33 -47.23
N ALA H 287 -10.46 -32.65 -47.07
CA ALA H 287 -9.34 -33.38 -46.52
C ALA H 287 -8.18 -33.45 -47.52
N ILE H 288 -8.51 -33.57 -48.81
CA ILE H 288 -7.47 -33.66 -49.83
C ILE H 288 -6.79 -32.31 -50.01
N LEU H 289 -7.58 -31.24 -50.13
CA LEU H 289 -7.01 -29.92 -50.37
C LEU H 289 -6.16 -29.46 -49.19
N GLN H 290 -6.58 -29.79 -47.96
CA GLN H 290 -5.82 -29.37 -46.79
C GLN H 290 -4.49 -30.12 -46.70
N ALA H 291 -4.54 -31.45 -46.81
CA ALA H 291 -3.31 -32.23 -46.77
C ALA H 291 -2.42 -31.97 -47.99
N GLY H 292 -3.03 -31.69 -49.14
CA GLY H 292 -2.25 -31.36 -50.32
C GLY H 292 -1.51 -30.05 -50.19
N GLU H 293 -2.11 -29.07 -49.52
CA GLU H 293 -1.42 -27.81 -49.27
C GLU H 293 -0.25 -28.01 -48.32
N THR H 294 -0.40 -28.91 -47.34
CA THR H 294 0.68 -29.18 -46.40
C THR H 294 1.89 -29.78 -47.10
N ARG H 295 1.66 -30.80 -47.93
CA ARG H 295 2.76 -31.39 -48.68
C ARG H 295 3.36 -30.39 -49.66
N THR H 296 2.55 -29.47 -50.17
CA THR H 296 3.07 -28.43 -51.06
C THR H 296 4.02 -27.50 -50.33
N LYS H 297 3.64 -27.08 -49.11
CA LYS H 297 4.51 -26.20 -48.33
C LYS H 297 5.87 -26.83 -48.09
N GLU H 298 5.88 -28.11 -47.67
CA GLU H 298 7.14 -28.77 -47.34
C GLU H 298 7.99 -29.00 -48.59
N LEU H 299 7.36 -29.26 -49.73
CA LEU H 299 8.11 -29.49 -50.96
C LEU H 299 8.78 -28.20 -51.43
N ASN H 300 8.01 -27.11 -51.51
CA ASN H 300 8.56 -25.84 -51.96
C ASN H 300 9.65 -25.35 -51.01
N ALA H 301 9.44 -25.52 -49.70
CA ALA H 301 10.43 -25.07 -48.72
C ALA H 301 11.73 -25.85 -48.86
N ARG H 302 11.63 -27.14 -49.18
CA ARG H 302 12.83 -27.97 -49.23
C ARG H 302 13.67 -27.65 -50.46
N TYR H 303 13.02 -27.43 -51.61
CA TYR H 303 13.73 -27.23 -52.87
C TYR H 303 14.11 -25.78 -53.13
N GLU H 304 13.22 -24.84 -52.81
CA GLU H 304 13.52 -23.42 -53.08
C GLU H 304 14.58 -22.86 -52.14
N LYS H 305 15.12 -23.65 -51.22
CA LYS H 305 16.25 -23.27 -50.40
C LYS H 305 17.54 -23.94 -50.83
N LEU H 306 17.51 -24.74 -51.88
CA LEU H 306 18.67 -25.52 -52.30
C LEU H 306 19.61 -24.68 -53.16
N GLY H 307 20.77 -25.27 -53.47
CA GLY H 307 21.76 -24.64 -54.32
C GLY H 307 22.24 -25.60 -55.39
N ILE H 308 23.21 -25.12 -56.17
CA ILE H 308 23.72 -25.91 -57.29
C ILE H 308 24.54 -27.11 -56.81
N ASP H 309 25.09 -27.05 -55.59
CA ASP H 309 25.80 -28.21 -55.06
C ASP H 309 24.92 -29.45 -55.03
N ASP H 310 23.63 -29.27 -54.74
CA ASP H 310 22.67 -30.37 -54.70
C ASP H 310 22.08 -30.65 -56.08
N LEU H 311 21.52 -29.63 -56.72
CA LEU H 311 20.77 -29.81 -57.97
C LEU H 311 21.65 -30.29 -59.12
N GLN H 312 22.96 -30.06 -59.08
CA GLN H 312 23.83 -30.45 -60.18
C GLN H 312 23.94 -31.96 -60.26
N LYS H 313 23.76 -32.50 -61.47
CA LYS H 313 23.95 -33.92 -61.73
C LYS H 313 25.39 -34.17 -62.14
N PHE H 314 26.08 -35.04 -61.42
CA PHE H 314 27.41 -35.44 -61.83
C PHE H 314 27.36 -36.16 -63.17
N THR H 315 28.51 -36.21 -63.85
CA THR H 315 28.55 -36.81 -65.17
C THR H 315 28.43 -38.33 -65.10
N SER H 316 29.03 -38.94 -64.08
CA SER H 316 28.94 -40.39 -63.92
C SER H 316 27.55 -40.85 -63.50
N GLU H 317 26.63 -39.91 -63.22
CA GLU H 317 25.29 -40.29 -62.82
C GLU H 317 24.49 -40.87 -63.99
N SER H 318 24.84 -40.48 -65.22
CA SER H 318 24.20 -41.03 -66.40
C SER H 318 24.71 -42.41 -66.79
N ALA H 319 25.69 -42.94 -66.05
CA ALA H 319 26.33 -44.21 -66.40
C ALA H 319 25.66 -45.36 -65.64
N TYR H 320 24.42 -45.66 -66.04
CA TYR H 320 23.70 -46.76 -65.43
C TYR H 320 24.47 -48.06 -65.63
N GLU H 321 24.81 -48.71 -64.52
CA GLU H 321 25.70 -49.86 -64.54
C GLU H 321 25.01 -51.13 -64.06
N TRP H 322 24.32 -51.08 -62.93
CA TRP H 322 23.51 -52.20 -62.46
C TRP H 322 22.45 -51.65 -61.50
N ASN H 323 21.72 -52.56 -60.85
CA ASN H 323 20.59 -52.21 -59.99
C ASN H 323 20.99 -52.40 -58.53
N GLY H 324 21.04 -51.30 -57.78
CA GLY H 324 21.36 -51.39 -56.37
C GLY H 324 20.29 -52.09 -55.55
N GLU H 325 19.03 -51.98 -55.97
CA GLU H 325 17.91 -52.61 -55.27
C GLU H 325 16.94 -53.16 -56.31
N ASP H 326 16.96 -54.48 -56.48
CA ASP H 326 16.06 -55.15 -57.41
C ASP H 326 14.62 -55.05 -56.92
N GLY I 14 47.58 37.95 12.20
CA GLY I 14 47.71 37.90 13.64
C GLY I 14 46.78 36.91 14.30
N ALA I 15 45.88 37.40 15.14
CA ALA I 15 44.93 36.53 15.82
C ALA I 15 43.95 35.93 14.84
N LYS I 16 43.51 34.70 15.14
CA LYS I 16 42.59 33.98 14.26
C LYS I 16 41.18 34.52 14.34
N ARG I 17 40.80 35.17 15.44
CA ARG I 17 39.46 35.71 15.60
C ARG I 17 39.24 37.00 14.82
N HIS I 18 40.04 37.23 13.78
CA HIS I 18 39.91 38.43 12.96
C HIS I 18 39.74 38.07 11.48
N GLY J 14 -26.07 76.02 45.52
CA GLY J 14 -25.62 75.42 44.29
C GLY J 14 -25.72 73.91 44.29
N ALA J 15 -24.85 73.25 43.52
CA ALA J 15 -24.85 71.80 43.47
C ALA J 15 -24.42 71.21 44.81
N LYS J 16 -25.00 70.06 45.14
CA LYS J 16 -24.69 69.43 46.42
C LYS J 16 -23.31 68.79 46.43
N ARG J 17 -22.77 68.41 45.28
CA ARG J 17 -21.46 67.80 45.25
C ARG J 17 -20.32 68.81 45.38
N HIS J 18 -20.60 70.00 45.89
CA HIS J 18 -19.57 71.02 46.11
C HIS J 18 -19.65 71.59 47.53
N GLY K 14 -8.93 46.70 -37.46
CA GLY K 14 -9.77 46.17 -38.52
C GLY K 14 -9.85 44.66 -38.49
N ALA K 15 -8.96 44.01 -39.24
CA ALA K 15 -8.93 42.56 -39.29
C ALA K 15 -8.50 41.99 -37.94
N LYS K 16 -9.03 40.80 -37.62
CA LYS K 16 -8.70 40.19 -36.35
C LYS K 16 -7.27 39.66 -36.33
N ARG K 17 -6.72 39.31 -37.49
CA ARG K 17 -5.35 38.82 -37.55
C ARG K 17 -4.31 39.94 -37.52
N HIS K 18 -4.68 41.12 -37.03
CA HIS K 18 -3.75 42.24 -36.93
C HIS K 18 -3.73 42.79 -35.51
N LYS L 2 27.13 -17.12 -26.17
CA LYS L 2 27.20 -18.49 -26.64
C LYS L 2 25.80 -19.07 -26.84
N SER L 3 25.72 -20.23 -27.47
CA SER L 3 24.43 -20.85 -27.79
C SER L 3 23.92 -21.58 -26.55
N LEU L 4 22.74 -21.17 -26.09
CA LEU L 4 22.06 -21.80 -24.94
C LEU L 4 20.80 -22.49 -25.44
N LEU L 5 20.82 -23.82 -25.47
CA LEU L 5 19.70 -24.59 -25.99
C LEU L 5 18.44 -24.33 -25.18
N PRO L 6 17.30 -24.08 -25.81
CA PRO L 6 16.05 -23.85 -25.08
C PRO L 6 15.65 -25.06 -24.24
N LYS L 7 15.03 -24.80 -23.09
CA LYS L 7 14.63 -25.87 -22.18
C LYS L 7 13.38 -26.58 -22.69
N LYS L 8 13.40 -27.91 -22.62
CA LYS L 8 12.26 -28.75 -22.94
C LYS L 8 11.49 -29.08 -21.66
N GLU L 9 10.30 -28.51 -21.51
CA GLU L 9 9.43 -28.75 -20.35
C GLU L 9 8.34 -29.76 -20.72
N ILE L 10 8.32 -30.89 -20.01
CA ILE L 10 7.36 -31.95 -20.27
C ILE L 10 6.58 -32.23 -18.99
N ASN L 11 5.25 -32.10 -19.05
CA ASN L 11 4.38 -32.55 -17.96
C ASN L 11 4.26 -34.07 -18.01
N VAL L 12 4.60 -34.72 -16.90
CA VAL L 12 4.48 -36.17 -16.78
C VAL L 12 3.29 -36.50 -15.89
N TYR L 13 2.17 -36.89 -16.50
CA TYR L 13 0.95 -37.14 -15.75
C TYR L 13 1.01 -38.50 -15.08
N ILE L 14 0.75 -38.52 -13.76
CA ILE L 14 0.96 -39.70 -12.92
C ILE L 14 -0.33 -40.03 -12.18
N GLY L 15 -0.56 -41.32 -11.98
CA GLY L 15 -1.68 -41.79 -11.18
C GLY L 15 -1.30 -41.93 -9.71
N MET L 16 -2.21 -42.52 -8.94
CA MET L 16 -2.03 -42.70 -7.51
C MET L 16 -2.06 -44.17 -7.15
N SER L 17 -1.27 -44.56 -6.16
CA SER L 17 -1.27 -45.93 -5.69
C SER L 17 -2.56 -46.21 -4.92
N GLU L 18 -2.80 -47.50 -4.65
CA GLU L 18 -3.99 -47.90 -3.90
C GLU L 18 -4.02 -47.23 -2.53
N MET L 19 -2.86 -47.05 -1.91
CA MET L 19 -2.81 -46.38 -0.61
C MET L 19 -3.19 -44.91 -0.73
N GLN L 20 -2.71 -44.23 -1.77
CA GLN L 20 -3.07 -42.83 -1.98
C GLN L 20 -4.57 -42.65 -2.17
N VAL L 21 -5.20 -43.55 -2.93
CA VAL L 21 -6.64 -43.45 -3.18
C VAL L 21 -7.41 -43.52 -1.87
N LYS L 22 -7.00 -44.41 -0.96
CA LYS L 22 -7.67 -44.53 0.33
C LYS L 22 -7.60 -43.22 1.11
N TRP L 23 -6.41 -42.60 1.17
CA TRP L 23 -6.27 -41.34 1.90
C TRP L 23 -6.96 -40.19 1.18
N TYR L 24 -6.83 -40.14 -0.16
CA TYR L 24 -7.51 -39.10 -0.93
C TYR L 24 -9.01 -39.14 -0.69
N GLN L 25 -9.58 -40.35 -0.62
CA GLN L 25 -10.99 -40.49 -0.28
C GLN L 25 -11.24 -40.05 1.16
N LYS L 26 -10.35 -40.44 2.08
CA LYS L 26 -10.51 -40.08 3.49
C LYS L 26 -10.51 -38.56 3.68
N ILE L 27 -9.64 -37.86 2.96
CA ILE L 27 -9.59 -36.40 3.05
C ILE L 27 -10.90 -35.79 2.56
N LEU L 28 -11.37 -36.24 1.39
CA LEU L 28 -12.61 -35.71 0.85
C LEU L 28 -13.79 -36.04 1.75
N GLU L 29 -13.77 -37.22 2.39
CA GLU L 29 -14.88 -37.64 3.23
C GLU L 29 -14.89 -36.89 4.57
N LYS L 30 -13.71 -36.64 5.14
CA LYS L 30 -13.65 -35.98 6.46
C LYS L 30 -14.17 -34.56 6.42
N ASP L 31 -14.38 -33.99 5.24
CA ASP L 31 -14.95 -32.66 5.11
C ASP L 31 -15.79 -32.61 3.84
N ILE L 32 -16.66 -33.60 3.67
CA ILE L 32 -17.46 -33.70 2.46
C ILE L 32 -18.43 -32.53 2.41
N ASP L 33 -18.71 -31.90 3.56
CA ASP L 33 -19.65 -30.80 3.61
C ASP L 33 -19.13 -29.60 2.81
N ALA L 34 -17.85 -29.28 2.95
CA ALA L 34 -17.24 -28.18 2.20
C ALA L 34 -17.03 -28.55 0.74
N VAL L 35 -16.73 -29.82 0.48
CA VAL L 35 -16.51 -30.30 -0.89
C VAL L 35 -17.79 -30.15 -1.68
N ASN L 36 -18.93 -30.37 -1.03
CA ASN L 36 -20.23 -30.32 -1.69
C ASN L 36 -20.56 -28.90 -2.17
N GLY L 37 -20.20 -27.87 -1.41
CA GLY L 37 -20.50 -26.52 -1.80
C GLY L 37 -20.74 -25.57 -0.65
N ALA L 38 -21.30 -26.09 0.44
CA ALA L 38 -21.57 -25.27 1.62
C ALA L 38 -20.26 -24.83 2.27
N GLU L 43 -18.93 -21.85 3.61
CA GLU L 43 -18.59 -20.67 2.81
C GLU L 43 -17.13 -20.31 2.96
N SER L 44 -16.55 -20.62 4.12
CA SER L 44 -15.18 -20.21 4.43
C SER L 44 -14.19 -20.97 3.58
N LYS L 45 -13.35 -20.25 2.83
CA LYS L 45 -12.28 -20.88 2.07
C LYS L 45 -11.19 -21.43 2.99
N THR L 46 -11.08 -20.93 4.21
CA THR L 46 -10.10 -21.47 5.16
C THR L 46 -10.34 -22.95 5.36
N ARG L 47 -11.61 -23.38 5.29
CA ARG L 47 -11.91 -24.80 5.38
C ARG L 47 -11.45 -25.51 4.11
N LEU L 48 -11.57 -24.84 2.96
CA LEU L 48 -11.14 -25.40 1.68
C LEU L 48 -9.62 -25.39 1.53
N LEU L 49 -8.96 -24.33 1.99
CA LEU L 49 -7.51 -24.25 1.88
C LEU L 49 -6.83 -25.39 2.63
N ASN L 50 -7.47 -25.88 3.69
CA ASN L 50 -6.95 -27.06 4.39
C ASN L 50 -7.12 -28.30 3.53
N ILE L 51 -8.28 -28.47 2.89
CA ILE L 51 -8.50 -29.63 2.04
C ILE L 51 -7.51 -29.65 0.90
N VAL L 52 -7.25 -28.49 0.29
CA VAL L 52 -6.30 -28.41 -0.83
C VAL L 52 -4.91 -28.88 -0.39
N MET L 53 -4.44 -28.37 0.75
CA MET L 53 -3.11 -28.72 1.22
C MET L 53 -3.01 -30.20 1.59
N GLN L 54 -4.08 -30.79 2.09
CA GLN L 54 -4.05 -32.21 2.40
C GLN L 54 -4.02 -33.05 1.13
N LEU L 55 -4.76 -32.63 0.10
CA LEU L 55 -4.75 -33.36 -1.17
C LEU L 55 -3.38 -33.27 -1.84
N ARG L 56 -2.71 -32.12 -1.73
CA ARG L 56 -1.37 -31.99 -2.30
C ARG L 56 -0.39 -32.95 -1.63
N LYS L 57 -0.49 -33.09 -0.31
CA LYS L 57 0.34 -34.04 0.42
C LYS L 57 0.08 -35.47 -0.06
N CYS L 58 -1.19 -35.80 -0.29
CA CYS L 58 -1.55 -37.13 -0.77
C CYS L 58 -1.02 -37.39 -2.17
N CYS L 59 -1.10 -36.39 -3.05
CA CYS L 59 -0.55 -36.53 -4.38
C CYS L 59 0.96 -36.69 -4.34
N ASN L 60 1.60 -36.12 -3.33
CA ASN L 60 3.05 -36.24 -3.18
C ASN L 60 3.44 -37.59 -2.58
N HIS L 61 2.97 -37.88 -1.35
CA HIS L 61 3.31 -39.14 -0.69
C HIS L 61 2.43 -39.38 0.54
N PRO L 62 1.84 -40.57 0.66
CA PRO L 62 1.02 -40.86 1.85
C PRO L 62 1.81 -40.81 3.15
N TYR L 63 3.10 -41.13 3.13
CA TYR L 63 3.87 -41.17 4.37
C TYR L 63 4.02 -39.78 4.99
N LEU L 64 3.62 -38.71 4.29
CA LEU L 64 3.55 -37.40 4.90
C LEU L 64 2.42 -37.32 5.93
N PHE L 65 1.41 -38.19 5.82
CA PHE L 65 0.40 -38.31 6.85
C PHE L 65 0.90 -39.25 7.94
N GLU L 66 0.69 -38.88 9.19
CA GLU L 66 1.16 -39.68 10.30
C GLU L 66 0.28 -40.90 10.50
N GLY L 67 0.93 -42.05 10.72
CA GLY L 67 0.22 -43.30 10.86
C GLY L 67 -0.04 -44.00 9.55
N ALA L 68 0.33 -43.39 8.42
CA ALA L 68 0.11 -44.00 7.12
C ALA L 68 1.09 -45.15 6.88
N GLU L 69 2.38 -44.88 7.02
CA GLU L 69 3.38 -45.92 6.82
C GLU L 69 3.14 -47.07 7.79
N PRO L 70 3.36 -48.31 7.36
CA PRO L 70 3.17 -49.45 8.27
C PRO L 70 3.86 -49.22 9.61
N GLY L 71 3.19 -49.65 10.68
CA GLY L 71 3.55 -49.30 12.03
C GLY L 71 4.96 -49.69 12.43
N PRO L 72 5.42 -49.21 13.59
CA PRO L 72 6.79 -49.43 14.08
C PRO L 72 7.21 -50.89 14.12
N PRO L 73 8.47 -51.18 13.77
CA PRO L 73 9.46 -50.19 13.33
C PRO L 73 9.24 -49.72 11.89
N TYR L 74 9.57 -48.47 11.60
CA TYR L 74 9.45 -47.93 10.25
C TYR L 74 10.67 -48.33 9.45
N THR L 75 10.54 -49.32 8.58
CA THR L 75 11.65 -49.82 7.79
C THR L 75 11.62 -49.22 6.38
N THR L 76 12.80 -48.91 5.85
CA THR L 76 12.93 -48.37 4.50
C THR L 76 13.12 -49.53 3.53
N ASP L 77 12.08 -49.83 2.75
CA ASP L 77 12.16 -50.89 1.76
C ASP L 77 11.52 -50.38 0.47
N GLU L 78 11.03 -51.31 -0.35
CA GLU L 78 10.40 -50.96 -1.61
C GLU L 78 9.04 -50.30 -1.40
N HIS L 79 8.44 -50.47 -0.22
CA HIS L 79 7.15 -49.85 0.07
C HIS L 79 7.22 -48.33 0.10
N LEU L 80 8.40 -47.77 0.36
CA LEU L 80 8.57 -46.33 0.24
C LEU L 80 8.33 -45.85 -1.19
N ILE L 81 8.48 -46.75 -2.16
CA ILE L 81 8.32 -46.41 -3.58
C ILE L 81 6.93 -46.76 -4.10
N TYR L 82 6.50 -48.01 -3.92
CA TYR L 82 5.28 -48.46 -4.60
C TYR L 82 3.99 -47.94 -3.96
N ASN L 83 4.08 -47.24 -2.83
CA ASN L 83 2.90 -46.63 -2.21
C ASN L 83 2.66 -45.20 -2.67
N ALA L 84 3.50 -44.66 -3.55
CA ALA L 84 3.34 -43.32 -4.08
C ALA L 84 3.49 -43.35 -5.59
N GLY L 85 2.48 -42.83 -6.29
CA GLY L 85 2.52 -42.86 -7.75
C GLY L 85 3.72 -42.15 -8.32
N LYS L 86 4.08 -40.98 -7.78
CA LYS L 86 5.21 -40.24 -8.31
C LYS L 86 6.53 -40.96 -8.06
N MET L 87 6.64 -41.69 -6.94
CA MET L 87 7.87 -42.39 -6.63
C MET L 87 8.14 -43.51 -7.63
N VAL L 88 7.09 -44.21 -8.06
CA VAL L 88 7.25 -45.29 -9.04
C VAL L 88 7.79 -44.72 -10.34
N VAL L 89 7.21 -43.63 -10.82
CA VAL L 89 7.68 -42.99 -12.04
C VAL L 89 9.10 -42.45 -11.85
N LEU L 90 9.37 -41.84 -10.70
CA LEU L 90 10.68 -41.26 -10.45
C LEU L 90 11.77 -42.33 -10.41
N ASP L 91 11.50 -43.48 -9.79
CA ASP L 91 12.56 -44.48 -9.64
C ASP L 91 13.05 -44.98 -10.99
N LYS L 92 12.13 -45.21 -11.93
CA LYS L 92 12.50 -45.65 -13.26
C LYS L 92 12.99 -44.49 -14.13
N LEU L 93 12.48 -43.29 -13.89
CA LEU L 93 12.98 -42.12 -14.61
C LEU L 93 14.42 -41.83 -14.23
N LEU L 94 14.73 -41.86 -12.93
CA LEU L 94 16.10 -41.65 -12.47
C LEU L 94 17.01 -42.75 -13.00
N LYS L 95 16.49 -43.98 -13.07
CA LYS L 95 17.29 -45.11 -13.54
C LYS L 95 17.70 -44.93 -15.00
N ARG L 96 16.81 -44.39 -15.82
CA ARG L 96 17.15 -44.09 -17.21
C ARG L 96 18.05 -42.86 -17.31
N ILE L 97 17.81 -41.87 -16.43
CA ILE L 97 18.61 -40.66 -16.44
C ILE L 97 20.08 -40.99 -16.18
N GLN L 98 20.32 -41.90 -15.24
CA GLN L 98 21.70 -42.28 -14.92
C GLN L 98 22.35 -43.04 -16.07
N LYS L 99 21.57 -43.88 -16.77
CA LYS L 99 22.14 -44.70 -17.83
C LYS L 99 22.59 -43.87 -19.02
N GLN L 100 21.91 -42.78 -19.31
CA GLN L 100 22.29 -41.88 -20.39
C GLN L 100 23.28 -40.80 -19.94
N GLY L 101 23.88 -40.96 -18.76
CA GLY L 101 24.91 -40.04 -18.31
C GLY L 101 24.41 -38.65 -17.99
N SER L 102 23.19 -38.54 -17.50
CA SER L 102 22.60 -37.26 -17.14
C SER L 102 22.44 -37.18 -15.64
N ARG L 103 22.59 -35.96 -15.11
CA ARG L 103 22.41 -35.69 -13.69
C ARG L 103 21.22 -34.76 -13.48
N VAL L 104 20.53 -34.94 -12.36
CA VAL L 104 19.20 -34.36 -12.17
C VAL L 104 19.15 -33.57 -10.87
N LEU L 105 18.55 -32.38 -10.92
CA LEU L 105 18.15 -31.63 -9.75
C LEU L 105 16.69 -31.91 -9.48
N ILE L 106 16.34 -32.22 -8.24
CA ILE L 106 14.97 -32.54 -7.85
C ILE L 106 14.48 -31.51 -6.85
N PHE L 107 13.46 -30.75 -7.24
CA PHE L 107 12.87 -29.73 -6.39
C PHE L 107 11.52 -30.20 -5.83
N SER L 108 11.13 -29.56 -4.72
CA SER L 108 9.86 -29.86 -4.07
C SER L 108 9.45 -28.69 -3.21
N GLN L 109 8.14 -28.56 -3.01
CA GLN L 109 7.60 -27.50 -2.16
C GLN L 109 7.74 -27.84 -0.68
N MET L 110 7.78 -29.13 -0.35
CA MET L 110 7.74 -29.60 1.02
C MET L 110 9.10 -30.21 1.37
N SER L 111 9.72 -29.70 2.44
CA SER L 111 11.02 -30.24 2.85
C SER L 111 10.89 -31.65 3.41
N ARG L 112 9.75 -31.97 4.02
CA ARG L 112 9.53 -33.32 4.52
C ARG L 112 9.42 -34.33 3.39
N LEU L 113 9.17 -33.87 2.16
CA LEU L 113 9.20 -34.77 1.02
C LEU L 113 10.62 -35.06 0.59
N LEU L 114 11.49 -34.05 0.62
CA LEU L 114 12.92 -34.28 0.37
C LEU L 114 13.48 -35.26 1.40
N ASP L 115 12.94 -35.22 2.63
CA ASP L 115 13.30 -36.22 3.62
C ASP L 115 12.95 -37.61 3.14
N ILE L 116 11.79 -37.76 2.49
CA ILE L 116 11.41 -39.04 1.90
C ILE L 116 12.36 -39.40 0.77
N LEU L 117 12.70 -38.42 -0.07
CA LEU L 117 13.65 -38.65 -1.16
C LEU L 117 15.05 -38.97 -0.64
N GLU L 118 15.44 -38.41 0.50
CA GLU L 118 16.73 -38.77 1.09
C GLU L 118 16.77 -40.25 1.43
N ASP L 119 15.74 -40.73 2.12
CA ASP L 119 15.66 -42.15 2.47
C ASP L 119 15.61 -43.02 1.22
N TYR L 120 15.00 -42.51 0.15
CA TYR L 120 14.99 -43.23 -1.11
C TYR L 120 16.38 -43.31 -1.72
N CYS L 121 17.10 -42.18 -1.74
CA CYS L 121 18.43 -42.15 -2.32
C CYS L 121 19.38 -43.09 -1.57
N VAL L 122 19.26 -43.12 -0.23
CA VAL L 122 20.10 -44.04 0.55
C VAL L 122 19.73 -45.48 0.25
N PHE L 123 18.43 -45.77 0.10
CA PHE L 123 17.99 -47.13 -0.18
C PHE L 123 18.45 -47.61 -1.55
N ARG L 124 18.63 -46.70 -2.50
CA ARG L 124 19.03 -47.06 -3.86
C ARG L 124 20.52 -46.86 -4.12
N GLY L 125 21.25 -46.24 -3.21
CA GLY L 125 22.66 -46.01 -3.41
C GLY L 125 22.94 -44.82 -4.28
N TYR L 126 22.04 -43.84 -4.30
CA TYR L 126 22.21 -42.64 -5.10
C TYR L 126 22.96 -41.60 -4.27
N LYS L 127 24.14 -41.22 -4.73
CA LYS L 127 24.84 -40.11 -4.10
C LYS L 127 24.08 -38.82 -4.33
N TYR L 128 23.94 -38.03 -3.28
CA TYR L 128 23.11 -36.85 -3.36
C TYR L 128 23.71 -35.72 -2.54
N CYS L 129 23.18 -34.52 -2.80
CA CYS L 129 23.43 -33.34 -2.00
C CYS L 129 22.07 -32.73 -1.67
N ARG L 130 22.06 -31.76 -0.76
CA ARG L 130 20.77 -31.18 -0.37
C ARG L 130 20.93 -29.75 0.13
N ILE L 131 20.05 -28.87 -0.36
CA ILE L 131 19.92 -27.48 0.07
C ILE L 131 18.48 -27.28 0.51
N ASP L 132 18.26 -27.12 1.82
CA ASP L 132 16.91 -27.07 2.38
C ASP L 132 16.43 -25.67 2.71
N GLY L 133 17.20 -24.62 2.41
CA GLY L 133 16.85 -23.35 2.96
C GLY L 133 17.05 -23.25 4.45
N SER L 134 17.38 -24.37 5.09
CA SER L 134 17.95 -24.42 6.43
C SER L 134 19.45 -24.76 6.39
N THR L 135 20.10 -24.60 5.24
CA THR L 135 21.47 -25.04 5.03
C THR L 135 22.42 -23.86 5.12
N ALA L 136 23.46 -23.98 5.94
CA ALA L 136 24.42 -22.88 6.09
C ALA L 136 25.08 -22.56 4.75
N HIS L 137 25.51 -21.30 4.60
CA HIS L 137 26.21 -20.85 3.39
C HIS L 137 27.42 -21.73 3.11
N GLU L 138 28.27 -21.93 4.12
CA GLU L 138 29.43 -22.79 3.95
C GLU L 138 29.01 -24.23 3.68
N ASP L 139 27.85 -24.65 4.18
CA ASP L 139 27.35 -25.99 3.86
C ASP L 139 26.71 -26.03 2.49
N ARG L 140 26.10 -24.93 2.05
CA ARG L 140 25.59 -24.86 0.68
C ARG L 140 26.73 -24.91 -0.33
N ILE L 141 27.74 -24.05 -0.14
CA ILE L 141 28.86 -24.00 -1.09
C ILE L 141 29.64 -25.31 -1.08
N ALA L 142 29.59 -26.05 0.02
CA ALA L 142 30.22 -27.37 0.05
C ALA L 142 29.46 -28.36 -0.82
N ALA L 143 28.13 -28.22 -0.88
CA ALA L 143 27.32 -29.11 -1.70
C ALA L 143 27.39 -28.72 -3.17
N ILE L 144 27.40 -27.42 -3.47
CA ILE L 144 27.53 -26.95 -4.85
C ILE L 144 28.81 -27.46 -5.48
N ASP L 145 29.94 -27.23 -4.82
CA ASP L 145 31.22 -27.63 -5.37
C ASP L 145 31.36 -29.15 -5.42
N GLU L 146 30.94 -29.86 -4.37
CA GLU L 146 31.03 -31.31 -4.37
C GLU L 146 30.21 -31.94 -5.48
N TYR L 147 29.20 -31.24 -5.99
CA TYR L 147 28.38 -31.74 -7.08
C TYR L 147 28.94 -31.34 -8.44
N ASN L 148 29.57 -30.17 -8.53
CA ASN L 148 30.06 -29.64 -9.79
C ASN L 148 31.49 -30.06 -10.13
N LYS L 149 32.29 -30.50 -9.17
CA LYS L 149 33.69 -30.79 -9.44
C LYS L 149 33.82 -31.80 -10.58
N PRO L 150 34.78 -31.59 -11.49
CA PRO L 150 34.94 -32.51 -12.63
C PRO L 150 35.17 -33.93 -12.15
N GLY L 151 34.41 -34.87 -12.74
CA GLY L 151 34.45 -36.24 -12.30
C GLY L 151 33.78 -36.46 -10.97
N SER L 152 32.72 -35.70 -10.67
CA SER L 152 32.04 -35.80 -9.39
C SER L 152 31.35 -37.15 -9.22
N ASP L 153 31.27 -37.59 -7.97
CA ASP L 153 30.59 -38.84 -7.63
C ASP L 153 29.09 -38.66 -7.45
N LYS L 154 28.64 -37.44 -7.14
CA LYS L 154 27.23 -37.19 -6.88
C LYS L 154 26.41 -37.30 -8.17
N PHE L 155 25.13 -37.60 -8.01
CA PHE L 155 24.21 -37.81 -9.12
C PHE L 155 22.89 -37.08 -8.97
N ILE L 156 22.35 -36.98 -7.75
CA ILE L 156 21.07 -36.32 -7.50
C ILE L 156 21.33 -35.13 -6.58
N PHE L 157 20.62 -34.03 -6.83
CA PHE L 157 20.71 -32.86 -5.95
C PHE L 157 19.31 -32.45 -5.53
N LEU L 158 19.00 -32.61 -4.25
CA LEU L 158 17.69 -32.30 -3.69
C LEU L 158 17.67 -30.86 -3.18
N LEU L 159 16.72 -30.07 -3.67
CA LEU L 159 16.58 -28.67 -3.26
C LEU L 159 15.09 -28.38 -3.03
N THR L 160 14.81 -27.40 -2.17
CA THR L 160 13.47 -26.85 -2.06
C THR L 160 13.30 -25.77 -3.11
N THR L 161 12.07 -25.67 -3.68
CA THR L 161 11.79 -24.70 -4.74
C THR L 161 11.99 -23.27 -4.26
N ARG L 162 11.60 -22.99 -3.02
CA ARG L 162 11.86 -21.72 -2.35
C ARG L 162 13.01 -21.86 -1.36
N ALA L 163 14.07 -22.56 -1.76
CA ALA L 163 15.31 -22.50 -0.99
C ALA L 163 15.88 -21.08 -0.94
N GLY L 164 15.64 -20.29 -1.98
CA GLY L 164 16.08 -18.91 -1.95
C GLY L 164 17.53 -18.66 -2.33
N GLY L 165 18.29 -19.68 -2.73
CA GLY L 165 19.60 -19.42 -3.30
C GLY L 165 19.49 -18.53 -4.53
N LEU L 166 20.20 -17.40 -4.50
CA LEU L 166 20.28 -16.45 -5.62
C LEU L 166 21.53 -16.75 -6.42
N GLY L 167 21.36 -16.99 -7.72
CA GLY L 167 22.53 -17.13 -8.55
C GLY L 167 23.28 -18.42 -8.32
N ILE L 168 22.61 -19.43 -7.74
CA ILE L 168 23.25 -20.71 -7.54
C ILE L 168 23.43 -21.34 -8.89
N ASN L 169 24.56 -22.00 -9.10
CA ASN L 169 24.88 -22.53 -10.41
C ASN L 169 25.10 -24.04 -10.27
N LEU L 170 24.23 -24.79 -10.92
CA LEU L 170 24.29 -26.25 -11.00
C LEU L 170 24.14 -26.66 -12.45
N THR L 171 24.92 -26.01 -13.32
CA THR L 171 24.83 -26.27 -14.75
C THR L 171 25.43 -27.62 -15.12
N THR L 172 26.12 -28.27 -14.19
CA THR L 172 26.65 -29.61 -14.44
C THR L 172 25.57 -30.67 -14.46
N ALA L 173 24.32 -30.30 -14.18
CA ALA L 173 23.17 -31.16 -14.37
C ALA L 173 22.36 -30.65 -15.56
N ASP L 174 21.69 -31.57 -16.25
CA ASP L 174 20.93 -31.23 -17.44
C ASP L 174 19.44 -31.56 -17.31
N ILE L 175 19.02 -32.14 -16.19
CA ILE L 175 17.64 -32.54 -15.99
C ILE L 175 17.12 -31.94 -14.68
N VAL L 176 15.93 -31.36 -14.73
CA VAL L 176 15.27 -30.78 -13.57
C VAL L 176 13.91 -31.43 -13.43
N ILE L 177 13.62 -31.95 -12.23
CA ILE L 177 12.35 -32.61 -11.95
C ILE L 177 11.61 -31.84 -10.87
N LEU L 178 10.47 -31.26 -11.23
CA LEU L 178 9.59 -30.57 -10.28
C LEU L 178 8.62 -31.59 -9.71
N TYR L 179 8.99 -32.17 -8.56
CA TYR L 179 8.15 -33.21 -7.95
C TYR L 179 6.72 -32.73 -7.73
N ASP L 180 6.56 -31.50 -7.25
CA ASP L 180 5.25 -30.85 -7.21
C ASP L 180 5.47 -29.40 -7.64
N SER L 181 4.37 -28.72 -7.93
CA SER L 181 4.45 -27.41 -8.56
C SER L 181 4.12 -26.30 -7.58
N ASP L 182 4.78 -25.16 -7.79
CA ASP L 182 4.53 -23.96 -7.02
C ASP L 182 3.27 -23.25 -7.54
N TRP L 183 2.57 -22.58 -6.62
CA TRP L 183 1.41 -21.80 -7.04
C TRP L 183 1.81 -20.60 -7.88
N ASN L 184 3.04 -20.12 -7.74
CA ASN L 184 3.54 -19.03 -8.56
C ASN L 184 4.48 -19.60 -9.61
N PRO L 185 4.11 -19.62 -10.89
CA PRO L 185 4.97 -20.23 -11.91
C PRO L 185 6.34 -19.58 -12.00
N GLN L 186 6.50 -18.35 -11.51
CA GLN L 186 7.79 -17.68 -11.55
C GLN L 186 8.78 -18.32 -10.59
N ALA L 187 8.30 -18.96 -9.52
CA ALA L 187 9.19 -19.62 -8.57
C ALA L 187 9.81 -20.88 -9.16
N ASP L 188 9.00 -21.65 -9.91
CA ASP L 188 9.53 -22.84 -10.56
C ASP L 188 10.55 -22.48 -11.64
N LEU L 189 10.32 -21.37 -12.34
CA LEU L 189 11.24 -20.96 -13.39
C LEU L 189 12.61 -20.61 -12.83
N GLN L 190 12.67 -20.18 -11.55
CA GLN L 190 13.97 -20.00 -10.91
C GLN L 190 14.67 -21.34 -10.70
N ALA L 191 13.91 -22.34 -10.26
CA ALA L 191 14.50 -23.66 -10.05
C ALA L 191 15.04 -24.25 -11.35
N MET L 192 14.35 -23.97 -12.47
CA MET L 192 14.86 -24.44 -13.75
C MET L 192 16.15 -23.71 -14.11
N ASP L 193 16.22 -22.41 -13.85
CA ASP L 193 17.37 -21.60 -14.20
C ASP L 193 18.51 -21.76 -13.19
N ARG L 194 18.58 -22.91 -12.53
CA ARG L 194 19.78 -23.32 -11.82
C ARG L 194 20.63 -24.28 -12.64
N ALA L 195 20.02 -24.94 -13.61
CA ALA L 195 20.71 -25.73 -14.63
C ALA L 195 20.64 -25.09 -16.00
N HIS L 196 19.49 -24.50 -16.34
CA HIS L 196 19.28 -23.83 -17.63
C HIS L 196 19.61 -22.35 -17.46
N ARG L 197 20.92 -22.05 -17.40
CA ARG L 197 21.37 -20.67 -17.34
C ARG L 197 22.68 -20.56 -18.10
N ILE L 198 23.20 -19.33 -18.18
CA ILE L 198 24.43 -19.04 -18.89
C ILE L 198 25.53 -19.91 -18.31
N GLY L 199 26.03 -20.85 -19.11
CA GLY L 199 26.99 -21.82 -18.63
C GLY L 199 26.59 -23.25 -18.98
N GLN L 200 25.30 -23.44 -19.26
CA GLN L 200 24.80 -24.75 -19.65
C GLN L 200 25.21 -25.08 -21.07
N THR L 201 25.71 -26.31 -21.27
CA THR L 201 26.16 -26.76 -22.58
C THR L 201 25.28 -27.82 -23.22
N LYS L 202 24.48 -28.53 -22.44
CA LYS L 202 23.66 -29.63 -22.93
C LYS L 202 22.18 -29.25 -22.92
N GLN L 203 21.36 -30.15 -23.45
CA GLN L 203 19.93 -29.91 -23.56
C GLN L 203 19.25 -30.08 -22.21
N VAL L 204 18.64 -29.01 -21.72
CA VAL L 204 17.94 -29.04 -20.44
C VAL L 204 16.53 -29.58 -20.66
N VAL L 205 16.20 -30.65 -19.95
CA VAL L 205 14.87 -31.26 -19.99
C VAL L 205 14.28 -31.17 -18.59
N VAL L 206 13.08 -30.61 -18.49
CA VAL L 206 12.40 -30.38 -17.21
C VAL L 206 11.13 -31.22 -17.15
N TYR L 207 11.07 -32.13 -16.18
CA TYR L 207 9.90 -32.98 -15.96
C TYR L 207 9.09 -32.45 -14.79
N ARG L 208 7.83 -32.10 -15.04
CA ARG L 208 6.93 -31.57 -14.01
C ARG L 208 5.90 -32.65 -13.67
N PHE L 209 6.08 -33.29 -12.52
CA PHE L 209 5.14 -34.34 -12.09
C PHE L 209 3.78 -33.74 -11.79
N VAL L 210 2.74 -34.32 -12.39
CA VAL L 210 1.36 -33.87 -12.21
C VAL L 210 0.49 -35.10 -11.98
N THR L 211 -0.18 -35.14 -10.83
CA THR L 211 -1.09 -36.23 -10.50
C THR L 211 -2.35 -36.10 -11.37
N ASP L 212 -2.45 -36.96 -12.39
CA ASP L 212 -3.54 -36.88 -13.35
C ASP L 212 -4.88 -37.19 -12.70
N ASN L 213 -5.92 -36.51 -13.21
CA ASN L 213 -7.30 -36.68 -12.76
C ASN L 213 -7.44 -36.42 -11.25
N ALA L 214 -6.59 -35.58 -10.71
CA ALA L 214 -6.67 -35.17 -9.31
C ALA L 214 -6.46 -33.65 -9.22
N ILE L 215 -6.26 -33.13 -8.00
CA ILE L 215 -6.14 -31.69 -7.82
C ILE L 215 -4.94 -31.13 -8.57
N GLU L 216 -3.86 -31.90 -8.70
CA GLU L 216 -2.66 -31.39 -9.33
C GLU L 216 -2.86 -31.10 -10.82
N GLU L 217 -3.79 -31.81 -11.46
CA GLU L 217 -4.06 -31.54 -12.87
C GLU L 217 -4.80 -30.21 -13.02
N LYS L 218 -5.70 -29.91 -12.08
CA LYS L 218 -6.43 -28.65 -12.14
C LYS L 218 -5.52 -27.47 -11.82
N VAL L 219 -4.60 -27.64 -10.86
CA VAL L 219 -3.63 -26.60 -10.54
C VAL L 219 -2.78 -26.28 -11.77
N LEU L 220 -2.42 -27.31 -12.53
CA LEU L 220 -1.63 -27.13 -13.75
C LEU L 220 -2.30 -26.17 -14.73
N GLU L 221 -3.64 -26.28 -14.86
CA GLU L 221 -4.35 -25.42 -15.80
C GLU L 221 -4.45 -23.98 -15.28
N ARG L 222 -4.68 -23.81 -13.99
CA ARG L 222 -4.76 -22.46 -13.43
C ARG L 222 -3.40 -21.77 -13.46
N ALA L 223 -2.31 -22.54 -13.43
CA ALA L 223 -0.99 -21.94 -13.51
C ALA L 223 -0.73 -21.37 -14.90
N ALA L 224 -1.22 -22.04 -15.95
CA ALA L 224 -1.06 -21.52 -17.31
C ALA L 224 -1.87 -20.25 -17.51
N GLN L 225 -3.01 -20.11 -16.84
CA GLN L 225 -3.80 -18.90 -16.97
C GLN L 225 -3.08 -17.70 -16.37
N LYS L 226 -2.62 -17.82 -15.13
CA LYS L 226 -1.84 -16.75 -14.51
C LYS L 226 -0.53 -16.52 -15.25
N LEU L 227 0.04 -17.59 -15.82
CA LEU L 227 1.27 -17.45 -16.60
C LEU L 227 1.04 -16.59 -17.84
N ARG L 228 -0.13 -16.73 -18.46
CA ARG L 228 -0.45 -15.91 -19.62
C ARG L 228 -0.82 -14.50 -19.21
N LEU L 229 -1.52 -14.36 -18.08
CA LEU L 229 -1.89 -13.05 -17.58
C LEU L 229 -0.67 -12.22 -17.20
N ASP L 230 0.37 -12.88 -16.69
CA ASP L 230 1.62 -12.18 -16.41
C ASP L 230 2.25 -11.67 -17.70
N GLN L 231 2.18 -12.47 -18.77
CA GLN L 231 2.65 -12.02 -20.08
C GLN L 231 1.86 -10.81 -20.55
N LEU L 232 0.55 -10.76 -20.26
CA LEU L 232 -0.27 -9.66 -20.73
C LEU L 232 0.06 -8.37 -20.00
N VAL L 233 0.32 -8.48 -18.69
CA VAL L 233 0.79 -7.35 -17.89
C VAL L 233 2.12 -6.84 -18.41
N ILE L 234 3.04 -7.76 -18.74
CA ILE L 234 4.29 -7.37 -19.36
C ILE L 234 4.03 -6.56 -20.62
N GLN L 235 3.13 -7.05 -21.47
CA GLN L 235 2.88 -6.35 -22.74
C GLN L 235 2.17 -5.02 -22.50
N GLN L 236 1.24 -4.98 -21.55
CA GLN L 236 0.59 -3.71 -21.21
C GLN L 236 1.61 -2.70 -20.72
N GLY L 237 2.61 -3.18 -19.97
CA GLY L 237 3.67 -2.28 -19.51
C GLY L 237 4.49 -1.71 -20.66
N ARG L 238 4.87 -2.56 -21.63
CA ARG L 238 5.61 -2.06 -22.78
C ARG L 238 4.80 -1.06 -23.57
N ALA L 239 3.54 -1.41 -23.85
CA ALA L 239 2.68 -0.50 -24.58
C ALA L 239 2.44 0.78 -23.80
N GLN L 240 2.44 0.70 -22.47
CA GLN L 240 2.27 1.88 -21.65
C GLN L 240 3.49 2.79 -21.71
N VAL L 241 4.70 2.20 -21.63
CA VAL L 241 5.92 3.01 -21.66
C VAL L 241 6.05 3.73 -22.99
N ALA L 242 5.80 3.01 -24.09
CA ALA L 242 5.88 3.62 -25.42
C ALA L 242 4.83 4.70 -25.62
N ALA L 243 3.65 4.54 -25.00
CA ALA L 243 2.59 5.53 -25.18
C ALA L 243 2.90 6.85 -24.49
N LYS L 244 3.52 6.81 -23.31
CA LYS L 244 3.89 8.05 -22.63
C LYS L 244 5.23 8.61 -23.11
N ALA L 245 5.96 7.89 -23.94
CA ALA L 245 7.29 8.34 -24.36
C ALA L 245 7.20 9.51 -25.33
N ALA L 246 7.99 10.54 -25.06
CA ALA L 246 8.09 11.68 -25.97
C ALA L 246 9.03 11.36 -27.14
N ALA L 247 8.94 12.20 -28.17
CA ALA L 247 9.70 12.01 -29.39
C ALA L 247 11.20 12.23 -29.16
N ASN L 248 12.02 11.39 -29.81
CA ASN L 248 13.46 11.56 -29.76
C ASN L 248 13.88 12.70 -30.70
N LYS L 249 15.16 13.08 -30.58
CA LYS L 249 15.73 14.01 -31.55
C LYS L 249 15.73 13.38 -32.94
N ASP L 250 15.87 12.06 -33.01
CA ASP L 250 15.77 11.33 -34.27
C ASP L 250 14.32 11.21 -34.73
N GLU L 251 13.40 11.00 -33.79
CA GLU L 251 11.98 10.94 -34.16
C GLU L 251 11.48 12.29 -34.63
N LEU L 252 11.89 13.37 -33.96
CA LEU L 252 11.54 14.69 -34.44
C LEU L 252 12.20 14.96 -35.78
N LEU L 253 13.41 14.44 -35.97
CA LEU L 253 14.15 14.65 -37.21
C LEU L 253 13.44 13.98 -38.39
N SER L 254 12.96 12.76 -38.21
CA SER L 254 12.25 12.07 -39.29
C SER L 254 10.96 12.79 -39.64
N MET L 255 10.34 13.46 -38.67
CA MET L 255 9.14 14.24 -38.95
C MET L 255 9.47 15.47 -39.76
N ILE L 256 10.56 16.15 -39.43
CA ILE L 256 10.96 17.35 -40.15
C ILE L 256 11.42 17.01 -41.55
N GLN L 257 12.21 15.95 -41.70
CA GLN L 257 12.79 15.61 -42.99
C GLN L 257 11.76 15.07 -43.98
N HIS L 258 10.61 14.62 -43.50
CA HIS L 258 9.60 14.01 -44.36
C HIS L 258 9.06 14.99 -45.39
N GLY L 259 9.35 14.76 -46.66
CA GLY L 259 8.90 15.63 -47.73
C GLY L 259 9.72 16.88 -47.90
N ALA L 260 10.77 17.07 -47.10
CA ALA L 260 11.59 18.27 -47.22
C ALA L 260 12.28 18.32 -48.59
N GLU L 261 12.67 17.17 -49.12
CA GLU L 261 13.31 17.13 -50.43
C GLU L 261 12.33 17.54 -51.53
N LYS L 262 11.09 17.06 -51.47
CA LYS L 262 10.10 17.42 -52.48
C LYS L 262 9.74 18.90 -52.43
N VAL L 263 9.79 19.51 -51.24
CA VAL L 263 9.51 20.94 -51.15
C VAL L 263 10.64 21.74 -51.78
N PHE L 264 11.89 21.36 -51.47
CA PHE L 264 13.02 21.98 -52.14
C PHE L 264 12.96 21.72 -53.64
N GLN L 265 12.39 20.58 -54.02
CA GLN L 265 12.25 20.22 -55.43
C GLN L 265 11.18 21.07 -56.10
N THR L 266 10.21 21.54 -55.33
CA THR L 266 9.06 22.26 -55.86
C THR L 266 9.43 23.71 -56.18
N LYS L 267 9.15 24.14 -57.41
CA LYS L 267 9.32 25.52 -57.81
C LYS L 267 8.03 26.33 -57.73
N GLY L 268 6.91 25.76 -58.17
CA GLY L 268 5.63 26.44 -58.13
C GLY L 268 4.81 26.11 -56.92
N ALA L 269 3.71 25.39 -57.11
CA ALA L 269 2.81 24.98 -56.04
C ALA L 269 3.01 23.50 -55.72
N PHE L 270 2.42 23.06 -54.61
CA PHE L 270 2.68 21.74 -54.04
C PHE L 270 1.38 20.97 -53.90
N GLY L 271 1.33 19.77 -54.50
CA GLY L 271 0.23 18.84 -54.31
C GLY L 271 -1.14 19.27 -54.79
N THR L 272 -2.10 19.31 -53.85
CA THR L 272 -3.49 19.61 -54.21
C THR L 272 -3.62 20.96 -54.90
N MET L 273 -2.93 21.98 -54.38
CA MET L 273 -2.95 23.29 -55.02
C MET L 273 -2.32 23.26 -56.40
N ALA L 274 -1.49 22.26 -56.70
CA ALA L 274 -0.94 22.13 -58.04
C ALA L 274 -1.84 21.32 -58.95
N GLU L 275 -2.58 20.35 -58.39
CA GLU L 275 -3.39 19.45 -59.21
C GLU L 275 -4.59 20.17 -59.82
N LYS L 276 -5.21 21.08 -59.07
CA LYS L 276 -6.25 21.95 -59.62
C LYS L 276 -6.28 23.21 -58.75
N GLY L 277 -5.55 24.24 -59.18
CA GLY L 277 -5.24 25.40 -58.36
C GLY L 277 -6.34 26.37 -57.97
N SER L 278 -6.57 26.49 -56.66
CA SER L 278 -7.21 27.65 -56.04
C SER L 278 -8.72 27.70 -56.19
N GLN L 279 -9.28 27.03 -57.19
CA GLN L 279 -10.72 26.95 -57.38
C GLN L 279 -11.11 25.51 -57.63
N LEU L 280 -11.96 24.95 -56.76
CA LEU L 280 -12.30 23.54 -56.77
C LEU L 280 -13.79 23.36 -57.00
N ASP L 281 -14.15 22.69 -58.10
CA ASP L 281 -15.52 22.29 -58.32
C ASP L 281 -15.87 21.13 -57.40
N ASP L 282 -17.13 20.70 -57.45
CA ASP L 282 -17.56 19.58 -56.61
C ASP L 282 -16.92 18.27 -57.07
N ASP L 283 -16.59 18.15 -58.35
CA ASP L 283 -15.86 16.97 -58.82
C ASP L 283 -14.46 16.91 -58.21
N ASP L 284 -13.86 18.07 -57.94
CA ASP L 284 -12.55 18.09 -57.30
C ASP L 284 -12.63 17.65 -55.84
N ILE L 285 -13.65 18.12 -55.12
CA ILE L 285 -13.81 17.76 -53.71
C ILE L 285 -14.18 16.29 -53.58
N ASP L 286 -14.99 15.77 -54.52
CA ASP L 286 -15.37 14.37 -54.46
C ASP L 286 -14.16 13.45 -54.67
N ALA L 287 -13.16 13.91 -55.44
CA ALA L 287 -11.97 13.09 -55.65
C ALA L 287 -11.06 13.12 -54.43
N ILE L 288 -10.96 14.28 -53.77
CA ILE L 288 -10.13 14.38 -52.57
C ILE L 288 -10.74 13.56 -51.44
N LEU L 289 -12.04 13.73 -51.19
CA LEU L 289 -12.71 12.99 -50.11
C LEU L 289 -12.74 11.49 -50.39
N GLN L 290 -12.82 11.10 -51.66
CA GLN L 290 -12.86 9.67 -51.98
C GLN L 290 -11.51 9.02 -51.71
N ALA L 291 -10.43 9.63 -52.20
CA ALA L 291 -9.10 9.12 -51.91
C ALA L 291 -8.73 9.32 -50.44
N GLY L 292 -9.25 10.38 -49.82
CA GLY L 292 -8.95 10.62 -48.41
C GLY L 292 -9.56 9.58 -47.50
N GLU L 293 -10.84 9.26 -47.72
CA GLU L 293 -11.46 8.19 -46.94
C GLU L 293 -10.80 6.85 -47.24
N THR L 294 -10.30 6.67 -48.46
CA THR L 294 -9.58 5.45 -48.81
C THR L 294 -8.27 5.33 -48.04
N ARG L 295 -7.46 6.39 -48.03
CA ARG L 295 -6.20 6.36 -47.31
C ARG L 295 -6.41 6.29 -45.81
N THR L 296 -7.54 6.80 -45.32
CA THR L 296 -7.83 6.72 -43.90
C THR L 296 -8.10 5.27 -43.48
N LYS L 297 -8.89 4.54 -44.26
CA LYS L 297 -9.15 3.13 -43.96
C LYS L 297 -7.87 2.31 -44.04
N GLU L 298 -7.05 2.55 -45.05
CA GLU L 298 -5.81 1.78 -45.20
C GLU L 298 -4.85 2.10 -44.06
N LEU L 299 -4.80 3.36 -43.63
CA LEU L 299 -3.95 3.75 -42.51
C LEU L 299 -4.41 3.09 -41.22
N ASN L 300 -5.72 3.10 -40.95
CA ASN L 300 -6.24 2.48 -39.74
C ASN L 300 -6.00 0.97 -39.75
N ALA L 301 -6.08 0.34 -40.91
CA ALA L 301 -5.91 -1.11 -40.98
C ALA L 301 -4.51 -1.52 -40.58
N ARG L 302 -3.50 -0.71 -40.94
CA ARG L 302 -2.12 -1.04 -40.58
C ARG L 302 -1.93 -1.02 -39.07
N TYR L 303 -2.59 -0.07 -38.38
CA TYR L 303 -2.42 0.06 -36.93
C TYR L 303 -3.43 -0.78 -36.16
N GLU L 304 -4.56 -1.13 -36.78
CA GLU L 304 -5.54 -1.98 -36.13
C GLU L 304 -5.06 -3.42 -36.04
N LYS L 305 -3.95 -3.78 -36.69
CA LYS L 305 -3.43 -5.13 -36.67
C LYS L 305 -2.32 -5.33 -35.64
N LEU L 306 -1.89 -4.27 -34.96
CA LEU L 306 -0.83 -4.37 -33.96
C LEU L 306 -1.46 -4.68 -32.60
N GLY L 307 -1.31 -5.92 -32.14
CA GLY L 307 -1.80 -6.33 -30.84
C GLY L 307 -0.69 -6.33 -29.80
N ILE L 308 -1.11 -6.57 -28.55
CA ILE L 308 -0.15 -6.61 -27.44
C ILE L 308 0.93 -7.66 -27.69
N ASP L 309 0.58 -8.78 -28.33
CA ASP L 309 1.54 -9.87 -28.49
C ASP L 309 2.66 -9.55 -29.47
N ASP L 310 2.56 -8.45 -30.21
CA ASP L 310 3.60 -8.02 -31.16
C ASP L 310 3.91 -6.55 -30.86
N LEU L 311 4.70 -6.32 -29.82
CA LEU L 311 5.13 -4.99 -29.43
C LEU L 311 6.65 -4.89 -29.49
N GLN L 312 7.14 -3.71 -29.84
CA GLN L 312 8.57 -3.48 -29.90
C GLN L 312 9.20 -3.63 -28.53
N LYS L 313 9.82 -4.78 -28.28
CA LYS L 313 10.46 -5.02 -26.99
C LYS L 313 11.83 -4.36 -26.96
N PHE L 314 12.09 -3.59 -25.91
CA PHE L 314 13.41 -3.04 -25.65
C PHE L 314 14.17 -3.91 -24.66
N THR L 315 13.59 -4.14 -23.48
CA THR L 315 14.05 -5.18 -22.58
C THR L 315 13.27 -6.46 -22.88
N SER L 316 13.95 -7.60 -22.85
CA SER L 316 13.34 -8.84 -23.30
C SER L 316 12.90 -9.75 -22.15
N GLU L 317 12.01 -9.26 -21.29
CA GLU L 317 11.45 -10.12 -20.26
C GLU L 317 10.22 -10.85 -20.79
N SER L 318 9.93 -11.99 -20.17
CA SER L 318 8.78 -12.79 -20.54
C SER L 318 8.32 -13.57 -19.32
N ALA L 319 7.00 -13.79 -19.23
CA ALA L 319 6.45 -14.56 -18.12
C ALA L 319 6.91 -16.01 -18.14
N TYR L 320 7.55 -16.45 -19.22
CA TYR L 320 7.98 -17.83 -19.38
C TYR L 320 9.46 -18.01 -19.14
N GLU L 321 10.13 -16.99 -18.62
CA GLU L 321 11.53 -17.05 -18.20
C GLU L 321 11.63 -16.44 -16.81
N TRP L 322 12.81 -16.59 -16.20
CA TRP L 322 12.98 -16.20 -14.80
C TRP L 322 12.90 -14.69 -14.63
N ASN L 323 12.28 -14.27 -13.53
CA ASN L 323 12.16 -12.87 -13.17
C ASN L 323 13.47 -12.28 -12.68
N GLY L 324 14.45 -13.11 -12.33
CA GLY L 324 15.56 -12.67 -11.52
C GLY L 324 15.20 -12.49 -10.06
N GLU L 325 13.94 -12.74 -9.71
CA GLU L 325 13.45 -12.55 -8.36
C GLU L 325 13.82 -13.73 -7.48
N ASP L 326 14.38 -13.44 -6.31
CA ASP L 326 14.78 -14.48 -5.37
C ASP L 326 13.58 -14.91 -4.55
N PHE L 327 13.22 -16.19 -4.65
CA PHE L 327 12.05 -16.73 -3.95
C PHE L 327 12.52 -17.50 -2.71
N ALA L 328 12.78 -16.75 -1.65
CA ALA L 328 13.10 -17.31 -0.34
C ALA L 328 11.90 -17.08 0.56
N ALA L 329 11.11 -18.14 0.78
CA ALA L 329 9.89 -18.02 1.58
C ALA L 329 10.10 -18.64 2.96
N SER M 3 -12.27 -9.80 -40.64
CA SER M 3 -13.50 -9.39 -39.96
C SER M 3 -14.26 -10.60 -39.44
N LEU M 4 -14.66 -10.55 -38.17
CA LEU M 4 -15.45 -11.60 -37.55
C LEU M 4 -16.87 -11.08 -37.35
N LEU M 5 -17.83 -11.73 -38.00
CA LEU M 5 -19.21 -11.27 -37.95
C LEU M 5 -19.76 -11.40 -36.53
N PRO M 6 -20.38 -10.34 -36.00
CA PRO M 6 -20.98 -10.43 -34.66
C PRO M 6 -22.00 -11.56 -34.57
N LYS M 7 -22.11 -12.13 -33.38
CA LYS M 7 -22.91 -13.33 -33.19
C LYS M 7 -24.39 -13.00 -32.98
N LYS M 8 -25.25 -13.84 -33.55
CA LYS M 8 -26.69 -13.74 -33.37
C LYS M 8 -27.10 -14.56 -32.15
N GLU M 9 -27.62 -13.89 -31.13
CA GLU M 9 -28.09 -14.54 -29.91
C GLU M 9 -29.61 -14.45 -29.86
N ILE M 10 -30.27 -15.62 -29.87
CA ILE M 10 -31.72 -15.70 -29.97
C ILE M 10 -32.24 -16.64 -28.88
N ASN M 11 -33.22 -16.16 -28.12
CA ASN M 11 -33.87 -16.98 -27.10
C ASN M 11 -35.08 -17.69 -27.70
N VAL M 12 -35.11 -19.00 -27.58
CA VAL M 12 -36.20 -19.82 -28.09
C VAL M 12 -37.10 -20.18 -26.92
N TYR M 13 -38.20 -19.44 -26.76
CA TYR M 13 -39.12 -19.69 -25.67
C TYR M 13 -40.01 -20.88 -26.02
N ILE M 14 -40.03 -21.88 -25.13
CA ILE M 14 -40.64 -23.18 -25.42
C ILE M 14 -41.59 -23.58 -24.30
N GLY M 15 -42.73 -24.17 -24.68
CA GLY M 15 -43.65 -24.74 -23.72
C GLY M 15 -43.25 -26.15 -23.31
N MET M 16 -44.14 -26.80 -22.58
CA MET M 16 -43.87 -28.13 -22.03
C MET M 16 -44.94 -29.12 -22.47
N SER M 17 -44.61 -30.41 -22.39
CA SER M 17 -45.57 -31.43 -22.76
C SER M 17 -46.53 -31.72 -21.62
N GLU M 18 -47.54 -32.54 -21.90
CA GLU M 18 -48.45 -32.98 -20.85
C GLU M 18 -47.70 -33.73 -19.75
N MET M 19 -46.72 -34.55 -20.13
CA MET M 19 -45.94 -35.30 -19.15
C MET M 19 -45.17 -34.36 -18.22
N GLN M 20 -44.63 -33.26 -18.78
CA GLN M 20 -43.91 -32.31 -17.95
C GLN M 20 -44.84 -31.61 -16.97
N VAL M 21 -46.11 -31.40 -17.34
CA VAL M 21 -47.05 -30.73 -16.47
C VAL M 21 -47.26 -31.52 -15.18
N LYS M 22 -47.43 -32.83 -15.30
CA LYS M 22 -47.65 -33.65 -14.12
C LYS M 22 -46.46 -33.63 -13.19
N TRP M 23 -45.25 -33.76 -13.73
CA TRP M 23 -44.05 -33.74 -12.89
C TRP M 23 -43.81 -32.36 -12.30
N TYR M 24 -44.02 -31.31 -13.09
CA TYR M 24 -43.88 -29.96 -12.57
C TYR M 24 -44.83 -29.71 -11.41
N GLN M 25 -46.05 -30.23 -11.51
CA GLN M 25 -47.01 -30.10 -10.41
C GLN M 25 -46.61 -30.96 -9.22
N LYS M 26 -46.14 -32.19 -9.48
CA LYS M 26 -45.73 -33.07 -8.39
C LYS M 26 -44.56 -32.49 -7.61
N ILE M 27 -43.61 -31.87 -8.33
CA ILE M 27 -42.51 -31.20 -7.65
C ILE M 27 -43.02 -30.05 -6.79
N LEU M 28 -43.96 -29.27 -7.33
CA LEU M 28 -44.54 -28.16 -6.57
C LEU M 28 -45.34 -28.65 -5.37
N GLU M 29 -45.94 -29.85 -5.47
CA GLU M 29 -46.80 -30.36 -4.42
C GLU M 29 -46.04 -31.05 -3.29
N LYS M 30 -45.01 -31.85 -3.62
CA LYS M 30 -44.28 -32.57 -2.58
C LYS M 30 -43.54 -31.65 -1.63
N ASP M 31 -43.50 -30.35 -1.91
CA ASP M 31 -42.92 -29.38 -1.00
C ASP M 31 -43.67 -28.05 -1.14
N ILE M 32 -45.01 -28.11 -1.03
CA ILE M 32 -45.83 -26.96 -1.40
C ILE M 32 -45.83 -25.91 -0.31
N ASP M 33 -45.68 -26.31 0.95
CA ASP M 33 -45.60 -25.35 2.05
C ASP M 33 -44.35 -24.49 1.95
N ALA M 34 -43.23 -25.09 1.53
CA ALA M 34 -42.04 -24.28 1.31
C ALA M 34 -42.26 -23.29 0.17
N VAL M 35 -43.00 -23.69 -0.86
CA VAL M 35 -43.19 -22.82 -2.04
C VAL M 35 -43.99 -21.58 -1.70
N ASN M 36 -44.90 -21.65 -0.71
CA ASN M 36 -45.76 -20.53 -0.32
C ASN M 36 -45.15 -19.64 0.77
N GLY M 37 -43.90 -19.92 1.18
CA GLY M 37 -43.16 -19.05 2.07
C GLY M 37 -43.20 -19.44 3.53
N ALA M 38 -43.40 -20.73 3.84
CA ALA M 38 -43.69 -21.08 5.21
C ALA M 38 -42.42 -21.12 6.04
N GLY M 39 -41.30 -21.37 5.39
CA GLY M 39 -40.07 -21.62 6.12
C GLY M 39 -39.60 -20.42 6.90
N GLY M 40 -38.93 -20.70 8.02
CA GLY M 40 -38.36 -19.65 8.81
C GLY M 40 -37.08 -19.10 8.19
N LYS M 41 -36.77 -17.86 8.56
CA LYS M 41 -35.61 -17.19 7.96
C LYS M 41 -34.31 -17.87 8.33
N ARG M 42 -34.25 -18.50 9.51
CA ARG M 42 -33.04 -19.17 9.98
C ARG M 42 -32.76 -20.44 9.18
N GLU M 43 -33.70 -20.81 8.29
CA GLU M 43 -33.56 -22.03 7.52
C GLU M 43 -32.36 -21.95 6.58
N SER M 44 -31.98 -23.12 6.08
CA SER M 44 -30.96 -23.21 5.05
C SER M 44 -31.58 -22.91 3.67
N LYS M 45 -30.71 -22.65 2.70
CA LYS M 45 -31.16 -22.50 1.32
C LYS M 45 -31.36 -23.83 0.63
N THR M 46 -30.95 -24.93 1.25
CA THR M 46 -30.89 -26.22 0.56
C THR M 46 -32.25 -26.63 0.01
N ARG M 47 -33.29 -26.57 0.85
CA ARG M 47 -34.61 -27.03 0.42
C ARG M 47 -35.19 -26.13 -0.67
N LEU M 48 -34.92 -24.82 -0.61
CA LEU M 48 -35.36 -23.94 -1.68
C LEU M 48 -34.60 -24.22 -2.97
N LEU M 49 -33.31 -24.55 -2.86
CA LEU M 49 -32.53 -24.88 -4.05
C LEU M 49 -32.91 -26.24 -4.61
N ASN M 50 -33.35 -27.17 -3.75
CA ASN M 50 -33.79 -28.48 -4.23
C ASN M 50 -35.01 -28.35 -5.11
N ILE M 51 -35.95 -27.48 -4.73
CA ILE M 51 -37.13 -27.24 -5.55
C ILE M 51 -36.72 -26.65 -6.90
N VAL M 52 -35.70 -25.80 -6.89
CA VAL M 52 -35.24 -25.17 -8.14
C VAL M 52 -34.62 -26.23 -9.06
N MET M 53 -33.77 -27.08 -8.50
CA MET M 53 -33.08 -28.07 -9.32
C MET M 53 -34.05 -29.03 -9.99
N GLN M 54 -35.09 -29.45 -9.25
CA GLN M 54 -36.05 -30.39 -9.81
C GLN M 54 -36.90 -29.73 -10.89
N LEU M 55 -37.26 -28.46 -10.70
CA LEU M 55 -38.04 -27.76 -11.71
C LEU M 55 -37.24 -27.56 -12.99
N ARG M 56 -35.95 -27.25 -12.88
CA ARG M 56 -35.11 -27.13 -14.06
C ARG M 56 -34.98 -28.45 -14.79
N LYS M 57 -34.86 -29.55 -14.03
CA LYS M 57 -34.82 -30.87 -14.63
C LYS M 57 -36.10 -31.16 -15.41
N CYS M 58 -37.24 -30.73 -14.88
CA CYS M 58 -38.51 -30.93 -15.58
C CYS M 58 -38.56 -30.14 -16.88
N CYS M 59 -37.98 -28.94 -16.88
CA CYS M 59 -37.93 -28.13 -18.09
C CYS M 59 -36.98 -28.71 -19.13
N ASN M 60 -35.98 -29.48 -18.70
CA ASN M 60 -35.08 -30.14 -19.64
C ASN M 60 -35.74 -31.37 -20.25
N HIS M 61 -35.90 -32.42 -19.45
CA HIS M 61 -36.52 -33.65 -19.92
C HIS M 61 -37.08 -34.43 -18.73
N PRO M 62 -38.34 -34.87 -18.79
CA PRO M 62 -38.91 -35.62 -17.66
C PRO M 62 -38.18 -36.91 -17.35
N TYR M 63 -37.53 -37.53 -18.34
CA TYR M 63 -36.84 -38.79 -18.10
C TYR M 63 -35.66 -38.63 -17.14
N LEU M 64 -35.29 -37.39 -16.80
CA LEU M 64 -34.28 -37.17 -15.77
C LEU M 64 -34.73 -37.69 -14.41
N PHE M 65 -36.04 -37.77 -14.17
CA PHE M 65 -36.57 -38.36 -12.94
C PHE M 65 -36.70 -39.87 -13.11
N GLU M 66 -36.32 -40.61 -12.08
CA GLU M 66 -36.42 -42.07 -12.13
C GLU M 66 -37.87 -42.49 -12.05
N GLY M 67 -38.28 -43.37 -12.97
CA GLY M 67 -39.65 -43.83 -13.04
C GLY M 67 -40.55 -43.02 -13.94
N ALA M 68 -40.09 -41.86 -14.42
CA ALA M 68 -40.90 -41.02 -15.28
C ALA M 68 -41.15 -41.69 -16.62
N GLU M 69 -40.08 -42.08 -17.31
CA GLU M 69 -40.21 -42.72 -18.61
C GLU M 69 -41.06 -43.98 -18.48
N PRO M 70 -41.93 -44.28 -19.48
CA PRO M 70 -42.71 -45.52 -19.46
C PRO M 70 -41.90 -46.75 -19.07
N GLY M 71 -42.50 -47.64 -18.28
CA GLY M 71 -41.80 -48.79 -17.75
C GLY M 71 -41.22 -49.74 -18.78
N THR M 75 -37.33 -48.02 -24.31
CA THR M 75 -37.06 -48.05 -25.75
C THR M 75 -36.82 -46.65 -26.30
N THR M 76 -35.88 -46.52 -27.24
CA THR M 76 -35.59 -45.24 -27.87
C THR M 76 -36.53 -45.08 -29.07
N ASP M 77 -37.54 -44.23 -28.90
CA ASP M 77 -38.59 -44.05 -29.90
C ASP M 77 -38.98 -42.57 -29.92
N GLU M 78 -40.08 -42.26 -30.62
CA GLU M 78 -40.52 -40.88 -30.78
C GLU M 78 -40.90 -40.24 -29.44
N HIS M 79 -41.41 -41.04 -28.50
CA HIS M 79 -41.81 -40.49 -27.21
C HIS M 79 -40.66 -39.78 -26.52
N LEU M 80 -39.42 -40.21 -26.78
CA LEU M 80 -38.26 -39.51 -26.29
C LEU M 80 -38.25 -38.05 -26.75
N ILE M 81 -38.70 -37.80 -27.98
CA ILE M 81 -38.70 -36.45 -28.53
C ILE M 81 -39.91 -35.67 -28.06
N TYR M 82 -41.08 -36.31 -27.95
CA TYR M 82 -42.33 -35.58 -27.76
C TYR M 82 -42.72 -35.39 -26.31
N ASN M 83 -42.02 -36.00 -25.37
CA ASN M 83 -42.31 -35.82 -23.96
C ASN M 83 -41.49 -34.72 -23.33
N ALA M 84 -40.76 -33.93 -24.13
CA ALA M 84 -40.03 -32.78 -23.64
C ALA M 84 -40.17 -31.66 -24.66
N GLY M 85 -40.68 -30.52 -24.20
CA GLY M 85 -40.96 -29.43 -25.12
C GLY M 85 -39.74 -28.97 -25.89
N LYS M 86 -38.57 -28.97 -25.23
CA LYS M 86 -37.34 -28.56 -25.91
C LYS M 86 -36.94 -29.57 -26.97
N MET M 87 -37.16 -30.86 -26.71
CA MET M 87 -36.76 -31.90 -27.66
C MET M 87 -37.53 -31.77 -28.96
N VAL M 88 -38.81 -31.39 -28.89
CA VAL M 88 -39.59 -31.18 -30.10
C VAL M 88 -39.02 -30.02 -30.91
N VAL M 89 -38.70 -28.91 -30.23
CA VAL M 89 -38.13 -27.75 -30.91
C VAL M 89 -36.76 -28.11 -31.48
N LEU M 90 -35.95 -28.85 -30.71
CA LEU M 90 -34.62 -29.22 -31.17
C LEU M 90 -34.67 -30.13 -32.40
N ASP M 91 -35.68 -31.02 -32.44
CA ASP M 91 -35.72 -32.03 -33.49
C ASP M 91 -35.87 -31.40 -34.88
N LYS M 92 -36.81 -30.47 -35.02
CA LYS M 92 -36.98 -29.79 -36.30
C LYS M 92 -35.90 -28.74 -36.53
N LEU M 93 -35.41 -28.11 -35.46
CA LEU M 93 -34.35 -27.12 -35.61
C LEU M 93 -33.05 -27.79 -36.08
N LEU M 94 -32.79 -29.01 -35.61
CA LEU M 94 -31.62 -29.75 -36.07
C LEU M 94 -31.82 -30.25 -37.50
N LYS M 95 -33.02 -30.75 -37.82
CA LYS M 95 -33.31 -31.26 -39.15
C LYS M 95 -33.16 -30.16 -40.21
N ARG M 96 -33.48 -28.92 -39.84
CA ARG M 96 -33.32 -27.79 -40.74
C ARG M 96 -31.88 -27.28 -40.75
N ILE M 97 -31.16 -27.43 -39.63
CA ILE M 97 -29.76 -27.00 -39.58
C ILE M 97 -28.90 -27.87 -40.48
N GLN M 98 -29.15 -29.18 -40.49
CA GLN M 98 -28.35 -30.09 -41.30
C GLN M 98 -28.52 -29.83 -42.79
N LYS M 99 -29.74 -29.52 -43.22
CA LYS M 99 -30.00 -29.32 -44.63
C LYS M 99 -29.27 -28.10 -45.18
N GLN M 100 -29.21 -27.02 -44.41
CA GLN M 100 -28.52 -25.81 -44.85
C GLN M 100 -27.00 -25.91 -44.66
N GLY M 101 -26.49 -27.08 -44.31
CA GLY M 101 -25.06 -27.31 -44.24
C GLY M 101 -24.36 -26.79 -43.01
N SER M 102 -25.10 -26.42 -41.97
CA SER M 102 -24.51 -25.88 -40.77
C SER M 102 -24.13 -26.98 -39.79
N ARG M 103 -23.14 -26.72 -38.96
CA ARG M 103 -22.71 -27.62 -37.90
C ARG M 103 -22.94 -26.94 -36.55
N VAL M 104 -23.35 -27.72 -35.56
CA VAL M 104 -23.92 -27.18 -34.33
C VAL M 104 -23.21 -27.74 -33.11
N LEU M 105 -22.99 -26.87 -32.12
CA LEU M 105 -22.61 -27.27 -30.78
C LEU M 105 -23.81 -27.10 -29.86
N ILE M 106 -24.02 -28.08 -28.98
CA ILE M 106 -25.13 -28.07 -28.04
C ILE M 106 -24.58 -28.20 -26.63
N PHE M 107 -24.88 -27.22 -25.78
CA PHE M 107 -24.39 -27.18 -24.41
C PHE M 107 -25.52 -27.47 -23.42
N SER M 108 -25.15 -28.06 -22.28
CA SER M 108 -26.13 -28.33 -21.24
C SER M 108 -25.44 -28.31 -19.88
N GLN M 109 -26.22 -28.02 -18.84
CA GLN M 109 -25.70 -28.04 -17.49
C GLN M 109 -25.55 -29.46 -16.96
N MET M 110 -26.35 -30.39 -17.47
CA MET M 110 -26.51 -31.71 -16.89
C MET M 110 -25.95 -32.76 -17.84
N SER M 111 -25.00 -33.56 -17.34
CA SER M 111 -24.41 -34.62 -18.16
C SER M 111 -25.42 -35.73 -18.44
N ARG M 112 -26.39 -35.94 -17.54
CA ARG M 112 -27.42 -36.93 -17.77
C ARG M 112 -28.46 -36.49 -18.80
N LEU M 113 -28.52 -35.21 -19.13
CA LEU M 113 -29.33 -34.78 -20.26
C LEU M 113 -28.61 -35.07 -21.58
N LEU M 114 -27.29 -34.92 -21.60
CA LEU M 114 -26.52 -35.32 -22.77
C LEU M 114 -26.62 -36.82 -23.02
N ASP M 115 -26.83 -37.60 -21.95
CA ASP M 115 -27.12 -39.02 -22.12
C ASP M 115 -28.40 -39.22 -22.94
N ILE M 116 -29.39 -38.35 -22.72
CA ILE M 116 -30.62 -38.42 -23.50
C ILE M 116 -30.36 -38.01 -24.94
N LEU M 117 -29.59 -36.94 -25.15
CA LEU M 117 -29.28 -36.50 -26.50
C LEU M 117 -28.44 -37.52 -27.25
N GLU M 118 -27.63 -38.31 -26.55
CA GLU M 118 -26.88 -39.37 -27.19
C GLU M 118 -27.84 -40.39 -27.82
N ASP M 119 -28.84 -40.83 -27.05
CA ASP M 119 -29.83 -41.75 -27.61
C ASP M 119 -30.64 -41.09 -28.70
N TYR M 120 -30.82 -39.77 -28.65
CA TYR M 120 -31.52 -39.06 -29.71
C TYR M 120 -30.70 -39.06 -31.00
N CYS M 121 -29.41 -38.72 -30.90
CA CYS M 121 -28.55 -38.69 -32.07
C CYS M 121 -28.40 -40.07 -32.70
N VAL M 122 -28.58 -41.14 -31.93
CA VAL M 122 -28.58 -42.48 -32.49
C VAL M 122 -29.93 -42.77 -33.15
N PHE M 123 -31.01 -42.33 -32.52
CA PHE M 123 -32.35 -42.56 -33.06
C PHE M 123 -32.53 -41.86 -34.41
N ARG M 124 -31.93 -40.69 -34.58
CA ARG M 124 -32.03 -39.94 -35.83
C ARG M 124 -30.84 -40.17 -36.75
N GLY M 125 -29.86 -40.98 -36.33
CA GLY M 125 -28.73 -41.28 -37.18
C GLY M 125 -27.74 -40.15 -37.35
N TYR M 126 -27.56 -39.32 -36.32
CA TYR M 126 -26.61 -38.23 -36.38
C TYR M 126 -25.25 -38.66 -35.89
N LYS M 127 -24.20 -38.22 -36.58
CA LYS M 127 -22.83 -38.43 -36.11
C LYS M 127 -22.48 -37.35 -35.09
N TYR M 128 -21.76 -37.75 -34.05
CA TYR M 128 -21.47 -36.80 -32.97
C TYR M 128 -20.22 -37.23 -32.20
N CYS M 129 -19.70 -36.27 -31.42
CA CYS M 129 -18.71 -36.50 -30.38
C CYS M 129 -19.23 -35.91 -29.09
N ARG M 130 -18.51 -36.15 -27.99
CA ARG M 130 -19.00 -35.72 -26.69
C ARG M 130 -17.84 -35.42 -25.76
N ILE M 131 -17.97 -34.33 -25.00
CA ILE M 131 -17.09 -33.99 -23.89
C ILE M 131 -17.96 -33.69 -22.69
N ASP M 132 -18.02 -34.64 -21.76
CA ASP M 132 -18.67 -34.41 -20.47
C ASP M 132 -17.98 -33.28 -19.70
N GLY M 133 -16.71 -33.04 -19.95
CA GLY M 133 -15.88 -32.33 -19.01
C GLY M 133 -15.44 -33.15 -17.84
N SER M 134 -16.17 -34.21 -17.51
CA SER M 134 -15.62 -35.28 -16.68
C SER M 134 -15.11 -36.44 -17.54
N THR M 135 -14.69 -36.14 -18.77
CA THR M 135 -13.92 -37.10 -19.58
C THR M 135 -12.44 -37.07 -19.21
N ALA M 136 -11.56 -37.15 -20.21
CA ALA M 136 -10.11 -37.07 -20.02
C ALA M 136 -9.52 -36.07 -21.01
N HIS M 137 -8.34 -35.55 -20.64
CA HIS M 137 -7.68 -34.56 -21.49
C HIS M 137 -7.37 -35.12 -22.87
N GLU M 138 -6.69 -36.27 -22.93
CA GLU M 138 -6.43 -36.90 -24.22
C GLU M 138 -7.71 -37.29 -24.94
N ASP M 139 -8.73 -37.75 -24.20
CA ASP M 139 -9.98 -38.13 -24.86
C ASP M 139 -10.67 -36.93 -25.48
N ARG M 140 -10.68 -35.79 -24.79
CA ARG M 140 -11.34 -34.62 -25.34
C ARG M 140 -10.49 -33.91 -26.38
N ILE M 141 -9.16 -34.09 -26.35
CA ILE M 141 -8.33 -33.65 -27.48
C ILE M 141 -8.76 -34.38 -28.75
N ALA M 142 -8.96 -35.69 -28.64
CA ALA M 142 -9.40 -36.47 -29.80
C ALA M 142 -10.80 -36.04 -30.24
N ALA M 143 -11.70 -35.79 -29.29
CA ALA M 143 -13.04 -35.35 -29.64
C ALA M 143 -13.02 -34.01 -30.35
N ILE M 144 -12.12 -33.12 -29.94
CA ILE M 144 -12.00 -31.81 -30.59
C ILE M 144 -11.48 -31.97 -32.01
N ASP M 145 -10.32 -32.64 -32.16
CA ASP M 145 -9.68 -32.73 -33.46
C ASP M 145 -10.52 -33.51 -34.46
N GLU M 146 -11.21 -34.55 -34.00
CA GLU M 146 -12.08 -35.30 -34.89
C GLU M 146 -13.22 -34.45 -35.43
N TYR M 147 -13.74 -33.54 -34.59
CA TYR M 147 -14.79 -32.64 -35.04
C TYR M 147 -14.26 -31.54 -35.94
N ASN M 148 -13.01 -31.14 -35.75
CA ASN M 148 -12.38 -30.09 -36.55
C ASN M 148 -11.56 -30.64 -37.71
N LYS M 149 -11.43 -31.96 -37.82
CA LYS M 149 -10.69 -32.57 -38.91
C LYS M 149 -11.24 -32.09 -40.25
N PRO M 150 -10.40 -31.49 -41.11
CA PRO M 150 -10.89 -31.06 -42.43
C PRO M 150 -11.51 -32.23 -43.18
N GLY M 151 -12.82 -32.19 -43.35
CA GLY M 151 -13.53 -33.35 -43.85
C GLY M 151 -14.17 -34.17 -42.76
N SER M 152 -14.62 -33.54 -41.68
CA SER M 152 -15.11 -34.28 -40.52
C SER M 152 -16.42 -34.99 -40.84
N ASP M 153 -16.56 -36.20 -40.30
CA ASP M 153 -17.79 -36.97 -40.46
C ASP M 153 -18.90 -36.47 -39.54
N LYS M 154 -18.53 -35.91 -38.38
CA LYS M 154 -19.51 -35.59 -37.36
C LYS M 154 -20.33 -34.35 -37.74
N PHE M 155 -21.47 -34.20 -37.08
CA PHE M 155 -22.41 -33.13 -37.37
C PHE M 155 -22.79 -32.38 -36.09
N ILE M 156 -23.12 -33.11 -35.04
CA ILE M 156 -23.45 -32.54 -33.74
C ILE M 156 -22.28 -32.81 -32.80
N PHE M 157 -22.08 -31.91 -31.84
CA PHE M 157 -21.08 -32.13 -30.80
C PHE M 157 -21.74 -31.85 -29.45
N LEU M 158 -21.75 -32.86 -28.59
CA LEU M 158 -22.42 -32.78 -27.29
C LEU M 158 -21.44 -32.29 -26.23
N LEU M 159 -21.82 -31.22 -25.54
CA LEU M 159 -20.96 -30.57 -24.55
C LEU M 159 -21.76 -30.22 -23.31
N THR M 160 -21.09 -30.24 -22.16
CA THR M 160 -21.59 -29.57 -20.97
C THR M 160 -20.93 -28.19 -20.87
N THR M 161 -21.66 -27.25 -20.26
CA THR M 161 -21.33 -25.83 -20.44
C THR M 161 -19.92 -25.50 -19.97
N ARG M 162 -19.54 -25.98 -18.79
CA ARG M 162 -18.25 -25.64 -18.19
C ARG M 162 -17.19 -26.72 -18.42
N ALA M 163 -17.31 -27.46 -19.52
CA ALA M 163 -16.55 -28.69 -19.72
C ALA M 163 -15.19 -28.47 -20.37
N GLY M 164 -15.16 -27.88 -21.56
CA GLY M 164 -13.98 -27.97 -22.41
C GLY M 164 -12.73 -27.35 -21.82
N GLY M 165 -12.89 -26.35 -20.97
CA GLY M 165 -11.75 -25.54 -20.54
C GLY M 165 -11.70 -24.23 -21.31
N LEU M 166 -10.59 -23.53 -21.14
CA LEU M 166 -10.42 -22.21 -21.75
C LEU M 166 -9.72 -22.33 -23.10
N GLY M 167 -10.33 -21.74 -24.12
CA GLY M 167 -9.66 -21.54 -25.38
C GLY M 167 -9.65 -22.70 -26.35
N ILE M 168 -10.48 -23.72 -26.14
CA ILE M 168 -10.62 -24.75 -27.16
C ILE M 168 -11.35 -24.14 -28.35
N ASN M 169 -11.07 -24.68 -29.54
CA ASN M 169 -11.60 -24.12 -30.78
C ASN M 169 -12.54 -25.12 -31.44
N LEU M 170 -13.78 -24.71 -31.65
CA LEU M 170 -14.77 -25.47 -32.38
C LEU M 170 -15.44 -24.61 -33.44
N THR M 171 -14.63 -23.74 -34.06
CA THR M 171 -15.12 -22.81 -35.07
C THR M 171 -15.62 -23.50 -36.33
N THR M 172 -15.31 -24.80 -36.51
CA THR M 172 -15.87 -25.53 -37.64
C THR M 172 -17.39 -25.69 -37.51
N ALA M 173 -17.94 -25.45 -36.32
CA ALA M 173 -19.38 -25.33 -36.13
C ALA M 173 -19.76 -23.85 -36.16
N ASP M 174 -20.97 -23.58 -36.64
CA ASP M 174 -21.43 -22.21 -36.82
C ASP M 174 -22.72 -21.91 -36.06
N ILE M 175 -23.31 -22.88 -35.39
CA ILE M 175 -24.54 -22.68 -34.63
C ILE M 175 -24.35 -23.30 -33.25
N VAL M 176 -24.80 -22.57 -32.23
CA VAL M 176 -24.71 -23.02 -30.85
C VAL M 176 -26.11 -23.01 -30.25
N ILE M 177 -26.48 -24.10 -29.58
CA ILE M 177 -27.77 -24.22 -28.91
C ILE M 177 -27.51 -24.43 -27.43
N LEU M 178 -27.97 -23.49 -26.61
CA LEU M 178 -27.90 -23.61 -25.16
C LEU M 178 -29.20 -24.25 -24.69
N TYR M 179 -29.17 -25.58 -24.53
CA TYR M 179 -30.35 -26.31 -24.10
C TYR M 179 -30.89 -25.76 -22.79
N ASP M 180 -30.00 -25.44 -21.85
CA ASP M 180 -30.35 -24.77 -20.62
C ASP M 180 -29.23 -23.79 -20.28
N SER M 181 -29.51 -22.87 -19.35
CA SER M 181 -28.61 -21.77 -19.07
C SER M 181 -27.96 -21.92 -17.70
N ASP M 182 -26.73 -21.43 -17.61
CA ASP M 182 -25.99 -21.38 -16.36
C ASP M 182 -26.49 -20.24 -15.48
N TRP M 183 -26.20 -20.33 -14.19
CA TRP M 183 -26.49 -19.21 -13.30
C TRP M 183 -25.60 -18.02 -13.60
N ASN M 184 -24.31 -18.28 -13.89
CA ASN M 184 -23.37 -17.24 -14.25
C ASN M 184 -23.46 -16.98 -15.75
N PRO M 185 -23.75 -15.75 -16.18
CA PRO M 185 -23.86 -15.48 -17.63
C PRO M 185 -22.59 -15.73 -18.41
N GLN M 186 -21.43 -15.76 -17.75
CA GLN M 186 -20.18 -15.93 -18.48
C GLN M 186 -19.99 -17.35 -18.96
N ALA M 187 -20.51 -18.34 -18.22
CA ALA M 187 -20.35 -19.73 -18.63
C ALA M 187 -21.03 -19.99 -19.98
N ASP M 188 -22.24 -19.46 -20.15
CA ASP M 188 -22.89 -19.53 -21.46
C ASP M 188 -22.16 -18.66 -22.47
N LEU M 189 -21.67 -17.49 -22.04
CA LEU M 189 -20.99 -16.58 -22.94
C LEU M 189 -19.69 -17.20 -23.46
N GLN M 190 -18.99 -17.95 -22.61
CA GLN M 190 -17.79 -18.67 -23.05
C GLN M 190 -18.13 -19.90 -23.88
N ALA M 191 -19.35 -20.44 -23.73
CA ALA M 191 -19.77 -21.56 -24.56
C ALA M 191 -20.01 -21.11 -26.00
N MET M 192 -20.58 -19.91 -26.18
CA MET M 192 -20.74 -19.36 -27.52
C MET M 192 -19.39 -19.07 -28.16
N ASP M 193 -18.41 -18.67 -27.37
CA ASP M 193 -17.12 -18.24 -27.89
C ASP M 193 -16.22 -19.41 -28.29
N ARG M 194 -16.69 -20.66 -28.13
CA ARG M 194 -16.01 -21.77 -28.79
C ARG M 194 -16.12 -21.65 -30.30
N ALA M 195 -17.29 -21.25 -30.78
CA ALA M 195 -17.54 -21.07 -32.20
C ALA M 195 -17.24 -19.65 -32.67
N HIS M 196 -17.55 -18.65 -31.85
CA HIS M 196 -17.34 -17.25 -32.22
C HIS M 196 -15.99 -16.78 -31.68
N ARG M 197 -14.93 -17.19 -32.37
CA ARG M 197 -13.57 -16.77 -32.03
C ARG M 197 -12.73 -16.77 -33.29
N ILE M 198 -11.43 -16.47 -33.12
CA ILE M 198 -10.54 -16.29 -34.26
C ILE M 198 -10.45 -17.57 -35.07
N GLY M 199 -10.71 -17.46 -36.37
CA GLY M 199 -10.74 -18.59 -37.28
C GLY M 199 -12.11 -18.85 -37.86
N GLN M 200 -13.17 -18.36 -37.22
CA GLN M 200 -14.51 -18.58 -37.72
C GLN M 200 -14.74 -17.78 -39.00
N THR M 201 -15.18 -18.46 -40.05
CA THR M 201 -15.46 -17.83 -41.33
C THR M 201 -16.94 -17.54 -41.54
N LYS M 202 -17.82 -18.31 -40.91
CA LYS M 202 -19.25 -18.19 -41.12
C LYS M 202 -19.88 -17.40 -39.98
N GLN M 203 -21.20 -17.20 -40.08
CA GLN M 203 -21.95 -16.44 -39.08
C GLN M 203 -22.36 -17.35 -37.93
N VAL M 204 -21.96 -16.98 -36.72
CA VAL M 204 -22.28 -17.75 -35.53
C VAL M 204 -23.65 -17.32 -35.01
N VAL M 205 -24.55 -18.29 -34.84
CA VAL M 205 -25.90 -18.05 -34.36
C VAL M 205 -26.12 -18.91 -33.12
N VAL M 206 -26.62 -18.28 -32.05
CA VAL M 206 -26.80 -18.95 -30.76
C VAL M 206 -28.30 -19.01 -30.45
N TYR M 207 -28.78 -20.21 -30.19
CA TYR M 207 -30.17 -20.45 -29.78
C TYR M 207 -30.20 -20.86 -28.31
N ARG M 208 -31.00 -20.17 -27.52
CA ARG M 208 -31.08 -20.41 -26.07
C ARG M 208 -32.48 -20.91 -25.74
N PHE M 209 -32.60 -22.22 -25.48
CA PHE M 209 -33.89 -22.78 -25.09
C PHE M 209 -34.28 -22.30 -23.71
N VAL M 210 -35.39 -21.57 -23.61
CA VAL M 210 -35.89 -21.03 -22.36
C VAL M 210 -37.35 -21.44 -22.22
N THR M 211 -37.65 -22.20 -21.16
CA THR M 211 -39.03 -22.61 -20.92
C THR M 211 -39.87 -21.41 -20.48
N ASP M 212 -40.87 -21.07 -21.29
CA ASP M 212 -41.65 -19.86 -21.05
C ASP M 212 -42.66 -20.07 -19.93
N ASN M 213 -42.93 -18.99 -19.21
CA ASN M 213 -43.94 -18.96 -18.14
C ASN M 213 -43.70 -20.03 -17.07
N ALA M 214 -42.43 -20.40 -16.87
CA ALA M 214 -42.07 -21.34 -15.82
C ALA M 214 -40.92 -20.71 -15.03
N ILE M 215 -40.13 -21.56 -14.36
CA ILE M 215 -39.01 -21.05 -13.57
C ILE M 215 -37.91 -20.52 -14.48
N GLU M 216 -37.70 -21.15 -15.65
CA GLU M 216 -36.58 -20.78 -16.50
C GLU M 216 -36.72 -19.38 -17.07
N GLU M 217 -37.95 -18.90 -17.26
CA GLU M 217 -38.14 -17.53 -17.72
C GLU M 217 -37.66 -16.53 -16.68
N LYS M 218 -37.81 -16.87 -15.40
CA LYS M 218 -37.34 -15.99 -14.34
C LYS M 218 -35.84 -16.12 -14.12
N VAL M 219 -35.26 -17.31 -14.36
CA VAL M 219 -33.81 -17.47 -14.28
C VAL M 219 -33.13 -16.61 -15.34
N LEU M 220 -33.76 -16.48 -16.50
CA LEU M 220 -33.16 -15.72 -17.61
C LEU M 220 -32.99 -14.25 -17.24
N GLU M 221 -33.96 -13.68 -16.52
CA GLU M 221 -33.90 -12.27 -16.18
C GLU M 221 -32.87 -11.99 -15.09
N ARG M 222 -32.70 -12.92 -14.15
CA ARG M 222 -31.64 -12.76 -13.16
C ARG M 222 -30.27 -12.87 -13.81
N ALA M 223 -30.11 -13.79 -14.76
CA ALA M 223 -28.86 -13.89 -15.51
C ALA M 223 -28.68 -12.69 -16.44
N ALA M 224 -29.78 -12.16 -16.99
CA ALA M 224 -29.69 -10.96 -17.79
C ALA M 224 -29.27 -9.75 -16.94
N GLN M 225 -29.71 -9.71 -15.68
CA GLN M 225 -29.22 -8.70 -14.76
C GLN M 225 -27.74 -8.86 -14.51
N LYS M 226 -27.32 -10.07 -14.10
CA LYS M 226 -25.93 -10.32 -13.76
C LYS M 226 -24.98 -9.96 -14.90
N LEU M 227 -25.40 -10.17 -16.15
CA LEU M 227 -24.57 -9.75 -17.28
C LEU M 227 -24.45 -8.23 -17.32
N ARG M 228 -25.54 -7.52 -17.04
CA ARG M 228 -25.50 -6.07 -17.08
C ARG M 228 -24.68 -5.51 -15.93
N LEU M 229 -24.84 -6.07 -14.73
CA LEU M 229 -24.02 -5.63 -13.61
C LEU M 229 -22.54 -5.86 -13.90
N ASP M 230 -22.20 -7.00 -14.50
CA ASP M 230 -20.81 -7.26 -14.89
C ASP M 230 -20.31 -6.21 -15.87
N GLN M 231 -21.16 -5.86 -16.85
CA GLN M 231 -20.74 -4.91 -17.87
C GLN M 231 -20.39 -3.55 -17.27
N LEU M 232 -21.15 -3.12 -16.26
CA LEU M 232 -20.88 -1.84 -15.64
C LEU M 232 -19.65 -1.90 -14.73
N VAL M 233 -19.39 -3.06 -14.12
CA VAL M 233 -18.21 -3.16 -13.27
C VAL M 233 -16.95 -3.22 -14.13
N ILE M 234 -17.05 -3.84 -15.31
CA ILE M 234 -15.92 -3.86 -16.24
C ILE M 234 -15.72 -2.47 -16.85
N GLN M 235 -16.82 -1.86 -17.31
CA GLN M 235 -16.74 -0.59 -18.03
C GLN M 235 -16.21 0.54 -17.14
N GLN M 236 -16.56 0.52 -15.86
CA GLN M 236 -16.05 1.50 -14.90
C GLN M 236 -14.75 1.05 -14.24
N GLY M 237 -14.00 0.15 -14.90
CA GLY M 237 -12.76 -0.32 -14.31
C GLY M 237 -11.66 0.73 -14.32
N ARG M 238 -11.71 1.66 -15.28
CA ARG M 238 -10.72 2.74 -15.34
C ARG M 238 -10.95 3.79 -14.26
N ALA M 239 -12.05 3.69 -13.50
CA ALA M 239 -12.34 4.70 -12.48
C ALA M 239 -11.41 4.56 -11.29
N GLN M 240 -11.12 3.33 -10.87
CA GLN M 240 -10.17 3.12 -9.79
C GLN M 240 -8.79 3.66 -10.15
N VAL M 241 -8.41 3.57 -11.43
CA VAL M 241 -7.10 4.03 -11.86
C VAL M 241 -7.04 5.54 -11.87
N ALA M 242 -7.91 6.18 -12.66
CA ALA M 242 -7.83 7.62 -12.89
C ALA M 242 -8.14 8.44 -11.63
N ALA M 243 -8.89 7.88 -10.67
CA ALA M 243 -9.22 8.64 -9.48
C ALA M 243 -8.03 8.88 -8.57
N LYS M 244 -6.97 8.08 -8.70
CA LYS M 244 -5.77 8.23 -7.90
C LYS M 244 -4.60 8.80 -8.69
N ALA M 245 -4.78 9.00 -9.99
CA ALA M 245 -3.69 9.46 -10.85
C ALA M 245 -3.29 10.89 -10.51
N ALA M 246 -2.01 11.17 -10.67
CA ALA M 246 -1.45 12.50 -10.45
C ALA M 246 -1.39 13.26 -11.77
N ALA M 247 -1.31 14.58 -11.67
CA ALA M 247 -1.35 15.43 -12.85
C ALA M 247 -0.12 15.21 -13.73
N ASN M 248 -0.34 15.34 -15.04
CA ASN M 248 0.74 15.27 -16.01
C ASN M 248 1.44 16.62 -16.11
N LYS M 249 2.53 16.65 -16.88
CA LYS M 249 3.08 17.94 -17.28
C LYS M 249 2.05 18.73 -18.06
N ASP M 250 1.30 18.05 -18.94
CA ASP M 250 0.24 18.69 -19.69
C ASP M 250 -0.83 19.28 -18.78
N GLU M 251 -1.16 18.58 -17.69
CA GLU M 251 -2.14 19.09 -16.74
C GLU M 251 -1.62 20.31 -16.00
N LEU M 252 -0.46 20.16 -15.35
CA LEU M 252 0.12 21.27 -14.59
C LEU M 252 0.39 22.47 -15.48
N LEU M 253 0.86 22.23 -16.70
CA LEU M 253 1.10 23.33 -17.63
C LEU M 253 -0.18 24.10 -17.92
N SER M 254 -1.30 23.39 -18.07
CA SER M 254 -2.57 24.06 -18.32
C SER M 254 -3.08 24.78 -17.08
N MET M 255 -2.68 24.31 -15.89
CA MET M 255 -3.08 24.98 -14.66
C MET M 255 -2.36 26.32 -14.49
N ILE M 256 -1.05 26.34 -14.77
CA ILE M 256 -0.26 27.54 -14.53
C ILE M 256 -0.53 28.59 -15.59
N GLN M 257 -0.73 28.17 -16.84
CA GLN M 257 -0.98 29.07 -17.94
C GLN M 257 -2.41 29.58 -18.00
N HIS M 258 -3.30 29.07 -17.14
CA HIS M 258 -4.70 29.47 -17.15
C HIS M 258 -4.83 30.90 -16.66
N GLY M 259 -5.02 31.84 -17.59
CA GLY M 259 -5.11 33.24 -17.25
C GLY M 259 -3.78 33.97 -17.20
N ALA M 260 -2.68 33.27 -17.47
CA ALA M 260 -1.36 33.92 -17.45
C ALA M 260 -1.26 35.02 -18.51
N GLU M 261 -1.92 34.82 -19.66
CA GLU M 261 -1.94 35.86 -20.69
C GLU M 261 -2.55 37.15 -20.15
N LYS M 262 -3.70 37.04 -19.48
CA LYS M 262 -4.38 38.22 -18.97
C LYS M 262 -3.59 38.88 -17.85
N VAL M 263 -2.98 38.08 -16.97
CA VAL M 263 -2.24 38.64 -15.84
C VAL M 263 -1.08 39.50 -16.32
N PHE M 264 -0.31 38.98 -17.28
CA PHE M 264 0.74 39.79 -17.89
C PHE M 264 0.17 41.06 -18.51
N GLN M 265 -0.94 40.93 -19.23
CA GLN M 265 -1.55 42.09 -19.90
C GLN M 265 -2.02 43.12 -18.88
N THR M 266 -2.54 42.67 -17.75
CA THR M 266 -3.03 43.58 -16.74
C THR M 266 -1.91 44.43 -16.16
N LYS M 267 -2.13 45.74 -16.09
CA LYS M 267 -1.21 46.65 -15.43
C LYS M 267 -1.78 47.25 -14.16
N GLY M 268 -3.06 47.05 -13.89
CA GLY M 268 -3.67 47.50 -12.66
C GLY M 268 -3.96 46.33 -11.73
N ALA M 269 -5.22 45.91 -11.66
CA ALA M 269 -5.63 44.76 -10.88
C ALA M 269 -6.42 43.79 -11.74
N PHE M 270 -7.08 42.84 -11.07
CA PHE M 270 -7.91 41.88 -11.80
C PHE M 270 -9.39 42.11 -11.52
N GLY M 271 -10.18 41.20 -12.10
CA GLY M 271 -11.46 41.63 -12.61
C GLY M 271 -12.38 42.25 -11.57
N THR M 272 -12.77 41.44 -10.60
CA THR M 272 -13.58 41.92 -9.50
C THR M 272 -12.99 43.16 -8.85
N MET M 273 -11.68 43.15 -8.54
CA MET M 273 -11.14 44.25 -7.75
C MET M 273 -10.83 45.48 -8.60
N ALA M 274 -10.22 45.26 -9.77
CA ALA M 274 -9.80 46.34 -10.67
C ALA M 274 -10.99 47.21 -11.08
N GLU M 275 -12.02 46.60 -11.69
CA GLU M 275 -13.20 47.34 -12.12
C GLU M 275 -13.89 48.06 -10.95
N LYS M 276 -14.07 47.36 -9.84
CA LYS M 276 -14.84 47.93 -8.74
C LYS M 276 -13.99 48.89 -7.89
N GLY M 277 -12.71 48.57 -7.69
CA GLY M 277 -11.82 49.44 -6.94
C GLY M 277 -11.80 49.23 -5.44
N SER M 278 -12.21 48.05 -4.98
CA SER M 278 -12.20 47.58 -3.58
C SER M 278 -13.28 48.20 -2.70
N GLN M 279 -14.32 48.78 -3.27
CA GLN M 279 -15.39 49.38 -2.47
C GLN M 279 -16.75 48.78 -2.81
N ASP M 281 -20.27 47.57 -1.90
CA ASP M 281 -21.69 47.81 -1.75
C ASP M 281 -22.26 46.43 -1.41
N ASP M 282 -23.35 46.43 -0.63
CA ASP M 282 -24.22 45.27 -0.54
C ASP M 282 -24.65 44.84 -1.95
N ASP M 283 -25.00 45.81 -2.81
CA ASP M 283 -25.45 45.45 -4.15
C ASP M 283 -24.32 44.80 -4.96
N ASP M 284 -23.11 45.36 -4.89
CA ASP M 284 -21.97 44.79 -5.63
C ASP M 284 -21.67 43.37 -5.16
N ILE M 285 -21.70 43.14 -3.85
CA ILE M 285 -21.43 41.80 -3.33
C ILE M 285 -22.57 40.85 -3.71
N ASP M 286 -23.82 41.30 -3.58
CA ASP M 286 -24.95 40.46 -3.99
C ASP M 286 -24.93 40.16 -5.48
N ALA M 287 -24.28 41.01 -6.28
CA ALA M 287 -24.10 40.70 -7.68
C ALA M 287 -23.02 39.64 -7.87
N ILE M 288 -22.05 39.58 -6.97
CA ILE M 288 -21.01 38.56 -7.06
C ILE M 288 -21.56 37.20 -6.64
N LEU M 289 -22.28 37.15 -5.53
CA LEU M 289 -22.86 35.89 -5.07
C LEU M 289 -23.88 35.36 -6.07
N GLN M 290 -24.62 36.25 -6.73
CA GLN M 290 -25.59 35.84 -7.73
C GLN M 290 -24.89 35.22 -8.94
N ALA M 291 -23.94 35.97 -9.53
CA ALA M 291 -23.19 35.45 -10.67
C ALA M 291 -22.33 34.26 -10.28
N GLY M 292 -21.90 34.19 -9.02
CA GLY M 292 -21.11 33.06 -8.58
C GLY M 292 -21.92 31.78 -8.45
N GLU M 293 -23.14 31.88 -7.90
CA GLU M 293 -23.98 30.71 -7.75
C GLU M 293 -24.40 30.15 -9.11
N THR M 294 -24.62 31.03 -10.08
CA THR M 294 -25.01 30.59 -11.42
C THR M 294 -23.91 29.74 -12.05
N ARG M 295 -22.67 30.22 -12.00
CA ARG M 295 -21.55 29.48 -12.57
C ARG M 295 -21.32 28.17 -11.83
N THR M 296 -21.70 28.11 -10.54
CA THR M 296 -21.56 26.86 -9.79
C THR M 296 -22.53 25.81 -10.28
N LYS M 297 -23.80 26.19 -10.46
CA LYS M 297 -24.80 25.25 -10.97
C LYS M 297 -24.39 24.70 -12.33
N GLU M 298 -23.96 25.59 -13.24
CA GLU M 298 -23.57 25.16 -14.57
C GLU M 298 -22.34 24.26 -14.51
N LEU M 299 -21.43 24.54 -13.57
CA LEU M 299 -20.26 23.66 -13.40
C LEU M 299 -20.68 22.31 -12.86
N ASN M 300 -21.60 22.28 -11.90
CA ASN M 300 -22.06 21.01 -11.34
C ASN M 300 -22.80 20.17 -12.38
N ALA M 301 -23.74 20.80 -13.10
CA ALA M 301 -24.55 20.05 -14.06
C ALA M 301 -23.70 19.47 -15.19
N ARG M 302 -22.74 20.26 -15.69
CA ARG M 302 -21.92 19.81 -16.81
C ARG M 302 -21.06 18.61 -16.44
N TYR M 303 -20.56 18.57 -15.20
CA TYR M 303 -19.62 17.54 -14.80
C TYR M 303 -20.30 16.33 -14.15
N GLU M 304 -21.33 16.55 -13.33
CA GLU M 304 -21.96 15.44 -12.61
C GLU M 304 -22.80 14.55 -13.51
N LYS M 305 -22.89 14.84 -14.80
CA LYS M 305 -23.52 13.94 -15.75
C LYS M 305 -22.51 13.05 -16.47
N LEU M 306 -21.23 13.40 -16.41
CA LEU M 306 -20.22 12.78 -17.26
C LEU M 306 -20.06 11.30 -16.94
N GLY M 307 -19.66 10.54 -17.97
CA GLY M 307 -19.24 9.17 -17.80
C GLY M 307 -17.73 9.04 -17.82
N ILE M 308 -17.26 7.79 -17.81
CA ILE M 308 -15.83 7.53 -17.75
C ILE M 308 -15.13 7.74 -19.08
N ASP M 309 -15.89 7.88 -20.18
CA ASP M 309 -15.27 8.12 -21.48
C ASP M 309 -14.66 9.51 -21.56
N ASP M 310 -15.22 10.47 -20.82
CA ASP M 310 -14.68 11.83 -20.79
C ASP M 310 -13.66 12.03 -19.68
N LEU M 311 -13.75 11.24 -18.62
CA LEU M 311 -12.88 11.41 -17.47
C LEU M 311 -11.60 10.59 -17.54
N GLN M 312 -11.58 9.54 -18.36
CA GLN M 312 -10.42 8.68 -18.44
C GLN M 312 -9.23 9.42 -19.06
N LYS M 313 -8.05 9.19 -18.50
CA LYS M 313 -6.82 9.77 -18.99
C LYS M 313 -6.06 8.71 -19.78
N PHE M 314 -5.85 8.95 -21.07
CA PHE M 314 -5.03 8.06 -21.87
C PHE M 314 -3.59 8.13 -21.42
N THR M 315 -2.86 7.04 -21.62
CA THR M 315 -1.43 7.02 -21.30
C THR M 315 -0.64 7.95 -22.21
N SER M 316 -1.17 8.28 -23.39
CA SER M 316 -0.46 9.10 -24.36
C SER M 316 -0.48 10.59 -24.03
N GLU M 317 -1.32 11.02 -23.08
CA GLU M 317 -1.40 12.44 -22.75
C GLU M 317 -0.20 12.91 -21.95
N SER M 318 0.33 12.07 -21.05
CA SER M 318 1.54 12.42 -20.32
C SER M 318 2.76 12.49 -21.22
N ALA M 319 2.64 12.03 -22.47
CA ALA M 319 3.69 12.15 -23.48
C ALA M 319 3.72 13.55 -24.07
N TYR M 320 3.94 14.53 -23.21
CA TYR M 320 3.98 15.92 -23.65
C TYR M 320 5.13 16.14 -24.62
N GLU M 321 4.81 16.63 -25.81
CA GLU M 321 5.79 16.77 -26.88
C GLU M 321 5.97 18.19 -27.38
N TRP M 322 4.90 18.97 -27.52
CA TRP M 322 5.07 20.37 -27.90
C TRP M 322 3.84 21.18 -27.50
N ASN M 323 3.96 22.50 -27.65
CA ASN M 323 2.87 23.43 -27.37
C ASN M 323 2.07 23.71 -28.64
N GLY M 324 0.75 23.80 -28.48
CA GLY M 324 -0.09 24.19 -29.60
C GLY M 324 0.09 25.64 -30.00
N GLU M 325 0.38 26.51 -29.02
CA GLU M 325 0.49 27.94 -29.26
C GLU M 325 1.75 28.54 -28.62
N ASP M 326 2.83 27.76 -28.52
CA ASP M 326 4.10 28.11 -27.87
C ASP M 326 4.03 29.20 -26.81
N PHE M 327 3.03 29.13 -25.93
CA PHE M 327 2.65 30.21 -24.99
C PHE M 327 3.13 31.60 -25.39
N SER N 3 12.05 4.08 42.08
CA SER N 3 13.22 3.29 41.71
C SER N 3 12.94 1.79 41.88
N LEU N 4 12.90 1.09 40.75
CA LEU N 4 12.69 -0.36 40.74
C LEU N 4 14.03 -1.06 40.53
N LEU N 5 14.44 -1.84 41.52
CA LEU N 5 15.73 -2.49 41.45
C LEU N 5 15.72 -3.60 40.40
N PRO N 6 16.78 -3.71 39.60
CA PRO N 6 16.85 -4.78 38.61
C PRO N 6 16.85 -6.15 39.28
N LYS N 7 16.05 -7.06 38.72
CA LYS N 7 15.86 -8.38 39.31
C LYS N 7 17.07 -9.28 39.04
N LYS N 8 17.46 -10.04 40.06
CA LYS N 8 18.54 -11.00 39.93
C LYS N 8 17.96 -12.36 39.54
N GLU N 9 18.57 -12.98 38.53
CA GLU N 9 18.13 -14.27 38.01
C GLU N 9 19.27 -15.26 38.13
N ILE N 10 19.02 -16.39 38.81
CA ILE N 10 20.05 -17.37 39.11
C ILE N 10 19.59 -18.74 38.64
N ASN N 11 20.39 -19.37 37.78
CA ASN N 11 20.12 -20.74 37.34
C ASN N 11 20.61 -21.71 38.40
N VAL N 12 19.67 -22.39 39.06
CA VAL N 12 20.00 -23.35 40.11
C VAL N 12 20.16 -24.71 39.44
N TYR N 13 21.42 -25.12 39.24
CA TYR N 13 21.70 -26.37 38.55
C TYR N 13 21.60 -27.52 39.55
N ILE N 14 20.67 -28.45 39.30
CA ILE N 14 20.28 -29.47 40.25
C ILE N 14 20.41 -30.85 39.63
N GLY N 15 20.80 -31.85 40.44
CA GLY N 15 20.85 -33.23 40.01
C GLY N 15 19.54 -33.95 40.24
N MET N 16 19.58 -35.27 40.03
CA MET N 16 18.39 -36.11 40.14
C MET N 16 18.60 -37.20 41.18
N SER N 17 17.49 -37.66 41.76
CA SER N 17 17.55 -38.72 42.74
C SER N 17 17.75 -40.08 42.07
N GLU N 18 18.00 -41.10 42.89
CA GLU N 18 18.17 -42.46 42.37
C GLU N 18 16.94 -42.91 41.61
N MET N 19 15.75 -42.54 42.11
CA MET N 19 14.51 -42.94 41.45
C MET N 19 14.35 -42.28 40.10
N GLN N 20 14.74 -41.00 39.99
CA GLN N 20 14.67 -40.31 38.71
C GLN N 20 15.56 -40.97 37.67
N VAL N 21 16.75 -41.40 38.08
CA VAL N 21 17.69 -42.02 37.15
C VAL N 21 17.12 -43.31 36.58
N LYS N 22 16.39 -44.06 37.40
CA LYS N 22 15.78 -45.30 36.92
C LYS N 22 14.74 -45.02 35.84
N TRP N 23 13.89 -44.01 36.05
CA TRP N 23 12.88 -43.68 35.06
C TRP N 23 13.50 -42.96 33.86
N TYR N 24 14.52 -42.13 34.09
CA TYR N 24 15.20 -41.47 32.99
C TYR N 24 15.82 -42.47 32.04
N GLN N 25 16.43 -43.53 32.58
CA GLN N 25 16.95 -44.61 31.74
C GLN N 25 15.84 -45.39 31.09
N LYS N 26 14.69 -45.53 31.77
CA LYS N 26 13.56 -46.26 31.19
C LYS N 26 13.03 -45.56 29.95
N ILE N 27 12.85 -44.24 30.02
CA ILE N 27 12.36 -43.48 28.87
C ILE N 27 13.34 -43.57 27.71
N LEU N 28 14.64 -43.48 28.01
CA LEU N 28 15.65 -43.55 26.96
C LEU N 28 15.71 -44.95 26.36
N GLU N 29 15.52 -45.98 27.17
CA GLU N 29 15.67 -47.35 26.68
C GLU N 29 14.46 -47.80 25.85
N LYS N 30 13.25 -47.51 26.32
CA LYS N 30 12.05 -47.97 25.61
C LYS N 30 11.92 -47.37 24.22
N ASP N 31 12.72 -46.36 23.90
CA ASP N 31 12.77 -45.79 22.56
C ASP N 31 14.23 -45.52 22.20
N ILE N 32 15.07 -46.54 22.35
CA ILE N 32 16.51 -46.36 22.19
C ILE N 32 16.90 -46.18 20.73
N ASP N 33 16.09 -46.72 19.81
CA ASP N 33 16.40 -46.58 18.39
C ASP N 33 16.35 -45.12 17.95
N ALA N 34 15.34 -44.38 18.43
CA ALA N 34 15.27 -42.96 18.12
C ALA N 34 16.37 -42.17 18.81
N VAL N 35 16.69 -42.56 20.06
CA VAL N 35 17.71 -41.84 20.82
C VAL N 35 19.09 -42.03 20.19
N ASN N 36 19.38 -43.25 19.73
CA ASN N 36 20.66 -43.51 19.05
C ASN N 36 20.71 -42.90 17.66
N GLY N 37 19.68 -42.19 17.23
CA GLY N 37 19.70 -41.53 15.93
C GLY N 37 19.38 -42.43 14.76
N ALA N 38 18.38 -43.29 14.88
CA ALA N 38 17.97 -44.19 13.81
C ALA N 38 16.56 -43.86 13.34
N GLY N 39 16.15 -44.54 12.28
CA GLY N 39 14.86 -44.30 11.67
C GLY N 39 14.97 -43.40 10.44
N GLY N 40 13.88 -43.36 9.69
CA GLY N 40 13.87 -42.57 8.47
C GLY N 40 13.98 -41.08 8.75
N LYS N 41 14.64 -40.38 7.83
CA LYS N 41 14.70 -38.92 7.91
C LYS N 41 13.33 -38.30 7.65
N ARG N 42 12.40 -39.09 7.12
CA ARG N 42 11.04 -38.67 6.83
C ARG N 42 10.13 -38.70 8.05
N GLU N 43 10.60 -39.26 9.16
CA GLU N 43 9.72 -39.57 10.29
C GLU N 43 9.05 -38.31 10.84
N SER N 44 7.81 -38.47 11.25
CA SER N 44 7.09 -37.38 11.90
C SER N 44 7.78 -37.03 13.22
N LYS N 45 7.81 -35.74 13.53
CA LYS N 45 8.51 -35.25 14.70
C LYS N 45 7.86 -35.69 16.02
N THR N 46 6.76 -36.43 15.96
CA THR N 46 6.05 -36.86 17.16
C THR N 46 6.91 -37.80 18.01
N ARG N 47 7.74 -38.63 17.37
CA ARG N 47 8.47 -39.66 18.10
C ARG N 47 9.52 -39.05 19.03
N LEU N 48 10.24 -38.03 18.55
CA LEU N 48 11.24 -37.38 19.40
C LEU N 48 10.60 -36.40 20.38
N LEU N 49 9.54 -35.72 19.95
CA LEU N 49 8.84 -34.80 20.85
C LEU N 49 8.18 -35.53 22.01
N ASN N 50 7.78 -36.79 21.80
CA ASN N 50 7.19 -37.57 22.88
C ASN N 50 8.23 -37.86 23.95
N ILE N 51 9.45 -38.19 23.55
CA ILE N 51 10.53 -38.41 24.50
C ILE N 51 10.82 -37.13 25.27
N VAL N 52 10.68 -35.97 24.63
CA VAL N 52 10.99 -34.70 25.27
C VAL N 52 10.05 -34.44 26.43
N MET N 53 8.75 -34.66 26.22
CA MET N 53 7.79 -34.43 27.30
C MET N 53 8.01 -35.40 28.45
N GLN N 54 8.34 -36.66 28.14
CA GLN N 54 8.60 -37.64 29.20
C GLN N 54 9.87 -37.29 29.96
N LEU N 55 10.93 -36.88 29.27
CA LEU N 55 12.15 -36.47 29.94
C LEU N 55 11.93 -35.21 30.77
N ARG N 56 11.09 -34.29 30.28
CA ARG N 56 10.76 -33.11 31.07
C ARG N 56 9.98 -33.50 32.32
N LYS N 57 9.00 -34.40 32.19
CA LYS N 57 8.24 -34.85 33.35
C LYS N 57 9.14 -35.58 34.35
N CYS N 58 10.25 -36.15 33.89
CA CYS N 58 11.15 -36.85 34.79
C CYS N 58 12.01 -35.88 35.59
N CYS N 59 12.63 -34.91 34.91
CA CYS N 59 13.42 -33.89 35.60
C CYS N 59 12.58 -33.10 36.59
N ASN N 60 11.26 -33.15 36.45
CA ASN N 60 10.37 -32.45 37.38
C ASN N 60 10.15 -33.28 38.66
N HIS N 61 9.38 -34.36 38.55
CA HIS N 61 9.14 -35.25 39.68
C HIS N 61 8.69 -36.62 39.16
N PRO N 62 9.27 -37.71 39.67
CA PRO N 62 8.93 -39.04 39.13
C PRO N 62 7.47 -39.40 39.25
N TYR N 63 6.76 -38.85 40.23
CA TYR N 63 5.36 -39.22 40.44
C TYR N 63 4.47 -38.79 39.29
N LEU N 64 4.96 -37.98 38.36
CA LEU N 64 4.22 -37.68 37.15
C LEU N 64 4.00 -38.91 36.29
N PHE N 65 4.86 -39.92 36.43
CA PHE N 65 4.69 -41.20 35.76
C PHE N 65 3.80 -42.12 36.58
N GLU N 66 2.92 -42.84 35.91
CA GLU N 66 2.04 -43.78 36.59
C GLU N 66 2.83 -45.00 37.05
N GLY N 67 2.54 -45.46 38.26
CA GLY N 67 3.25 -46.59 38.82
C GLY N 67 4.59 -46.26 39.43
N ALA N 68 4.93 -44.98 39.54
CA ALA N 68 6.23 -44.59 40.08
C ALA N 68 6.20 -44.54 41.61
N GLU N 69 5.27 -43.77 42.17
CA GLU N 69 5.20 -43.60 43.61
C GLU N 69 5.01 -44.95 44.30
N PRO N 70 5.64 -45.16 45.46
CA PRO N 70 5.43 -46.41 46.23
C PRO N 70 3.99 -46.86 46.27
N GLY N 71 3.77 -48.16 46.06
CA GLY N 71 2.46 -48.71 45.81
C GLY N 71 1.43 -48.45 46.88
N PRO N 72 0.16 -48.77 46.57
CA PRO N 72 -1.00 -48.55 47.44
C PRO N 72 -0.83 -49.17 48.84
N PRO N 73 -1.22 -48.45 49.89
CA PRO N 73 -1.82 -47.12 49.82
C PRO N 73 -0.79 -46.00 49.63
N TYR N 74 -1.23 -44.89 49.03
CA TYR N 74 -0.36 -43.76 48.76
C TYR N 74 -0.43 -42.77 49.91
N THR N 75 0.73 -42.40 50.45
CA THR N 75 0.81 -41.52 51.61
C THR N 75 1.80 -40.39 51.35
N THR N 76 1.49 -39.20 51.87
CA THR N 76 2.37 -38.05 51.75
C THR N 76 3.31 -38.01 52.94
N ASP N 77 4.58 -38.36 52.70
CA ASP N 77 5.60 -38.28 53.73
C ASP N 77 6.83 -37.62 53.13
N GLU N 78 8.00 -37.85 53.74
CA GLU N 78 9.23 -37.27 53.23
C GLU N 78 9.60 -37.81 51.86
N HIS N 79 9.03 -38.95 51.46
CA HIS N 79 9.35 -39.52 50.16
C HIS N 79 8.85 -38.64 49.02
N LEU N 80 7.82 -37.83 49.27
CA LEU N 80 7.40 -36.85 48.27
C LEU N 80 8.50 -35.85 47.97
N ILE N 81 9.52 -35.75 48.83
CA ILE N 81 10.59 -34.79 48.64
C ILE N 81 11.87 -35.49 48.17
N TYR N 82 12.32 -36.50 48.92
CA TYR N 82 13.64 -37.05 48.63
C TYR N 82 13.66 -37.94 47.38
N ASN N 83 12.56 -38.04 46.64
CA ASN N 83 12.56 -38.75 45.36
C ASN N 83 12.83 -37.85 44.17
N ALA N 84 12.92 -36.53 44.37
CA ALA N 84 13.13 -35.58 43.30
C ALA N 84 14.22 -34.60 43.69
N GLY N 85 15.21 -34.43 42.82
CA GLY N 85 16.31 -33.52 43.12
C GLY N 85 15.87 -32.09 43.29
N LYS N 86 14.83 -31.67 42.56
CA LYS N 86 14.35 -30.30 42.70
C LYS N 86 13.58 -30.08 44.00
N MET N 87 12.82 -31.10 44.44
CA MET N 87 12.07 -30.96 45.68
C MET N 87 12.98 -30.81 46.89
N VAL N 88 14.18 -31.40 46.83
CA VAL N 88 15.14 -31.26 47.92
C VAL N 88 15.59 -29.81 48.03
N VAL N 89 16.04 -29.23 46.91
CA VAL N 89 16.54 -27.85 46.92
C VAL N 89 15.42 -26.88 47.28
N LEU N 90 14.21 -27.12 46.75
CA LEU N 90 13.10 -26.22 47.01
C LEU N 90 12.74 -26.18 48.50
N ASP N 91 12.85 -27.33 49.18
CA ASP N 91 12.45 -27.38 50.58
C ASP N 91 13.36 -26.53 51.46
N LYS N 92 14.67 -26.67 51.30
CA LYS N 92 15.60 -25.85 52.08
C LYS N 92 15.50 -24.39 51.65
N LEU N 93 15.33 -24.14 50.35
CA LEU N 93 15.22 -22.77 49.87
C LEU N 93 13.98 -22.08 50.44
N LEU N 94 12.85 -22.79 50.48
CA LEU N 94 11.63 -22.23 51.06
C LEU N 94 11.81 -21.95 52.55
N LYS N 95 12.40 -22.91 53.28
CA LYS N 95 12.62 -22.74 54.71
C LYS N 95 13.53 -21.56 54.99
N ARG N 96 14.49 -21.29 54.09
CA ARG N 96 15.37 -20.15 54.24
C ARG N 96 14.71 -18.86 53.76
N ILE N 97 13.79 -18.95 52.80
CA ILE N 97 13.09 -17.77 52.31
C ILE N 97 12.11 -17.25 53.36
N GLN N 98 11.35 -18.16 53.96
CA GLN N 98 10.46 -17.78 55.07
C GLN N 98 11.26 -17.27 56.26
N LYS N 99 12.51 -17.72 56.40
CA LYS N 99 13.34 -17.29 57.53
C LYS N 99 13.63 -15.80 57.46
N GLN N 100 14.08 -15.32 56.31
CA GLN N 100 14.42 -13.91 56.14
C GLN N 100 13.20 -13.03 55.90
N GLY N 101 12.00 -13.58 55.94
CA GLY N 101 10.79 -12.80 55.79
C GLY N 101 10.37 -12.52 54.36
N SER N 102 10.79 -13.32 53.41
CA SER N 102 10.45 -13.12 52.01
C SER N 102 9.30 -14.06 51.61
N ARG N 103 8.47 -13.59 50.68
CA ARG N 103 7.40 -14.40 50.13
C ARG N 103 7.71 -14.70 48.66
N VAL N 104 7.16 -15.81 48.16
CA VAL N 104 7.64 -16.42 46.94
C VAL N 104 6.47 -16.79 46.02
N LEU N 105 6.71 -16.66 44.72
CA LEU N 105 5.83 -17.19 43.68
C LEU N 105 6.54 -18.35 43.00
N ILE N 106 5.84 -19.47 42.83
CA ILE N 106 6.41 -20.66 42.21
C ILE N 106 5.62 -20.97 40.94
N PHE N 107 6.31 -20.94 39.80
CA PHE N 107 5.70 -21.20 38.51
C PHE N 107 6.13 -22.56 38.00
N SER N 108 5.29 -23.16 37.15
CA SER N 108 5.59 -24.45 36.58
C SER N 108 4.81 -24.62 35.28
N GLN N 109 5.39 -25.40 34.36
CA GLN N 109 4.70 -25.69 33.11
C GLN N 109 3.54 -26.65 33.32
N MET N 110 3.62 -27.51 34.32
CA MET N 110 2.70 -28.63 34.49
C MET N 110 1.85 -28.41 35.73
N SER N 111 0.53 -28.41 35.55
CA SER N 111 -0.37 -28.31 36.70
C SER N 111 -0.41 -29.61 37.49
N ARG N 112 -0.14 -30.74 36.84
CA ARG N 112 0.01 -32.00 37.56
C ARG N 112 1.22 -31.98 38.48
N LEU N 113 2.14 -31.04 38.29
CA LEU N 113 3.23 -30.87 39.24
C LEU N 113 2.81 -29.98 40.41
N LEU N 114 2.02 -28.94 40.14
CA LEU N 114 1.48 -28.12 41.21
C LEU N 114 0.64 -28.95 42.18
N ASP N 115 0.07 -30.07 41.71
CA ASP N 115 -0.56 -31.01 42.64
C ASP N 115 0.45 -31.58 43.61
N ILE N 116 1.63 -31.97 43.11
CA ILE N 116 2.70 -32.44 44.00
C ILE N 116 3.13 -31.32 44.92
N LEU N 117 3.28 -30.11 44.39
CA LEU N 117 3.62 -28.97 45.24
C LEU N 117 2.50 -28.65 46.22
N GLU N 118 1.25 -28.95 45.85
CA GLU N 118 0.15 -28.75 46.78
C GLU N 118 0.23 -29.70 47.96
N ASP N 119 0.51 -30.98 47.69
CA ASP N 119 0.67 -31.95 48.77
C ASP N 119 1.87 -31.61 49.64
N TYR N 120 2.93 -31.07 49.03
CA TYR N 120 4.10 -30.66 49.79
C TYR N 120 3.79 -29.48 50.70
N CYS N 121 2.98 -28.54 50.23
CA CYS N 121 2.62 -27.39 51.05
C CYS N 121 1.78 -27.80 52.25
N VAL N 122 0.87 -28.76 52.06
CA VAL N 122 0.09 -29.26 53.19
C VAL N 122 0.98 -30.03 54.15
N PHE N 123 1.88 -30.85 53.62
CA PHE N 123 2.73 -31.70 54.46
C PHE N 123 3.64 -30.86 55.35
N ARG N 124 4.11 -29.72 54.84
CA ARG N 124 4.98 -28.83 55.61
C ARG N 124 4.20 -27.75 56.34
N GLY N 125 2.89 -27.64 56.14
CA GLY N 125 2.11 -26.64 56.82
C GLY N 125 2.22 -25.25 56.24
N TYR N 126 2.57 -25.14 54.97
CA TYR N 126 2.69 -23.84 54.32
C TYR N 126 1.35 -23.33 53.83
N LYS N 127 1.07 -22.05 54.09
CA LYS N 127 -0.12 -21.40 53.55
C LYS N 127 0.14 -21.02 52.10
N TYR N 128 -0.88 -21.14 51.25
CA TYR N 128 -0.61 -20.97 49.82
C TYR N 128 -1.87 -20.57 49.05
N CYS N 129 -1.65 -20.06 47.85
CA CYS N 129 -2.68 -19.83 46.84
C CYS N 129 -2.26 -20.54 45.57
N ARG N 130 -3.24 -20.81 44.69
CA ARG N 130 -2.95 -21.57 43.49
C ARG N 130 -3.81 -21.09 42.32
N ILE N 131 -3.17 -20.91 41.16
CA ILE N 131 -3.84 -20.60 39.90
C ILE N 131 -3.35 -21.58 38.85
N ASP N 132 -4.28 -22.25 38.17
CA ASP N 132 -3.96 -23.30 37.21
C ASP N 132 -4.02 -22.84 35.76
N GLY N 133 -4.97 -21.98 35.42
CA GLY N 133 -5.43 -21.82 34.07
C GLY N 133 -6.76 -22.52 33.83
N SER N 134 -7.02 -23.60 34.59
CA SER N 134 -8.37 -24.11 34.76
C SER N 134 -9.14 -23.31 35.80
N THR N 135 -8.45 -22.49 36.58
CA THR N 135 -9.13 -21.62 37.54
C THR N 135 -9.90 -20.53 36.81
N ALA N 136 -11.05 -20.16 37.36
CA ALA N 136 -11.95 -19.22 36.73
C ALA N 136 -11.44 -17.79 36.91
N HIS N 137 -12.23 -16.81 36.47
CA HIS N 137 -11.82 -15.41 36.55
C HIS N 137 -11.96 -14.87 37.97
N GLU N 138 -13.20 -14.87 38.49
CA GLU N 138 -13.42 -14.36 39.84
C GLU N 138 -12.65 -15.14 40.89
N ASP N 139 -12.42 -16.43 40.65
CA ASP N 139 -11.64 -17.23 41.59
C ASP N 139 -10.19 -16.79 41.63
N ARG N 140 -9.58 -16.54 40.47
CA ARG N 140 -8.20 -16.10 40.45
C ARG N 140 -8.05 -14.62 40.78
N ILE N 141 -9.15 -13.86 40.85
CA ILE N 141 -9.08 -12.53 41.41
C ILE N 141 -8.97 -12.61 42.93
N ALA N 142 -9.76 -13.49 43.55
CA ALA N 142 -9.73 -13.64 44.99
C ALA N 142 -8.36 -14.11 45.47
N ALA N 143 -7.75 -15.04 44.74
CA ALA N 143 -6.40 -15.50 45.08
C ALA N 143 -5.40 -14.35 45.01
N ILE N 144 -5.57 -13.44 44.05
CA ILE N 144 -4.75 -12.25 43.99
C ILE N 144 -4.98 -11.39 45.22
N ASP N 145 -6.25 -11.08 45.51
CA ASP N 145 -6.57 -10.23 46.64
C ASP N 145 -6.15 -10.88 47.96
N GLU N 146 -6.39 -12.18 48.10
CA GLU N 146 -5.98 -12.89 49.31
C GLU N 146 -4.48 -12.80 49.53
N TYR N 147 -3.70 -13.06 48.48
CA TYR N 147 -2.25 -13.05 48.62
C TYR N 147 -1.72 -11.63 48.82
N ASN N 148 -2.38 -10.62 48.24
CA ASN N 148 -1.91 -9.24 48.33
C ASN N 148 -2.47 -8.49 49.53
N LYS N 149 -3.38 -9.09 50.29
CA LYS N 149 -3.96 -8.39 51.44
C LYS N 149 -2.89 -8.07 52.46
N PRO N 150 -2.87 -6.85 53.00
CA PRO N 150 -1.88 -6.51 54.02
C PRO N 150 -2.06 -7.35 55.27
N GLY N 151 -1.00 -8.03 55.68
CA GLY N 151 -1.11 -9.03 56.72
C GLY N 151 -1.65 -10.34 56.21
N SER N 152 -1.16 -10.80 55.07
CA SER N 152 -1.70 -11.99 54.42
C SER N 152 -1.24 -13.25 55.13
N ASP N 153 -2.17 -14.18 55.34
CA ASP N 153 -1.82 -15.46 55.93
C ASP N 153 -0.98 -16.31 54.97
N LYS N 154 -1.13 -16.08 53.68
CA LYS N 154 -0.50 -16.93 52.68
C LYS N 154 1.00 -16.65 52.56
N PHE N 155 1.74 -17.65 52.08
CA PHE N 155 3.19 -17.56 51.97
C PHE N 155 3.65 -17.90 50.56
N ILE N 156 3.22 -19.04 50.04
CA ILE N 156 3.56 -19.46 48.68
C ILE N 156 2.37 -19.16 47.78
N PHE N 157 2.66 -18.90 46.50
CA PHE N 157 1.64 -18.80 45.47
C PHE N 157 2.04 -19.72 44.33
N LEU N 158 1.26 -20.78 44.13
CA LEU N 158 1.50 -21.73 43.05
C LEU N 158 0.79 -21.25 41.79
N LEU N 159 1.52 -21.21 40.68
CA LEU N 159 0.94 -20.78 39.42
C LEU N 159 1.56 -21.57 38.28
N THR N 160 0.83 -21.62 37.17
CA THR N 160 1.39 -22.10 35.91
C THR N 160 1.98 -20.93 35.16
N THR N 161 3.07 -21.18 34.44
CA THR N 161 3.69 -20.13 33.63
C THR N 161 2.70 -19.58 32.62
N ARG N 162 1.74 -20.40 32.18
CA ARG N 162 0.71 -19.96 31.24
C ARG N 162 -0.17 -18.89 31.88
N ALA N 163 -0.84 -19.24 32.98
CA ALA N 163 -1.85 -18.38 33.57
C ALA N 163 -1.25 -17.19 34.32
N GLY N 164 0.06 -17.16 34.54
CA GLY N 164 0.69 -16.07 35.26
C GLY N 164 0.73 -14.76 34.49
N GLY N 165 1.23 -14.81 33.25
CA GLY N 165 1.39 -13.61 32.45
C GLY N 165 0.12 -13.10 31.83
N LEU N 166 -0.62 -12.27 32.56
CA LEU N 166 -1.83 -11.66 32.07
C LEU N 166 -1.88 -10.16 32.33
N GLY N 167 -0.90 -9.62 33.05
CA GLY N 167 -0.91 -8.23 33.47
C GLY N 167 -1.21 -8.01 34.93
N ILE N 168 -1.24 -9.08 35.74
CA ILE N 168 -1.63 -9.00 37.15
C ILE N 168 -0.44 -8.56 37.99
N ASN N 169 -0.70 -8.19 39.24
CA ASN N 169 0.32 -7.68 40.16
C ASN N 169 0.41 -8.61 41.37
N LEU N 170 1.62 -9.04 41.68
CA LEU N 170 1.91 -9.84 42.86
C LEU N 170 3.21 -9.36 43.49
N THR N 171 3.34 -8.04 43.68
CA THR N 171 4.55 -7.47 44.23
C THR N 171 4.68 -7.70 45.73
N THR N 172 3.65 -8.25 46.39
CA THR N 172 3.78 -8.62 47.79
C THR N 172 4.69 -9.83 47.99
N ALA N 173 5.20 -10.40 46.90
CA ALA N 173 6.24 -11.41 46.94
C ALA N 173 7.48 -10.85 46.26
N ASP N 174 8.66 -11.19 46.78
CA ASP N 174 9.91 -10.64 46.27
C ASP N 174 10.86 -11.72 45.74
N ILE N 175 10.44 -12.98 45.70
CA ILE N 175 11.27 -14.05 45.17
C ILE N 175 10.42 -14.89 44.22
N VAL N 176 10.97 -15.20 43.05
CA VAL N 176 10.29 -15.97 42.03
C VAL N 176 11.08 -17.26 41.80
N ILE N 177 10.38 -18.39 41.81
CA ILE N 177 10.99 -19.70 41.59
C ILE N 177 10.34 -20.31 40.36
N LEU N 178 11.11 -20.46 39.29
CA LEU N 178 10.67 -21.14 38.08
C LEU N 178 11.09 -22.59 38.20
N TYR N 179 10.14 -23.45 38.62
CA TYR N 179 10.46 -24.86 38.80
C TYR N 179 10.97 -25.49 37.51
N ASP N 180 10.34 -25.16 36.39
CA ASP N 180 10.82 -25.55 35.07
C ASP N 180 10.61 -24.38 34.12
N SER N 181 11.31 -24.42 32.99
CA SER N 181 11.35 -23.29 32.07
C SER N 181 10.46 -23.53 30.86
N ASP N 182 9.96 -22.42 30.32
CA ASP N 182 9.20 -22.43 29.08
C ASP N 182 10.16 -22.33 27.89
N TRP N 183 9.77 -22.94 26.77
CA TRP N 183 10.56 -22.79 25.56
C TRP N 183 10.52 -21.35 25.05
N ASN N 184 9.44 -20.63 25.38
CA ASN N 184 9.30 -19.23 25.01
C ASN N 184 9.91 -18.36 26.10
N PRO N 185 11.01 -17.66 25.83
CA PRO N 185 11.66 -16.87 26.90
C PRO N 185 10.77 -15.80 27.50
N GLN N 186 9.88 -15.21 26.71
CA GLN N 186 9.02 -14.16 27.23
C GLN N 186 8.00 -14.71 28.21
N ALA N 187 7.66 -15.99 28.09
CA ALA N 187 6.69 -16.59 29.01
C ALA N 187 7.23 -16.60 30.44
N ASP N 188 8.49 -16.99 30.61
CA ASP N 188 9.12 -16.90 31.93
C ASP N 188 9.36 -15.45 32.32
N LEU N 189 9.71 -14.60 31.35
CA LEU N 189 9.91 -13.18 31.62
C LEU N 189 8.63 -12.55 32.16
N GLN N 190 7.49 -12.90 31.57
CA GLN N 190 6.21 -12.41 32.08
C GLN N 190 5.95 -12.91 33.49
N ALA N 191 6.42 -14.11 33.82
CA ALA N 191 6.24 -14.64 35.17
C ALA N 191 7.06 -13.86 36.18
N MET N 192 8.32 -13.54 35.85
CA MET N 192 9.14 -12.74 36.74
C MET N 192 8.54 -11.35 36.95
N ASP N 193 7.86 -10.82 35.94
CA ASP N 193 7.26 -9.50 36.03
C ASP N 193 5.96 -9.48 36.81
N ARG N 194 5.50 -10.64 37.31
CA ARG N 194 4.42 -10.62 38.28
C ARG N 194 4.88 -10.01 39.59
N ALA N 195 6.15 -10.20 39.94
CA ALA N 195 6.75 -9.60 41.13
C ALA N 195 7.59 -8.37 40.80
N HIS N 196 8.34 -8.42 39.70
CA HIS N 196 9.22 -7.31 39.32
C HIS N 196 8.47 -6.35 38.40
N ARG N 197 7.65 -5.50 39.02
CA ARG N 197 6.94 -4.45 38.30
C ARG N 197 6.64 -3.32 39.28
N ILE N 198 6.02 -2.26 38.77
CA ILE N 198 5.75 -1.06 39.57
C ILE N 198 4.82 -1.43 40.71
N GLY N 199 5.25 -1.16 41.93
CA GLY N 199 4.54 -1.56 43.13
C GLY N 199 5.42 -2.38 44.04
N GLN N 200 6.54 -2.85 43.50
CA GLN N 200 7.50 -3.62 44.28
C GLN N 200 8.41 -2.67 45.06
N THR N 201 8.63 -2.97 46.34
CA THR N 201 9.49 -2.16 47.18
C THR N 201 10.83 -2.81 47.47
N LYS N 202 10.97 -4.10 47.19
CA LYS N 202 12.16 -4.86 47.56
C LYS N 202 12.84 -5.41 46.30
N GLN N 203 13.96 -6.11 46.52
CA GLN N 203 14.75 -6.68 45.43
C GLN N 203 14.13 -8.01 45.00
N VAL N 204 13.63 -8.06 43.77
CA VAL N 204 13.06 -9.28 43.24
C VAL N 204 14.19 -10.21 42.81
N VAL N 205 14.11 -11.48 43.23
CA VAL N 205 15.12 -12.48 42.93
C VAL N 205 14.43 -13.67 42.26
N VAL N 206 15.01 -14.16 41.18
CA VAL N 206 14.44 -15.24 40.40
C VAL N 206 15.39 -16.44 40.42
N TYR N 207 14.88 -17.58 40.87
CA TYR N 207 15.61 -18.83 40.86
C TYR N 207 15.02 -19.76 39.81
N ARG N 208 15.86 -20.24 38.90
CA ARG N 208 15.44 -21.12 37.82
C ARG N 208 16.05 -22.50 38.02
N PHE N 209 15.23 -23.45 38.45
CA PHE N 209 15.68 -24.82 38.61
C PHE N 209 16.03 -25.41 37.25
N VAL N 210 17.27 -25.87 37.09
CA VAL N 210 17.73 -26.47 35.85
C VAL N 210 18.45 -27.77 36.20
N THR N 211 18.09 -28.86 35.53
CA THR N 211 18.73 -30.15 35.77
C THR N 211 20.04 -30.20 34.99
N ASP N 212 21.16 -30.13 35.70
CA ASP N 212 22.47 -30.13 35.06
C ASP N 212 22.73 -31.49 34.40
N ASN N 213 23.45 -31.44 33.27
CA ASN N 213 23.88 -32.63 32.54
C ASN N 213 22.68 -33.50 32.13
N ALA N 214 21.51 -32.89 31.97
CA ALA N 214 20.33 -33.60 31.53
C ALA N 214 19.68 -32.81 30.40
N ILE N 215 18.41 -33.13 30.10
CA ILE N 215 17.76 -32.52 28.96
C ILE N 215 17.43 -31.05 29.23
N GLU N 216 17.18 -30.68 30.49
CA GLU N 216 16.79 -29.32 30.79
C GLU N 216 17.96 -28.35 30.62
N GLU N 217 19.20 -28.83 30.75
CA GLU N 217 20.35 -27.97 30.52
C GLU N 217 20.43 -27.55 29.06
N LYS N 218 20.02 -28.42 28.14
CA LYS N 218 19.99 -28.07 26.72
C LYS N 218 18.75 -27.26 26.38
N VAL N 219 17.62 -27.54 27.03
CA VAL N 219 16.44 -26.69 26.87
C VAL N 219 16.76 -25.26 27.26
N LEU N 220 17.59 -25.09 28.30
CA LEU N 220 17.98 -23.76 28.74
C LEU N 220 18.75 -23.01 27.66
N GLU N 221 19.70 -23.70 27.02
CA GLU N 221 20.54 -23.03 26.02
C GLU N 221 19.73 -22.60 24.80
N ARG N 222 18.74 -23.42 24.40
CA ARG N 222 17.89 -23.04 23.28
C ARG N 222 17.06 -21.81 23.63
N ALA N 223 16.37 -21.84 24.77
CA ALA N 223 15.56 -20.72 25.20
C ALA N 223 16.39 -19.47 25.49
N ALA N 224 17.67 -19.63 25.81
CA ALA N 224 18.54 -18.48 26.00
C ALA N 224 18.94 -17.87 24.65
N GLN N 225 19.22 -18.72 23.66
CA GLN N 225 19.53 -18.21 22.33
C GLN N 225 18.37 -17.43 21.75
N LYS N 226 17.18 -18.04 21.75
CA LYS N 226 16.00 -17.37 21.19
C LYS N 226 15.73 -16.03 21.86
N LEU N 227 16.09 -15.89 23.14
CA LEU N 227 15.97 -14.60 23.81
C LEU N 227 17.00 -13.61 23.28
N ARG N 228 18.22 -14.08 23.01
CA ARG N 228 19.23 -13.19 22.44
C ARG N 228 18.86 -12.78 21.01
N LEU N 229 18.31 -13.72 20.24
CA LEU N 229 17.77 -13.37 18.93
C LEU N 229 16.62 -12.37 19.05
N ASP N 230 15.76 -12.58 20.05
CA ASP N 230 14.61 -11.69 20.24
C ASP N 230 15.06 -10.26 20.49
N GLN N 231 15.92 -10.06 21.48
CA GLN N 231 16.34 -8.70 21.83
C GLN N 231 17.19 -8.06 20.75
N LEU N 232 17.75 -8.83 19.82
CA LEU N 232 18.44 -8.23 18.68
C LEU N 232 17.47 -7.62 17.68
N VAL N 233 16.36 -8.31 17.41
CA VAL N 233 15.36 -7.80 16.48
C VAL N 233 14.72 -6.54 17.02
N ILE N 234 14.25 -6.60 18.26
CA ILE N 234 13.66 -5.43 18.90
C ILE N 234 14.64 -4.27 18.86
N GLN N 235 15.91 -4.56 19.14
CA GLN N 235 16.95 -3.54 19.14
C GLN N 235 17.04 -2.85 17.78
N GLN N 236 16.87 -3.61 16.71
CA GLN N 236 17.06 -3.11 15.36
C GLN N 236 15.80 -2.50 14.75
N GLY N 237 14.65 -2.69 15.39
CA GLY N 237 13.34 -2.29 14.91
C GLY N 237 13.28 -1.05 14.05
N ARG N 238 14.04 -0.02 14.41
CA ARG N 238 14.07 1.24 13.66
C ARG N 238 14.80 1.13 12.34
N ALA N 239 15.44 -0.01 12.06
CA ALA N 239 16.25 -0.13 10.85
C ALA N 239 15.39 -0.08 9.59
N GLN N 240 14.19 -0.70 9.63
CA GLN N 240 13.42 -0.87 8.41
C GLN N 240 12.95 0.47 7.83
N VAL N 241 12.46 1.37 8.67
CA VAL N 241 11.86 2.60 8.16
C VAL N 241 12.92 3.64 7.81
N ALA N 242 14.05 3.65 8.52
CA ALA N 242 15.11 4.61 8.21
C ALA N 242 15.68 4.38 6.82
N ALA N 243 15.74 3.13 6.37
CA ALA N 243 16.21 2.82 5.03
C ALA N 243 15.18 3.11 3.96
N LYS N 244 13.90 3.22 4.34
CA LYS N 244 12.84 3.59 3.42
C LYS N 244 12.68 5.09 3.26
N ALA N 245 13.15 5.87 4.24
CA ALA N 245 12.79 7.28 4.32
C ALA N 245 13.37 8.09 3.17
N ALA N 246 12.50 8.86 2.52
CA ALA N 246 12.96 9.93 1.65
C ALA N 246 13.63 11.00 2.51
N ALA N 247 14.60 11.70 1.93
CA ALA N 247 15.49 12.55 2.71
C ALA N 247 14.74 13.65 3.45
N ASN N 248 15.22 13.96 4.65
CA ASN N 248 14.74 15.10 5.41
C ASN N 248 15.04 16.40 4.67
N LYS N 249 14.24 17.43 4.95
CA LYS N 249 14.50 18.73 4.36
C LYS N 249 15.81 19.32 4.85
N ASP N 250 16.21 19.02 6.09
CA ASP N 250 17.51 19.46 6.58
C ASP N 250 18.64 18.63 5.99
N GLU N 251 18.36 17.37 5.63
CA GLU N 251 19.32 16.58 4.87
C GLU N 251 19.50 17.16 3.47
N LEU N 252 18.41 17.57 2.83
CA LEU N 252 18.49 18.27 1.55
C LEU N 252 19.30 19.55 1.69
N LEU N 253 19.04 20.31 2.75
CA LEU N 253 19.74 21.58 2.94
C LEU N 253 21.24 21.36 3.13
N SER N 254 21.61 20.35 3.91
CA SER N 254 23.03 20.05 4.08
C SER N 254 23.67 19.57 2.77
N MET N 255 22.89 18.88 1.93
CA MET N 255 23.39 18.49 0.61
C MET N 255 23.66 19.70 -0.26
N ILE N 256 22.82 20.73 -0.16
CA ILE N 256 22.98 21.91 -1.00
C ILE N 256 24.03 22.84 -0.41
N GLN N 257 24.07 22.96 0.93
CA GLN N 257 25.02 23.85 1.58
C GLN N 257 26.44 23.29 1.61
N HIS N 258 26.64 22.04 1.21
CA HIS N 258 27.95 21.40 1.30
C HIS N 258 28.91 22.05 0.31
N GLY N 259 29.83 22.87 0.83
CA GLY N 259 30.82 23.52 -0.01
C GLY N 259 30.36 24.81 -0.65
N ALA N 260 29.22 25.35 -0.23
CA ALA N 260 28.69 26.57 -0.86
C ALA N 260 29.63 27.75 -0.64
N GLU N 261 30.27 27.83 0.53
CA GLU N 261 31.23 28.89 0.78
C GLU N 261 32.41 28.81 -0.18
N LYS N 262 33.04 27.63 -0.27
CA LYS N 262 34.18 27.44 -1.16
C LYS N 262 33.81 27.69 -2.61
N VAL N 263 32.57 27.39 -3.00
CA VAL N 263 32.13 27.66 -4.36
C VAL N 263 32.10 29.16 -4.61
N PHE N 264 31.59 29.93 -3.65
CA PHE N 264 31.48 31.38 -3.82
C PHE N 264 32.85 32.05 -3.78
N GLN N 265 33.76 31.55 -2.93
CA GLN N 265 35.07 32.17 -2.80
C GLN N 265 35.87 32.06 -4.09
N THR N 266 35.57 31.07 -4.93
CA THR N 266 36.34 30.83 -6.14
C THR N 266 36.08 31.92 -7.17
N LYS N 267 37.15 32.36 -7.83
CA LYS N 267 37.06 33.19 -9.02
C LYS N 267 37.44 32.45 -10.29
N GLY N 268 38.36 31.50 -10.20
CA GLY N 268 38.71 30.66 -11.33
C GLY N 268 37.96 29.35 -11.29
N ALA N 269 38.68 28.24 -11.13
CA ALA N 269 38.11 26.92 -11.08
C ALA N 269 38.37 26.29 -9.72
N PHE N 270 37.76 25.12 -9.49
CA PHE N 270 37.93 24.42 -8.23
C PHE N 270 39.28 23.69 -8.20
N GLY N 271 39.50 22.96 -7.11
CA GLY N 271 40.80 22.36 -6.81
C GLY N 271 41.46 21.57 -7.91
N THR N 272 40.77 20.55 -8.43
CA THR N 272 41.38 19.71 -9.46
C THR N 272 41.69 20.50 -10.73
N MET N 273 40.79 21.39 -11.13
CA MET N 273 41.02 22.19 -12.33
C MET N 273 41.99 23.34 -12.10
N ALA N 274 42.39 23.60 -10.84
CA ALA N 274 43.27 24.71 -10.54
C ALA N 274 44.74 24.41 -10.84
N GLU N 275 45.20 23.19 -10.57
CA GLU N 275 46.56 22.82 -10.91
C GLU N 275 46.75 22.82 -12.44
N GLN N 279 43.36 20.88 -17.72
CA GLN N 279 44.40 20.10 -18.37
C GLN N 279 45.54 19.79 -17.41
N LEU N 280 45.71 18.49 -17.15
CA LEU N 280 46.62 17.99 -16.13
C LEU N 280 47.40 16.79 -16.64
N ASP N 281 48.67 16.69 -16.23
CA ASP N 281 49.50 15.58 -16.64
C ASP N 281 49.06 14.28 -15.98
N ASP N 282 49.52 13.15 -16.55
CA ASP N 282 49.18 11.86 -15.95
C ASP N 282 49.84 11.70 -14.59
N ASP N 283 50.89 12.49 -14.32
CA ASP N 283 51.35 12.64 -12.95
C ASP N 283 50.19 13.00 -12.03
N ASP N 284 49.23 13.80 -12.53
CA ASP N 284 48.13 14.19 -11.67
C ASP N 284 47.09 13.08 -11.55
N ILE N 285 46.74 12.42 -12.68
CA ILE N 285 45.71 11.39 -12.66
C ILE N 285 46.11 10.22 -11.78
N ASP N 286 47.33 9.72 -11.93
CA ASP N 286 47.77 8.61 -11.09
C ASP N 286 47.97 9.03 -9.65
N ALA N 287 48.14 10.32 -9.39
CA ALA N 287 48.15 10.81 -8.01
C ALA N 287 46.73 11.05 -7.51
N ILE N 288 45.79 11.32 -8.42
CA ILE N 288 44.39 11.49 -8.01
C ILE N 288 43.78 10.15 -7.64
N LEU N 289 43.97 9.13 -8.49
CA LEU N 289 43.52 7.79 -8.16
C LEU N 289 44.16 7.27 -6.89
N GLN N 290 45.40 7.67 -6.62
CA GLN N 290 46.10 7.21 -5.42
C GLN N 290 45.43 7.76 -4.17
N ALA N 291 45.18 9.06 -4.13
CA ALA N 291 44.50 9.68 -3.00
C ALA N 291 43.03 9.30 -2.94
N GLY N 292 42.42 8.94 -4.07
CA GLY N 292 41.01 8.60 -4.07
C GLY N 292 40.71 7.32 -3.32
N GLU N 293 41.49 6.26 -3.61
CA GLU N 293 41.28 4.99 -2.94
C GLU N 293 41.48 5.10 -1.43
N THR N 294 42.38 5.99 -1.00
CA THR N 294 42.61 6.19 0.42
C THR N 294 41.35 6.73 1.11
N ARG N 295 40.74 7.74 0.50
CA ARG N 295 39.52 8.31 1.06
C ARG N 295 38.37 7.31 1.06
N THR N 296 38.33 6.43 0.05
CA THR N 296 37.29 5.40 0.00
C THR N 296 37.45 4.42 1.15
N LYS N 297 38.69 3.96 1.39
CA LYS N 297 38.94 2.98 2.42
C LYS N 297 38.49 3.48 3.80
N GLU N 298 38.85 4.72 4.13
CA GLU N 298 38.46 5.28 5.42
C GLU N 298 36.95 5.49 5.50
N LEU N 299 36.33 5.90 4.40
CA LEU N 299 34.89 6.12 4.40
C LEU N 299 34.14 4.82 4.66
N ASN N 300 34.47 3.77 3.91
CA ASN N 300 33.79 2.49 4.09
C ASN N 300 34.07 1.91 5.47
N ALA N 301 35.33 1.95 5.92
CA ALA N 301 35.67 1.41 7.23
C ALA N 301 34.95 2.17 8.34
N ARG N 302 34.83 3.49 8.20
CA ARG N 302 34.16 4.29 9.23
C ARG N 302 32.69 3.91 9.34
N TYR N 303 32.05 3.55 8.24
CA TYR N 303 30.62 3.28 8.24
C TYR N 303 30.27 1.81 8.40
N GLU N 304 31.12 0.90 7.94
CA GLU N 304 30.78 -0.52 7.98
C GLU N 304 30.61 -1.02 9.41
N LYS N 305 31.40 -0.48 10.34
CA LYS N 305 31.34 -0.90 11.73
C LYS N 305 30.31 -0.14 12.54
N LEU N 306 29.53 0.74 11.91
CA LEU N 306 28.59 1.56 12.66
C LEU N 306 27.37 0.77 13.10
N GLY N 307 26.89 1.06 14.30
CA GLY N 307 25.63 0.52 14.78
C GLY N 307 24.47 1.44 14.43
N ILE N 308 23.28 1.02 14.86
CA ILE N 308 22.07 1.76 14.51
C ILE N 308 21.90 3.02 15.35
N ASP N 309 22.57 3.11 16.50
CA ASP N 309 22.44 4.31 17.33
C ASP N 309 23.07 5.52 16.67
N ASP N 310 24.15 5.32 15.91
CA ASP N 310 24.69 6.41 15.10
C ASP N 310 23.73 6.79 13.98
N LEU N 311 23.12 5.78 13.36
CA LEU N 311 22.23 5.99 12.23
C LEU N 311 20.79 6.23 12.70
N LYS O 2 -23.05 19.89 24.37
CA LYS O 2 -24.09 19.41 25.27
C LYS O 2 -23.60 18.20 26.07
N SER O 3 -24.36 17.81 27.08
CA SER O 3 -23.96 16.72 27.96
C SER O 3 -24.24 15.37 27.30
N LEU O 4 -23.17 14.60 27.06
CA LEU O 4 -23.27 13.24 26.55
C LEU O 4 -22.77 12.29 27.63
N LEU O 5 -23.71 11.60 28.29
CA LEU O 5 -23.34 10.70 29.38
C LEU O 5 -22.47 9.56 28.86
N PRO O 6 -21.36 9.25 29.53
CA PRO O 6 -20.50 8.14 29.07
C PRO O 6 -21.23 6.79 29.06
N LYS O 7 -20.84 5.96 28.11
CA LYS O 7 -21.48 4.66 27.89
C LYS O 7 -21.05 3.64 28.94
N LYS O 8 -22.01 2.83 29.40
CA LYS O 8 -21.76 1.69 30.28
C LYS O 8 -21.49 0.45 29.43
N GLU O 9 -20.24 0.00 29.41
CA GLU O 9 -19.86 -1.21 28.68
C GLU O 9 -19.74 -2.36 29.68
N ILE O 10 -20.63 -3.34 29.57
CA ILE O 10 -20.71 -4.46 30.51
C ILE O 10 -20.62 -5.76 29.72
N ASN O 11 -19.63 -6.58 30.04
CA ASN O 11 -19.57 -7.95 29.52
C ASN O 11 -20.58 -8.82 30.26
N VAL O 12 -21.45 -9.50 29.51
CA VAL O 12 -22.44 -10.42 30.05
C VAL O 12 -21.92 -11.83 29.81
N TYR O 13 -21.39 -12.45 30.88
CA TYR O 13 -20.83 -13.78 30.74
C TYR O 13 -21.94 -14.81 30.77
N ILE O 14 -21.97 -15.68 29.76
CA ILE O 14 -23.08 -16.60 29.53
C ILE O 14 -22.56 -18.02 29.43
N GLY O 15 -23.36 -18.98 29.93
CA GLY O 15 -23.06 -20.38 29.79
C GLY O 15 -23.60 -20.94 28.50
N MET O 16 -23.50 -22.26 28.35
CA MET O 16 -23.94 -22.94 27.14
C MET O 16 -25.01 -23.98 27.48
N SER O 17 -25.95 -24.15 26.55
CA SER O 17 -26.97 -25.17 26.71
C SER O 17 -26.35 -26.55 26.50
N GLU O 18 -27.13 -27.58 26.85
CA GLU O 18 -26.66 -28.96 26.65
C GLU O 18 -26.35 -29.21 25.18
N MET O 19 -27.17 -28.65 24.29
CA MET O 19 -26.96 -28.85 22.86
C MET O 19 -25.66 -28.20 22.40
N GLN O 20 -25.36 -26.99 22.92
CA GLN O 20 -24.10 -26.34 22.58
C GLN O 20 -22.91 -27.17 23.04
N VAL O 21 -22.99 -27.74 24.24
CA VAL O 21 -21.90 -28.55 24.77
C VAL O 21 -21.63 -29.74 23.87
N LYS O 22 -22.70 -30.39 23.39
CA LYS O 22 -22.53 -31.54 22.49
C LYS O 22 -21.81 -31.14 21.22
N TRP O 23 -22.20 -30.02 20.61
CA TRP O 23 -21.55 -29.58 19.39
C TRP O 23 -20.15 -29.03 19.67
N TYR O 24 -20.01 -28.25 20.75
CA TYR O 24 -18.69 -27.75 21.13
C TYR O 24 -17.72 -28.91 21.36
N GLN O 25 -18.19 -29.99 21.98
CA GLN O 25 -17.37 -31.18 22.10
C GLN O 25 -17.11 -31.80 20.73
N LYS O 26 -18.16 -31.89 19.90
CA LYS O 26 -18.03 -32.50 18.58
C LYS O 26 -17.06 -31.72 17.70
N ILE O 27 -17.10 -30.39 17.78
CA ILE O 27 -16.15 -29.57 17.02
C ILE O 27 -14.73 -29.81 17.49
N LEU O 28 -14.52 -29.80 18.81
CA LEU O 28 -13.19 -30.06 19.34
C LEU O 28 -12.74 -31.48 19.02
N GLU O 29 -13.68 -32.43 19.04
CA GLU O 29 -13.33 -33.83 18.80
C GLU O 29 -13.06 -34.10 17.32
N LYS O 30 -13.81 -33.46 16.41
CA LYS O 30 -13.65 -33.78 15.00
C LYS O 30 -12.27 -33.41 14.47
N ASP O 31 -11.46 -32.70 15.24
CA ASP O 31 -10.08 -32.39 14.86
C ASP O 31 -9.22 -32.20 16.12
N ILE O 32 -9.27 -33.17 17.03
CA ILE O 32 -8.60 -33.02 18.31
C ILE O 32 -7.07 -33.03 18.19
N ASP O 33 -6.52 -33.68 17.16
CA ASP O 33 -5.05 -33.75 17.09
C ASP O 33 -4.44 -32.37 16.83
N ALA O 34 -5.10 -31.52 16.05
CA ALA O 34 -4.62 -30.17 15.86
C ALA O 34 -4.80 -29.33 17.13
N VAL O 35 -5.85 -29.59 17.90
CA VAL O 35 -6.12 -28.80 19.10
C VAL O 35 -5.09 -29.05 20.19
N ASN O 36 -4.99 -30.31 20.64
CA ASN O 36 -4.13 -30.61 21.77
C ASN O 36 -2.65 -30.52 21.40
N GLY O 37 -2.28 -30.92 20.19
CA GLY O 37 -0.88 -30.90 19.81
C GLY O 37 -0.55 -29.90 18.72
N ALA O 38 -0.28 -30.42 17.52
CA ALA O 38 0.17 -29.58 16.42
C ALA O 38 0.12 -30.38 15.13
N GLY O 39 0.20 -29.66 14.02
CA GLY O 39 0.51 -30.27 12.74
C GLY O 39 1.80 -29.66 12.25
N GLY O 40 1.99 -29.57 10.93
CA GLY O 40 3.03 -28.72 10.41
C GLY O 40 2.71 -27.26 10.67
N LYS O 41 3.75 -26.45 10.90
CA LYS O 41 3.54 -25.02 11.07
C LYS O 41 2.80 -24.42 9.88
N ARG O 42 3.01 -24.97 8.68
CA ARG O 42 2.23 -24.55 7.52
C ARG O 42 0.80 -25.05 7.62
N GLU O 43 0.60 -26.23 8.21
CA GLU O 43 -0.74 -26.82 8.26
C GLU O 43 -1.50 -26.33 9.48
N SER O 44 -0.83 -26.27 10.62
CA SER O 44 -1.53 -26.06 11.89
C SER O 44 -2.28 -24.74 11.91
N LYS O 45 -1.62 -23.67 11.46
CA LYS O 45 -2.22 -22.34 11.58
C LYS O 45 -3.53 -22.22 10.81
N THR O 46 -3.55 -22.67 9.55
CA THR O 46 -4.79 -22.67 8.79
C THR O 46 -5.78 -23.67 9.37
N ARG O 47 -5.28 -24.77 9.93
CA ARG O 47 -6.15 -25.78 10.51
C ARG O 47 -6.79 -25.28 11.81
N LEU O 48 -6.07 -24.47 12.58
CA LEU O 48 -6.61 -23.93 13.83
C LEU O 48 -7.63 -22.82 13.56
N LEU O 49 -7.37 -22.00 12.54
CA LEU O 49 -8.30 -20.92 12.19
C LEU O 49 -9.67 -21.47 11.85
N ASN O 50 -9.74 -22.71 11.34
CA ASN O 50 -11.02 -23.35 11.09
C ASN O 50 -11.72 -23.69 12.40
N ILE O 51 -10.98 -24.21 13.38
CA ILE O 51 -11.55 -24.57 14.67
C ILE O 51 -12.11 -23.34 15.38
N VAL O 52 -11.37 -22.22 15.33
CA VAL O 52 -11.82 -20.99 15.97
C VAL O 52 -13.16 -20.54 15.40
N MET O 53 -13.29 -20.57 14.07
CA MET O 53 -14.53 -20.10 13.43
C MET O 53 -15.71 -20.99 13.80
N GLN O 54 -15.50 -22.30 13.89
CA GLN O 54 -16.59 -23.20 14.26
C GLN O 54 -16.98 -23.04 15.73
N LEU O 55 -15.99 -22.85 16.60
CA LEU O 55 -16.29 -22.68 18.02
C LEU O 55 -17.10 -21.43 18.27
N ARG O 56 -16.86 -20.37 17.51
CA ARG O 56 -17.65 -19.15 17.68
C ARG O 56 -19.07 -19.34 17.18
N LYS O 57 -19.27 -20.13 16.12
CA LYS O 57 -20.62 -20.43 15.69
C LYS O 57 -21.38 -21.20 16.75
N CYS O 58 -20.70 -22.12 17.45
CA CYS O 58 -21.35 -22.86 18.52
C CYS O 58 -21.69 -21.94 19.69
N CYS O 59 -20.80 -21.01 20.02
CA CYS O 59 -21.08 -20.05 21.07
C CYS O 59 -22.25 -19.14 20.69
N ASN O 60 -22.44 -18.90 19.39
CA ASN O 60 -23.53 -18.06 18.92
C ASN O 60 -24.85 -18.82 18.94
N HIS O 61 -24.95 -19.93 18.21
CA HIS O 61 -26.19 -20.70 18.16
C HIS O 61 -25.96 -22.06 17.51
N PRO O 62 -26.46 -23.14 18.12
CA PRO O 62 -26.29 -24.47 17.52
C PRO O 62 -26.97 -24.61 16.17
N TYR O 63 -28.07 -23.91 15.95
CA TYR O 63 -28.83 -24.04 14.71
C TYR O 63 -28.08 -23.53 13.49
N LEU O 64 -26.93 -22.89 13.67
CA LEU O 64 -26.09 -22.50 12.54
C LEU O 64 -25.49 -23.71 11.84
N PHE O 65 -25.39 -24.85 12.53
CA PHE O 65 -24.95 -26.11 11.93
C PHE O 65 -26.12 -26.87 11.30
N GLU O 66 -25.86 -27.50 10.16
CA GLU O 66 -26.89 -28.25 9.47
C GLU O 66 -27.17 -29.56 10.20
N GLY O 67 -28.45 -29.88 10.38
CA GLY O 67 -28.84 -31.08 11.08
C GLY O 67 -28.85 -30.96 12.58
N ALA O 68 -28.43 -29.80 13.11
CA ALA O 68 -28.42 -29.60 14.56
C ALA O 68 -29.83 -29.43 15.09
N GLU O 69 -30.58 -28.49 14.49
CA GLU O 69 -31.92 -28.20 14.94
C GLU O 69 -32.74 -29.49 14.94
N PRO O 70 -33.58 -29.70 15.96
CA PRO O 70 -34.36 -30.94 16.06
C PRO O 70 -35.07 -31.25 14.75
N GLY O 71 -35.12 -32.54 14.42
CA GLY O 71 -35.46 -33.00 13.09
C GLY O 71 -36.61 -32.30 12.42
N PRO O 72 -36.32 -31.72 11.24
CA PRO O 72 -37.24 -30.99 10.37
C PRO O 72 -38.43 -31.91 10.12
N PRO O 73 -39.65 -31.36 10.04
CA PRO O 73 -39.96 -29.92 10.00
C PRO O 73 -39.72 -29.09 11.27
N TYR O 74 -39.10 -27.95 11.00
CA TYR O 74 -38.79 -26.88 11.94
C TYR O 74 -40.05 -26.34 12.62
N THR O 75 -39.83 -25.61 13.71
CA THR O 75 -40.86 -24.83 14.39
C THR O 75 -40.21 -23.83 15.32
N THR O 76 -40.82 -22.65 15.43
CA THR O 76 -40.39 -21.64 16.39
C THR O 76 -41.14 -21.87 17.70
N ASP O 77 -40.44 -22.37 18.71
CA ASP O 77 -41.02 -22.56 20.03
C ASP O 77 -40.06 -21.93 21.03
N GLU O 78 -40.15 -22.36 22.28
CA GLU O 78 -39.17 -21.94 23.26
C GLU O 78 -37.85 -22.69 23.04
N HIS O 79 -37.88 -23.75 22.23
CA HIS O 79 -36.68 -24.49 21.88
C HIS O 79 -35.69 -23.63 21.11
N LEU O 80 -36.18 -22.69 20.31
CA LEU O 80 -35.29 -21.75 19.64
C LEU O 80 -34.50 -20.91 20.64
N ILE O 81 -35.01 -20.79 21.87
CA ILE O 81 -34.39 -19.96 22.89
C ILE O 81 -33.54 -20.77 23.85
N TYR O 82 -34.10 -21.82 24.46
CA TYR O 82 -33.38 -22.54 25.51
C TYR O 82 -32.28 -23.44 24.97
N ASN O 83 -32.04 -23.45 23.66
CA ASN O 83 -30.95 -24.25 23.10
C ASN O 83 -29.69 -23.43 22.84
N ALA O 84 -29.72 -22.13 23.10
CA ALA O 84 -28.56 -21.26 22.95
C ALA O 84 -28.44 -20.41 24.20
N GLY O 85 -27.27 -20.44 24.84
CA GLY O 85 -27.09 -19.71 26.08
C GLY O 85 -27.33 -18.22 25.94
N LYS O 86 -26.84 -17.63 24.85
CA LYS O 86 -27.00 -16.19 24.67
C LYS O 86 -28.47 -15.82 24.46
N MET O 87 -29.24 -16.70 23.81
CA MET O 87 -30.65 -16.43 23.60
C MET O 87 -31.43 -16.39 24.90
N VAL O 88 -31.12 -17.30 25.82
CA VAL O 88 -31.80 -17.33 27.12
C VAL O 88 -31.56 -16.03 27.87
N VAL O 89 -30.29 -15.59 27.93
CA VAL O 89 -29.97 -14.32 28.57
C VAL O 89 -30.61 -13.17 27.81
N LEU O 90 -30.58 -13.24 26.47
CA LEU O 90 -31.19 -12.19 25.66
C LEU O 90 -32.69 -12.12 25.90
N ASP O 91 -33.34 -13.28 26.08
CA ASP O 91 -34.79 -13.31 26.24
C ASP O 91 -35.24 -12.55 27.49
N LYS O 92 -34.52 -12.73 28.61
CA LYS O 92 -34.93 -12.04 29.83
C LYS O 92 -34.41 -10.60 29.87
N LEU O 93 -33.28 -10.32 29.23
CA LEU O 93 -32.80 -8.94 29.18
C LEU O 93 -33.75 -8.06 28.37
N LEU O 94 -34.18 -8.56 27.21
CA LEU O 94 -35.12 -7.80 26.39
C LEU O 94 -36.43 -7.57 27.11
N LYS O 95 -36.88 -8.55 27.91
CA LYS O 95 -38.11 -8.38 28.66
C LYS O 95 -38.00 -7.23 29.64
N ARG O 96 -36.83 -7.07 30.26
CA ARG O 96 -36.58 -5.94 31.15
C ARG O 96 -36.30 -4.67 30.35
N ILE O 97 -35.62 -4.79 29.22
CA ILE O 97 -35.26 -3.63 28.41
C ILE O 97 -36.52 -2.90 27.93
N GLN O 98 -37.52 -3.65 27.46
CA GLN O 98 -38.73 -3.01 26.95
C GLN O 98 -39.53 -2.35 28.06
N LYS O 99 -39.61 -2.99 29.23
CA LYS O 99 -40.43 -2.44 30.31
C LYS O 99 -39.84 -1.16 30.88
N GLN O 100 -38.52 -0.99 30.81
CA GLN O 100 -37.91 0.25 31.27
C GLN O 100 -37.95 1.33 30.18
N GLY O 101 -38.72 1.11 29.12
CA GLY O 101 -38.89 2.10 28.07
C GLY O 101 -37.64 2.36 27.27
N SER O 102 -36.79 1.34 27.10
CA SER O 102 -35.56 1.46 26.35
C SER O 102 -35.62 0.62 25.08
N ARG O 103 -34.97 1.11 24.04
CA ARG O 103 -34.87 0.43 22.76
C ARG O 103 -33.42 0.05 22.50
N VAL O 104 -33.22 -1.09 21.83
CA VAL O 104 -31.92 -1.74 21.77
C VAL O 104 -31.52 -1.98 20.33
N LEU O 105 -30.26 -1.68 20.02
CA LEU O 105 -29.61 -2.09 18.78
C LEU O 105 -28.82 -3.36 19.07
N ILE O 106 -29.00 -4.38 18.21
CA ILE O 106 -28.35 -5.66 18.39
C ILE O 106 -27.41 -5.91 17.21
N PHE O 107 -26.11 -6.01 17.50
CA PHE O 107 -25.11 -6.25 16.47
C PHE O 107 -24.67 -7.72 16.51
N SER O 108 -24.16 -8.19 15.37
CA SER O 108 -23.65 -9.55 15.28
C SER O 108 -22.71 -9.64 14.08
N GLN O 109 -21.78 -10.59 14.17
CA GLN O 109 -20.85 -10.83 13.06
C GLN O 109 -21.49 -11.63 11.94
N MET O 110 -22.50 -12.44 12.26
CA MET O 110 -23.08 -13.40 11.31
C MET O 110 -24.51 -13.01 10.99
N SER O 111 -24.80 -12.82 9.69
CA SER O 111 -26.16 -12.52 9.27
C SER O 111 -27.07 -13.73 9.47
N ARG O 112 -26.54 -14.95 9.37
CA ARG O 112 -27.35 -16.13 9.63
C ARG O 112 -27.77 -16.19 11.09
N LEU O 113 -27.08 -15.47 11.96
CA LEU O 113 -27.53 -15.33 13.33
C LEU O 113 -28.64 -14.28 13.42
N LEU O 114 -28.49 -13.17 12.69
CA LEU O 114 -29.57 -12.21 12.58
C LEU O 114 -30.82 -12.86 12.00
N ASP O 115 -30.62 -13.82 11.08
CA ASP O 115 -31.75 -14.61 10.58
C ASP O 115 -32.45 -15.33 11.72
N ILE O 116 -31.68 -15.88 12.66
CA ILE O 116 -32.27 -16.51 13.83
C ILE O 116 -32.97 -15.47 14.70
N LEU O 117 -32.33 -14.30 14.87
CA LEU O 117 -32.93 -13.25 15.69
C LEU O 117 -34.23 -12.73 15.09
N GLU O 118 -34.36 -12.72 13.76
CA GLU O 118 -35.63 -12.31 13.15
C GLU O 118 -36.75 -13.25 13.55
N ASP O 119 -36.52 -14.56 13.43
CA ASP O 119 -37.53 -15.53 13.83
C ASP O 119 -37.83 -15.44 15.32
N TYR O 120 -36.82 -15.08 16.12
CA TYR O 120 -37.06 -14.89 17.55
C TYR O 120 -37.94 -13.66 17.78
N CYS O 121 -37.62 -12.55 17.12
CA CYS O 121 -38.38 -11.32 17.33
C CYS O 121 -39.84 -11.49 16.95
N VAL O 122 -40.10 -12.20 15.85
CA VAL O 122 -41.48 -12.48 15.45
C VAL O 122 -42.15 -13.41 16.46
N PHE O 123 -41.40 -14.39 16.98
CA PHE O 123 -41.95 -15.33 17.95
C PHE O 123 -42.36 -14.64 19.24
N ARG O 124 -41.72 -13.53 19.58
CA ARG O 124 -42.07 -12.78 20.79
C ARG O 124 -42.92 -11.56 20.50
N GLY O 125 -43.11 -11.20 19.23
CA GLY O 125 -43.91 -10.05 18.89
C GLY O 125 -43.18 -8.73 18.98
N TYR O 126 -41.86 -8.73 18.77
CA TYR O 126 -41.05 -7.53 18.85
C TYR O 126 -40.97 -6.86 17.48
N LYS O 127 -41.43 -5.62 17.40
CA LYS O 127 -41.28 -4.83 16.19
C LYS O 127 -39.80 -4.50 15.98
N TYR O 128 -39.32 -4.69 14.76
CA TYR O 128 -37.90 -4.52 14.50
C TYR O 128 -37.65 -4.00 13.09
N CYS O 129 -36.40 -3.60 12.88
CA CYS O 129 -35.85 -3.29 11.57
C CYS O 129 -34.59 -4.12 11.44
N ARG O 130 -34.03 -4.13 10.23
CA ARG O 130 -32.81 -4.89 10.01
C ARG O 130 -32.02 -4.24 8.91
N ILE O 131 -30.72 -4.06 9.16
CA ILE O 131 -29.76 -3.65 8.15
C ILE O 131 -28.72 -4.74 8.11
N ASP O 132 -28.70 -5.46 7.01
CA ASP O 132 -27.82 -6.61 6.82
C ASP O 132 -26.57 -6.17 6.09
N GLY O 133 -25.47 -6.85 6.39
CA GLY O 133 -24.23 -6.55 5.70
C GLY O 133 -24.55 -6.81 4.25
N SER O 134 -24.26 -5.84 3.38
CA SER O 134 -24.68 -5.86 1.98
C SER O 134 -26.20 -5.76 1.86
N THR O 135 -26.78 -4.65 2.31
CA THR O 135 -28.15 -4.27 2.01
C THR O 135 -28.11 -3.02 1.14
N ALA O 136 -29.01 -2.95 0.16
CA ALA O 136 -29.00 -1.85 -0.81
C ALA O 136 -29.05 -0.50 -0.10
N HIS O 137 -28.33 0.47 -0.66
CA HIS O 137 -28.15 1.78 -0.02
C HIS O 137 -29.49 2.44 0.30
N GLU O 138 -30.37 2.57 -0.70
CA GLU O 138 -31.65 3.22 -0.47
C GLU O 138 -32.50 2.44 0.53
N ASP O 139 -32.48 1.10 0.44
CA ASP O 139 -33.10 0.29 1.48
C ASP O 139 -32.38 0.49 2.81
N ARG O 140 -31.06 0.70 2.76
CA ARG O 140 -30.28 0.92 3.98
C ARG O 140 -30.63 2.27 4.63
N ILE O 141 -31.01 3.26 3.82
CA ILE O 141 -31.45 4.54 4.39
C ILE O 141 -32.85 4.41 4.95
N ALA O 142 -33.69 3.56 4.34
CA ALA O 142 -35.10 3.52 4.69
C ALA O 142 -35.32 3.04 6.12
N ALA O 143 -34.43 2.18 6.63
CA ALA O 143 -34.60 1.67 7.99
C ALA O 143 -34.17 2.69 9.03
N ILE O 144 -33.11 3.45 8.76
CA ILE O 144 -32.67 4.51 9.67
C ILE O 144 -33.79 5.50 9.91
N ASP O 145 -34.42 5.96 8.83
CA ASP O 145 -35.49 6.93 8.96
C ASP O 145 -36.67 6.33 9.72
N GLU O 146 -37.03 5.08 9.39
CA GLU O 146 -38.19 4.44 10.04
C GLU O 146 -37.97 4.26 11.54
N TYR O 147 -36.78 3.84 11.94
CA TYR O 147 -36.50 3.59 13.35
C TYR O 147 -36.42 4.88 14.16
N ASN O 148 -35.95 5.96 13.55
CA ASN O 148 -35.74 7.21 14.26
C ASN O 148 -36.96 8.12 14.27
N LYS O 149 -37.92 7.92 13.36
CA LYS O 149 -39.05 8.82 13.25
C LYS O 149 -39.78 8.96 14.59
N PRO O 150 -40.19 10.16 14.96
CA PRO O 150 -40.88 10.36 16.24
C PRO O 150 -42.15 9.51 16.31
N GLY O 151 -42.33 8.83 17.45
CA GLY O 151 -43.43 7.91 17.59
C GLY O 151 -43.23 6.62 16.85
N SER O 152 -41.99 6.14 16.76
CA SER O 152 -41.68 4.93 16.02
C SER O 152 -42.32 3.71 16.68
N ASP O 153 -42.70 2.75 15.85
CA ASP O 153 -43.27 1.50 16.33
C ASP O 153 -42.19 0.48 16.68
N LYS O 154 -41.00 0.62 16.10
CA LYS O 154 -39.93 -0.35 16.26
C LYS O 154 -39.34 -0.31 17.66
N PHE O 155 -38.75 -1.43 18.06
CA PHE O 155 -38.13 -1.64 19.37
C PHE O 155 -36.74 -2.24 19.27
N ILE O 156 -36.50 -3.14 18.33
CA ILE O 156 -35.21 -3.80 18.14
C ILE O 156 -34.68 -3.41 16.77
N PHE O 157 -33.37 -3.22 16.67
CA PHE O 157 -32.73 -2.95 15.38
C PHE O 157 -31.60 -3.95 15.20
N LEU O 158 -31.75 -4.86 14.24
CA LEU O 158 -30.76 -5.89 13.98
C LEU O 158 -29.74 -5.39 12.96
N LEU O 159 -28.46 -5.46 13.32
CA LEU O 159 -27.39 -5.00 12.43
C LEU O 159 -26.22 -5.97 12.47
N THR O 160 -25.49 -6.02 11.37
CA THR O 160 -24.16 -6.64 11.34
C THR O 160 -23.13 -5.58 11.70
N THR O 161 -22.07 -6.01 12.41
CA THR O 161 -21.02 -5.08 12.79
C THR O 161 -20.39 -4.43 11.57
N ARG O 162 -20.41 -5.13 10.42
CA ARG O 162 -19.95 -4.55 9.17
C ARG O 162 -20.72 -3.28 8.84
N ALA O 163 -22.04 -3.38 8.76
CA ALA O 163 -22.90 -2.26 8.39
C ALA O 163 -23.12 -1.29 9.54
N GLY O 164 -22.26 -1.29 10.55
CA GLY O 164 -22.35 -0.34 11.63
C GLY O 164 -21.63 0.95 11.30
N GLY O 165 -20.35 0.86 10.97
CA GLY O 165 -19.55 2.02 10.65
C GLY O 165 -19.80 2.58 9.27
N LEU O 166 -21.03 3.04 9.03
CA LEU O 166 -21.41 3.65 7.76
C LEU O 166 -21.75 5.13 7.92
N GLY O 167 -21.50 5.70 9.09
CA GLY O 167 -21.92 7.06 9.36
C GLY O 167 -23.38 7.21 9.67
N ILE O 168 -24.05 6.12 10.03
CA ILE O 168 -25.47 6.14 10.38
C ILE O 168 -25.63 6.59 11.83
N ASN O 169 -26.77 7.23 12.09
CA ASN O 169 -27.08 7.82 13.39
C ASN O 169 -28.35 7.16 13.91
N LEU O 170 -28.25 6.48 15.06
CA LEU O 170 -29.36 5.79 15.69
C LEU O 170 -29.50 6.19 17.15
N THR O 171 -29.51 7.50 17.42
CA THR O 171 -29.56 8.00 18.80
C THR O 171 -30.90 7.80 19.48
N THR O 172 -31.94 7.39 18.76
CA THR O 172 -33.22 7.14 19.42
C THR O 172 -33.23 5.87 20.25
N ALA O 173 -32.16 5.08 20.21
CA ALA O 173 -31.98 3.92 21.08
C ALA O 173 -30.91 4.21 22.13
N ASP O 174 -31.04 3.56 23.28
CA ASP O 174 -30.12 3.77 24.39
C ASP O 174 -29.39 2.52 24.84
N ILE O 175 -29.68 1.36 24.25
CA ILE O 175 -29.05 0.11 24.64
C ILE O 175 -28.46 -0.56 23.40
N VAL O 176 -27.23 -1.03 23.51
CA VAL O 176 -26.54 -1.73 22.43
C VAL O 176 -26.12 -3.10 22.94
N ILE O 177 -26.47 -4.15 22.19
CA ILE O 177 -26.11 -5.52 22.54
C ILE O 177 -25.22 -6.07 21.44
N LEU O 178 -23.97 -6.36 21.79
CA LEU O 178 -23.02 -7.02 20.89
C LEU O 178 -23.16 -8.52 21.14
N TYR O 179 -24.02 -9.17 20.34
CA TYR O 179 -24.27 -10.59 20.50
C TYR O 179 -22.97 -11.38 20.49
N ASP O 180 -22.06 -11.04 19.58
CA ASP O 180 -20.70 -11.55 19.58
C ASP O 180 -19.76 -10.40 19.23
N SER O 181 -18.47 -10.63 19.41
CA SER O 181 -17.47 -9.57 19.31
C SER O 181 -16.65 -9.71 18.04
N ASP O 182 -16.26 -8.55 17.49
CA ASP O 182 -15.38 -8.50 16.34
C ASP O 182 -13.93 -8.68 16.77
N TRP O 183 -13.14 -9.31 15.89
CA TRP O 183 -11.72 -9.49 16.18
C TRP O 183 -11.00 -8.15 16.25
N ASN O 184 -11.41 -7.20 15.41
CA ASN O 184 -10.87 -5.85 15.46
C ASN O 184 -11.66 -5.06 16.49
N PRO O 185 -11.06 -4.70 17.64
CA PRO O 185 -11.82 -3.99 18.69
C PRO O 185 -12.44 -2.69 18.21
N GLN O 186 -11.81 -2.01 17.26
CA GLN O 186 -12.34 -0.75 16.75
C GLN O 186 -13.64 -0.94 15.97
N ALA O 187 -13.87 -2.13 15.42
CA ALA O 187 -15.12 -2.38 14.72
C ALA O 187 -16.30 -2.43 15.68
N ASP O 188 -16.12 -3.07 16.84
CA ASP O 188 -17.16 -3.06 17.86
C ASP O 188 -17.34 -1.66 18.43
N LEU O 189 -16.22 -0.96 18.63
CA LEU O 189 -16.29 0.40 19.15
C LEU O 189 -16.98 1.32 18.15
N GLN O 190 -16.84 1.03 16.85
CA GLN O 190 -17.55 1.76 15.81
C GLN O 190 -19.05 1.47 15.84
N ALA O 191 -19.44 0.31 16.39
CA ALA O 191 -20.86 -0.05 16.47
C ALA O 191 -21.55 0.65 17.64
N MET O 192 -20.83 0.87 18.74
CA MET O 192 -21.42 1.56 19.88
C MET O 192 -21.78 3.00 19.53
N ASP O 193 -20.96 3.67 18.73
CA ASP O 193 -21.17 5.06 18.41
C ASP O 193 -22.31 5.28 17.42
N ARG O 194 -23.12 4.26 17.17
CA ARG O 194 -24.37 4.46 16.43
C ARG O 194 -25.45 5.03 17.34
N ALA O 195 -25.36 4.75 18.65
CA ALA O 195 -26.26 5.31 19.65
C ALA O 195 -25.57 6.31 20.57
N HIS O 196 -24.33 6.04 20.97
CA HIS O 196 -23.60 6.95 21.84
C HIS O 196 -22.83 7.97 21.00
N ARG O 197 -23.58 8.91 20.46
CA ARG O 197 -22.99 10.03 19.72
C ARG O 197 -23.83 11.27 19.93
N ILE O 198 -23.36 12.39 19.41
CA ILE O 198 -24.05 13.67 19.59
C ILE O 198 -25.47 13.58 19.07
N GLY O 199 -26.43 13.76 19.98
CA GLY O 199 -27.84 13.60 19.69
C GLY O 199 -28.50 12.71 20.73
N GLN O 200 -27.68 11.90 21.39
CA GLN O 200 -28.17 11.06 22.47
C GLN O 200 -28.41 11.88 23.72
N THR O 201 -29.56 11.66 24.36
CA THR O 201 -29.94 12.38 25.56
C THR O 201 -29.89 11.53 26.83
N LYS O 202 -29.96 10.20 26.70
CA LYS O 202 -30.03 9.30 27.83
C LYS O 202 -28.74 8.50 27.98
N GLN O 203 -28.68 7.70 29.04
CA GLN O 203 -27.50 6.91 29.37
C GLN O 203 -27.38 5.69 28.48
N VAL O 204 -26.30 5.61 27.72
CA VAL O 204 -26.06 4.49 26.80
C VAL O 204 -25.43 3.33 27.56
N VAL O 205 -26.06 2.15 27.49
CA VAL O 205 -25.56 0.94 28.11
C VAL O 205 -25.27 -0.10 27.04
N VAL O 206 -24.06 -0.65 27.06
CA VAL O 206 -23.61 -1.62 26.06
C VAL O 206 -23.34 -2.96 26.76
N TYR O 207 -24.09 -3.99 26.35
CA TYR O 207 -23.91 -5.34 26.85
C TYR O 207 -23.16 -6.18 25.83
N ARG O 208 -22.00 -6.71 26.22
CA ARG O 208 -21.16 -7.52 25.32
C ARG O 208 -21.28 -8.97 25.76
N PHE O 209 -22.03 -9.77 25.00
CA PHE O 209 -22.22 -11.19 25.33
C PHE O 209 -20.92 -11.95 25.18
N VAL O 210 -20.53 -12.68 26.22
CA VAL O 210 -19.30 -13.47 26.24
C VAL O 210 -19.62 -14.84 26.83
N THR O 211 -19.37 -15.90 26.06
CA THR O 211 -19.52 -17.26 26.56
C THR O 211 -18.39 -17.58 27.53
N ASP O 212 -18.70 -17.58 28.82
CA ASP O 212 -17.68 -17.77 29.84
C ASP O 212 -17.08 -19.18 29.77
N ASN O 213 -15.80 -19.27 30.13
CA ASN O 213 -15.04 -20.52 30.09
C ASN O 213 -15.05 -21.17 28.71
N ALA O 214 -15.14 -20.34 27.66
CA ALA O 214 -15.03 -20.83 26.30
C ALA O 214 -14.10 -19.92 25.51
N ILE O 215 -14.02 -20.12 24.20
CA ILE O 215 -13.06 -19.35 23.39
C ILE O 215 -13.40 -17.86 23.41
N GLU O 216 -14.68 -17.52 23.53
CA GLU O 216 -15.07 -16.11 23.48
C GLU O 216 -14.54 -15.33 24.68
N GLU O 217 -14.33 -16.02 25.81
CA GLU O 217 -13.72 -15.35 26.96
C GLU O 217 -12.24 -15.12 26.73
N LYS O 218 -11.57 -16.06 26.05
CA LYS O 218 -10.15 -15.89 25.74
C LYS O 218 -9.95 -14.79 24.72
N VAL O 219 -10.87 -14.68 23.75
CA VAL O 219 -10.82 -13.59 22.78
C VAL O 219 -10.91 -12.23 23.49
N LEU O 220 -11.74 -12.16 24.53
CA LEU O 220 -11.92 -10.92 25.29
C LEU O 220 -10.58 -10.38 25.81
N GLU O 221 -9.69 -11.28 26.23
CA GLU O 221 -8.39 -10.84 26.72
C GLU O 221 -7.51 -10.34 25.58
N ARG O 222 -7.51 -11.06 24.45
CA ARG O 222 -6.69 -10.66 23.31
C ARG O 222 -7.22 -9.38 22.67
N ALA O 223 -8.53 -9.20 22.67
CA ALA O 223 -9.10 -7.99 22.06
C ALA O 223 -8.78 -6.76 22.91
N ALA O 224 -8.77 -6.91 24.23
CA ALA O 224 -8.43 -5.79 25.11
C ALA O 224 -6.97 -5.38 24.92
N GLN O 225 -6.09 -6.32 24.59
CA GLN O 225 -4.69 -5.99 24.35
C GLN O 225 -4.56 -5.12 23.10
N LYS O 226 -5.19 -5.53 22.00
CA LYS O 226 -5.16 -4.72 20.78
C LYS O 226 -5.80 -3.35 21.01
N LEU O 227 -6.81 -3.27 21.88
CA LEU O 227 -7.42 -1.98 22.18
C LEU O 227 -6.43 -1.05 22.85
N ARG O 228 -5.56 -1.60 23.70
CA ARG O 228 -4.55 -0.79 24.37
C ARG O 228 -3.43 -0.42 23.40
N LEU O 229 -3.06 -1.35 22.52
CA LEU O 229 -2.01 -1.08 21.54
C LEU O 229 -2.45 0.02 20.57
N ASP O 230 -3.74 0.11 20.27
CA ASP O 230 -4.24 1.22 19.46
C ASP O 230 -4.04 2.54 20.20
N GLN O 231 -4.29 2.55 21.51
CA GLN O 231 -4.05 3.75 22.31
C GLN O 231 -2.57 4.13 22.30
N LEU O 232 -1.68 3.14 22.30
CA LEU O 232 -0.25 3.44 22.35
C LEU O 232 0.24 4.06 21.05
N VAL O 233 -0.22 3.52 19.91
CA VAL O 233 0.11 4.11 18.61
C VAL O 233 -0.44 5.53 18.48
N ILE O 234 -1.69 5.73 18.91
CA ILE O 234 -2.27 7.08 18.95
C ILE O 234 -1.38 8.02 19.75
N GLN O 235 -0.93 7.57 20.93
CA GLN O 235 -0.08 8.41 21.76
C GLN O 235 1.29 8.61 21.13
N GLN O 236 1.85 7.59 20.48
CA GLN O 236 3.14 7.76 19.81
C GLN O 236 3.03 8.80 18.70
N GLY O 237 1.89 8.84 18.01
CA GLY O 237 1.70 9.86 16.99
C GLY O 237 1.69 11.27 17.54
N ARG O 238 0.99 11.47 18.67
CA ARG O 238 1.00 12.80 19.29
C ARG O 238 2.39 13.20 19.75
N ALA O 239 3.10 12.28 20.41
CA ALA O 239 4.46 12.57 20.84
C ALA O 239 5.39 12.80 19.66
N GLN O 240 5.12 12.15 18.52
CA GLN O 240 5.95 12.37 17.34
C GLN O 240 5.75 13.77 16.78
N VAL O 241 4.51 14.24 16.73
CA VAL O 241 4.23 15.57 16.20
C VAL O 241 4.90 16.65 17.06
N ALA O 242 4.79 16.51 18.38
CA ALA O 242 5.41 17.49 19.28
C ALA O 242 6.93 17.50 19.15
N ALA O 243 7.53 16.32 18.90
CA ALA O 243 8.97 16.26 18.71
C ALA O 243 9.38 16.88 17.38
N LYS O 244 8.53 16.75 16.36
CA LYS O 244 8.78 17.33 15.04
C LYS O 244 8.44 18.81 14.99
N ALA O 245 7.73 19.32 15.98
CA ALA O 245 7.24 20.70 15.97
C ALA O 245 8.36 21.69 16.24
N ALA O 246 8.42 22.74 15.42
CA ALA O 246 9.33 23.84 15.67
C ALA O 246 8.75 24.79 16.72
N ALA O 247 9.61 25.66 17.22
CA ALA O 247 9.22 26.58 18.30
C ALA O 247 8.21 27.61 17.81
N ASN O 248 7.26 27.95 18.68
CA ASN O 248 6.30 28.99 18.36
C ASN O 248 6.96 30.37 18.48
N LYS O 249 6.26 31.37 17.95
CA LYS O 249 6.63 32.75 18.25
C LYS O 249 6.43 33.03 19.72
N ASP O 250 5.46 32.32 20.33
CA ASP O 250 5.24 32.42 21.77
C ASP O 250 6.31 31.65 22.53
N GLU O 251 6.78 30.53 21.99
CA GLU O 251 7.86 29.78 22.64
C GLU O 251 9.16 30.58 22.64
N LEU O 252 9.48 31.20 21.51
CA LEU O 252 10.69 32.00 21.40
C LEU O 252 10.62 33.19 22.34
N LEU O 253 9.43 33.75 22.53
CA LEU O 253 9.28 34.92 23.38
C LEU O 253 9.64 34.56 24.81
N SER O 254 9.25 33.36 25.26
CA SER O 254 9.62 32.89 26.60
C SER O 254 11.12 32.66 26.74
N MET O 255 11.79 32.29 25.66
CA MET O 255 13.24 32.08 25.71
C MET O 255 13.98 33.41 25.80
N ILE O 256 13.54 34.42 25.06
CA ILE O 256 14.20 35.71 25.07
C ILE O 256 13.98 36.42 26.41
N GLN O 257 12.74 36.38 26.92
CA GLN O 257 12.41 37.10 28.14
C GLN O 257 12.99 36.46 29.39
N HIS O 258 13.40 35.19 29.33
CA HIS O 258 13.84 34.50 30.54
C HIS O 258 15.08 35.15 31.13
N GLY O 259 14.93 35.77 32.30
CA GLY O 259 16.03 36.44 32.95
C GLY O 259 16.36 37.81 32.42
N ALA O 260 15.62 38.28 31.40
CA ALA O 260 15.91 39.60 30.82
C ALA O 260 15.72 40.71 31.84
N GLU O 261 14.71 40.58 32.71
CA GLU O 261 14.49 41.61 33.73
C GLU O 261 15.64 41.62 34.74
N LYS O 262 16.12 40.42 35.12
CA LYS O 262 17.26 40.36 36.03
C LYS O 262 18.53 40.90 35.39
N VAL O 263 18.67 40.76 34.06
CA VAL O 263 19.83 41.31 33.38
C VAL O 263 19.77 42.83 33.38
N PHE O 264 18.60 43.39 33.07
CA PHE O 264 18.41 44.83 33.14
C PHE O 264 18.60 45.33 34.56
N GLN O 265 18.30 44.47 35.55
CA GLN O 265 18.46 44.84 36.95
C GLN O 265 19.92 44.91 37.36
N THR O 266 20.78 44.10 36.73
CA THR O 266 22.17 44.00 37.13
C THR O 266 22.95 45.22 36.66
N LYS O 267 23.78 45.77 37.55
CA LYS O 267 24.65 46.89 37.21
C LYS O 267 26.10 46.47 36.99
N GLY O 268 26.52 45.33 37.52
CA GLY O 268 27.87 44.86 37.35
C GLY O 268 27.97 43.60 36.52
N ALA O 269 28.31 42.48 37.15
CA ALA O 269 28.45 41.19 36.48
C ALA O 269 27.45 40.20 37.05
N PHE O 270 27.33 39.06 36.38
CA PHE O 270 26.24 38.12 36.66
C PHE O 270 26.67 37.05 37.66
N GLY O 271 25.79 36.07 37.88
CA GLY O 271 25.79 35.30 39.11
C GLY O 271 27.15 34.73 39.51
N THR O 272 27.74 33.90 38.63
CA THR O 272 29.02 33.30 38.97
C THR O 272 30.14 34.33 38.94
N MET O 273 30.11 35.24 37.96
CA MET O 273 31.10 36.31 37.89
C MET O 273 30.89 37.38 38.96
N ALA O 274 29.67 37.53 39.47
CA ALA O 274 29.45 38.46 40.58
C ALA O 274 29.95 37.88 41.89
N GLU O 275 29.76 36.57 42.10
CA GLU O 275 30.24 35.94 43.32
C GLU O 275 31.75 36.01 43.40
N LYS O 276 32.44 35.77 42.28
CA LYS O 276 33.89 35.91 42.23
C LYS O 276 34.29 36.84 41.10
N GLY O 277 34.42 36.31 39.88
CA GLY O 277 34.66 37.11 38.69
C GLY O 277 36.02 36.94 38.07
N SER O 278 37.02 36.54 38.84
CA SER O 278 38.37 36.36 38.33
C SER O 278 38.68 34.87 38.19
N GLN O 279 39.95 34.56 37.94
CA GLN O 279 40.43 33.19 37.98
C GLN O 279 40.77 32.88 39.44
N LEU O 280 39.76 32.44 40.19
CA LEU O 280 39.91 32.27 41.62
C LEU O 280 39.99 30.77 41.97
N ASP O 281 39.73 30.45 43.23
CA ASP O 281 40.06 29.14 43.79
C ASP O 281 39.39 28.01 43.02
N ASP O 282 40.02 26.83 43.10
CA ASP O 282 39.38 25.60 42.66
C ASP O 282 38.29 25.14 43.61
N ASP O 283 38.20 25.76 44.80
CA ASP O 283 37.02 25.58 45.64
C ASP O 283 35.79 26.19 44.98
N ASP O 284 35.99 27.27 44.22
CA ASP O 284 34.88 27.90 43.50
C ASP O 284 34.39 27.02 42.36
N ILE O 285 35.33 26.37 41.66
CA ILE O 285 34.94 25.51 40.55
C ILE O 285 34.21 24.28 41.09
N ASP O 286 34.67 23.74 42.22
CA ASP O 286 34.00 22.60 42.85
C ASP O 286 32.61 22.97 43.36
N ALA O 287 32.39 24.24 43.73
CA ALA O 287 31.06 24.63 44.18
C ALA O 287 30.08 24.72 43.02
N ILE O 288 30.55 25.19 41.87
CA ILE O 288 29.71 25.23 40.68
C ILE O 288 29.43 23.81 40.17
N LEU O 289 30.48 23.00 40.04
CA LEU O 289 30.32 21.65 39.52
C LEU O 289 29.46 20.77 40.42
N GLN O 290 29.53 20.98 41.73
CA GLN O 290 28.68 20.19 42.63
C GLN O 290 27.22 20.60 42.47
N ALA O 291 26.96 21.91 42.44
CA ALA O 291 25.61 22.38 42.20
C ALA O 291 25.17 22.06 40.78
N GLY O 292 26.12 22.03 39.84
CA GLY O 292 25.77 21.69 38.47
C GLY O 292 25.33 20.25 38.33
N GLU O 293 26.08 19.32 38.93
CA GLU O 293 25.67 17.93 38.95
C GLU O 293 24.38 17.75 39.74
N THR O 294 24.16 18.60 40.75
CA THR O 294 22.92 18.55 41.52
C THR O 294 21.73 18.98 40.68
N ARG O 295 21.86 20.10 39.96
CA ARG O 295 20.74 20.57 39.14
C ARG O 295 20.50 19.66 37.95
N THR O 296 21.53 18.96 37.47
CA THR O 296 21.34 18.03 36.35
C THR O 296 20.52 16.81 36.78
N LYS O 297 20.83 16.23 37.94
CA LYS O 297 20.02 15.13 38.45
C LYS O 297 18.59 15.58 38.64
N GLU O 298 18.41 16.81 39.13
CA GLU O 298 17.08 17.38 39.31
C GLU O 298 16.39 17.62 37.97
N LEU O 299 17.13 18.14 36.99
CA LEU O 299 16.53 18.44 35.69
C LEU O 299 16.07 17.18 34.97
N ASN O 300 16.94 16.16 34.93
CA ASN O 300 16.56 14.91 34.27
C ASN O 300 15.38 14.25 34.97
N ALA O 301 15.29 14.42 36.30
CA ALA O 301 14.21 13.80 37.06
C ALA O 301 12.84 14.34 36.64
N ARG O 302 12.76 15.64 36.31
CA ARG O 302 11.46 16.19 35.94
C ARG O 302 10.92 15.54 34.67
N TYR O 303 11.79 15.28 33.70
CA TYR O 303 11.33 14.77 32.41
C TYR O 303 11.36 13.25 32.36
N GLU O 304 12.18 12.59 33.18
CA GLU O 304 12.12 11.14 33.24
C GLU O 304 10.87 10.68 33.98
N LYS O 305 10.14 11.59 34.62
CA LYS O 305 8.87 11.24 35.25
C LYS O 305 7.78 11.02 34.22
N LEU O 306 7.74 11.84 33.18
CA LEU O 306 6.65 11.77 32.21
C LEU O 306 6.72 10.47 31.42
N GLY O 307 5.61 10.17 30.75
CA GLY O 307 5.43 8.92 30.05
C GLY O 307 4.52 9.12 28.87
N ILE O 308 4.39 8.07 28.07
CA ILE O 308 3.55 8.13 26.87
C ILE O 308 2.12 8.53 27.22
N ASP O 309 1.70 8.32 28.46
CA ASP O 309 0.34 8.62 28.88
C ASP O 309 0.15 10.06 29.36
N ASP O 310 1.22 10.87 29.35
CA ASP O 310 1.12 12.23 29.86
C ASP O 310 1.02 13.23 28.69
N LEU O 311 2.16 13.58 28.11
CA LEU O 311 2.25 14.49 26.97
C LEU O 311 1.67 15.86 27.30
N GLN O 312 1.69 16.24 28.58
CA GLN O 312 1.12 17.51 29.01
C GLN O 312 2.01 18.19 30.04
N LYS P 2 3.89 8.92 56.35
CA LYS P 2 3.81 7.51 55.98
C LYS P 2 2.37 7.03 55.84
N SER P 3 2.20 5.84 55.26
CA SER P 3 0.89 5.30 54.92
C SER P 3 0.24 4.62 56.12
N LEU P 4 -0.94 5.11 56.51
CA LEU P 4 -1.76 4.48 57.55
C LEU P 4 -3.05 3.95 56.90
N LEU P 5 -3.15 2.63 56.79
CA LEU P 5 -4.27 2.02 56.08
C LEU P 5 -5.61 2.34 56.76
N PRO P 6 -6.63 2.73 56.00
CA PRO P 6 -7.94 3.00 56.61
C PRO P 6 -8.50 1.77 57.31
N LYS P 7 -9.19 2.01 58.42
CA LYS P 7 -9.74 0.93 59.24
C LYS P 7 -11.00 0.34 58.63
N LYS P 8 -11.10 -0.98 58.67
CA LYS P 8 -12.30 -1.71 58.24
C LYS P 8 -13.21 -1.91 59.45
N GLU P 9 -14.34 -1.19 59.47
CA GLU P 9 -15.33 -1.30 60.54
C GLU P 9 -16.46 -2.19 60.07
N ILE P 10 -16.62 -3.35 60.72
CA ILE P 10 -17.60 -4.36 60.33
C ILE P 10 -18.48 -4.66 61.53
N ASN P 11 -19.80 -4.48 61.37
CA ASN P 11 -20.76 -4.92 62.37
C ASN P 11 -20.91 -6.43 62.29
N VAL P 12 -20.71 -7.11 63.42
CA VAL P 12 -20.86 -8.55 63.53
C VAL P 12 -22.19 -8.81 64.21
N TYR P 13 -23.19 -9.20 63.42
CA TYR P 13 -24.53 -9.42 63.94
C TYR P 13 -24.62 -10.79 64.58
N ILE P 14 -25.03 -10.83 65.85
CA ILE P 14 -24.97 -12.04 66.66
C ILE P 14 -26.33 -12.32 67.28
N GLY P 15 -26.67 -13.61 67.39
CA GLY P 15 -27.88 -14.03 68.07
C GLY P 15 -27.66 -14.26 69.55
N MET P 16 -28.69 -14.80 70.21
CA MET P 16 -28.67 -15.06 71.64
C MET P 16 -28.93 -16.53 71.92
N SER P 17 -28.29 -17.05 72.97
CA SER P 17 -28.50 -18.42 73.40
C SER P 17 -29.88 -18.58 74.03
N GLU P 18 -30.25 -19.83 74.29
CA GLU P 18 -31.54 -20.10 74.94
C GLU P 18 -31.62 -19.41 76.28
N MET P 19 -30.51 -19.39 77.03
CA MET P 19 -30.51 -18.74 78.34
C MET P 19 -30.69 -17.23 78.23
N GLN P 20 -30.03 -16.60 77.25
CA GLN P 20 -30.19 -15.18 77.06
C GLN P 20 -31.65 -14.83 76.77
N VAL P 21 -32.31 -15.64 75.95
CA VAL P 21 -33.71 -15.42 75.63
C VAL P 21 -34.57 -15.46 76.89
N LYS P 22 -34.30 -16.43 77.77
CA LYS P 22 -35.07 -16.54 79.01
C LYS P 22 -34.97 -15.28 79.86
N TRP P 23 -33.76 -14.78 80.05
CA TRP P 23 -33.58 -13.57 80.86
C TRP P 23 -34.10 -12.34 80.12
N TYR P 24 -33.83 -12.24 78.82
CA TYR P 24 -34.34 -11.13 78.03
C TYR P 24 -35.87 -11.07 78.12
N GLN P 25 -36.52 -12.24 78.09
CA GLN P 25 -37.96 -12.29 78.31
C GLN P 25 -38.31 -11.87 79.73
N LYS P 26 -37.54 -12.36 80.71
CA LYS P 26 -37.80 -12.01 82.11
C LYS P 26 -37.70 -10.51 82.33
N ILE P 27 -36.72 -9.87 81.69
CA ILE P 27 -36.56 -8.42 81.81
C ILE P 27 -37.78 -7.72 81.22
N LEU P 28 -38.18 -8.13 80.01
CA LEU P 28 -39.34 -7.53 79.38
C LEU P 28 -40.63 -7.84 80.15
N GLU P 29 -40.74 -9.06 80.70
CA GLU P 29 -41.97 -9.44 81.39
C GLU P 29 -42.10 -8.76 82.74
N LYS P 30 -41.00 -8.68 83.51
CA LYS P 30 -41.08 -8.12 84.86
C LYS P 30 -41.40 -6.63 84.84
N ASP P 31 -41.48 -6.03 83.65
CA ASP P 31 -41.84 -4.63 83.51
C ASP P 31 -42.62 -4.45 82.21
N ILE P 32 -43.58 -5.35 81.97
CA ILE P 32 -44.32 -5.38 80.71
C ILE P 32 -45.28 -4.20 80.59
N ASP P 33 -45.73 -3.65 81.72
CA ASP P 33 -46.69 -2.54 81.66
C ASP P 33 -46.05 -1.31 81.03
N ALA P 34 -44.79 -1.03 81.36
CA ALA P 34 -44.11 0.10 80.75
C ALA P 34 -43.74 -0.17 79.29
N VAL P 35 -43.39 -1.41 78.96
CA VAL P 35 -42.96 -1.72 77.59
C VAL P 35 -44.15 -1.66 76.64
N ASN P 36 -45.26 -2.31 76.99
CA ASN P 36 -46.41 -2.31 76.09
C ASN P 36 -47.06 -0.94 76.00
N GLY P 37 -47.09 -0.19 77.09
CA GLY P 37 -47.66 1.13 77.08
C GLY P 37 -46.64 2.16 77.47
N ALA P 38 -46.87 2.86 78.57
CA ALA P 38 -45.96 3.88 79.09
C ALA P 38 -46.43 4.21 80.50
N GLY P 39 -45.79 5.21 81.11
CA GLY P 39 -46.36 5.89 82.25
C GLY P 39 -46.25 7.40 82.06
N GLY P 40 -46.42 8.16 83.14
CA GLY P 40 -46.11 9.58 83.09
C GLY P 40 -44.70 9.78 82.57
N LYS P 41 -44.55 10.79 81.71
CA LYS P 41 -43.26 11.08 81.07
C LYS P 41 -42.15 11.23 82.09
N ARG P 42 -42.45 11.86 83.23
CA ARG P 42 -41.49 11.91 84.33
C ARG P 42 -41.12 10.51 84.81
N GLU P 43 -42.11 9.64 85.02
CA GLU P 43 -41.81 8.32 85.55
C GLU P 43 -40.99 7.48 84.59
N SER P 44 -41.36 7.48 83.31
CA SER P 44 -40.94 6.40 82.44
C SER P 44 -39.45 6.44 82.12
N LYS P 45 -38.87 7.63 82.09
CA LYS P 45 -37.48 7.76 81.69
C LYS P 45 -36.57 7.00 82.65
N THR P 46 -36.86 7.07 83.95
CA THR P 46 -36.15 6.25 84.91
C THR P 46 -36.52 4.77 84.75
N ARG P 47 -37.79 4.50 84.46
CA ARG P 47 -38.22 3.10 84.33
C ARG P 47 -37.72 2.46 83.03
N LEU P 48 -37.69 3.24 81.93
CA LEU P 48 -37.22 2.68 80.67
C LEU P 48 -35.70 2.56 80.62
N LEU P 49 -34.98 3.56 81.14
CA LEU P 49 -33.53 3.51 81.15
C LEU P 49 -33.01 2.30 81.92
N ASN P 50 -33.78 1.86 82.91
CA ASN P 50 -33.44 0.65 83.66
C ASN P 50 -33.59 -0.58 82.79
N ILE P 51 -34.71 -0.67 82.05
CA ILE P 51 -34.92 -1.82 81.16
C ILE P 51 -33.84 -1.86 80.09
N VAL P 52 -33.48 -0.69 79.55
CA VAL P 52 -32.43 -0.62 78.55
C VAL P 52 -31.13 -1.17 79.11
N MET P 53 -30.80 -0.76 80.34
CA MET P 53 -29.53 -1.17 80.93
C MET P 53 -29.50 -2.66 81.23
N GLN P 54 -30.64 -3.24 81.65
CA GLN P 54 -30.67 -4.67 81.92
C GLN P 54 -30.59 -5.47 80.62
N LEU P 55 -31.25 -4.99 79.57
CA LEU P 55 -31.20 -5.68 78.28
C LEU P 55 -29.78 -5.67 77.71
N ARG P 56 -29.06 -4.55 77.86
CA ARG P 56 -27.67 -4.53 77.42
C ARG P 56 -26.81 -5.50 78.21
N LYS P 57 -27.10 -5.68 79.50
CA LYS P 57 -26.43 -6.71 80.27
C LYS P 57 -26.75 -8.09 79.74
N CYS P 58 -28.00 -8.31 79.31
CA CYS P 58 -28.38 -9.60 78.76
C CYS P 58 -27.68 -9.87 77.44
N CYS P 59 -27.56 -8.86 76.58
CA CYS P 59 -26.88 -9.05 75.30
C CYS P 59 -25.40 -9.36 75.48
N ASN P 60 -24.77 -8.86 76.54
CA ASN P 60 -23.36 -9.15 76.77
C ASN P 60 -23.17 -10.56 77.32
N HIS P 61 -23.79 -10.86 78.46
CA HIS P 61 -23.66 -12.19 79.06
C HIS P 61 -24.68 -12.39 80.16
N PRO P 62 -25.40 -13.53 80.16
CA PRO P 62 -26.36 -13.79 81.25
C PRO P 62 -25.71 -13.85 82.61
N TYR P 63 -24.45 -14.28 82.70
CA TYR P 63 -23.78 -14.43 83.98
C TYR P 63 -23.57 -13.08 84.67
N LEU P 64 -23.81 -11.97 83.97
CA LEU P 64 -23.79 -10.67 84.61
C LEU P 64 -24.94 -10.52 85.60
N PHE P 65 -26.00 -11.30 85.43
CA PHE P 65 -27.09 -11.37 86.39
C PHE P 65 -26.77 -12.38 87.49
N GLU P 66 -27.11 -12.02 88.72
CA GLU P 66 -26.85 -12.90 89.86
C GLU P 66 -27.87 -14.03 89.88
N GLY P 67 -27.38 -15.25 90.12
CA GLY P 67 -28.23 -16.41 90.10
C GLY P 67 -28.42 -17.00 88.72
N ALA P 68 -27.86 -16.37 87.69
CA ALA P 68 -28.00 -16.88 86.33
C ALA P 68 -27.13 -18.11 86.10
N GLU P 69 -25.83 -17.99 86.35
CA GLU P 69 -24.93 -19.11 86.13
C GLU P 69 -25.40 -20.32 86.95
N PRO P 70 -25.29 -21.55 86.40
CA PRO P 70 -25.79 -22.72 87.12
C PRO P 70 -25.33 -22.79 88.56
N GLY P 71 -26.23 -23.23 89.43
CA GLY P 71 -26.06 -23.14 90.87
C GLY P 71 -24.82 -23.86 91.37
N PRO P 72 -24.50 -23.65 92.65
CA PRO P 72 -23.29 -24.23 93.24
C PRO P 72 -23.20 -25.73 93.04
N PRO P 73 -21.99 -26.25 92.77
CA PRO P 73 -20.73 -25.53 92.59
C PRO P 73 -20.66 -24.78 91.25
N TYR P 74 -19.77 -23.80 91.16
CA TYR P 74 -19.58 -23.03 89.93
C TYR P 74 -18.22 -23.37 89.34
N THR P 75 -18.22 -23.88 88.12
CA THR P 75 -16.98 -24.22 87.42
C THR P 75 -16.88 -23.42 86.13
N THR P 76 -15.66 -23.03 85.77
CA THR P 76 -15.44 -22.35 84.50
C THR P 76 -15.21 -23.43 83.45
N ASP P 77 -16.20 -23.66 82.61
CA ASP P 77 -16.12 -24.68 81.57
C ASP P 77 -16.61 -24.10 80.26
N GLU P 78 -17.08 -24.98 79.36
CA GLU P 78 -17.59 -24.56 78.06
C GLU P 78 -18.93 -23.85 78.17
N HIS P 79 -19.64 -23.99 79.30
CA HIS P 79 -20.92 -23.29 79.44
C HIS P 79 -20.75 -21.78 79.58
N LEU P 80 -19.54 -21.33 79.92
CA LEU P 80 -19.25 -19.90 79.91
C LEU P 80 -19.35 -19.32 78.51
N ILE P 81 -19.22 -20.15 77.48
CA ILE P 81 -19.21 -19.70 76.09
C ILE P 81 -20.56 -19.85 75.43
N TYR P 82 -21.15 -21.06 75.46
CA TYR P 82 -22.36 -21.28 74.69
C TYR P 82 -23.63 -20.69 75.33
N ASN P 83 -23.53 -20.15 76.54
CA ASN P 83 -24.66 -19.46 77.15
C ASN P 83 -24.75 -17.99 76.74
N ALA P 84 -23.82 -17.50 75.94
CA ALA P 84 -23.83 -16.14 75.44
C ALA P 84 -23.53 -16.15 73.96
N GLY P 85 -24.41 -15.54 73.17
CA GLY P 85 -24.22 -15.53 71.72
C GLY P 85 -22.92 -14.88 71.31
N LYS P 86 -22.56 -13.76 71.96
CA LYS P 86 -21.34 -13.05 71.58
C LYS P 86 -20.09 -13.86 71.89
N MET P 87 -20.12 -14.66 72.95
CA MET P 87 -18.96 -15.48 73.28
C MET P 87 -18.73 -16.56 72.22
N VAL P 88 -19.80 -17.14 71.70
CA VAL P 88 -19.68 -18.17 70.67
C VAL P 88 -19.01 -17.62 69.43
N VAL P 89 -19.46 -16.45 68.97
CA VAL P 89 -18.85 -15.81 67.81
C VAL P 89 -17.40 -15.44 68.11
N LEU P 90 -17.14 -14.91 69.31
CA LEU P 90 -15.79 -14.52 69.69
C LEU P 90 -14.85 -15.73 69.76
N ASP P 91 -15.35 -16.86 70.26
CA ASP P 91 -14.49 -18.02 70.48
C ASP P 91 -13.88 -18.53 69.17
N LYS P 92 -14.67 -18.62 68.11
CA LYS P 92 -14.15 -19.06 66.83
C LYS P 92 -13.45 -17.93 66.09
N LEU P 93 -13.89 -16.68 66.31
CA LEU P 93 -13.23 -15.54 65.69
C LEU P 93 -11.81 -15.41 66.21
N LEU P 94 -11.62 -15.54 67.53
CA LEU P 94 -10.27 -15.48 68.10
C LEU P 94 -9.40 -16.62 67.58
N LYS P 95 -9.99 -17.80 67.43
CA LYS P 95 -9.23 -18.96 66.97
C LYS P 95 -8.71 -18.74 65.55
N ARG P 96 -9.48 -18.06 64.71
CA ARG P 96 -9.02 -17.69 63.38
C ARG P 96 -8.03 -16.55 63.46
N ILE P 97 -8.24 -15.62 64.40
CA ILE P 97 -7.37 -14.44 64.53
C ILE P 97 -5.94 -14.86 64.85
N GLN P 98 -5.77 -15.81 65.77
CA GLN P 98 -4.42 -16.22 66.16
C GLN P 98 -3.73 -17.00 65.05
N LYS P 99 -4.47 -17.83 64.30
CA LYS P 99 -3.85 -18.65 63.27
C LYS P 99 -3.31 -17.80 62.12
N GLN P 100 -3.95 -16.68 61.83
CA GLN P 100 -3.47 -15.74 60.82
C GLN P 100 -2.46 -14.74 61.37
N GLY P 101 -1.90 -15.01 62.55
CA GLY P 101 -0.85 -14.17 63.09
C GLY P 101 -1.31 -12.79 63.48
N SER P 102 -2.54 -12.65 63.96
CA SER P 102 -3.09 -11.36 64.35
C SER P 102 -3.31 -11.33 65.86
N ARG P 103 -3.12 -10.16 66.45
CA ARG P 103 -3.38 -9.93 67.86
C ARG P 103 -4.53 -8.94 68.00
N VAL P 104 -5.31 -9.11 69.06
CA VAL P 104 -6.63 -8.48 69.15
C VAL P 104 -6.77 -7.70 70.46
N LEU P 105 -7.32 -6.49 70.35
CA LEU P 105 -7.80 -5.72 71.49
C LEU P 105 -9.30 -5.94 71.64
N ILE P 106 -9.76 -6.24 72.85
CA ILE P 106 -11.17 -6.46 73.13
C ILE P 106 -11.63 -5.40 74.12
N PHE P 107 -12.54 -4.53 73.68
CA PHE P 107 -13.09 -3.45 74.49
C PHE P 107 -14.49 -3.80 74.97
N SER P 108 -14.91 -3.13 76.05
CA SER P 108 -16.24 -3.33 76.59
C SER P 108 -16.66 -2.15 77.45
N GLN P 109 -17.98 -1.93 77.53
CA GLN P 109 -18.54 -0.88 78.37
C GLN P 109 -18.60 -1.30 79.84
N MET P 110 -18.69 -2.59 80.11
CA MET P 110 -18.89 -3.10 81.47
C MET P 110 -17.61 -3.84 81.88
N SER P 111 -17.01 -3.39 82.98
CA SER P 111 -15.78 -4.03 83.45
C SER P 111 -16.05 -5.44 83.97
N ARG P 112 -17.24 -5.70 84.49
CA ARG P 112 -17.58 -7.04 84.95
C ARG P 112 -17.66 -8.03 83.80
N LEU P 113 -17.76 -7.54 82.55
CA LEU P 113 -17.69 -8.43 81.40
C LEU P 113 -16.25 -8.84 81.13
N LEU P 114 -15.31 -7.90 81.25
CA LEU P 114 -13.91 -8.25 81.15
C LEU P 114 -13.52 -9.29 82.19
N ASP P 115 -14.15 -9.23 83.37
CA ASP P 115 -13.98 -10.28 84.36
C ASP P 115 -14.39 -11.63 83.79
N ILE P 116 -15.51 -11.66 83.06
CA ILE P 116 -15.93 -12.89 82.40
C ILE P 116 -14.93 -13.29 81.31
N LEU P 117 -14.46 -12.31 80.53
CA LEU P 117 -13.49 -12.59 79.49
C LEU P 117 -12.15 -13.04 80.07
N GLU P 118 -11.79 -12.54 81.25
CA GLU P 118 -10.56 -12.98 81.89
C GLU P 118 -10.61 -14.47 82.20
N ASP P 119 -11.71 -14.91 82.82
CA ASP P 119 -11.89 -16.33 83.13
C ASP P 119 -11.92 -17.16 81.85
N TYR P 120 -12.45 -16.59 80.77
CA TYR P 120 -12.44 -17.27 79.48
C TYR P 120 -11.02 -17.38 78.93
N CYS P 121 -10.26 -16.29 78.98
CA CYS P 121 -8.91 -16.30 78.42
C CYS P 121 -8.02 -17.33 79.11
N VAL P 122 -8.12 -17.44 80.44
CA VAL P 122 -7.35 -18.44 81.16
C VAL P 122 -7.85 -19.83 80.81
N PHE P 123 -9.16 -19.97 80.60
CA PHE P 123 -9.76 -21.26 80.28
C PHE P 123 -9.26 -21.81 78.95
N ARG P 124 -8.84 -20.93 78.04
CA ARG P 124 -8.33 -21.32 76.73
C ARG P 124 -6.81 -21.30 76.64
N GLY P 125 -6.12 -20.77 77.65
CA GLY P 125 -4.67 -20.67 77.59
C GLY P 125 -4.20 -19.45 76.83
N TYR P 126 -5.00 -18.39 76.83
CA TYR P 126 -4.65 -17.14 76.13
C TYR P 126 -3.91 -16.22 77.10
N LYS P 127 -2.67 -15.88 76.76
CA LYS P 127 -1.96 -14.87 77.52
C LYS P 127 -2.60 -13.51 77.28
N TYR P 128 -2.83 -12.76 78.35
CA TYR P 128 -3.55 -11.50 78.19
C TYR P 128 -3.04 -10.45 79.17
N CYS P 129 -3.45 -9.21 78.91
CA CYS P 129 -3.28 -8.08 79.79
C CYS P 129 -4.63 -7.40 79.95
N ARG P 130 -4.70 -6.43 80.86
CA ARG P 130 -5.98 -5.78 81.08
C ARG P 130 -5.77 -4.37 81.59
N ILE P 131 -6.58 -3.45 81.08
CA ILE P 131 -6.63 -2.05 81.53
C ILE P 131 -8.06 -1.79 81.99
N ASP P 132 -8.23 -1.58 83.29
CA ASP P 132 -9.52 -1.41 83.96
C ASP P 132 -9.89 0.04 84.18
N GLY P 133 -8.96 0.95 84.01
CA GLY P 133 -9.16 2.27 84.51
C GLY P 133 -9.06 2.32 86.01
N SER P 134 -8.87 1.17 86.64
CA SER P 134 -8.46 1.07 88.04
C SER P 134 -7.09 0.40 88.17
N THR P 135 -6.30 0.36 87.10
CA THR P 135 -5.20 -0.61 87.05
C THR P 135 -3.96 -0.11 87.80
N ALA P 136 -3.71 1.21 87.74
CA ALA P 136 -2.59 1.99 88.28
C ALA P 136 -1.54 2.24 87.21
N HIS P 137 -0.90 3.42 87.26
CA HIS P 137 0.04 3.82 86.21
C HIS P 137 1.15 2.79 86.02
N GLU P 138 1.92 2.52 87.09
CA GLU P 138 2.99 1.54 87.04
C GLU P 138 2.50 0.21 86.49
N ASP P 139 1.33 -0.26 86.94
CA ASP P 139 0.74 -1.46 86.36
C ASP P 139 0.32 -1.22 84.91
N ARG P 140 -0.26 -0.05 84.63
CA ARG P 140 -0.63 0.24 83.25
C ARG P 140 0.59 0.22 82.33
N ILE P 141 1.60 1.04 82.62
CA ILE P 141 2.81 1.06 81.80
C ILE P 141 3.37 -0.35 81.64
N ALA P 142 3.44 -1.11 82.73
CA ALA P 142 4.01 -2.46 82.60
C ALA P 142 3.16 -3.36 81.72
N ALA P 143 1.83 -3.18 81.72
CA ALA P 143 1.00 -4.07 80.91
C ALA P 143 1.06 -3.71 79.43
N ILE P 144 1.06 -2.40 79.13
CA ILE P 144 1.25 -1.96 77.75
C ILE P 144 2.62 -2.43 77.24
N ASP P 145 3.67 -2.19 78.02
CA ASP P 145 5.01 -2.63 77.61
C ASP P 145 5.11 -4.15 77.55
N GLU P 146 4.42 -4.88 78.42
CA GLU P 146 4.39 -6.34 78.30
C GLU P 146 3.77 -6.76 76.98
N TYR P 147 2.82 -5.97 76.46
CA TYR P 147 2.12 -6.33 75.23
C TYR P 147 2.77 -5.72 73.99
N ASN P 148 3.36 -4.53 74.10
CA ASN P 148 3.95 -3.86 72.95
C ASN P 148 5.43 -4.16 72.71
N LYS P 149 6.21 -4.34 73.78
CA LYS P 149 7.66 -4.44 73.64
C LYS P 149 8.01 -5.56 72.67
N PRO P 150 9.03 -5.36 71.83
CA PRO P 150 9.36 -6.35 70.79
C PRO P 150 9.60 -7.74 71.37
N GLY P 151 9.00 -8.73 70.71
CA GLY P 151 9.02 -10.10 71.19
C GLY P 151 8.04 -10.40 72.32
N SER P 152 6.88 -9.74 72.33
CA SER P 152 5.90 -9.90 73.39
C SER P 152 5.23 -11.28 73.35
N ASP P 153 4.86 -11.76 74.53
CA ASP P 153 4.15 -13.04 74.68
C ASP P 153 2.63 -12.93 74.63
N LYS P 154 2.07 -11.79 75.03
CA LYS P 154 0.62 -11.67 75.17
C LYS P 154 -0.07 -11.66 73.80
N PHE P 155 -1.35 -12.01 73.81
CA PHE P 155 -2.16 -12.15 72.59
C PHE P 155 -3.48 -11.40 72.65
N ILE P 156 -4.14 -11.36 73.80
CA ILE P 156 -5.41 -10.66 73.95
C ILE P 156 -5.18 -9.51 74.93
N PHE P 157 -5.78 -8.36 74.66
CA PHE P 157 -5.68 -7.24 75.57
C PHE P 157 -7.09 -6.74 75.87
N LEU P 158 -7.51 -6.92 77.11
CA LEU P 158 -8.86 -6.55 77.56
C LEU P 158 -8.83 -5.13 78.11
N LEU P 159 -9.72 -4.28 77.59
CA LEU P 159 -9.80 -2.91 78.06
C LEU P 159 -11.27 -2.52 78.20
N THR P 160 -11.53 -1.59 79.12
CA THR P 160 -12.83 -0.92 79.15
C THR P 160 -12.77 0.27 78.22
N THR P 161 -13.87 0.51 77.52
CA THR P 161 -13.92 1.58 76.52
C THR P 161 -13.64 2.95 77.14
N ARG P 162 -14.37 3.30 78.20
CA ARG P 162 -14.32 4.64 78.78
C ARG P 162 -13.38 4.73 79.98
N ALA P 163 -12.16 4.23 79.86
CA ALA P 163 -11.21 4.30 80.97
C ALA P 163 -9.78 4.36 80.48
N GLY P 164 -9.59 4.93 79.29
CA GLY P 164 -8.27 4.89 78.67
C GLY P 164 -7.26 5.81 79.32
N GLY P 165 -7.64 7.05 79.60
CA GLY P 165 -6.66 8.07 79.91
C GLY P 165 -5.73 8.17 78.72
N LEU P 166 -6.19 8.84 77.67
CA LEU P 166 -5.78 8.46 76.33
C LEU P 166 -4.54 9.18 75.83
N GLY P 167 -3.83 8.51 74.92
CA GLY P 167 -2.50 8.85 74.47
C GLY P 167 -1.65 7.59 74.50
N ILE P 168 -2.32 6.43 74.53
CA ILE P 168 -1.72 5.10 74.53
C ILE P 168 -1.37 4.64 73.12
N ASN P 169 -0.32 3.83 73.01
CA ASN P 169 0.11 3.24 71.76
C ASN P 169 0.07 1.73 71.90
N LEU P 170 -0.83 1.09 71.16
CA LEU P 170 -0.97 -0.37 71.13
C LEU P 170 -1.05 -0.85 69.68
N THR P 171 -0.09 -0.40 68.86
CA THR P 171 -0.08 -0.71 67.44
C THR P 171 0.26 -2.16 67.14
N THR P 172 0.70 -2.93 68.14
CA THR P 172 1.03 -4.34 67.92
C THR P 172 -0.19 -5.22 67.68
N ALA P 173 -1.39 -4.68 67.85
CA ALA P 173 -2.59 -5.41 67.48
C ALA P 173 -3.16 -4.80 66.21
N ASP P 174 -3.78 -5.65 65.40
CA ASP P 174 -4.31 -5.23 64.12
C ASP P 174 -5.81 -5.47 64.06
N ILE P 175 -6.40 -6.04 65.10
CA ILE P 175 -7.82 -6.35 65.15
C ILE P 175 -8.38 -5.73 66.43
N VAL P 176 -9.51 -5.05 66.30
CA VAL P 176 -10.19 -4.42 67.43
C VAL P 176 -11.60 -5.00 67.49
N ILE P 177 -11.98 -5.50 68.66
CA ILE P 177 -13.30 -6.09 68.86
C ILE P 177 -14.06 -5.27 69.89
N LEU P 178 -15.13 -4.61 69.45
CA LEU P 178 -16.03 -3.87 70.32
C LEU P 178 -17.13 -4.83 70.76
N TYR P 179 -16.91 -5.48 71.91
CA TYR P 179 -17.90 -6.44 72.43
C TYR P 179 -19.27 -5.79 72.55
N ASP P 180 -19.32 -4.55 73.05
CA ASP P 180 -20.51 -3.72 73.00
C ASP P 180 -20.08 -2.31 72.65
N SER P 181 -21.06 -1.48 72.31
CA SER P 181 -20.80 -0.15 71.78
C SER P 181 -21.20 0.92 72.78
N ASP P 182 -20.46 2.02 72.76
CA ASP P 182 -20.78 3.17 73.60
C ASP P 182 -21.90 4.00 72.98
N TRP P 183 -22.73 4.59 73.84
CA TRP P 183 -23.81 5.44 73.37
C TRP P 183 -23.27 6.65 72.60
N ASN P 184 -22.17 7.22 73.07
CA ASN P 184 -21.45 8.27 72.36
C ASN P 184 -20.51 7.62 71.36
N PRO P 185 -20.78 7.74 70.05
CA PRO P 185 -19.96 7.05 69.05
C PRO P 185 -18.48 7.41 69.14
N GLN P 186 -18.16 8.66 69.46
CA GLN P 186 -16.78 9.09 69.51
C GLN P 186 -15.96 8.33 70.55
N ALA P 187 -16.62 7.66 71.51
CA ALA P 187 -15.88 6.88 72.49
C ALA P 187 -15.39 5.56 71.91
N ASP P 188 -16.21 4.89 71.10
CA ASP P 188 -15.76 3.66 70.44
C ASP P 188 -14.72 3.98 69.38
N LEU P 189 -14.92 5.08 68.65
CA LEU P 189 -13.95 5.52 67.65
C LEU P 189 -12.65 5.89 68.33
N GLN P 190 -12.75 6.38 69.57
CA GLN P 190 -11.58 6.68 70.39
C GLN P 190 -10.83 5.40 70.74
N ALA P 191 -11.57 4.33 71.08
CA ALA P 191 -10.94 3.07 71.44
C ALA P 191 -10.26 2.41 70.25
N MET P 192 -10.82 2.59 69.05
CA MET P 192 -10.20 2.03 67.85
C MET P 192 -8.83 2.68 67.62
N ASP P 193 -8.74 3.99 67.85
CA ASP P 193 -7.52 4.74 67.60
C ASP P 193 -6.51 4.54 68.72
N ARG P 194 -6.60 3.40 69.42
CA ARG P 194 -5.55 2.94 70.31
C ARG P 194 -4.66 1.88 69.65
N ALA P 195 -5.16 1.25 68.59
CA ALA P 195 -4.37 0.41 67.69
C ALA P 195 -4.23 1.02 66.31
N HIS P 196 -5.29 1.66 65.81
CA HIS P 196 -5.29 2.35 64.53
C HIS P 196 -4.81 3.78 64.77
N ARG P 197 -3.50 3.91 64.93
CA ARG P 197 -2.85 5.19 65.10
C ARG P 197 -1.53 5.17 64.35
N ILE P 198 -0.92 6.34 64.21
CA ILE P 198 0.35 6.46 63.51
C ILE P 198 1.40 5.62 64.23
N GLY P 199 1.92 4.62 63.54
CA GLY P 199 2.81 3.64 64.12
C GLY P 199 2.30 2.27 63.72
N GLN P 200 1.01 2.22 63.38
CA GLN P 200 0.40 0.99 62.91
C GLN P 200 0.85 0.70 61.49
N THR P 201 1.23 -0.56 61.22
CA THR P 201 1.71 -0.94 59.91
C THR P 201 0.76 -1.82 59.11
N LYS P 202 -0.18 -2.51 59.76
CA LYS P 202 -1.04 -3.45 59.06
C LYS P 202 -2.48 -2.94 58.96
N GLN P 203 -3.31 -3.73 58.29
CA GLN P 203 -4.71 -3.39 58.08
C GLN P 203 -5.50 -3.56 59.37
N VAL P 204 -6.06 -2.47 59.87
CA VAL P 204 -6.84 -2.50 61.10
C VAL P 204 -8.26 -2.94 60.78
N VAL P 205 -8.71 -4.01 61.42
CA VAL P 205 -10.07 -4.52 61.26
C VAL P 205 -10.78 -4.40 62.60
N VAL P 206 -11.93 -3.75 62.60
CA VAL P 206 -12.71 -3.50 63.80
C VAL P 206 -14.01 -4.26 63.69
N TYR P 207 -14.23 -5.22 64.58
CA TYR P 207 -15.48 -5.98 64.63
C TYR P 207 -16.34 -5.43 65.76
N ARG P 208 -17.52 -4.95 65.40
CA ARG P 208 -18.47 -4.37 66.36
C ARG P 208 -19.61 -5.36 66.57
N PHE P 209 -19.61 -6.02 67.73
CA PHE P 209 -20.65 -6.99 68.04
C PHE P 209 -21.99 -6.27 68.23
N VAL P 210 -23.01 -6.73 67.52
CA VAL P 210 -24.36 -6.19 67.60
C VAL P 210 -25.32 -7.36 67.70
N THR P 211 -26.09 -7.40 68.79
CA THR P 211 -27.09 -8.44 68.97
C THR P 211 -28.27 -8.15 68.04
N ASP P 212 -28.34 -8.90 66.94
CA ASP P 212 -29.36 -8.66 65.93
C ASP P 212 -30.76 -8.99 66.46
N ASN P 213 -31.74 -8.24 65.96
CA ASN P 213 -33.15 -8.41 66.37
C ASN P 213 -33.34 -8.23 67.87
N ALA P 214 -32.49 -7.42 68.49
CA ALA P 214 -32.62 -7.06 69.89
C ALA P 214 -32.38 -5.56 70.01
N ILE P 215 -32.25 -5.08 71.25
CA ILE P 215 -32.08 -3.65 71.50
C ILE P 215 -30.81 -3.12 70.86
N GLU P 216 -29.76 -3.95 70.77
CA GLU P 216 -28.49 -3.48 70.24
C GLU P 216 -28.55 -3.09 68.77
N GLU P 217 -29.45 -3.71 67.99
CA GLU P 217 -29.53 -3.35 66.57
C GLU P 217 -30.15 -1.98 66.38
N LYS P 218 -31.16 -1.65 67.19
CA LYS P 218 -31.79 -0.33 67.06
C LYS P 218 -30.83 0.76 67.55
N VAL P 219 -30.07 0.46 68.60
CA VAL P 219 -29.04 1.38 69.07
C VAL P 219 -28.02 1.65 67.96
N LEU P 220 -27.68 0.61 67.19
CA LEU P 220 -26.75 0.76 66.09
C LEU P 220 -27.20 1.84 65.10
N GLU P 221 -28.51 1.93 64.86
CA GLU P 221 -29.02 2.94 63.95
C GLU P 221 -28.91 4.33 64.57
N ARG P 222 -29.32 4.46 65.84
CA ARG P 222 -29.26 5.76 66.50
C ARG P 222 -27.83 6.28 66.58
N ALA P 223 -26.86 5.37 66.68
CA ALA P 223 -25.46 5.79 66.68
C ALA P 223 -25.04 6.33 65.32
N ALA P 224 -25.55 5.70 64.24
CA ALA P 224 -25.26 6.20 62.90
C ALA P 224 -25.90 7.56 62.66
N GLN P 225 -27.08 7.80 63.26
CA GLN P 225 -27.70 9.11 63.14
C GLN P 225 -26.89 10.17 63.88
N LYS P 226 -26.56 9.90 65.15
CA LYS P 226 -25.75 10.84 65.91
C LYS P 226 -24.40 11.06 65.27
N LEU P 227 -23.84 10.02 64.64
CA LEU P 227 -22.56 10.14 63.97
C LEU P 227 -22.67 11.03 62.73
N ARG P 228 -23.78 10.97 62.00
CA ARG P 228 -23.92 11.76 60.78
C ARG P 228 -24.23 13.23 61.06
N LEU P 229 -25.18 13.50 61.97
CA LEU P 229 -25.46 14.89 62.32
C LEU P 229 -24.31 15.51 63.08
N ASP P 230 -23.50 14.70 63.75
CA ASP P 230 -22.26 15.20 64.34
C ASP P 230 -21.35 15.77 63.25
N GLN P 231 -21.34 15.14 62.08
CA GLN P 231 -20.59 15.67 60.95
C GLN P 231 -21.15 17.03 60.53
N LEU P 232 -22.47 17.21 60.67
CA LEU P 232 -23.12 18.46 60.25
C LEU P 232 -22.75 19.63 61.15
N VAL P 233 -22.68 19.39 62.46
CA VAL P 233 -22.21 20.42 63.39
C VAL P 233 -20.78 20.80 63.05
N ILE P 234 -19.95 19.80 62.77
CA ILE P 234 -18.60 20.08 62.27
C ILE P 234 -18.65 20.89 60.98
N GLN P 235 -19.48 20.48 60.03
CA GLN P 235 -19.56 21.20 58.76
C GLN P 235 -20.25 22.56 58.91
N GLN P 236 -21.32 22.63 59.69
CA GLN P 236 -21.98 23.92 59.89
C GLN P 236 -21.06 24.90 60.60
N GLY P 237 -20.26 24.41 61.54
CA GLY P 237 -19.26 25.27 62.19
C GLY P 237 -18.24 25.79 61.21
N ARG P 238 -17.79 24.94 60.28
CA ARG P 238 -16.82 25.36 59.28
C ARG P 238 -17.37 26.49 58.43
N ALA P 239 -18.61 26.36 57.95
CA ALA P 239 -19.22 27.44 57.18
C ALA P 239 -19.39 28.69 58.03
N GLN P 240 -19.58 28.50 59.34
CA GLN P 240 -19.74 29.64 60.24
C GLN P 240 -18.43 30.43 60.33
N VAL P 241 -17.30 29.73 60.41
CA VAL P 241 -15.99 30.39 60.43
C VAL P 241 -15.74 31.11 59.11
N ALA P 242 -16.02 30.43 57.98
CA ALA P 242 -15.77 31.03 56.68
C ALA P 242 -16.64 32.24 56.41
N ALA P 243 -17.88 32.25 56.92
CA ALA P 243 -18.75 33.40 56.71
C ALA P 243 -18.28 34.61 57.50
N LYS P 244 -17.72 34.39 58.69
CA LYS P 244 -17.24 35.47 59.53
C LYS P 244 -15.86 35.97 59.14
N ALA P 245 -15.14 35.27 58.26
CA ALA P 245 -13.78 35.65 57.94
C ALA P 245 -13.78 36.92 57.09
N ALA P 246 -12.98 37.90 57.52
CA ALA P 246 -12.79 39.15 56.80
C ALA P 246 -11.84 38.95 55.62
N ALA P 247 -11.76 39.98 54.77
CA ALA P 247 -10.96 39.86 53.56
C ALA P 247 -9.49 39.69 53.89
N ASN P 248 -8.85 38.75 53.20
CA ASN P 248 -7.43 38.52 53.31
C ASN P 248 -6.65 39.53 52.46
N LYS P 249 -5.36 39.64 52.73
CA LYS P 249 -4.53 40.45 51.82
C LYS P 249 -4.41 39.78 50.46
N ASP P 250 -4.48 38.45 50.41
CA ASP P 250 -4.48 37.74 49.13
C ASP P 250 -5.83 37.91 48.45
N GLU P 251 -6.91 37.93 49.23
CA GLU P 251 -8.24 38.17 48.69
C GLU P 251 -8.37 39.59 48.17
N LEU P 252 -7.83 40.56 48.92
CA LEU P 252 -7.88 41.95 48.50
C LEU P 252 -7.07 42.17 47.23
N LEU P 253 -5.92 41.49 47.10
CA LEU P 253 -5.10 41.66 45.91
C LEU P 253 -5.81 41.16 44.67
N SER P 254 -6.50 40.01 44.78
CA SER P 254 -7.25 39.48 43.65
C SER P 254 -8.41 40.40 43.27
N MET P 255 -8.94 41.14 44.24
CA MET P 255 -10.03 42.06 43.95
C MET P 255 -9.53 43.28 43.17
N ILE P 256 -8.38 43.83 43.55
CA ILE P 256 -7.83 44.98 42.86
C ILE P 256 -7.33 44.59 41.47
N GLN P 257 -6.63 43.44 41.37
CA GLN P 257 -6.01 43.04 40.11
C GLN P 257 -7.03 42.58 39.08
N HIS P 258 -8.25 42.27 39.47
CA HIS P 258 -9.24 41.74 38.54
C HIS P 258 -9.58 42.75 37.45
N GLY P 259 -9.16 42.46 36.22
CA GLY P 259 -9.43 43.36 35.10
C GLY P 259 -8.50 44.54 35.00
N ALA P 260 -7.53 44.66 35.92
CA ALA P 260 -6.61 45.80 35.89
C ALA P 260 -5.80 45.83 34.61
N GLU P 261 -5.42 44.65 34.10
CA GLU P 261 -4.65 44.61 32.86
C GLU P 261 -5.48 45.11 31.67
N LYS P 262 -6.76 44.73 31.63
CA LYS P 262 -7.62 45.24 30.56
C LYS P 262 -7.83 46.74 30.68
N VAL P 263 -7.79 47.26 31.91
CA VAL P 263 -7.92 48.71 32.10
C VAL P 263 -6.66 49.42 31.61
N PHE P 264 -5.49 48.89 31.97
CA PHE P 264 -4.24 49.47 31.46
C PHE P 264 -4.15 49.36 29.95
N GLN P 265 -4.70 48.29 29.38
CA GLN P 265 -4.68 48.10 27.93
C GLN P 265 -5.71 48.98 27.22
N THR P 266 -6.75 49.42 27.92
CA THR P 266 -7.80 50.23 27.32
C THR P 266 -7.33 51.67 27.18
N LYS P 267 -7.45 52.22 25.98
CA LYS P 267 -7.11 53.62 25.73
C LYS P 267 -8.32 54.51 25.55
N GLY P 268 -9.48 53.94 25.23
CA GLY P 268 -10.70 54.71 25.11
C GLY P 268 -11.63 54.53 26.29
N ALA P 269 -12.80 53.95 26.04
CA ALA P 269 -13.78 53.66 27.08
C ALA P 269 -13.85 52.15 27.30
N PHE P 270 -14.64 51.73 28.29
CA PHE P 270 -14.66 50.35 28.74
C PHE P 270 -16.03 49.74 28.52
N GLY P 271 -16.05 48.57 27.90
CA GLY P 271 -17.23 47.71 27.93
C GLY P 271 -18.44 48.34 27.27
N THR P 272 -19.53 48.43 28.03
CA THR P 272 -20.79 48.96 27.50
C THR P 272 -20.63 50.40 27.01
N MET P 273 -19.73 51.17 27.64
CA MET P 273 -19.44 52.51 27.15
C MET P 273 -18.60 52.46 25.88
N ALA P 274 -17.70 51.48 25.77
CA ALA P 274 -16.94 51.35 24.53
C ALA P 274 -17.84 50.87 23.40
N GLU P 275 -18.79 50.00 23.69
CA GLU P 275 -19.60 49.37 22.65
C GLU P 275 -20.58 50.35 22.03
N LYS P 276 -21.19 51.22 22.84
CA LYS P 276 -22.07 52.25 22.31
C LYS P 276 -21.68 53.63 22.82
N GLY P 277 -21.63 53.80 24.14
CA GLY P 277 -21.16 55.02 24.75
C GLY P 277 -22.16 56.15 24.79
N SER P 278 -22.53 56.66 23.63
CA SER P 278 -23.59 57.66 23.56
C SER P 278 -24.87 57.08 24.14
N GLN P 279 -25.61 57.92 24.87
CA GLN P 279 -26.91 57.51 25.40
C GLN P 279 -27.79 57.05 24.24
N LEU P 280 -27.94 55.73 24.08
CA LEU P 280 -28.52 55.22 22.83
C LEU P 280 -29.77 54.37 23.05
N ASP P 281 -30.01 53.46 22.11
CA ASP P 281 -31.32 52.86 21.91
C ASP P 281 -31.73 51.94 23.06
N ASP P 282 -33.04 51.91 23.32
CA ASP P 282 -33.57 50.98 24.29
C ASP P 282 -33.56 49.54 23.80
N ASP P 283 -33.13 49.29 22.56
CA ASP P 283 -32.75 47.95 22.18
C ASP P 283 -31.40 47.57 22.76
N ASP P 284 -30.49 48.55 22.91
CA ASP P 284 -29.23 48.27 23.57
C ASP P 284 -29.42 48.07 25.07
N ILE P 285 -30.31 48.85 25.68
CA ILE P 285 -30.58 48.66 27.11
C ILE P 285 -31.29 47.33 27.34
N ASP P 286 -32.19 46.95 26.42
CA ASP P 286 -32.84 45.66 26.54
C ASP P 286 -31.85 44.52 26.38
N ALA P 287 -30.77 44.74 25.63
CA ALA P 287 -29.71 43.75 25.53
C ALA P 287 -28.88 43.71 26.79
N ILE P 288 -28.68 44.86 27.43
CA ILE P 288 -27.92 44.93 28.67
C ILE P 288 -28.65 44.19 29.79
N LEU P 289 -29.93 44.49 29.98
CA LEU P 289 -30.71 43.85 31.03
C LEU P 289 -30.92 42.36 30.78
N GLN P 290 -31.02 41.96 29.51
CA GLN P 290 -31.21 40.54 29.19
C GLN P 290 -29.96 39.72 29.47
N ALA P 291 -28.81 40.19 28.99
CA ALA P 291 -27.56 39.46 29.23
C ALA P 291 -27.16 39.48 30.70
N GLY P 292 -27.49 40.55 31.42
CA GLY P 292 -27.18 40.60 32.84
C GLY P 292 -27.99 39.58 33.63
N GLU P 293 -29.28 39.46 33.31
CA GLU P 293 -30.12 38.45 33.97
C GLU P 293 -29.63 37.04 33.67
N THR P 294 -29.02 36.82 32.50
CA THR P 294 -28.47 35.52 32.18
C THR P 294 -27.30 35.19 33.11
N ARG P 295 -26.42 36.16 33.32
CA ARG P 295 -25.28 35.97 34.21
C ARG P 295 -25.73 35.87 35.66
N THR P 296 -26.87 36.49 36.01
CA THR P 296 -27.38 36.39 37.37
C THR P 296 -27.85 34.97 37.65
N LYS P 297 -28.59 34.37 36.72
CA LYS P 297 -28.99 32.98 36.86
C LYS P 297 -27.76 32.09 36.92
N GLU P 298 -26.77 32.39 36.07
CA GLU P 298 -25.53 31.63 36.00
C GLU P 298 -24.71 31.75 37.28
N LEU P 299 -24.65 32.96 37.85
CA LEU P 299 -23.87 33.17 39.07
C LEU P 299 -24.45 32.37 40.22
N ASN P 300 -25.78 32.37 40.36
CA ASN P 300 -26.43 31.63 41.43
C ASN P 300 -26.19 30.13 41.31
N ALA P 301 -26.12 29.62 40.08
CA ALA P 301 -25.97 28.18 39.87
C ALA P 301 -24.63 27.67 40.42
N ARG P 302 -23.58 28.48 40.27
CA ARG P 302 -22.27 28.05 40.79
C ARG P 302 -22.32 27.90 42.30
N TYR P 303 -23.05 28.78 42.98
CA TYR P 303 -23.10 28.81 44.44
C TYR P 303 -24.26 28.04 45.04
N GLU P 304 -25.35 27.86 44.30
CA GLU P 304 -26.49 27.13 44.84
C GLU P 304 -26.23 25.63 44.96
N LYS P 305 -25.20 25.12 44.30
CA LYS P 305 -24.86 23.70 44.38
C LYS P 305 -23.72 23.40 45.34
N LEU P 306 -23.27 24.39 46.10
CA LEU P 306 -22.17 24.21 47.04
C LEU P 306 -22.48 23.08 48.02
N GLY P 307 -23.37 23.32 48.96
CA GLY P 307 -23.81 22.32 49.91
C GLY P 307 -22.94 22.25 51.15
N ILE P 308 -23.50 21.61 52.17
CA ILE P 308 -22.82 21.50 53.47
C ILE P 308 -21.58 20.60 53.41
N ASP P 309 -21.57 19.60 52.53
CA ASP P 309 -20.63 18.48 52.66
C ASP P 309 -19.37 18.64 51.84
N ASP P 310 -19.16 19.78 51.17
CA ASP P 310 -17.97 19.96 50.35
C ASP P 310 -17.42 21.38 50.50
N LEU P 311 -17.21 21.81 51.74
CA LEU P 311 -16.55 23.07 51.99
C LEU P 311 -15.05 22.85 52.12
N GLN P 312 -14.28 23.92 51.89
CA GLN P 312 -12.83 23.83 51.93
C GLN P 312 -12.36 23.49 53.34
N LYS P 313 -11.60 22.41 53.45
CA LYS P 313 -11.09 21.98 54.76
C LYS P 313 -9.80 22.72 55.10
N PHE P 314 -9.65 23.04 56.38
CA PHE P 314 -8.38 23.47 56.94
C PHE P 314 -7.89 22.50 58.00
N THR P 315 -8.75 22.16 58.96
CA THR P 315 -8.50 21.10 59.92
C THR P 315 -9.24 19.85 59.47
N SER P 316 -8.55 18.71 59.46
CA SER P 316 -9.15 17.47 59.00
C SER P 316 -10.10 16.89 60.04
N GLU P 317 -11.07 17.68 60.47
CA GLU P 317 -12.03 17.26 61.48
C GLU P 317 -13.06 16.34 60.86
N SER P 318 -13.03 15.06 61.24
CA SER P 318 -14.02 14.08 60.82
C SER P 318 -14.69 13.51 62.05
N ALA P 319 -16.02 13.57 62.08
CA ALA P 319 -16.75 12.86 63.13
C ALA P 319 -16.63 11.35 62.98
N TYR P 320 -16.18 10.87 61.82
CA TYR P 320 -15.91 9.46 61.59
C TYR P 320 -14.50 9.07 62.01
N GLU P 321 -13.73 10.01 62.55
CA GLU P 321 -12.41 9.74 63.12
C GLU P 321 -12.37 10.22 64.56
N TRP P 322 -11.23 10.00 65.22
CA TRP P 322 -11.09 10.36 66.62
C TRP P 322 -11.27 11.86 66.83
N ASN P 323 -12.09 12.21 67.83
CA ASN P 323 -12.28 13.62 68.18
C ASN P 323 -11.00 14.22 68.75
N GLY P 324 -10.23 13.43 69.50
CA GLY P 324 -9.07 13.91 70.23
C GLY P 324 -9.28 14.02 71.71
N GLU P 325 -10.50 13.78 72.19
CA GLU P 325 -10.85 13.92 73.59
C GLU P 325 -10.35 12.71 74.38
N ASP P 326 -10.59 12.73 75.69
CA ASP P 326 -10.24 11.63 76.58
C ASP P 326 -11.47 11.25 77.40
N PHE P 327 -11.96 10.03 77.21
CA PHE P 327 -13.09 9.51 77.97
C PHE P 327 -12.56 8.58 79.06
N ALA P 328 -12.59 9.05 80.30
CA ALA P 328 -12.11 8.26 81.42
C ALA P 328 -13.22 7.98 82.43
N SER Q 3 -14.73 27.80 125.15
CA SER Q 3 -13.63 26.98 124.67
C SER Q 3 -14.02 25.50 124.66
N LEU Q 4 -13.99 24.89 123.48
CA LEU Q 4 -14.31 23.48 123.30
C LEU Q 4 -13.01 22.70 123.13
N LEU Q 5 -12.70 21.86 124.12
CA LEU Q 5 -11.47 21.09 124.08
C LEU Q 5 -11.50 20.10 122.92
N PRO Q 6 -10.44 19.98 122.14
CA PRO Q 6 -10.40 18.94 121.10
C PRO Q 6 -10.53 17.55 121.72
N LYS Q 7 -11.21 16.67 121.01
CA LYS Q 7 -11.52 15.35 121.56
C LYS Q 7 -10.30 14.43 121.45
N LYS Q 8 -10.19 13.52 122.42
CA LYS Q 8 -9.17 12.48 122.39
C LYS Q 8 -9.76 11.23 121.76
N GLU Q 9 -9.15 10.77 120.68
CA GLU Q 9 -9.59 9.58 119.95
C GLU Q 9 -8.51 8.51 120.10
N ILE Q 10 -8.87 7.41 120.76
CA ILE Q 10 -7.90 6.38 121.14
C ILE Q 10 -8.43 5.03 120.67
N ASN Q 11 -7.75 4.42 119.70
CA ASN Q 11 -8.12 3.09 119.23
C ASN Q 11 -7.70 2.05 120.26
N VAL Q 12 -8.68 1.34 120.80
CA VAL Q 12 -8.43 0.27 121.76
C VAL Q 12 -8.33 -1.05 120.99
N TYR Q 13 -7.11 -1.56 120.85
CA TYR Q 13 -6.88 -2.78 120.10
C TYR Q 13 -7.10 -3.98 121.03
N ILE Q 14 -8.04 -4.86 120.66
CA ILE Q 14 -8.54 -5.92 121.52
C ILE Q 14 -8.40 -7.28 120.84
N GLY Q 15 -8.24 -8.32 121.64
CA GLY Q 15 -8.22 -9.69 121.17
C GLY Q 15 -9.59 -10.36 121.26
N MET Q 16 -9.60 -11.67 121.05
CA MET Q 16 -10.82 -12.45 121.00
C MET Q 16 -10.77 -13.59 122.01
N SER Q 17 -11.93 -13.91 122.59
CA SER Q 17 -12.01 -15.01 123.53
C SER Q 17 -11.83 -16.35 122.81
N GLU Q 18 -11.70 -17.41 123.60
CA GLU Q 18 -11.57 -18.75 123.03
C GLU Q 18 -12.75 -19.09 122.15
N MET Q 19 -13.96 -18.72 122.58
CA MET Q 19 -15.16 -18.99 121.79
C MET Q 19 -15.12 -18.26 120.46
N GLN Q 20 -14.63 -17.02 120.46
CA GLN Q 20 -14.55 -16.26 119.21
C GLN Q 20 -13.60 -16.92 118.22
N VAL Q 21 -12.52 -17.52 118.72
CA VAL Q 21 -11.55 -18.16 117.83
C VAL Q 21 -12.20 -19.32 117.08
N LYS Q 22 -13.10 -20.05 117.74
CA LYS Q 22 -13.78 -21.16 117.10
C LYS Q 22 -14.69 -20.66 115.97
N TRP Q 23 -15.56 -19.71 116.29
CA TRP Q 23 -16.52 -19.23 115.29
C TRP Q 23 -15.83 -18.47 114.16
N TYR Q 24 -14.71 -17.81 114.44
CA TYR Q 24 -13.92 -17.20 113.38
C TYR Q 24 -13.40 -18.26 112.43
N GLN Q 25 -12.91 -19.38 112.97
CA GLN Q 25 -12.44 -20.48 112.14
C GLN Q 25 -13.59 -21.17 111.41
N LYS Q 26 -14.74 -21.32 112.07
CA LYS Q 26 -15.90 -21.91 111.41
C LYS Q 26 -16.33 -21.10 110.20
N ILE Q 27 -16.20 -19.77 110.27
CA ILE Q 27 -16.59 -18.93 109.15
C ILE Q 27 -15.60 -19.06 108.00
N LEU Q 28 -14.31 -18.96 108.29
CA LEU Q 28 -13.30 -19.05 107.24
C LEU Q 28 -13.29 -20.42 106.57
N GLU Q 29 -13.57 -21.49 107.33
CA GLU Q 29 -13.46 -22.83 106.78
C GLU Q 29 -14.66 -23.20 105.92
N LYS Q 30 -15.86 -22.78 106.32
CA LYS Q 30 -17.05 -23.14 105.54
C LYS Q 30 -17.11 -22.41 104.20
N ASP Q 31 -16.12 -21.58 103.89
CA ASP Q 31 -16.00 -20.97 102.58
C ASP Q 31 -14.52 -20.72 102.30
N ILE Q 32 -13.70 -21.74 102.52
CA ILE Q 32 -12.24 -21.58 102.45
C ILE Q 32 -11.76 -21.36 101.02
N ASP Q 33 -12.53 -21.79 100.02
CA ASP Q 33 -12.13 -21.56 98.64
C ASP Q 33 -12.15 -20.07 98.30
N ALA Q 34 -13.19 -19.36 98.72
CA ALA Q 34 -13.22 -17.92 98.54
C ALA Q 34 -12.13 -17.25 99.37
N VAL Q 35 -11.83 -17.77 100.55
CA VAL Q 35 -10.78 -17.21 101.39
C VAL Q 35 -9.42 -17.34 100.71
N ASN Q 36 -9.13 -18.49 100.13
CA ASN Q 36 -7.88 -18.73 99.43
C ASN Q 36 -7.88 -18.19 98.01
N GLY Q 37 -8.92 -17.47 97.62
CA GLY Q 37 -9.00 -16.90 96.29
C GLY Q 37 -9.04 -17.94 95.19
N ALA Q 38 -9.94 -18.92 95.33
CA ALA Q 38 -10.06 -20.00 94.35
C ALA Q 38 -11.37 -19.91 93.59
N GLY Q 39 -11.69 -18.74 93.05
CA GLY Q 39 -12.87 -18.54 92.25
C GLY Q 39 -12.56 -17.76 90.99
N GLY Q 40 -13.58 -17.62 90.15
CA GLY Q 40 -13.42 -16.87 88.93
C GLY Q 40 -13.49 -15.37 89.16
N LYS Q 41 -12.78 -14.62 88.31
CA LYS Q 41 -12.83 -13.17 88.40
C LYS Q 41 -14.21 -12.63 88.03
N ARG Q 42 -15.02 -13.41 87.31
CA ARG Q 42 -16.36 -13.01 86.95
C ARG Q 42 -17.32 -13.04 88.13
N GLU Q 43 -16.93 -13.66 89.24
CA GLU Q 43 -17.85 -13.90 90.35
C GLU Q 43 -18.31 -12.60 90.97
N SER Q 44 -19.53 -12.62 91.50
CA SER Q 44 -20.11 -11.45 92.13
C SER Q 44 -19.40 -11.16 93.46
N LYS Q 45 -19.56 -9.91 93.93
CA LYS Q 45 -18.96 -9.49 95.18
C LYS Q 45 -19.71 -10.01 96.40
N THR Q 46 -20.92 -10.55 96.22
CA THR Q 46 -21.74 -10.95 97.35
C THR Q 46 -21.09 -12.05 98.18
N ARG Q 47 -20.43 -13.01 97.51
CA ARG Q 47 -19.85 -14.14 98.22
C ARG Q 47 -18.77 -13.70 99.20
N LEU Q 48 -17.97 -12.71 98.82
CA LEU Q 48 -16.94 -12.22 99.74
C LEU Q 48 -17.54 -11.33 100.82
N LEU Q 49 -18.53 -10.51 100.48
CA LEU Q 49 -19.14 -9.64 101.48
C LEU Q 49 -19.88 -10.44 102.54
N ASN Q 50 -20.43 -11.59 102.18
CA ASN Q 50 -21.04 -12.47 103.17
C ASN Q 50 -20.03 -12.87 104.24
N ILE Q 51 -18.86 -13.35 103.81
CA ILE Q 51 -17.80 -13.73 104.75
C ILE Q 51 -17.37 -12.52 105.59
N VAL Q 52 -17.42 -11.32 105.01
CA VAL Q 52 -16.97 -10.12 105.72
C VAL Q 52 -17.88 -9.84 106.91
N MET Q 53 -19.19 -9.79 106.67
CA MET Q 53 -20.11 -9.47 107.75
C MET Q 53 -20.10 -10.55 108.84
N GLN Q 54 -19.89 -11.81 108.44
CA GLN Q 54 -19.78 -12.87 109.44
C GLN Q 54 -18.58 -12.65 110.35
N LEU Q 55 -17.44 -12.24 109.78
CA LEU Q 55 -16.28 -11.90 110.59
C LEU Q 55 -16.51 -10.64 111.40
N ARG Q 56 -17.27 -9.68 110.87
CA ARG Q 56 -17.61 -8.50 111.63
C ARG Q 56 -18.50 -8.86 112.82
N LYS Q 57 -19.49 -9.70 112.60
CA LYS Q 57 -20.36 -10.15 113.70
C LYS Q 57 -19.57 -10.93 114.74
N CYS Q 58 -18.59 -11.72 114.30
CA CYS Q 58 -17.78 -12.49 115.24
C CYS Q 58 -16.92 -11.58 116.09
N CYS Q 59 -16.39 -10.50 115.51
CA CYS Q 59 -15.55 -9.58 116.26
C CYS Q 59 -16.36 -8.87 117.35
N ASN Q 60 -17.61 -8.52 117.07
CA ASN Q 60 -18.45 -7.86 118.05
C ASN Q 60 -18.79 -8.80 119.20
N HIS Q 61 -19.55 -9.86 118.92
CA HIS Q 61 -19.95 -10.80 119.96
C HIS Q 61 -20.36 -12.13 119.34
N PRO Q 62 -19.89 -13.24 119.90
CA PRO Q 62 -20.23 -14.55 119.32
C PRO Q 62 -21.72 -14.85 119.33
N TYR Q 63 -22.47 -14.33 120.30
CA TYR Q 63 -23.89 -14.66 120.43
C TYR Q 63 -24.72 -14.16 119.27
N LEU Q 64 -24.14 -13.36 118.37
CA LEU Q 64 -24.86 -12.94 117.17
C LEU Q 64 -25.15 -14.11 116.24
N PHE Q 65 -24.35 -15.17 116.30
CA PHE Q 65 -24.60 -16.37 115.50
C PHE Q 65 -25.57 -17.29 116.22
N GLU Q 66 -26.43 -17.95 115.44
CA GLU Q 66 -27.43 -18.83 116.02
C GLU Q 66 -26.78 -20.09 116.58
N GLY Q 67 -27.24 -20.50 117.76
CA GLY Q 67 -26.68 -21.68 118.39
C GLY Q 67 -25.31 -21.48 119.00
N ALA Q 68 -24.90 -20.24 119.22
CA ALA Q 68 -23.60 -19.95 119.80
C ALA Q 68 -23.64 -19.91 121.32
N GLU Q 69 -24.55 -19.10 121.87
CA GLU Q 69 -24.67 -19.00 123.32
C GLU Q 69 -24.95 -20.37 123.93
N PRO Q 70 -24.37 -20.68 125.10
CA PRO Q 70 -24.63 -21.97 125.76
C PRO Q 70 -26.09 -22.38 125.75
N GLY Q 71 -26.34 -23.65 125.41
CA GLY Q 71 -27.69 -24.16 125.23
C GLY Q 71 -28.52 -24.09 126.49
N PRO Q 72 -29.76 -24.58 126.41
CA PRO Q 72 -30.75 -24.51 127.49
C PRO Q 72 -30.23 -25.09 128.82
N PRO Q 73 -30.52 -24.42 129.94
CA PRO Q 73 -31.29 -23.17 129.99
C PRO Q 73 -30.45 -21.94 129.67
N TYR Q 74 -31.09 -20.90 129.14
CA TYR Q 74 -30.41 -19.68 128.72
C TYR Q 74 -30.49 -18.65 129.83
N THR Q 75 -29.32 -18.25 130.35
CA THR Q 75 -29.24 -17.32 131.47
C THR Q 75 -28.31 -16.16 131.11
N THR Q 76 -28.48 -15.05 131.83
CA THR Q 76 -27.66 -13.86 131.66
C THR Q 76 -26.71 -13.77 132.85
N ASP Q 77 -25.49 -14.25 132.68
CA ASP Q 77 -24.49 -14.25 133.74
C ASP Q 77 -23.21 -13.61 133.19
N GLU Q 78 -22.08 -13.93 133.82
CA GLU Q 78 -20.79 -13.40 133.39
C GLU Q 78 -20.35 -13.96 132.05
N HIS Q 79 -20.94 -15.06 131.60
CA HIS Q 79 -20.58 -15.63 130.30
C HIS Q 79 -20.89 -14.67 129.17
N LEU Q 80 -21.89 -13.80 129.36
CA LEU Q 80 -22.18 -12.75 128.39
C LEU Q 80 -21.00 -11.82 128.19
N ILE Q 81 -20.09 -11.76 129.16
CA ILE Q 81 -18.94 -10.86 129.11
C ILE Q 81 -17.67 -11.60 128.71
N TYR Q 82 -17.35 -12.71 129.38
CA TYR Q 82 -16.08 -13.38 129.12
C TYR Q 82 -16.10 -14.23 127.86
N ASN Q 83 -17.17 -14.18 127.06
CA ASN Q 83 -17.17 -14.81 125.76
C ASN Q 83 -16.85 -13.86 124.62
N ALA Q 84 -16.73 -12.56 124.91
CA ALA Q 84 -16.42 -11.55 123.91
C ALA Q 84 -15.26 -10.70 124.41
N GLY Q 85 -14.24 -10.55 123.56
CA GLY Q 85 -13.07 -9.78 123.97
C GLY Q 85 -13.37 -8.32 124.22
N LYS Q 86 -14.24 -7.73 123.40
CA LYS Q 86 -14.61 -6.33 123.60
C LYS Q 86 -15.42 -6.17 124.89
N MET Q 87 -16.29 -7.13 125.18
CA MET Q 87 -17.13 -7.04 126.38
C MET Q 87 -16.29 -7.08 127.65
N VAL Q 88 -15.17 -7.82 127.64
CA VAL Q 88 -14.26 -7.81 128.78
C VAL Q 88 -13.69 -6.41 128.99
N VAL Q 89 -13.17 -5.81 127.92
CA VAL Q 89 -12.62 -4.45 128.01
C VAL Q 89 -13.73 -3.46 128.37
N LEU Q 90 -14.89 -3.60 127.71
CA LEU Q 90 -15.99 -2.68 127.98
C LEU Q 90 -16.49 -2.78 129.41
N ASP Q 91 -16.39 -3.97 130.01
CA ASP Q 91 -16.87 -4.14 131.39
C ASP Q 91 -15.99 -3.37 132.37
N LYS Q 92 -14.67 -3.48 132.22
CA LYS Q 92 -13.77 -2.77 133.11
C LYS Q 92 -13.76 -1.27 132.83
N LEU Q 93 -13.93 -0.87 131.56
CA LEU Q 93 -13.84 0.54 131.22
C LEU Q 93 -15.04 1.32 131.73
N LEU Q 94 -16.24 0.73 131.68
CA LEU Q 94 -17.41 1.40 132.24
C LEU Q 94 -17.29 1.52 133.76
N LYS Q 95 -16.72 0.50 134.41
CA LYS Q 95 -16.50 0.55 135.85
C LYS Q 95 -15.65 1.75 136.25
N ARG Q 96 -14.58 2.00 135.49
CA ARG Q 96 -13.73 3.15 135.77
C ARG Q 96 -14.41 4.46 135.40
N ILE Q 97 -15.16 4.47 134.29
CA ILE Q 97 -15.85 5.68 133.85
C ILE Q 97 -16.88 6.11 134.88
N GLN Q 98 -17.71 5.17 135.34
CA GLN Q 98 -18.74 5.51 136.33
C GLN Q 98 -18.12 5.98 137.62
N LYS Q 99 -16.98 5.42 138.00
CA LYS Q 99 -16.32 5.81 139.25
C LYS Q 99 -15.91 7.28 139.23
N GLN Q 100 -15.32 7.73 138.12
CA GLN Q 100 -14.84 9.10 138.01
C GLN Q 100 -15.92 10.07 137.53
N GLY Q 101 -17.19 9.69 137.66
CA GLY Q 101 -18.28 10.61 137.40
C GLY Q 101 -18.53 10.97 135.96
N SER Q 102 -18.03 10.17 135.02
CA SER Q 102 -18.26 10.44 133.61
C SER Q 102 -19.47 9.67 133.12
N ARG Q 103 -20.07 10.19 132.04
CA ARG Q 103 -21.20 9.54 131.38
C ARG Q 103 -20.83 9.26 129.94
N VAL Q 104 -21.36 8.15 129.40
CA VAL Q 104 -20.83 7.56 128.18
C VAL Q 104 -21.95 7.26 127.20
N LEU Q 105 -21.69 7.51 125.91
CA LEU Q 105 -22.51 7.03 124.81
C LEU Q 105 -21.80 5.86 124.15
N ILE Q 106 -22.55 4.82 123.81
CA ILE Q 106 -22.00 3.63 123.18
C ILE Q 106 -22.67 3.45 121.82
N PHE Q 107 -21.89 3.54 120.75
CA PHE Q 107 -22.38 3.40 119.40
C PHE Q 107 -22.06 2.03 118.83
N SER Q 108 -22.93 1.55 117.95
CA SER Q 108 -22.73 0.27 117.30
C SER Q 108 -23.41 0.25 115.94
N GLN Q 109 -22.86 -0.56 115.04
CA GLN Q 109 -23.43 -0.71 113.70
C GLN Q 109 -24.68 -1.60 113.72
N MET Q 110 -24.74 -2.54 114.66
CA MET Q 110 -25.76 -3.58 114.67
C MET Q 110 -26.67 -3.40 115.87
N SER Q 111 -27.97 -3.27 115.61
CA SER Q 111 -28.94 -3.18 116.71
C SER Q 111 -29.09 -4.48 117.47
N ARG Q 112 -28.79 -5.61 116.83
CA ARG Q 112 -28.78 -6.89 117.54
C ARG Q 112 -27.61 -7.01 118.51
N LEU Q 113 -26.62 -6.13 118.41
CA LEU Q 113 -25.58 -6.04 119.42
C LEU Q 113 -25.97 -5.08 120.55
N LEU Q 114 -26.69 -4.00 120.21
CA LEU Q 114 -27.26 -3.14 121.24
C LEU Q 114 -28.27 -3.91 122.10
N ASP Q 115 -28.90 -4.94 121.53
CA ASP Q 115 -29.73 -5.82 122.33
C ASP Q 115 -28.90 -6.55 123.38
N ILE Q 116 -27.70 -7.01 122.99
CA ILE Q 116 -26.82 -7.68 123.94
C ILE Q 116 -26.35 -6.70 125.02
N LEU Q 117 -25.96 -5.49 124.60
CA LEU Q 117 -25.54 -4.48 125.56
C LEU Q 117 -26.67 -4.10 126.50
N GLU Q 118 -27.92 -4.16 126.03
CA GLU Q 118 -29.06 -3.92 126.90
C GLU Q 118 -29.11 -4.95 128.03
N ASP Q 119 -29.07 -6.24 127.67
CA ASP Q 119 -29.03 -7.28 128.69
C ASP Q 119 -27.83 -7.13 129.61
N TYR Q 120 -26.75 -6.53 129.10
CA TYR Q 120 -25.59 -6.27 129.93
C TYR Q 120 -25.87 -5.17 130.95
N CYS Q 121 -26.44 -4.05 130.50
CA CYS Q 121 -26.71 -2.93 131.39
C CYS Q 121 -27.68 -3.32 132.50
N VAL Q 122 -28.70 -4.11 132.16
CA VAL Q 122 -29.62 -4.61 133.18
C VAL Q 122 -28.89 -5.55 134.13
N PHE Q 123 -27.98 -6.38 133.61
CA PHE Q 123 -27.23 -7.30 134.44
C PHE Q 123 -26.29 -6.55 135.39
N ARG Q 124 -25.74 -5.41 134.95
CA ARG Q 124 -24.82 -4.64 135.77
C ARG Q 124 -25.53 -3.58 136.61
N GLY Q 125 -26.80 -3.32 136.37
CA GLY Q 125 -27.51 -2.30 137.11
C GLY Q 125 -27.33 -0.90 136.57
N TYR Q 126 -26.93 -0.76 135.31
CA TYR Q 126 -26.67 0.53 134.71
C TYR Q 126 -27.96 1.08 134.11
N LYS Q 127 -28.36 2.28 134.55
CA LYS Q 127 -29.45 2.99 133.91
C LYS Q 127 -29.02 3.46 132.53
N TYR Q 128 -29.91 3.33 131.55
CA TYR Q 128 -29.50 3.60 130.17
C TYR Q 128 -30.68 4.09 129.34
N CYS Q 129 -30.34 4.65 128.18
CA CYS Q 129 -31.30 5.00 127.14
C CYS Q 129 -30.86 4.36 125.84
N ARG Q 130 -31.78 4.27 124.87
CA ARG Q 130 -31.47 3.61 123.63
C ARG Q 130 -32.21 4.28 122.46
N ILE Q 131 -31.52 4.40 121.33
CA ILE Q 131 -32.09 4.83 120.07
C ILE Q 131 -31.54 3.91 118.98
N ASP Q 132 -32.44 3.27 118.23
CA ASP Q 132 -32.04 2.23 117.28
C ASP Q 132 -32.03 2.67 115.82
N GLY Q 133 -32.86 3.64 115.45
CA GLY Q 133 -33.30 3.76 114.08
C GLY Q 133 -34.59 3.04 113.81
N SER Q 134 -35.06 2.25 114.77
CA SER Q 134 -36.43 1.74 114.79
C SER Q 134 -37.32 2.53 115.74
N THR Q 135 -36.73 3.44 116.52
CA THR Q 135 -37.49 4.29 117.42
C THR Q 135 -37.96 5.54 116.69
N ALA Q 136 -39.20 5.93 116.95
CA ALA Q 136 -39.85 7.03 116.25
C ALA Q 136 -39.31 8.37 116.74
N HIS Q 137 -39.78 9.45 116.11
CA HIS Q 137 -39.28 10.78 116.40
C HIS Q 137 -39.59 11.19 117.83
N GLU Q 138 -40.87 11.12 118.22
CA GLU Q 138 -41.27 11.54 119.57
C GLU Q 138 -40.63 10.67 120.63
N ASP Q 139 -40.45 9.38 120.36
CA ASP Q 139 -39.81 8.51 121.34
C ASP Q 139 -38.35 8.89 121.55
N ARG Q 140 -37.60 9.06 120.46
CA ARG Q 140 -36.20 9.39 120.59
C ARG Q 140 -35.97 10.84 121.01
N ILE Q 141 -37.00 11.69 120.96
CA ILE Q 141 -36.90 13.00 121.59
C ILE Q 141 -36.89 12.85 123.11
N ALA Q 142 -37.83 12.07 123.65
CA ALA Q 142 -37.89 11.85 125.09
C ALA Q 142 -36.66 11.11 125.59
N ALA Q 143 -36.04 10.28 124.75
CA ALA Q 143 -34.80 9.62 125.13
C ALA Q 143 -33.68 10.64 125.34
N ILE Q 144 -33.61 11.65 124.47
CA ILE Q 144 -32.59 12.69 124.61
C ILE Q 144 -32.84 13.49 125.89
N ASP Q 145 -34.09 13.91 126.11
CA ASP Q 145 -34.39 14.77 127.24
C ASP Q 145 -34.11 14.09 128.57
N GLU Q 146 -34.41 12.79 128.67
CA GLU Q 146 -34.13 12.06 129.90
C GLU Q 146 -32.63 11.99 130.17
N TYR Q 147 -31.83 11.70 129.15
CA TYR Q 147 -30.39 11.58 129.35
C TYR Q 147 -29.74 12.93 129.59
N ASN Q 148 -30.24 13.99 128.96
CA ASN Q 148 -29.71 15.34 129.18
C ASN Q 148 -30.30 16.01 130.41
N LYS Q 149 -31.25 15.38 131.08
CA LYS Q 149 -31.92 16.00 132.22
C LYS Q 149 -30.89 16.38 133.30
N PRO Q 150 -30.97 17.58 133.86
CA PRO Q 150 -30.07 17.94 134.97
C PRO Q 150 -30.28 17.00 136.15
N GLY Q 151 -29.20 16.35 136.57
CA GLY Q 151 -29.30 15.32 137.58
C GLY Q 151 -29.91 14.07 137.01
N SER Q 152 -29.44 13.67 135.84
CA SER Q 152 -30.04 12.56 135.10
C SER Q 152 -29.86 11.25 135.86
N ASP Q 153 -30.90 10.42 135.81
CA ASP Q 153 -30.85 9.09 136.40
C ASP Q 153 -29.97 8.14 135.60
N LYS Q 154 -29.75 8.42 134.31
CA LYS Q 154 -29.11 7.50 133.40
C LYS Q 154 -27.59 7.63 133.44
N PHE Q 155 -26.91 6.69 132.79
CA PHE Q 155 -25.45 6.64 132.76
C PHE Q 155 -24.93 6.31 131.37
N ILE Q 156 -25.55 5.33 130.71
CA ILE Q 156 -25.14 4.89 129.38
C ILE Q 156 -26.24 5.25 128.39
N PHE Q 157 -25.83 5.58 127.16
CA PHE Q 157 -26.77 5.77 126.06
C PHE Q 157 -26.36 4.86 124.92
N LEU Q 158 -27.11 3.77 124.73
CA LEU Q 158 -26.84 2.83 123.65
C LEU Q 158 -27.44 3.38 122.36
N LEU Q 159 -26.58 3.60 121.36
CA LEU Q 159 -27.01 4.20 120.11
C LEU Q 159 -26.49 3.38 118.93
N THR Q 160 -27.29 3.36 117.86
CA THR Q 160 -26.77 2.91 116.58
C THR Q 160 -26.12 4.10 115.88
N THR Q 161 -25.00 3.83 115.20
CA THR Q 161 -24.30 4.90 114.48
C THR Q 161 -25.20 5.54 113.43
N ARG Q 162 -26.22 4.82 112.96
CA ARG Q 162 -27.14 5.37 111.96
C ARG Q 162 -27.91 6.57 112.50
N ALA Q 163 -28.63 6.38 113.60
CA ALA Q 163 -29.60 7.35 114.08
C ALA Q 163 -28.98 8.48 114.89
N GLY Q 164 -27.66 8.46 115.11
CA GLY Q 164 -27.01 9.49 115.90
C GLY Q 164 -26.80 10.79 115.16
N GLY Q 165 -26.15 10.72 113.99
CA GLY Q 165 -25.79 11.90 113.24
C GLY Q 165 -26.96 12.60 112.58
N LEU Q 166 -27.74 13.34 113.37
CA LEU Q 166 -28.87 14.11 112.85
C LEU Q 166 -28.81 15.57 113.28
N GLY Q 167 -27.83 15.96 114.10
CA GLY Q 167 -27.77 17.28 114.67
C GLY Q 167 -28.19 17.35 116.12
N ILE Q 168 -28.47 16.22 116.75
CA ILE Q 168 -28.97 16.17 118.12
C ILE Q 168 -27.84 16.49 119.10
N ASN Q 169 -28.18 16.67 120.37
CA ASN Q 169 -27.24 17.10 121.39
C ASN Q 169 -27.23 16.10 122.54
N LEU Q 170 -26.04 15.61 122.88
CA LEU Q 170 -25.84 14.73 124.02
C LEU Q 170 -24.57 15.12 124.76
N THR Q 171 -24.38 16.43 124.96
CA THR Q 171 -23.17 16.93 125.61
C THR Q 171 -23.11 16.61 127.10
N THR Q 172 -24.21 16.17 127.71
CA THR Q 172 -24.16 15.76 129.10
C THR Q 172 -23.43 14.44 129.30
N ALA Q 173 -22.96 13.82 128.21
CA ALA Q 173 -22.04 12.70 128.27
C ALA Q 173 -20.70 13.15 127.70
N ASP Q 174 -19.62 12.82 128.40
CA ASP Q 174 -18.30 13.29 128.03
C ASP Q 174 -17.40 12.21 127.47
N ILE Q 175 -17.90 10.97 127.33
CA ILE Q 175 -17.09 9.86 126.83
C ILE Q 175 -17.88 9.12 125.76
N VAL Q 176 -17.22 8.83 124.65
CA VAL Q 176 -17.84 8.15 123.50
C VAL Q 176 -17.09 6.84 123.26
N ILE Q 177 -17.84 5.76 123.09
CA ILE Q 177 -17.27 4.45 122.81
C ILE Q 177 -17.91 3.92 121.54
N LEU Q 178 -17.11 3.84 120.47
CA LEU Q 178 -17.54 3.22 119.22
C LEU Q 178 -17.21 1.73 119.33
N TYR Q 179 -18.22 0.93 119.66
CA TYR Q 179 -18.00 -0.51 119.83
C TYR Q 179 -17.46 -1.13 118.55
N ASP Q 180 -17.97 -0.69 117.39
CA ASP Q 180 -17.46 -1.13 116.10
C ASP Q 180 -17.53 0.04 115.13
N SER Q 181 -16.60 0.06 114.18
CA SER Q 181 -16.45 1.21 113.29
C SER Q 181 -17.31 1.06 112.04
N ASP Q 182 -17.69 2.21 111.47
CA ASP Q 182 -18.41 2.25 110.22
C ASP Q 182 -17.43 2.26 109.05
N TRP Q 183 -17.89 1.78 107.90
CA TRP Q 183 -17.06 1.85 106.70
C TRP Q 183 -16.81 3.30 106.30
N ASN Q 184 -17.77 4.18 106.58
CA ASN Q 184 -17.66 5.59 106.24
C ASN Q 184 -17.06 6.34 107.40
N PRO Q 185 -15.88 6.96 107.24
CA PRO Q 185 -15.25 7.64 108.37
C PRO Q 185 -16.07 8.77 108.96
N GLN Q 186 -16.94 9.42 108.17
CA GLN Q 186 -17.71 10.53 108.69
C GLN Q 186 -18.89 10.08 109.55
N ALA Q 187 -19.37 8.85 109.38
CA ALA Q 187 -20.44 8.36 110.23
C ALA Q 187 -20.01 8.29 111.69
N ASP Q 188 -18.88 7.64 111.95
CA ASP Q 188 -18.32 7.62 113.30
C ASP Q 188 -17.89 9.01 113.73
N LEU Q 189 -17.41 9.82 112.79
CA LEU Q 189 -16.96 11.18 113.12
C LEU Q 189 -18.11 12.02 113.66
N GLN Q 190 -19.29 11.91 113.04
CA GLN Q 190 -20.46 12.64 113.50
C GLN Q 190 -21.11 12.00 114.73
N ALA Q 191 -20.77 10.75 115.05
CA ALA Q 191 -21.26 10.14 116.27
C ALA Q 191 -20.53 10.70 117.49
N MET Q 192 -19.23 10.99 117.35
CA MET Q 192 -18.51 11.64 118.43
C MET Q 192 -19.02 13.04 118.69
N ASP Q 193 -19.49 13.72 117.63
CA ASP Q 193 -20.00 15.08 117.77
C ASP Q 193 -21.35 15.14 118.47
N ARG Q 194 -21.95 14.01 118.80
CA ARG Q 194 -23.11 14.03 119.69
C ARG Q 194 -22.72 14.55 121.06
N ALA Q 195 -21.52 14.20 121.51
CA ALA Q 195 -20.98 14.71 122.77
C ALA Q 195 -20.06 15.90 122.55
N HIS Q 196 -19.25 15.87 121.49
CA HIS Q 196 -18.26 16.90 121.23
C HIS Q 196 -18.88 18.00 120.36
N ARG Q 197 -19.56 18.93 121.02
CA ARG Q 197 -20.14 20.09 120.36
C ARG Q 197 -20.40 21.16 121.41
N ILE Q 198 -20.80 22.34 120.93
CA ILE Q 198 -21.04 23.48 121.81
C ILE Q 198 -22.08 23.10 122.86
N GLY Q 199 -21.80 23.45 124.11
CA GLY Q 199 -22.54 22.98 125.26
C GLY Q 199 -21.76 21.99 126.10
N GLN Q 200 -20.79 21.31 125.51
CA GLN Q 200 -19.91 20.44 126.27
C GLN Q 200 -18.95 21.27 127.10
N THR Q 201 -18.77 20.89 128.36
CA THR Q 201 -17.84 21.58 129.24
C THR Q 201 -16.56 20.79 129.52
N LYS Q 202 -16.59 19.47 129.38
CA LYS Q 202 -15.48 18.61 129.74
C LYS Q 202 -14.77 18.08 128.50
N GLN Q 203 -13.61 17.48 128.75
CA GLN Q 203 -12.84 16.85 127.68
C GLN Q 203 -13.58 15.63 127.15
N VAL Q 204 -13.81 15.59 125.85
CA VAL Q 204 -14.43 14.44 125.20
C VAL Q 204 -13.36 13.44 124.84
N VAL Q 205 -13.56 12.19 125.25
CA VAL Q 205 -12.62 11.10 124.96
C VAL Q 205 -13.39 10.02 124.22
N VAL Q 206 -12.84 9.58 123.08
CA VAL Q 206 -13.50 8.63 122.19
C VAL Q 206 -12.66 7.37 122.14
N TYR Q 207 -13.27 6.23 122.47
CA TYR Q 207 -12.62 4.93 122.42
C TYR Q 207 -13.19 4.12 121.26
N ARG Q 208 -12.32 3.70 120.36
CA ARG Q 208 -12.71 2.92 119.18
C ARG Q 208 -12.20 1.50 119.36
N PHE Q 209 -13.08 0.59 119.76
CA PHE Q 209 -12.71 -0.81 119.88
C PHE Q 209 -12.31 -1.36 118.51
N VAL Q 210 -11.13 -1.99 118.46
CA VAL Q 210 -10.62 -2.59 117.23
C VAL Q 210 -10.04 -3.95 117.58
N THR Q 211 -10.44 -4.98 116.83
CA THR Q 211 -9.92 -6.33 117.05
C THR Q 211 -8.58 -6.45 116.32
N ASP Q 212 -7.50 -6.61 117.09
CA ASP Q 212 -6.17 -6.61 116.52
C ASP Q 212 -5.89 -7.91 115.77
N ASN Q 213 -5.14 -7.80 114.68
CA ASN Q 213 -4.77 -8.94 113.83
C ASN Q 213 -5.99 -9.70 113.32
N ALA Q 214 -7.10 -9.00 113.14
CA ALA Q 214 -8.29 -9.58 112.54
C ALA Q 214 -8.80 -8.69 111.42
N ILE Q 215 -10.02 -8.92 110.95
CA ILE Q 215 -10.54 -8.15 109.83
C ILE Q 215 -10.74 -6.69 110.22
N GLU Q 216 -11.03 -6.42 111.49
CA GLU Q 216 -11.35 -5.05 111.91
C GLU Q 216 -10.13 -4.14 111.84
N GLU Q 217 -8.93 -4.67 112.05
CA GLU Q 217 -7.73 -3.85 111.92
C GLU Q 217 -7.52 -3.43 110.47
N LYS Q 218 -7.76 -4.35 109.52
CA LYS Q 218 -7.67 -4.00 108.11
C LYS Q 218 -8.81 -3.10 107.69
N VAL Q 219 -9.98 -3.25 108.32
CA VAL Q 219 -11.08 -2.31 108.08
C VAL Q 219 -10.69 -0.92 108.56
N LEU Q 220 -10.00 -0.84 109.70
CA LEU Q 220 -9.59 0.45 110.24
C LEU Q 220 -8.61 1.16 109.33
N GLU Q 221 -7.67 0.40 108.74
CA GLU Q 221 -6.67 1.02 107.87
C GLU Q 221 -7.31 1.64 106.64
N ARG Q 222 -8.23 0.91 105.99
CA ARG Q 222 -8.88 1.44 104.80
C ARG Q 222 -9.74 2.64 105.13
N ALA Q 223 -10.44 2.62 106.27
CA ALA Q 223 -11.25 3.76 106.67
C ALA Q 223 -10.39 4.97 106.96
N ALA Q 224 -9.25 4.77 107.63
CA ALA Q 224 -8.33 5.88 107.87
C ALA Q 224 -7.79 6.44 106.55
N GLN Q 225 -7.63 5.58 105.55
CA GLN Q 225 -7.23 6.05 104.22
C GLN Q 225 -8.29 6.97 103.64
N LYS Q 226 -9.54 6.51 103.57
CA LYS Q 226 -10.60 7.30 102.96
C LYS Q 226 -10.88 8.59 103.71
N LEU Q 227 -10.65 8.60 105.03
CA LEU Q 227 -10.75 9.86 105.77
C LEU Q 227 -9.64 10.82 105.34
N ARG Q 228 -8.44 10.28 105.09
CA ARG Q 228 -7.35 11.13 104.61
C ARG Q 228 -7.64 11.66 103.21
N LEU Q 229 -8.24 10.82 102.36
CA LEU Q 229 -8.68 11.31 101.05
C LEU Q 229 -9.75 12.39 101.20
N ASP Q 230 -10.59 12.27 102.22
CA ASP Q 230 -11.68 13.22 102.41
C ASP Q 230 -11.15 14.62 102.72
N GLN Q 231 -10.20 14.71 103.65
CA GLN Q 231 -9.74 16.03 104.07
C GLN Q 231 -8.82 16.66 103.04
N LEU Q 232 -8.19 15.86 102.19
CA LEU Q 232 -7.40 16.41 101.09
C LEU Q 232 -8.29 17.14 100.10
N VAL Q 233 -9.39 16.51 99.69
CA VAL Q 233 -10.30 17.16 98.75
C VAL Q 233 -10.98 18.35 99.39
N ILE Q 234 -11.15 18.33 100.71
CA ILE Q 234 -11.78 19.45 101.40
C ILE Q 234 -10.85 20.66 101.42
N GLN Q 235 -9.58 20.44 101.81
CA GLN Q 235 -8.64 21.54 101.88
C GLN Q 235 -8.22 22.03 100.50
N GLN Q 236 -8.35 21.20 99.47
CA GLN Q 236 -8.06 21.59 98.10
C GLN Q 236 -9.31 21.95 97.32
N GLY Q 237 -10.44 22.15 98.00
CA GLY Q 237 -11.63 22.64 97.32
C GLY Q 237 -11.50 24.05 96.82
N ARG Q 238 -10.59 24.84 97.41
CA ARG Q 238 -10.31 26.19 96.96
C ARG Q 238 -9.47 26.23 95.68
N ALA Q 239 -9.10 25.07 95.13
CA ALA Q 239 -8.22 25.00 93.97
C ALA Q 239 -8.98 25.14 92.64
N GLN Q 240 -10.05 24.36 92.47
CA GLN Q 240 -10.80 24.42 91.21
C GLN Q 240 -11.53 25.74 91.04
N VAL Q 241 -11.82 26.45 92.12
CA VAL Q 241 -12.51 27.72 92.01
C VAL Q 241 -11.53 28.83 91.60
N ALA Q 242 -10.24 28.69 91.94
CA ALA Q 242 -9.25 29.69 91.58
C ALA Q 242 -8.54 29.37 90.27
N ALA Q 243 -8.55 28.10 89.85
CA ALA Q 243 -7.94 27.74 88.57
C ALA Q 243 -8.66 28.43 87.41
N LYS Q 244 -9.98 28.46 87.46
CA LYS Q 244 -10.80 29.19 86.48
C LYS Q 244 -11.31 30.46 87.15
N ALA Q 245 -10.64 31.57 86.87
CA ALA Q 245 -11.05 32.87 87.41
C ALA Q 245 -10.40 33.95 86.55
N ALA Q 246 -11.22 34.85 86.01
CA ALA Q 246 -10.69 35.94 85.21
C ALA Q 246 -9.76 36.81 86.05
N ALA Q 247 -8.81 37.45 85.39
CA ALA Q 247 -7.86 38.31 86.08
C ALA Q 247 -8.58 39.47 86.74
N ASN Q 248 -8.48 39.54 88.07
CA ASN Q 248 -9.09 40.64 88.80
C ASN Q 248 -8.49 41.96 88.35
N LYS Q 249 -9.28 43.03 88.48
CA LYS Q 249 -8.84 44.35 88.02
C LYS Q 249 -7.54 44.78 88.69
N ASP Q 250 -7.32 44.37 89.93
CA ASP Q 250 -6.08 44.71 90.61
C ASP Q 250 -4.92 43.80 90.21
N GLU Q 251 -5.21 42.63 89.63
CA GLU Q 251 -4.16 41.79 89.09
C GLU Q 251 -3.60 42.38 87.80
N LEU Q 252 -4.48 42.82 86.90
CA LEU Q 252 -4.04 43.41 85.64
C LEU Q 252 -3.20 44.66 85.87
N LEU Q 253 -3.48 45.39 86.95
CA LEU Q 253 -2.72 46.61 87.24
C LEU Q 253 -1.25 46.28 87.52
N SER Q 254 -1.00 45.19 88.23
CA SER Q 254 0.40 44.82 88.52
C SER Q 254 1.11 44.33 87.26
N MET Q 255 0.35 43.78 86.31
CA MET Q 255 0.94 43.41 85.01
C MET Q 255 1.40 44.66 84.26
N ILE Q 256 0.61 45.72 84.32
CA ILE Q 256 0.94 46.95 83.58
C ILE Q 256 2.02 47.73 84.31
N GLN Q 257 1.98 47.77 85.63
CA GLN Q 257 2.96 48.51 86.41
C GLN Q 257 4.34 47.85 86.44
N HIS Q 258 4.43 46.56 86.07
CA HIS Q 258 5.71 45.85 86.17
C HIS Q 258 6.71 46.42 85.18
N GLY Q 259 7.68 47.17 85.70
CA GLY Q 259 8.70 47.79 84.88
C GLY Q 259 8.34 49.15 84.33
N ALA Q 260 7.13 49.64 84.59
CA ALA Q 260 6.73 50.95 84.09
C ALA Q 260 7.66 52.04 84.62
N GLU Q 261 8.13 51.90 85.86
CA GLU Q 261 9.07 52.86 86.41
C GLU Q 261 10.41 52.79 85.68
N LYS Q 262 10.87 51.57 85.36
CA LYS Q 262 12.14 51.42 84.65
C LYS Q 262 12.04 51.95 83.21
N VAL Q 263 10.87 51.83 82.60
CA VAL Q 263 10.71 52.20 81.20
C VAL Q 263 10.69 53.72 81.04
N PHE Q 264 10.04 54.43 81.96
CA PHE Q 264 9.87 55.87 81.79
C PHE Q 264 11.19 56.62 81.95
N GLN Q 265 11.95 56.31 83.00
CA GLN Q 265 13.22 56.99 83.24
C GLN Q 265 14.33 56.55 82.28
N THR Q 266 14.06 55.60 81.39
CA THR Q 266 15.13 54.98 80.60
C THR Q 266 15.75 55.96 79.61
N LYS Q 267 14.92 56.57 78.76
CA LYS Q 267 15.37 57.52 77.74
C LYS Q 267 16.34 56.90 76.74
N GLY Q 268 16.39 55.58 76.68
CA GLY Q 268 17.30 54.90 75.78
C GLY Q 268 16.86 53.47 75.54
N ALA Q 269 17.83 52.58 75.36
CA ALA Q 269 17.56 51.17 75.16
C ALA Q 269 17.69 50.41 76.48
N PHE Q 270 17.00 49.26 76.55
CA PHE Q 270 16.95 48.51 77.80
C PHE Q 270 18.30 47.84 78.08
N GLY Q 271 18.32 47.04 79.15
CA GLY Q 271 19.59 46.51 79.64
C GLY Q 271 20.27 45.58 78.66
N THR Q 272 19.52 44.64 78.10
CA THR Q 272 20.09 43.72 77.12
C THR Q 272 20.61 44.47 75.91
N MET Q 273 19.89 45.49 75.46
CA MET Q 273 20.25 46.25 74.27
C MET Q 273 21.16 47.44 74.60
N ASP Q 282 27.86 34.62 69.01
CA ASP Q 282 27.15 33.62 69.79
C ASP Q 282 27.67 33.57 71.23
N ASP Q 283 28.72 34.35 71.50
CA ASP Q 283 29.23 34.43 72.87
C ASP Q 283 28.27 35.18 73.79
N ASP Q 284 27.60 36.20 73.27
CA ASP Q 284 26.57 36.88 74.04
C ASP Q 284 25.31 36.03 74.17
N ILE Q 285 25.01 35.23 73.14
CA ILE Q 285 23.76 34.47 73.13
C ILE Q 285 23.82 33.32 74.14
N ASP Q 286 24.93 32.59 74.17
CA ASP Q 286 25.08 31.52 75.14
C ASP Q 286 25.14 32.04 76.57
N ALA Q 287 25.48 33.31 76.76
CA ALA Q 287 25.42 33.92 78.08
C ALA Q 287 23.99 34.34 78.45
N ILE Q 288 23.12 34.50 77.46
CA ILE Q 288 21.71 34.79 77.74
C ILE Q 288 20.96 33.51 78.08
N LEU Q 289 21.14 32.46 77.27
CA LEU Q 289 20.51 31.18 77.54
C LEU Q 289 20.95 30.59 78.88
N GLN Q 290 22.20 30.84 79.28
CA GLN Q 290 22.69 30.32 80.54
C GLN Q 290 22.07 31.08 81.72
N ALA Q 291 21.99 32.41 81.63
CA ALA Q 291 21.39 33.19 82.69
C ALA Q 291 19.88 32.98 82.76
N GLY Q 292 19.25 32.68 81.64
CA GLY Q 292 17.82 32.42 81.62
C GLY Q 292 17.48 31.06 82.17
N GLU Q 293 18.30 30.05 81.83
CA GLU Q 293 18.11 28.72 82.37
C GLU Q 293 18.21 28.70 83.88
N THR Q 294 19.01 29.61 84.46
CA THR Q 294 19.09 29.71 85.91
C THR Q 294 17.77 30.22 86.50
N ARG Q 295 17.18 31.25 85.88
CA ARG Q 295 15.94 31.81 86.40
C ARG Q 295 14.76 30.89 86.17
N THR Q 296 14.82 30.03 85.15
CA THR Q 296 13.71 29.13 84.88
C THR Q 296 13.64 28.02 85.93
N LYS Q 297 14.77 27.37 86.20
CA LYS Q 297 14.79 26.33 87.22
C LYS Q 297 14.35 26.86 88.57
N GLU Q 298 14.83 28.05 88.95
CA GLU Q 298 14.48 28.63 90.23
C GLU Q 298 13.01 28.99 90.30
N LEU Q 299 12.46 29.55 89.21
CA LEU Q 299 11.06 29.96 89.20
C LEU Q 299 10.14 28.75 89.33
N ASN Q 300 10.38 27.70 88.55
CA ASN Q 300 9.51 26.54 88.57
C ASN Q 300 9.63 25.78 89.89
N ALA Q 301 10.84 25.68 90.44
CA ALA Q 301 11.01 25.00 91.72
C ALA Q 301 10.34 25.76 92.86
N ARG Q 302 10.23 27.09 92.72
CA ARG Q 302 9.60 27.89 93.77
C ARG Q 302 8.09 27.69 93.79
N TYR Q 303 7.49 27.51 92.61
CA TYR Q 303 6.03 27.40 92.51
C TYR Q 303 5.54 25.96 92.48
N GLU Q 304 6.38 25.01 92.07
CA GLU Q 304 5.93 23.63 91.93
C GLU Q 304 5.63 23.01 93.28
N LYS Q 305 6.41 23.34 94.30
CA LYS Q 305 6.19 22.81 95.65
C LYS Q 305 5.14 23.56 96.44
N LEU Q 306 4.52 24.59 95.84
CA LEU Q 306 3.60 25.43 96.60
C LEU Q 306 2.29 24.72 96.90
N GLY Q 307 1.54 25.29 97.83
CA GLY Q 307 0.25 24.78 98.24
C GLY Q 307 -0.86 25.79 98.02
N ILE Q 308 -2.08 25.35 98.31
CA ILE Q 308 -3.27 26.14 98.00
C ILE Q 308 -3.32 27.42 98.84
N ASP Q 309 -2.78 27.39 100.06
CA ASP Q 309 -2.81 28.57 100.91
C ASP Q 309 -2.04 29.73 100.28
N ASP Q 310 -0.90 29.44 99.68
CA ASP Q 310 -0.10 30.49 99.04
C ASP Q 310 -0.77 30.98 97.77
N LEU Q 311 -1.32 30.06 96.97
CA LEU Q 311 -1.92 30.39 95.70
C LEU Q 311 -3.35 30.89 95.87
N LYS R 2 -2.60 -1.21 -58.80
CA LYS R 2 -3.53 -1.97 -57.98
C LYS R 2 -2.85 -3.19 -57.35
N SER R 3 -3.51 -3.79 -56.36
CA SER R 3 -2.96 -4.93 -55.64
C SER R 3 -3.24 -6.21 -56.40
N LEU R 4 -2.19 -6.94 -56.78
CA LEU R 4 -2.31 -8.25 -57.40
C LEU R 4 -1.80 -9.28 -56.40
N LEU R 5 -2.73 -10.01 -55.79
CA LEU R 5 -2.41 -10.95 -54.74
C LEU R 5 -1.52 -12.08 -55.26
N PRO R 6 -0.46 -12.46 -54.55
CA PRO R 6 0.35 -13.60 -54.99
C PRO R 6 -0.49 -14.86 -55.09
N LYS R 7 -0.18 -15.69 -56.08
CA LYS R 7 -0.97 -16.88 -56.36
C LYS R 7 -0.69 -18.01 -55.38
N LYS R 8 -1.76 -18.67 -54.93
CA LYS R 8 -1.70 -19.84 -54.07
C LYS R 8 -1.67 -21.11 -54.91
N GLU R 9 -0.52 -21.79 -54.96
CA GLU R 9 -0.35 -23.01 -55.73
C GLU R 9 -0.41 -24.23 -54.81
N ILE R 10 -1.39 -25.11 -55.04
CA ILE R 10 -1.64 -26.28 -54.20
C ILE R 10 -1.62 -27.54 -55.07
N ASN R 11 -0.75 -28.48 -54.70
CA ASN R 11 -0.80 -29.82 -55.29
C ASN R 11 -1.95 -30.62 -54.68
N VAL R 12 -2.83 -31.14 -55.53
CA VAL R 12 -3.95 -31.97 -55.12
C VAL R 12 -3.57 -33.43 -55.41
N TYR R 13 -3.21 -34.16 -54.36
CA TYR R 13 -2.76 -35.53 -54.51
C TYR R 13 -3.95 -36.47 -54.63
N ILE R 14 -3.98 -37.27 -55.70
CA ILE R 14 -5.14 -38.09 -56.05
C ILE R 14 -4.71 -39.54 -56.22
N GLY R 15 -5.60 -40.46 -55.84
CA GLY R 15 -5.41 -41.88 -56.05
C GLY R 15 -5.93 -42.31 -57.41
N MET R 16 -5.94 -43.63 -57.62
CA MET R 16 -6.39 -44.21 -58.87
C MET R 16 -7.57 -45.15 -58.64
N SER R 17 -8.48 -45.18 -59.61
CA SER R 17 -9.62 -46.08 -59.55
C SER R 17 -9.17 -47.51 -59.84
N GLU R 18 -10.09 -48.46 -59.60
CA GLU R 18 -9.81 -49.87 -59.86
C GLU R 18 -9.46 -50.11 -61.32
N MET R 19 -10.12 -49.38 -62.23
CA MET R 19 -9.84 -49.55 -63.65
C MET R 19 -8.44 -49.04 -63.98
N GLN R 20 -8.03 -47.91 -63.40
CA GLN R 20 -6.69 -47.39 -63.64
C GLN R 20 -5.62 -48.38 -63.19
N VAL R 21 -5.81 -48.99 -62.02
CA VAL R 21 -4.81 -49.93 -61.50
C VAL R 21 -4.62 -51.09 -62.45
N LYS R 22 -5.71 -51.61 -63.02
CA LYS R 22 -5.61 -52.69 -63.99
C LYS R 22 -4.77 -52.28 -65.19
N TRP R 23 -5.03 -51.08 -65.71
CA TRP R 23 -4.27 -50.60 -66.87
C TRP R 23 -2.85 -50.22 -66.47
N TYR R 24 -2.69 -49.56 -65.32
CA TYR R 24 -1.35 -49.20 -64.84
C TYR R 24 -0.48 -50.43 -64.67
N GLN R 25 -1.06 -51.51 -64.13
CA GLN R 25 -0.34 -52.78 -64.05
C GLN R 25 -0.07 -53.35 -65.44
N LYS R 26 -1.06 -53.29 -66.33
CA LYS R 26 -0.90 -53.84 -67.67
C LYS R 26 0.22 -53.14 -68.43
N ILE R 27 0.34 -51.82 -68.24
CA ILE R 27 1.43 -51.07 -68.88
C ILE R 27 2.77 -51.54 -68.33
N LEU R 28 2.89 -51.64 -67.01
CA LEU R 28 4.13 -52.06 -66.39
C LEU R 28 4.49 -53.50 -66.76
N GLU R 29 3.47 -54.36 -66.89
CA GLU R 29 3.71 -55.79 -67.14
C GLU R 29 4.11 -56.07 -68.58
N LYS R 30 3.41 -55.48 -69.55
CA LYS R 30 3.72 -55.74 -70.94
C LYS R 30 5.11 -55.26 -71.31
N ASP R 31 5.81 -54.62 -70.39
CA ASP R 31 7.13 -54.10 -70.66
C ASP R 31 8.03 -54.13 -69.43
N ILE R 32 8.05 -55.26 -68.72
CA ILE R 32 8.80 -55.36 -67.48
C ILE R 32 10.33 -55.39 -67.67
N ASP R 33 10.85 -55.79 -68.83
CA ASP R 33 12.32 -55.89 -68.97
C ASP R 33 12.99 -54.53 -68.83
N ALA R 34 12.41 -53.49 -69.43
CA ALA R 34 12.98 -52.15 -69.30
C ALA R 34 12.75 -51.61 -67.89
N VAL R 35 11.62 -51.98 -67.27
CA VAL R 35 11.33 -51.49 -65.92
C VAL R 35 12.30 -52.12 -64.92
N ASN R 36 12.56 -53.42 -65.04
CA ASN R 36 13.49 -54.04 -64.10
C ASN R 36 14.92 -53.56 -64.28
N GLY R 37 15.23 -52.86 -65.36
CA GLY R 37 16.57 -52.39 -65.61
C GLY R 37 17.32 -53.11 -66.71
N ALA R 38 16.72 -54.15 -67.30
CA ALA R 38 17.37 -54.94 -68.35
C ALA R 38 17.48 -54.20 -69.68
N GLY R 39 17.22 -52.89 -69.72
CA GLY R 39 17.07 -52.24 -71.01
C GLY R 39 18.38 -52.19 -71.79
N GLY R 40 19.46 -51.94 -71.10
CA GLY R 40 20.70 -51.77 -71.81
C GLY R 40 21.08 -50.31 -71.95
N LYS R 41 21.89 -50.07 -72.97
CA LYS R 41 22.66 -48.84 -73.04
C LYS R 41 21.91 -47.77 -73.81
N ARG R 42 21.48 -48.06 -75.03
CA ARG R 42 20.93 -47.05 -75.91
C ARG R 42 19.46 -47.31 -76.23
N GLU R 43 19.16 -48.49 -76.77
CA GLU R 43 17.77 -48.89 -76.98
C GLU R 43 16.91 -48.65 -75.74
N SER R 44 17.49 -48.88 -74.56
CA SER R 44 16.73 -48.78 -73.30
C SER R 44 16.12 -47.40 -73.12
N LYS R 45 16.87 -46.33 -73.41
CA LYS R 45 16.40 -44.99 -73.07
C LYS R 45 15.11 -44.66 -73.79
N THR R 46 15.00 -45.08 -75.07
CA THR R 46 13.77 -44.89 -75.84
C THR R 46 12.60 -45.71 -75.31
N ARG R 47 12.85 -46.94 -74.85
CA ARG R 47 11.76 -47.78 -74.37
C ARG R 47 11.16 -47.20 -73.11
N LEU R 48 12.00 -46.57 -72.30
CA LEU R 48 11.55 -46.02 -71.04
C LEU R 48 10.68 -44.78 -71.25
N LEU R 49 11.02 -43.97 -72.26
CA LEU R 49 10.24 -42.78 -72.57
C LEU R 49 8.80 -43.08 -72.99
N ASN R 50 8.58 -44.23 -73.64
CA ASN R 50 7.21 -44.62 -73.95
C ASN R 50 6.45 -45.02 -72.70
N ILE R 51 7.07 -45.83 -71.86
CA ILE R 51 6.37 -46.28 -70.66
C ILE R 51 5.93 -45.09 -69.84
N VAL R 52 6.78 -44.07 -69.75
CA VAL R 52 6.41 -42.87 -68.99
C VAL R 52 5.13 -42.25 -69.55
N MET R 53 5.06 -42.10 -70.87
CA MET R 53 3.90 -41.45 -71.49
C MET R 53 2.63 -42.28 -71.35
N GLN R 54 2.74 -43.61 -71.39
CA GLN R 54 1.55 -44.44 -71.23
C GLN R 54 1.02 -44.38 -69.80
N LEU R 55 1.93 -44.32 -68.81
CA LEU R 55 1.50 -44.19 -67.43
C LEU R 55 0.82 -42.84 -67.19
N ARG R 56 1.31 -41.77 -67.83
CA ARG R 56 0.66 -40.48 -67.70
C ARG R 56 -0.74 -40.50 -68.30
N LYS R 57 -0.90 -41.18 -69.43
CA LYS R 57 -2.23 -41.39 -69.99
C LYS R 57 -3.13 -42.13 -69.01
N CYS R 58 -2.57 -43.11 -68.31
CA CYS R 58 -3.34 -43.86 -67.32
C CYS R 58 -3.70 -42.98 -66.12
N CYS R 59 -2.78 -42.13 -65.68
CA CYS R 59 -3.07 -41.22 -64.58
C CYS R 59 -4.14 -40.21 -64.97
N ASN R 60 -4.23 -39.88 -66.26
CA ASN R 60 -5.25 -38.94 -66.72
C ASN R 60 -6.61 -39.61 -66.80
N HIS R 61 -6.74 -40.68 -67.61
CA HIS R 61 -8.01 -41.37 -67.74
C HIS R 61 -7.83 -42.70 -68.48
N PRO R 62 -8.41 -43.79 -67.96
CA PRO R 62 -8.30 -45.07 -68.68
C PRO R 62 -8.92 -45.04 -70.06
N TYR R 63 -9.95 -44.22 -70.26
CA TYR R 63 -10.64 -44.17 -71.56
C TYR R 63 -9.75 -43.64 -72.67
N LEU R 64 -8.58 -43.10 -72.34
CA LEU R 64 -7.62 -42.72 -73.37
C LEU R 64 -7.02 -43.93 -74.06
N PHE R 65 -7.04 -45.10 -73.40
CA PHE R 65 -6.62 -46.33 -74.05
C PHE R 65 -7.78 -46.93 -74.82
N GLU R 66 -7.50 -47.40 -76.02
CA GLU R 66 -8.56 -47.96 -76.85
C GLU R 66 -8.92 -49.35 -76.35
N GLY R 67 -10.22 -49.63 -76.29
CA GLY R 67 -10.72 -50.86 -75.74
C GLY R 67 -10.98 -50.81 -74.24
N ALA R 68 -10.68 -49.70 -73.59
CA ALA R 68 -10.92 -49.57 -72.16
C ALA R 68 -12.41 -49.36 -71.88
N GLU R 69 -12.97 -48.28 -72.41
CA GLU R 69 -14.39 -48.02 -72.21
C GLU R 69 -15.21 -49.13 -72.87
N PRO R 70 -16.30 -49.58 -72.25
CA PRO R 70 -17.16 -50.60 -72.86
C PRO R 70 -17.53 -50.26 -74.30
N GLY R 71 -17.58 -51.29 -75.14
CA GLY R 71 -17.69 -51.12 -76.57
C GLY R 71 -18.89 -50.31 -77.03
N PRO R 72 -18.92 -49.98 -78.33
CA PRO R 72 -19.93 -49.13 -78.98
C PRO R 72 -21.38 -49.52 -78.75
N PRO R 73 -22.28 -48.54 -78.59
CA PRO R 73 -21.99 -47.10 -78.56
C PRO R 73 -21.40 -46.67 -77.21
N TYR R 74 -20.78 -45.50 -77.17
CA TYR R 74 -20.22 -44.94 -75.95
C TYR R 74 -21.13 -43.82 -75.47
N THR R 75 -21.78 -44.03 -74.32
CA THR R 75 -22.67 -43.04 -73.74
C THR R 75 -22.00 -42.42 -72.51
N THR R 76 -22.22 -41.12 -72.34
CA THR R 76 -21.60 -40.37 -71.24
C THR R 76 -22.49 -40.46 -70.01
N ASP R 77 -22.04 -41.20 -68.99
CA ASP R 77 -22.80 -41.34 -67.77
C ASP R 77 -21.87 -41.12 -66.57
N GLU R 78 -22.21 -41.69 -65.41
CA GLU R 78 -21.36 -41.51 -64.23
C GLU R 78 -20.05 -42.29 -64.34
N HIS R 79 -19.97 -43.27 -65.23
CA HIS R 79 -18.74 -44.06 -65.36
C HIS R 79 -17.60 -43.24 -65.96
N LEU R 80 -17.89 -42.11 -66.59
CA LEU R 80 -16.83 -41.23 -67.06
C LEU R 80 -16.08 -40.59 -65.91
N ILE R 81 -16.69 -40.49 -64.75
CA ILE R 81 -16.09 -39.84 -63.58
C ILE R 81 -15.47 -40.83 -62.62
N TYR R 82 -16.24 -41.83 -62.16
CA TYR R 82 -15.75 -42.71 -61.10
C TYR R 82 -14.71 -43.71 -61.59
N ASN R 83 -14.42 -43.76 -62.88
CA ASN R 83 -13.38 -44.63 -63.39
C ASN R 83 -12.02 -43.94 -63.47
N ALA R 84 -11.93 -42.67 -63.12
CA ALA R 84 -10.68 -41.93 -63.10
C ALA R 84 -10.57 -41.15 -61.81
N GLY R 85 -9.45 -41.33 -61.10
CA GLY R 85 -9.28 -40.67 -59.81
C GLY R 85 -9.35 -39.15 -59.92
N LYS R 86 -8.72 -38.57 -60.94
CA LYS R 86 -8.72 -37.13 -61.06
C LYS R 86 -10.12 -36.59 -61.35
N MET R 87 -10.94 -37.35 -62.06
CA MET R 87 -12.29 -36.91 -62.38
C MET R 87 -13.16 -36.79 -61.13
N VAL R 88 -13.03 -37.74 -60.20
CA VAL R 88 -13.83 -37.72 -58.97
C VAL R 88 -13.52 -36.46 -58.17
N VAL R 89 -12.25 -36.18 -57.95
CA VAL R 89 -11.83 -34.98 -57.23
C VAL R 89 -12.27 -33.72 -57.98
N LEU R 90 -12.11 -33.74 -59.31
CA LEU R 90 -12.51 -32.58 -60.11
C LEU R 90 -14.01 -32.35 -60.03
N ASP R 91 -14.81 -33.42 -60.03
CA ASP R 91 -16.26 -33.29 -60.03
C ASP R 91 -16.73 -32.57 -58.78
N LYS R 92 -16.17 -32.91 -57.63
CA LYS R 92 -16.58 -32.25 -56.40
C LYS R 92 -15.88 -30.91 -56.22
N LEU R 93 -14.65 -30.76 -56.73
CA LEU R 93 -13.96 -29.47 -56.65
C LEU R 93 -14.69 -28.42 -57.48
N LEU R 94 -15.10 -28.78 -58.70
CA LEU R 94 -15.86 -27.85 -59.52
C LEU R 94 -17.18 -27.52 -58.86
N LYS R 95 -17.77 -28.48 -58.16
CA LYS R 95 -19.04 -28.25 -57.46
C LYS R 95 -18.87 -27.16 -56.40
N ARG R 96 -17.73 -27.16 -55.72
CA ARG R 96 -17.45 -26.13 -54.72
C ARG R 96 -17.03 -24.81 -55.39
N ILE R 97 -16.26 -24.88 -56.47
CA ILE R 97 -15.78 -23.67 -57.13
C ILE R 97 -16.94 -22.83 -57.63
N GLN R 98 -17.92 -23.46 -58.26
CA GLN R 98 -19.06 -22.73 -58.79
C GLN R 98 -19.92 -22.17 -57.67
N LYS R 99 -20.07 -22.93 -56.58
CA LYS R 99 -20.96 -22.52 -55.50
C LYS R 99 -20.42 -21.28 -54.77
N GLN R 100 -19.10 -21.12 -54.71
CA GLN R 100 -18.50 -19.93 -54.13
C GLN R 100 -18.33 -18.80 -55.13
N GLY R 101 -18.97 -18.89 -56.29
CA GLY R 101 -18.95 -17.83 -57.27
C GLY R 101 -17.64 -17.58 -57.97
N SER R 102 -16.85 -18.62 -58.19
CA SER R 102 -15.57 -18.51 -58.88
C SER R 102 -15.64 -19.22 -60.23
N ARG R 103 -14.89 -18.70 -61.20
CA ARG R 103 -14.80 -19.30 -62.52
C ARG R 103 -13.39 -19.86 -62.71
N VAL R 104 -13.30 -20.98 -63.42
CA VAL R 104 -12.11 -21.82 -63.41
C VAL R 104 -11.63 -22.09 -64.83
N LEU R 105 -10.32 -21.96 -65.04
CA LEU R 105 -9.65 -22.41 -66.25
C LEU R 105 -9.04 -23.78 -65.99
N ILE R 106 -9.25 -24.72 -66.91
CA ILE R 106 -8.72 -26.07 -66.80
C ILE R 106 -7.75 -26.32 -67.94
N PHE R 107 -6.47 -26.53 -67.59
CA PHE R 107 -5.45 -26.81 -68.58
C PHE R 107 -5.14 -28.30 -68.63
N SER R 108 -4.54 -28.72 -69.74
CA SER R 108 -4.15 -30.11 -69.93
C SER R 108 -3.08 -30.21 -71.00
N GLN R 109 -2.27 -31.28 -70.89
CA GLN R 109 -1.27 -31.54 -71.90
C GLN R 109 -1.85 -32.23 -73.13
N MET R 110 -2.95 -32.96 -72.95
CA MET R 110 -3.51 -33.82 -73.99
C MET R 110 -4.88 -33.30 -74.42
N SER R 111 -5.03 -33.06 -75.72
CA SER R 111 -6.32 -32.60 -76.25
C SER R 111 -7.37 -33.69 -76.16
N ARG R 112 -6.97 -34.96 -76.27
CA ARG R 112 -7.92 -36.05 -76.13
C ARG R 112 -8.47 -36.15 -74.72
N LEU R 113 -7.79 -35.57 -73.74
CA LEU R 113 -8.34 -35.48 -72.40
C LEU R 113 -9.34 -34.33 -72.29
N LEU R 114 -9.05 -33.21 -72.96
CA LEU R 114 -10.04 -32.14 -73.06
C LEU R 114 -11.31 -32.65 -73.74
N ASP R 115 -11.15 -33.60 -74.66
CA ASP R 115 -12.30 -34.27 -75.25
C ASP R 115 -13.13 -34.96 -74.18
N ILE R 116 -12.46 -35.62 -73.23
CA ILE R 116 -13.16 -36.22 -72.10
C ILE R 116 -13.80 -35.14 -71.22
N LEU R 117 -13.05 -34.06 -70.97
CA LEU R 117 -13.59 -32.97 -70.15
C LEU R 117 -14.78 -32.29 -70.82
N GLU R 118 -14.76 -32.22 -72.15
CA GLU R 118 -15.91 -31.67 -72.87
C GLU R 118 -17.16 -32.52 -72.64
N ASP R 119 -17.01 -33.85 -72.75
CA ASP R 119 -18.12 -34.75 -72.47
C ASP R 119 -18.58 -34.62 -71.03
N TYR R 120 -17.66 -34.32 -70.12
CA TYR R 120 -18.05 -34.14 -68.72
C TYR R 120 -18.90 -32.88 -68.52
N CYS R 121 -18.46 -31.76 -69.09
CA CYS R 121 -19.17 -30.50 -68.89
C CYS R 121 -20.60 -30.56 -69.42
N VAL R 122 -20.79 -31.17 -70.59
CA VAL R 122 -22.13 -31.30 -71.14
C VAL R 122 -22.96 -32.24 -70.26
N PHE R 123 -22.33 -33.29 -69.73
CA PHE R 123 -23.03 -34.24 -68.87
C PHE R 123 -23.50 -33.59 -67.58
N ARG R 124 -22.79 -32.57 -67.11
CA ARG R 124 -23.14 -31.86 -65.89
C ARG R 124 -23.79 -30.50 -66.12
N GLY R 125 -23.78 -30.00 -67.36
CA GLY R 125 -24.34 -28.69 -67.66
C GLY R 125 -23.44 -27.51 -67.41
N TYR R 126 -22.13 -27.66 -67.55
CA TYR R 126 -21.18 -26.58 -67.36
C TYR R 126 -20.94 -25.87 -68.70
N LYS R 127 -21.27 -24.58 -68.76
CA LYS R 127 -20.98 -23.78 -69.95
C LYS R 127 -19.47 -23.60 -70.09
N TYR R 128 -18.96 -23.79 -71.31
CA TYR R 128 -17.50 -23.76 -71.49
C TYR R 128 -17.11 -23.23 -72.86
N CYS R 129 -15.81 -22.94 -72.99
CA CYS R 129 -15.11 -22.64 -74.23
C CYS R 129 -13.86 -23.50 -74.30
N ARG R 130 -13.19 -23.51 -75.46
CA ARG R 130 -12.04 -24.42 -75.63
C ARG R 130 -11.04 -23.92 -76.66
N ILE R 131 -9.75 -24.01 -76.33
CA ILE R 131 -8.66 -23.72 -77.27
C ILE R 131 -7.68 -24.91 -77.28
N ASP R 132 -7.53 -25.55 -78.44
CA ASP R 132 -6.63 -26.69 -78.57
C ASP R 132 -5.27 -26.31 -79.15
N GLY R 133 -5.01 -25.03 -79.38
CA GLY R 133 -3.85 -24.71 -80.18
C GLY R 133 -4.03 -25.08 -81.63
N SER R 134 -5.25 -25.45 -82.01
CA SER R 134 -5.60 -25.77 -83.39
C SER R 134 -5.82 -24.46 -84.13
N THR R 135 -4.93 -24.16 -85.07
CA THR R 135 -5.04 -22.97 -85.90
C THR R 135 -5.78 -23.24 -87.20
N ALA R 136 -6.49 -24.37 -87.30
CA ALA R 136 -7.24 -24.74 -88.49
C ALA R 136 -8.70 -24.35 -88.27
N HIS R 137 -9.07 -23.16 -88.73
CA HIS R 137 -10.44 -22.67 -88.68
C HIS R 137 -10.93 -22.41 -87.26
N GLU R 138 -10.08 -22.65 -86.26
CA GLU R 138 -10.42 -22.43 -84.86
C GLU R 138 -9.84 -21.08 -84.45
N ASP R 139 -10.67 -20.04 -84.47
CA ASP R 139 -10.24 -18.71 -84.06
C ASP R 139 -10.26 -18.64 -82.54
N ARG R 140 -9.08 -18.64 -81.92
CA ARG R 140 -9.00 -18.60 -80.47
C ARG R 140 -9.41 -17.24 -79.91
N ILE R 141 -9.39 -16.19 -80.73
CA ILE R 141 -9.78 -14.86 -80.28
C ILE R 141 -11.26 -14.83 -79.93
N ALA R 142 -12.09 -15.61 -80.63
CA ALA R 142 -13.53 -15.55 -80.42
C ALA R 142 -13.93 -16.15 -79.07
N ALA R 143 -13.18 -17.15 -78.60
CA ALA R 143 -13.52 -17.78 -77.32
C ALA R 143 -13.09 -16.91 -76.15
N ILE R 144 -11.93 -16.24 -76.26
CA ILE R 144 -11.48 -15.33 -75.22
C ILE R 144 -12.52 -14.24 -74.98
N ASP R 145 -13.02 -13.63 -76.05
CA ASP R 145 -14.01 -12.58 -75.90
C ASP R 145 -15.31 -13.12 -75.29
N GLU R 146 -15.72 -14.32 -75.70
CA GLU R 146 -16.92 -14.92 -75.15
C GLU R 146 -16.80 -15.18 -73.66
N TYR R 147 -15.61 -15.52 -73.18
CA TYR R 147 -15.42 -15.86 -71.78
C TYR R 147 -15.30 -14.61 -70.91
N ASN R 148 -14.74 -13.53 -71.45
CA ASN R 148 -14.48 -12.30 -70.71
C ASN R 148 -15.66 -11.33 -70.69
N LYS R 149 -16.66 -11.54 -71.56
CA LYS R 149 -17.78 -10.62 -71.67
C LYS R 149 -18.44 -10.40 -70.31
N PRO R 150 -18.80 -9.15 -69.97
CA PRO R 150 -19.45 -8.88 -68.69
C PRO R 150 -20.77 -9.63 -68.57
N GLY R 151 -20.96 -10.31 -67.43
CA GLY R 151 -22.15 -11.11 -67.26
C GLY R 151 -22.14 -12.35 -68.11
N SER R 152 -20.97 -12.94 -68.33
CA SER R 152 -20.83 -14.06 -69.25
C SER R 152 -21.56 -15.30 -68.76
N ASP R 153 -21.96 -16.13 -69.73
CA ASP R 153 -22.61 -17.41 -69.46
C ASP R 153 -21.61 -18.50 -69.14
N LYS R 154 -20.36 -18.34 -69.58
CA LYS R 154 -19.36 -19.39 -69.44
C LYS R 154 -18.88 -19.51 -67.99
N PHE R 155 -18.39 -20.70 -67.66
CA PHE R 155 -17.89 -21.06 -66.33
C PHE R 155 -16.55 -21.78 -66.40
N ILE R 156 -16.35 -22.64 -67.40
CA ILE R 156 -15.12 -23.40 -67.57
C ILE R 156 -14.48 -23.03 -68.91
N PHE R 157 -13.15 -22.97 -68.92
CA PHE R 157 -12.39 -22.78 -70.15
C PHE R 157 -11.34 -23.88 -70.25
N LEU R 158 -11.51 -24.79 -71.22
CA LEU R 158 -10.60 -25.90 -71.42
C LEU R 158 -9.50 -25.48 -72.38
N LEU R 159 -8.24 -25.66 -71.97
CA LEU R 159 -7.11 -25.30 -72.82
C LEU R 159 -6.05 -26.38 -72.77
N THR R 160 -5.27 -26.43 -73.84
CA THR R 160 -4.01 -27.16 -73.83
C THR R 160 -2.93 -26.23 -73.30
N THR R 161 -1.98 -26.79 -72.56
CA THR R 161 -0.90 -25.96 -72.01
C THR R 161 -0.13 -25.28 -73.13
N ARG R 162 -0.11 -25.89 -74.32
CA ARG R 162 0.52 -25.27 -75.48
C ARG R 162 -0.10 -23.93 -75.82
N ALA R 163 -1.42 -23.93 -76.04
CA ALA R 163 -2.12 -22.72 -76.47
C ALA R 163 -2.27 -21.68 -75.37
N GLY R 164 -1.89 -22.01 -74.13
CA GLY R 164 -2.02 -21.04 -73.05
C GLY R 164 -1.04 -19.88 -73.19
N GLY R 165 0.24 -20.20 -73.38
CA GLY R 165 1.27 -19.17 -73.48
C GLY R 165 1.33 -18.51 -74.84
N LEU R 166 0.32 -17.70 -75.17
CA LEU R 166 0.29 -16.96 -76.42
C LEU R 166 0.06 -15.47 -76.19
N GLY R 167 0.20 -14.99 -74.95
CA GLY R 167 -0.15 -13.61 -74.65
C GLY R 167 -1.62 -13.35 -74.53
N ILE R 168 -2.43 -14.40 -74.35
CA ILE R 168 -3.86 -14.26 -74.17
C ILE R 168 -4.17 -13.86 -72.74
N ASN R 169 -5.30 -13.16 -72.57
CA ASN R 169 -5.71 -12.60 -71.28
C ASN R 169 -7.04 -13.18 -70.85
N LEU R 170 -7.05 -13.84 -69.68
CA LEU R 170 -8.23 -14.44 -69.08
C LEU R 170 -8.36 -14.04 -67.61
N THR R 171 -8.28 -12.73 -67.35
CA THR R 171 -8.31 -12.22 -65.97
C THR R 171 -9.68 -12.32 -65.32
N THR R 172 -10.73 -12.62 -66.07
CA THR R 172 -12.06 -12.75 -65.47
C THR R 172 -12.23 -14.05 -64.69
N ALA R 173 -11.26 -14.95 -64.71
CA ALA R 173 -11.26 -16.14 -63.89
C ALA R 173 -10.21 -16.03 -62.78
N ASP R 174 -10.48 -16.70 -61.66
CA ASP R 174 -9.59 -16.62 -60.51
C ASP R 174 -9.01 -17.97 -60.09
N ILE R 175 -9.42 -19.06 -60.73
CA ILE R 175 -8.95 -20.40 -60.37
C ILE R 175 -8.42 -21.09 -61.61
N VAL R 176 -7.24 -21.69 -61.48
CA VAL R 176 -6.61 -22.44 -62.56
C VAL R 176 -6.35 -23.86 -62.04
N ILE R 177 -6.83 -24.85 -62.77
CA ILE R 177 -6.65 -26.25 -62.41
C ILE R 177 -5.82 -26.91 -63.50
N LEU R 178 -4.61 -27.32 -63.16
CA LEU R 178 -3.72 -28.05 -64.06
C LEU R 178 -4.00 -29.53 -63.89
N TYR R 179 -4.89 -30.06 -64.73
CA TYR R 179 -5.27 -31.46 -64.67
C TYR R 179 -4.05 -32.37 -64.69
N ASP R 180 -3.09 -32.06 -65.56
CA ASP R 180 -1.77 -32.68 -65.52
C ASP R 180 -0.73 -31.59 -65.77
N SER R 181 0.52 -31.91 -65.49
CA SER R 181 1.58 -30.92 -65.50
C SER R 181 2.51 -31.13 -66.68
N ASP R 182 3.03 -30.02 -67.20
CA ASP R 182 4.03 -30.07 -68.26
C ASP R 182 5.40 -30.39 -67.66
N TRP R 183 6.22 -31.11 -68.43
CA TRP R 183 7.56 -31.42 -67.97
C TRP R 183 8.38 -30.16 -67.76
N ASN R 184 8.12 -29.11 -68.55
CA ASN R 184 8.80 -27.83 -68.38
C ASN R 184 7.97 -26.97 -67.44
N PRO R 185 8.45 -26.69 -66.22
CA PRO R 185 7.64 -25.92 -65.27
C PRO R 185 7.26 -24.54 -65.78
N GLN R 186 8.12 -23.92 -66.61
CA GLN R 186 7.82 -22.60 -67.14
C GLN R 186 6.60 -22.57 -68.05
N ALA R 187 6.24 -23.72 -68.64
CA ALA R 187 5.03 -23.78 -69.44
C ALA R 187 3.79 -23.70 -68.55
N ASP R 188 3.82 -24.38 -67.41
CA ASP R 188 2.70 -24.30 -66.47
C ASP R 188 2.61 -22.90 -65.85
N LEU R 189 3.75 -22.29 -65.54
CA LEU R 189 3.74 -20.94 -65.00
C LEU R 189 3.22 -19.94 -66.02
N GLN R 190 3.55 -20.15 -67.29
CA GLN R 190 2.99 -19.34 -68.36
C GLN R 190 1.50 -19.59 -68.54
N ALA R 191 1.02 -20.76 -68.14
CA ALA R 191 -0.41 -21.06 -68.19
C ALA R 191 -1.16 -20.44 -67.02
N MET R 192 -0.52 -20.35 -65.85
CA MET R 192 -1.14 -19.72 -64.70
C MET R 192 -1.39 -18.24 -64.94
N ASP R 193 -0.49 -17.59 -65.67
CA ASP R 193 -0.59 -16.16 -65.88
C ASP R 193 -1.67 -15.79 -66.88
N ARG R 194 -2.54 -16.73 -67.25
CA ARG R 194 -3.75 -16.36 -67.98
C ARG R 194 -4.73 -15.65 -67.05
N ALA R 195 -4.79 -16.09 -65.79
CA ALA R 195 -5.62 -15.47 -64.77
C ALA R 195 -4.82 -14.58 -63.82
N HIS R 196 -3.62 -15.00 -63.43
CA HIS R 196 -2.79 -14.21 -62.51
C HIS R 196 -1.89 -13.27 -63.30
N ARG R 197 -2.50 -12.20 -63.80
CA ARG R 197 -1.76 -11.14 -64.48
C ARG R 197 -2.47 -9.81 -64.20
N ILE R 198 -1.87 -8.73 -64.69
CA ILE R 198 -2.42 -7.39 -64.47
C ILE R 198 -3.83 -7.32 -65.03
N GLY R 199 -4.80 -7.09 -64.16
CA GLY R 199 -6.20 -7.08 -64.53
C GLY R 199 -7.01 -7.95 -63.59
N GLN R 200 -6.32 -8.88 -62.93
CA GLN R 200 -6.97 -9.73 -61.94
C GLN R 200 -7.24 -8.97 -60.65
N THR R 201 -8.44 -9.18 -60.10
CA THR R 201 -8.86 -8.52 -58.88
C THR R 201 -8.90 -9.45 -57.67
N LYS R 202 -8.97 -10.76 -57.89
CA LYS R 202 -9.14 -11.72 -56.80
C LYS R 202 -7.87 -12.55 -56.60
N GLN R 203 -7.89 -13.36 -55.55
CA GLN R 203 -6.77 -14.23 -55.21
C GLN R 203 -6.75 -15.44 -56.14
N VAL R 204 -5.68 -15.57 -56.93
CA VAL R 204 -5.56 -16.67 -57.87
C VAL R 204 -5.02 -17.91 -57.16
N VAL R 205 -5.77 -19.00 -57.24
CA VAL R 205 -5.39 -20.28 -56.65
C VAL R 205 -5.18 -21.30 -57.77
N VAL R 206 -4.03 -21.98 -57.75
CA VAL R 206 -3.66 -22.94 -58.78
C VAL R 206 -3.68 -24.34 -58.18
N TYR R 207 -4.55 -25.19 -58.71
CA TYR R 207 -4.64 -26.59 -58.28
C TYR R 207 -3.95 -27.49 -59.29
N ARG R 208 -2.92 -28.20 -58.84
CA ARG R 208 -2.15 -29.12 -59.67
C ARG R 208 -2.46 -30.55 -59.27
N PHE R 209 -3.23 -31.26 -60.11
CA PHE R 209 -3.56 -32.64 -59.83
C PHE R 209 -2.29 -33.50 -59.89
N VAL R 210 -2.07 -34.30 -58.85
CA VAL R 210 -0.90 -35.17 -58.77
C VAL R 210 -1.36 -36.55 -58.34
N THR R 211 -1.08 -37.56 -59.16
CA THR R 211 -1.40 -38.94 -58.82
C THR R 211 -0.42 -39.41 -57.75
N ASP R 212 -0.89 -39.51 -56.51
CA ASP R 212 -0.01 -39.87 -55.41
C ASP R 212 0.50 -41.30 -55.56
N ASN R 213 1.75 -41.50 -55.12
CA ASN R 213 2.41 -42.81 -55.14
C ASN R 213 2.46 -43.42 -56.55
N ALA R 214 2.52 -42.57 -57.58
CA ALA R 214 2.67 -43.04 -58.95
C ALA R 214 3.72 -42.17 -59.63
N ILE R 215 3.83 -42.30 -60.96
CA ILE R 215 4.86 -41.59 -61.70
C ILE R 215 4.68 -40.08 -61.59
N GLU R 216 3.44 -39.62 -61.45
CA GLU R 216 3.20 -38.17 -61.39
C GLU R 216 3.80 -37.56 -60.14
N GLU R 217 3.92 -38.34 -59.06
CA GLU R 217 4.53 -37.81 -57.84
C GLU R 217 6.04 -37.67 -57.99
N LYS R 218 6.68 -38.62 -58.66
CA LYS R 218 8.13 -38.51 -58.89
C LYS R 218 8.42 -37.39 -59.88
N VAL R 219 7.58 -37.23 -60.89
CA VAL R 219 7.70 -36.12 -61.82
C VAL R 219 7.60 -34.79 -61.08
N LEU R 220 6.70 -34.73 -60.09
CA LEU R 220 6.52 -33.51 -59.30
C LEU R 220 7.82 -33.08 -58.64
N GLU R 221 8.62 -34.04 -58.17
CA GLU R 221 9.89 -33.69 -57.54
C GLU R 221 10.92 -33.24 -58.57
N ARG R 222 10.97 -33.91 -59.72
CA ARG R 222 11.91 -33.51 -60.77
C ARG R 222 11.52 -32.15 -61.35
N ALA R 223 10.25 -31.79 -61.28
CA ALA R 223 9.84 -30.45 -61.69
C ALA R 223 10.33 -29.40 -60.72
N ALA R 224 10.36 -29.72 -59.42
CA ALA R 224 10.87 -28.79 -58.42
C ALA R 224 12.36 -28.53 -58.62
N GLN R 225 13.08 -29.54 -59.10
CA GLN R 225 14.50 -29.35 -59.42
C GLN R 225 14.65 -28.41 -60.60
N LYS R 226 13.94 -28.70 -61.69
CA LYS R 226 14.03 -27.91 -62.91
C LYS R 226 13.57 -26.47 -62.68
N LEU R 227 12.54 -26.27 -61.86
CA LEU R 227 12.06 -24.91 -61.60
C LEU R 227 13.06 -24.09 -60.78
N ARG R 228 13.75 -24.72 -59.82
CA ARG R 228 14.62 -23.99 -58.92
C ARG R 228 15.94 -23.60 -59.56
N LEU R 229 16.58 -24.52 -60.29
CA LEU R 229 17.84 -24.17 -60.95
C LEU R 229 17.63 -23.19 -62.10
N ASP R 230 16.43 -23.19 -62.71
CA ASP R 230 16.13 -22.14 -63.68
C ASP R 230 16.21 -20.77 -63.03
N GLN R 231 15.76 -20.68 -61.78
CA GLN R 231 15.92 -19.45 -61.01
C GLN R 231 17.40 -19.12 -60.82
N LEU R 232 18.24 -20.15 -60.68
CA LEU R 232 19.67 -19.95 -60.47
C LEU R 232 20.34 -19.39 -61.72
N VAL R 233 19.93 -19.88 -62.89
CA VAL R 233 20.43 -19.34 -64.15
C VAL R 233 20.07 -17.87 -64.29
N ILE R 234 18.81 -17.53 -63.97
CA ILE R 234 18.41 -16.13 -63.92
C ILE R 234 19.29 -15.35 -62.95
N GLN R 235 19.53 -15.91 -61.76
CA GLN R 235 20.35 -15.19 -60.79
C GLN R 235 21.78 -15.08 -61.29
N GLN R 236 22.29 -16.12 -61.94
CA GLN R 236 23.61 -16.04 -62.56
C GLN R 236 23.65 -14.96 -63.63
N GLY R 237 22.58 -14.88 -64.44
CA GLY R 237 22.54 -13.85 -65.47
C GLY R 237 22.54 -12.45 -64.89
N ARG R 238 21.75 -12.23 -63.85
CA ARG R 238 21.76 -10.93 -63.18
C ARG R 238 23.12 -10.65 -62.54
N ALA R 239 23.69 -11.65 -61.86
CA ALA R 239 25.03 -11.48 -61.29
C ALA R 239 26.07 -11.29 -62.39
N GLN R 240 25.82 -11.85 -63.58
CA GLN R 240 26.77 -11.70 -64.68
C GLN R 240 26.85 -10.25 -65.13
N VAL R 241 25.71 -9.55 -65.17
CA VAL R 241 25.70 -8.14 -65.58
C VAL R 241 26.48 -7.28 -64.60
N ALA R 242 26.30 -7.50 -63.29
CA ALA R 242 27.00 -6.66 -62.31
C ALA R 242 28.51 -6.81 -62.43
N ALA R 243 28.98 -8.02 -62.77
CA ALA R 243 30.41 -8.20 -62.96
C ALA R 243 30.90 -7.53 -64.25
N LYS R 244 30.07 -7.56 -65.31
CA LYS R 244 30.45 -6.89 -66.56
C LYS R 244 30.18 -5.39 -66.58
N ALA R 245 29.40 -4.85 -65.64
CA ALA R 245 29.00 -3.45 -65.69
C ALA R 245 30.14 -2.51 -65.27
N ALA R 246 30.35 -1.46 -66.06
CA ALA R 246 31.29 -0.42 -65.70
C ALA R 246 30.64 0.57 -64.73
N ALA R 247 31.48 1.38 -64.09
CA ALA R 247 31.01 2.34 -63.09
C ALA R 247 30.20 3.47 -63.73
N ASN R 248 29.09 3.84 -63.07
CA ASN R 248 28.27 4.95 -63.47
C ASN R 248 28.88 6.27 -62.97
N LYS R 249 28.27 7.39 -63.40
CA LYS R 249 28.67 8.69 -62.87
C LYS R 249 28.40 8.80 -61.37
N ASP R 250 27.36 8.11 -60.89
CA ASP R 250 27.11 8.08 -59.45
C ASP R 250 28.09 7.18 -58.74
N GLU R 251 28.47 6.08 -59.40
CA GLU R 251 29.49 5.21 -58.82
C GLU R 251 30.84 5.90 -58.73
N LEU R 252 31.20 6.68 -59.76
CA LEU R 252 32.45 7.45 -59.74
C LEU R 252 32.41 8.57 -58.70
N LEU R 253 31.28 9.28 -58.58
CA LEU R 253 31.20 10.40 -57.65
C LEU R 253 31.27 9.93 -56.21
N SER R 254 30.58 8.84 -55.88
CA SER R 254 30.64 8.32 -54.51
C SER R 254 32.05 7.84 -54.18
N MET R 255 32.81 7.40 -55.19
CA MET R 255 34.19 7.02 -54.96
C MET R 255 35.06 8.25 -54.73
N ILE R 256 34.82 9.33 -55.49
CA ILE R 256 35.61 10.54 -55.34
C ILE R 256 35.30 11.24 -54.02
N GLN R 257 34.02 11.32 -53.66
CA GLN R 257 33.65 12.07 -52.45
C GLN R 257 34.07 11.37 -51.17
N HIS R 258 34.39 10.08 -51.23
CA HIS R 258 34.75 9.32 -50.05
C HIS R 258 36.03 9.85 -49.43
N GLY R 259 35.92 10.45 -48.25
CA GLY R 259 37.06 11.01 -47.55
C GLY R 259 37.51 12.37 -48.03
N ALA R 260 36.85 12.93 -49.05
CA ALA R 260 37.22 14.25 -49.55
C ALA R 260 37.00 15.33 -48.49
N GLU R 261 35.93 15.20 -47.72
CA GLU R 261 35.62 16.19 -46.67
C GLU R 261 36.66 16.15 -45.55
N LYS R 262 37.09 14.95 -45.16
CA LYS R 262 38.08 14.84 -44.09
C LYS R 262 39.43 15.41 -44.52
N VAL R 263 39.75 15.37 -45.81
CA VAL R 263 41.00 15.95 -46.29
C VAL R 263 40.95 17.47 -46.23
N PHE R 264 39.83 18.05 -46.68
CA PHE R 264 39.66 19.50 -46.60
C PHE R 264 39.69 19.99 -45.15
N GLN R 265 39.21 19.18 -44.21
CA GLN R 265 39.23 19.54 -42.80
C GLN R 265 40.64 19.48 -42.22
N ASP R 281 57.14 2.72 -35.19
CA ASP R 281 57.72 1.66 -34.37
C ASP R 281 57.18 0.29 -34.79
N ASP R 282 58.02 -0.75 -34.70
CA ASP R 282 57.72 -2.03 -35.31
C ASP R 282 56.83 -2.92 -34.46
N ASP R 283 56.76 -2.70 -33.16
CA ASP R 283 55.66 -3.25 -32.38
C ASP R 283 54.34 -2.67 -32.87
N ASP R 284 54.34 -1.39 -33.23
CA ASP R 284 53.18 -0.69 -33.79
C ASP R 284 53.04 -0.93 -35.29
N ILE R 285 54.14 -1.03 -36.04
CA ILE R 285 54.01 -1.32 -37.46
C ILE R 285 53.39 -2.70 -37.63
N ASP R 286 53.70 -3.62 -36.71
CA ASP R 286 53.04 -4.92 -36.66
C ASP R 286 51.57 -4.79 -36.32
N ALA R 287 51.17 -3.70 -35.66
CA ALA R 287 49.76 -3.48 -35.33
C ALA R 287 48.94 -3.22 -36.58
N ILE R 288 49.55 -2.62 -37.61
CA ILE R 288 48.82 -2.39 -38.85
C ILE R 288 48.39 -3.73 -39.43
N LEU R 289 49.31 -4.70 -39.47
CA LEU R 289 48.98 -6.01 -39.97
C LEU R 289 47.90 -6.65 -39.12
N GLN R 290 47.90 -6.37 -37.80
CA GLN R 290 46.80 -6.82 -36.96
C GLN R 290 45.53 -6.03 -37.25
N ALA R 291 45.65 -4.70 -37.30
CA ALA R 291 44.47 -3.88 -37.59
C ALA R 291 44.02 -4.04 -39.04
N GLY R 292 44.96 -4.20 -39.97
CA GLY R 292 44.59 -4.40 -41.36
C GLY R 292 43.98 -5.75 -41.62
N GLU R 293 44.62 -6.82 -41.11
CA GLU R 293 44.10 -8.17 -41.29
C GLU R 293 42.74 -8.33 -40.63
N THR R 294 42.50 -7.61 -39.54
CA THR R 294 41.19 -7.62 -38.91
C THR R 294 40.16 -7.03 -39.86
N ARG R 295 40.49 -5.89 -40.45
CA ARG R 295 39.61 -5.27 -41.43
C ARG R 295 39.58 -6.05 -42.73
N THR R 296 40.66 -6.77 -43.07
CA THR R 296 40.69 -7.55 -44.30
C THR R 296 39.75 -8.76 -44.21
N LYS R 297 39.84 -9.52 -43.11
CA LYS R 297 38.91 -10.61 -42.89
C LYS R 297 37.49 -10.09 -42.75
N GLU R 298 37.34 -8.93 -42.10
CA GLU R 298 36.02 -8.34 -41.91
C GLU R 298 35.41 -7.93 -43.25
N LEU R 299 36.22 -7.42 -44.17
CA LEU R 299 35.71 -7.02 -45.49
C LEU R 299 35.19 -8.23 -46.25
N ASN R 300 35.97 -9.32 -46.26
CA ASN R 300 35.55 -10.52 -46.96
C ASN R 300 34.28 -11.12 -46.37
N ALA R 301 34.09 -11.01 -45.05
CA ALA R 301 32.91 -11.59 -44.42
C ALA R 301 31.62 -10.94 -44.90
N ARG R 302 31.67 -9.63 -45.17
CA ARG R 302 30.46 -8.93 -45.63
C ARG R 302 29.99 -9.47 -46.98
N TYR R 303 30.93 -9.84 -47.85
CA TYR R 303 30.58 -10.27 -49.20
C TYR R 303 30.41 -11.78 -49.32
N GLU R 304 31.03 -12.56 -48.44
CA GLU R 304 30.82 -14.00 -48.46
C GLU R 304 29.45 -14.39 -47.94
N LYS R 305 28.74 -13.48 -47.29
CA LYS R 305 27.38 -13.71 -46.80
C LYS R 305 26.32 -13.23 -47.77
N LEU R 306 26.71 -12.73 -48.94
CA LEU R 306 25.74 -12.27 -49.92
C LEU R 306 25.09 -13.45 -50.65
N GLY R 307 25.83 -14.11 -51.53
CA GLY R 307 25.30 -15.22 -52.29
C GLY R 307 24.25 -14.77 -53.29
N ILE R 308 23.87 -15.71 -54.17
CA ILE R 308 22.80 -15.46 -55.12
C ILE R 308 21.50 -15.15 -54.40
N SER S 3 10.77 -29.67 -125.23
CA SER S 3 9.51 -29.09 -124.76
C SER S 3 8.57 -30.18 -124.25
N LEU S 4 8.14 -30.05 -122.99
CA LEU S 4 7.22 -30.98 -122.36
C LEU S 4 5.87 -30.30 -122.19
N LEU S 5 4.83 -30.89 -122.76
CA LEU S 5 3.52 -30.28 -122.76
C LEU S 5 2.88 -30.38 -121.38
N PRO S 6 2.31 -29.30 -120.84
CA PRO S 6 1.63 -29.37 -119.55
C PRO S 6 0.50 -30.39 -119.57
N LYS S 7 0.27 -31.01 -118.42
CA LYS S 7 -0.66 -32.13 -118.34
C LYS S 7 -2.10 -31.65 -118.17
N LYS S 8 -3.01 -32.36 -118.84
CA LYS S 8 -4.45 -32.11 -118.70
C LYS S 8 -4.99 -32.99 -117.58
N GLU S 9 -5.68 -32.38 -116.62
CA GLU S 9 -6.25 -33.08 -115.48
C GLU S 9 -7.75 -32.84 -115.47
N ILE S 10 -8.53 -33.92 -115.53
CA ILE S 10 -9.98 -33.84 -115.67
C ILE S 10 -10.61 -34.76 -114.64
N ASN S 11 -11.49 -34.22 -113.79
CA ASN S 11 -12.19 -35.00 -112.79
C ASN S 11 -13.45 -35.61 -113.40
N VAL S 12 -13.56 -36.92 -113.33
CA VAL S 12 -14.69 -37.67 -113.88
C VAL S 12 -15.63 -38.00 -112.73
N TYR S 13 -16.69 -37.20 -112.59
CA TYR S 13 -17.63 -37.42 -111.51
C TYR S 13 -18.61 -38.53 -111.89
N ILE S 14 -18.70 -39.56 -111.06
CA ILE S 14 -19.41 -40.79 -111.39
C ILE S 14 -20.45 -41.12 -110.31
N GLY S 15 -21.51 -41.81 -110.71
CA GLY S 15 -22.52 -42.29 -109.79
C GLY S 15 -22.26 -43.71 -109.33
N MET S 16 -23.28 -44.32 -108.73
CA MET S 16 -23.17 -45.65 -108.15
C MET S 16 -24.26 -46.57 -108.70
N SER S 17 -23.92 -47.84 -108.83
CA SER S 17 -24.90 -48.84 -109.24
C SER S 17 -25.90 -49.08 -108.11
N GLU S 18 -27.00 -49.77 -108.45
CA GLU S 18 -27.99 -50.12 -107.42
C GLU S 18 -27.36 -50.99 -106.35
N MET S 19 -26.45 -51.87 -106.74
CA MET S 19 -25.76 -52.71 -105.76
C MET S 19 -24.89 -51.87 -104.83
N GLN S 20 -24.20 -50.87 -105.37
CA GLN S 20 -23.40 -49.97 -104.55
C GLN S 20 -24.27 -49.23 -103.54
N VAL S 21 -25.43 -48.73 -103.99
CA VAL S 21 -26.35 -48.03 -103.10
C VAL S 21 -26.74 -48.92 -101.93
N LYS S 22 -26.99 -50.20 -102.20
CA LYS S 22 -27.35 -51.15 -101.15
C LYS S 22 -26.24 -51.27 -100.12
N TRP S 23 -25.01 -51.54 -100.57
CA TRP S 23 -23.90 -51.68 -99.64
C TRP S 23 -23.56 -50.34 -98.97
N TYR S 24 -23.72 -49.24 -99.70
CA TYR S 24 -23.49 -47.92 -99.10
C TYR S 24 -24.45 -47.68 -97.94
N GLN S 25 -25.74 -48.03 -98.13
CA GLN S 25 -26.69 -47.93 -97.04
C GLN S 25 -26.38 -48.94 -95.94
N LYS S 26 -26.01 -50.17 -96.32
CA LYS S 26 -25.69 -51.19 -95.34
C LYS S 26 -24.53 -50.76 -94.45
N ILE S 27 -23.57 -50.03 -95.02
CA ILE S 27 -22.42 -49.57 -94.23
C ILE S 27 -22.85 -48.48 -93.26
N LEU S 28 -23.65 -47.52 -93.73
CA LEU S 28 -24.11 -46.45 -92.87
C LEU S 28 -25.01 -46.98 -91.76
N GLU S 29 -25.80 -48.02 -92.06
CA GLU S 29 -26.74 -48.55 -91.07
C GLU S 29 -26.02 -49.32 -89.97
N LYS S 30 -24.92 -50.00 -90.31
CA LYS S 30 -24.19 -50.80 -89.32
C LYS S 30 -23.75 -49.95 -88.14
N ASP S 31 -23.39 -48.69 -88.39
CA ASP S 31 -22.99 -47.75 -87.34
C ASP S 31 -23.64 -46.39 -87.66
N ILE S 32 -24.96 -46.31 -87.50
CA ILE S 32 -25.67 -45.08 -87.84
C ILE S 32 -25.61 -44.06 -86.72
N ASP S 33 -25.36 -44.49 -85.47
CA ASP S 33 -25.20 -43.52 -84.40
C ASP S 33 -23.89 -42.75 -84.51
N ALA S 34 -22.85 -43.40 -85.05
CA ALA S 34 -21.64 -42.67 -85.39
C ALA S 34 -21.85 -41.76 -86.58
N VAL S 35 -22.74 -42.15 -87.50
CA VAL S 35 -23.06 -41.30 -88.64
C VAL S 35 -23.72 -40.01 -88.18
N ASN S 36 -24.70 -40.12 -87.28
CA ASN S 36 -25.40 -38.95 -86.75
C ASN S 36 -24.50 -38.10 -85.85
N GLY S 37 -23.29 -38.55 -85.55
CA GLY S 37 -22.41 -37.81 -84.67
C GLY S 37 -22.95 -37.77 -83.25
N ALA S 38 -23.35 -38.95 -82.75
CA ALA S 38 -23.93 -39.05 -81.41
C ALA S 38 -22.92 -39.45 -80.35
N GLY S 39 -21.76 -39.99 -80.75
CA GLY S 39 -20.75 -40.35 -79.78
C GLY S 39 -20.13 -39.13 -79.13
N GLY S 40 -19.50 -39.38 -77.97
CA GLY S 40 -18.80 -38.31 -77.29
C GLY S 40 -17.58 -37.86 -78.05
N LYS S 41 -17.13 -36.64 -77.74
CA LYS S 41 -15.92 -36.11 -78.37
C LYS S 41 -14.67 -36.84 -77.94
N ARG S 42 -14.76 -37.71 -76.92
CA ARG S 42 -13.60 -38.44 -76.41
C ARG S 42 -13.28 -39.68 -77.23
N GLU S 43 -14.26 -40.25 -77.93
CA GLU S 43 -14.07 -41.52 -78.62
C GLU S 43 -12.97 -41.41 -79.67
N SER S 44 -12.24 -42.51 -79.84
CA SER S 44 -11.14 -42.53 -80.80
C SER S 44 -11.64 -42.33 -82.24
N LYS S 45 -10.71 -41.95 -83.11
CA LYS S 45 -11.03 -41.80 -84.53
C LYS S 45 -11.25 -43.14 -85.22
N THR S 46 -11.01 -44.25 -84.52
CA THR S 46 -11.04 -45.57 -85.17
C THR S 46 -12.40 -45.87 -85.78
N ARG S 47 -13.48 -45.64 -85.02
CA ARG S 47 -14.81 -46.01 -85.49
C ARG S 47 -15.20 -45.22 -86.72
N LEU S 48 -14.84 -43.93 -86.77
CA LEU S 48 -15.15 -43.13 -87.95
C LEU S 48 -14.26 -43.50 -89.13
N LEU S 49 -12.97 -43.75 -88.87
CA LEU S 49 -12.05 -44.11 -89.95
C LEU S 49 -12.46 -45.42 -90.62
N ASN S 50 -12.98 -46.36 -89.84
CA ASN S 50 -13.43 -47.63 -90.42
C ASN S 50 -14.59 -47.41 -91.38
N ILE S 51 -15.54 -46.54 -91.00
CA ILE S 51 -16.65 -46.23 -91.89
C ILE S 51 -16.16 -45.56 -93.16
N VAL S 52 -15.11 -44.74 -93.04
CA VAL S 52 -14.57 -44.04 -94.21
C VAL S 52 -13.99 -45.04 -95.21
N MET S 53 -13.22 -46.02 -94.73
CA MET S 53 -12.56 -46.95 -95.63
C MET S 53 -13.57 -47.87 -96.30
N GLN S 54 -14.59 -48.31 -95.57
CA GLN S 54 -15.61 -49.17 -96.17
C GLN S 54 -16.41 -48.41 -97.23
N LEU S 55 -16.62 -47.12 -97.03
CA LEU S 55 -17.29 -46.32 -98.07
C LEU S 55 -16.40 -46.13 -99.29
N ARG S 56 -15.08 -46.03 -99.10
CA ARG S 56 -14.18 -46.00 -100.24
C ARG S 56 -14.20 -47.32 -100.99
N LYS S 57 -14.23 -48.44 -100.27
CA LYS S 57 -14.35 -49.74 -100.91
C LYS S 57 -15.67 -49.85 -101.67
N CYS S 58 -16.73 -49.28 -101.11
CA CYS S 58 -18.03 -49.29 -101.79
C CYS S 58 -18.00 -48.42 -103.04
N CYS S 59 -17.40 -47.23 -102.95
CA CYS S 59 -17.32 -46.34 -104.09
C CYS S 59 -16.40 -46.86 -105.19
N ASN S 60 -15.50 -47.79 -104.87
CA ASN S 60 -14.62 -48.35 -105.87
C ASN S 60 -15.26 -49.55 -106.58
N HIS S 61 -15.59 -50.60 -105.82
CA HIS S 61 -16.24 -51.77 -106.39
C HIS S 61 -16.92 -52.57 -105.28
N PRO S 62 -18.19 -52.94 -105.46
CA PRO S 62 -18.88 -53.72 -104.41
C PRO S 62 -18.23 -55.05 -104.10
N TYR S 63 -17.56 -55.67 -105.08
CA TYR S 63 -16.98 -56.99 -104.87
C TYR S 63 -15.79 -56.96 -103.92
N LEU S 64 -15.43 -55.80 -103.39
CA LEU S 64 -14.40 -55.74 -102.35
C LEU S 64 -14.90 -56.34 -101.05
N PHE S 65 -16.21 -56.32 -100.83
CA PHE S 65 -16.81 -56.96 -99.66
C PHE S 65 -17.10 -58.43 -99.97
N GLU S 66 -16.91 -59.27 -98.97
CA GLU S 66 -17.18 -60.70 -99.15
C GLU S 66 -18.67 -60.97 -99.15
N GLY S 67 -19.09 -61.88 -100.04
CA GLY S 67 -20.49 -62.17 -100.23
C GLY S 67 -21.23 -61.20 -101.11
N ALA S 68 -20.60 -60.10 -101.52
CA ALA S 68 -21.25 -59.13 -102.38
C ALA S 68 -21.52 -59.71 -103.76
N GLU S 69 -20.46 -60.13 -104.44
CA GLU S 69 -20.59 -60.72 -105.77
C GLU S 69 -21.58 -61.88 -105.72
N PRO S 70 -22.51 -61.97 -106.69
CA PRO S 70 -23.53 -63.03 -106.67
C PRO S 70 -23.00 -64.41 -106.32
N GLY S 71 -23.79 -65.18 -105.58
CA GLY S 71 -23.37 -66.42 -104.99
C GLY S 71 -22.87 -67.45 -105.98
N PRO S 72 -22.33 -68.57 -105.46
CA PRO S 72 -21.74 -69.66 -106.25
C PRO S 72 -22.72 -70.25 -107.26
N PRO S 73 -22.24 -70.63 -108.45
CA PRO S 73 -20.84 -70.52 -108.88
C PRO S 73 -20.44 -69.10 -109.28
N TYR S 74 -19.23 -68.70 -108.90
CA TYR S 74 -18.72 -67.37 -109.24
C TYR S 74 -18.20 -67.36 -110.67
N THR S 75 -18.66 -66.40 -111.46
CA THR S 75 -18.28 -66.29 -112.86
C THR S 75 -17.81 -64.88 -113.16
N THR S 76 -16.72 -64.76 -113.92
CA THR S 76 -16.36 -63.47 -114.49
C THR S 76 -17.32 -63.19 -115.65
N ASP S 77 -17.82 -61.97 -115.70
CA ASP S 77 -18.99 -61.70 -116.55
C ASP S 77 -19.01 -60.22 -116.91
N GLU S 78 -20.14 -59.78 -117.49
CA GLU S 78 -20.34 -58.36 -117.73
C GLU S 78 -20.69 -57.62 -116.45
N HIS S 79 -21.33 -58.32 -115.49
CA HIS S 79 -21.71 -57.69 -114.23
C HIS S 79 -20.51 -57.27 -113.41
N LEU S 80 -19.31 -57.81 -113.70
CA LEU S 80 -18.09 -57.29 -113.10
C LEU S 80 -17.86 -55.84 -113.50
N ILE S 81 -18.50 -55.39 -114.57
CA ILE S 81 -18.39 -54.02 -115.05
C ILE S 81 -19.60 -53.19 -114.67
N TYR S 82 -20.79 -53.79 -114.75
CA TYR S 82 -22.04 -53.05 -114.62
C TYR S 82 -22.56 -52.99 -113.19
N ASN S 83 -21.77 -53.44 -112.22
CA ASN S 83 -22.11 -53.29 -110.81
C ASN S 83 -21.31 -52.19 -110.12
N ALA S 84 -20.45 -51.50 -110.85
CA ALA S 84 -19.65 -50.41 -110.29
C ALA S 84 -19.67 -49.24 -111.27
N GLY S 85 -20.05 -48.07 -110.77
CA GLY S 85 -20.15 -46.90 -111.64
C GLY S 85 -18.85 -46.57 -112.35
N LYS S 86 -17.71 -46.78 -111.66
CA LYS S 86 -16.42 -46.49 -112.28
C LYS S 86 -16.08 -47.50 -113.36
N MET S 87 -16.46 -48.76 -113.18
CA MET S 87 -16.16 -49.79 -114.18
C MET S 87 -16.89 -49.53 -115.49
N VAL S 88 -18.10 -49.00 -115.43
CA VAL S 88 -18.84 -48.67 -116.65
C VAL S 88 -18.19 -47.50 -117.37
N VAL S 89 -17.85 -46.44 -116.64
CA VAL S 89 -17.15 -45.31 -117.23
C VAL S 89 -15.79 -45.75 -117.76
N LEU S 90 -15.10 -46.62 -117.02
CA LEU S 90 -13.80 -47.10 -117.45
C LEU S 90 -13.91 -47.98 -118.70
N ASP S 91 -15.00 -48.76 -118.79
CA ASP S 91 -15.16 -49.66 -119.93
C ASP S 91 -15.17 -48.88 -121.24
N LYS S 92 -15.90 -47.77 -121.27
CA LYS S 92 -15.92 -46.97 -122.50
C LYS S 92 -14.67 -46.11 -122.64
N LEU S 93 -14.17 -45.58 -121.51
CA LEU S 93 -12.99 -44.73 -121.56
C LEU S 93 -11.79 -45.49 -122.11
N LEU S 94 -11.57 -46.72 -121.64
CA LEU S 94 -10.49 -47.55 -122.18
C LEU S 94 -10.74 -47.90 -123.64
N LYS S 95 -12.01 -48.19 -123.99
CA LYS S 95 -12.34 -48.53 -125.37
C LYS S 95 -12.00 -47.38 -126.32
N ARG S 96 -12.20 -46.14 -125.86
CA ARG S 96 -11.87 -44.97 -126.66
C ARG S 96 -10.38 -44.65 -126.60
N ILE S 97 -9.71 -44.99 -125.50
CA ILE S 97 -8.27 -44.77 -125.37
C ILE S 97 -7.52 -45.68 -126.34
N GLN S 98 -7.88 -46.96 -126.37
CA GLN S 98 -7.22 -47.90 -127.28
C GLN S 98 -7.46 -47.55 -128.74
N LYS S 99 -8.62 -46.95 -129.04
CA LYS S 99 -8.96 -46.63 -130.42
C LYS S 99 -8.03 -45.57 -131.01
N GLN S 100 -7.71 -44.53 -130.24
CA GLN S 100 -6.87 -43.45 -130.72
C GLN S 100 -5.39 -43.75 -130.60
N GLY S 101 -5.01 -44.99 -130.29
CA GLY S 101 -3.61 -45.34 -130.20
C GLY S 101 -2.90 -44.85 -128.95
N SER S 102 -3.63 -44.65 -127.87
CA SER S 102 -3.05 -44.18 -126.62
C SER S 102 -2.92 -45.33 -125.62
N ARG S 103 -1.83 -45.32 -124.87
CA ARG S 103 -1.61 -46.29 -123.80
C ARG S 103 -1.82 -45.62 -122.46
N VAL S 104 -2.24 -46.40 -121.46
CA VAL S 104 -2.79 -45.84 -120.23
C VAL S 104 -2.18 -46.53 -119.01
N LEU S 105 -1.82 -45.73 -118.02
CA LEU S 105 -1.46 -46.21 -116.69
C LEU S 105 -2.65 -46.00 -115.76
N ILE S 106 -2.96 -47.01 -114.94
CA ILE S 106 -4.10 -46.96 -114.03
C ILE S 106 -3.59 -47.14 -112.61
N PHE S 107 -3.90 -46.17 -111.75
CA PHE S 107 -3.45 -46.18 -110.36
C PHE S 107 -4.64 -46.38 -109.42
N SER S 108 -4.38 -47.05 -108.30
CA SER S 108 -5.40 -47.27 -107.28
C SER S 108 -4.75 -47.32 -105.91
N GLN S 109 -5.56 -47.08 -104.89
CA GLN S 109 -5.09 -47.15 -103.51
C GLN S 109 -5.07 -48.58 -102.97
N MET S 110 -5.88 -49.47 -103.52
CA MET S 110 -6.11 -50.79 -102.95
C MET S 110 -5.68 -51.86 -103.94
N SER S 111 -4.86 -52.80 -103.46
CA SER S 111 -4.37 -53.88 -104.32
C SER S 111 -5.45 -54.90 -104.64
N ARG S 112 -6.45 -55.05 -103.78
CA ARG S 112 -7.57 -55.93 -104.10
C ARG S 112 -8.43 -55.41 -105.24
N LEU S 113 -8.37 -54.11 -105.51
CA LEU S 113 -9.08 -53.55 -106.66
C LEU S 113 -8.36 -53.85 -107.96
N LEU S 114 -7.03 -53.81 -107.94
CA LEU S 114 -6.27 -54.22 -109.12
C LEU S 114 -6.48 -55.70 -109.42
N ASP S 115 -6.81 -56.49 -108.40
CA ASP S 115 -7.22 -57.87 -108.62
C ASP S 115 -8.49 -57.92 -109.47
N ILE S 116 -9.45 -57.06 -109.17
CA ILE S 116 -10.68 -56.98 -109.97
C ILE S 116 -10.34 -56.52 -111.38
N LEU S 117 -9.47 -55.52 -111.50
CA LEU S 117 -9.11 -55.00 -112.82
C LEU S 117 -8.34 -56.02 -113.63
N GLU S 118 -7.61 -56.93 -112.98
CA GLU S 118 -6.93 -58.00 -113.71
C GLU S 118 -7.93 -58.90 -114.41
N ASP S 119 -8.97 -59.31 -113.70
CA ASP S 119 -10.02 -60.13 -114.32
C ASP S 119 -10.72 -59.37 -115.44
N TYR S 120 -10.87 -58.06 -115.27
CA TYR S 120 -11.49 -57.25 -116.31
C TYR S 120 -10.61 -57.18 -117.56
N CYS S 121 -9.29 -57.07 -117.38
CA CYS S 121 -8.40 -56.93 -118.52
C CYS S 121 -8.40 -58.18 -119.40
N VAL S 122 -8.47 -59.35 -118.79
CA VAL S 122 -8.52 -60.58 -119.57
C VAL S 122 -9.90 -60.79 -120.19
N PHE S 123 -10.95 -60.47 -119.44
CA PHE S 123 -12.30 -60.54 -119.97
C PHE S 123 -12.50 -59.61 -121.16
N ARG S 124 -11.67 -58.58 -121.28
CA ARG S 124 -11.72 -57.65 -122.40
C ARG S 124 -10.56 -57.82 -123.37
N GLY S 125 -9.64 -58.73 -123.10
CA GLY S 125 -8.54 -59.00 -124.01
C GLY S 125 -7.39 -58.02 -123.95
N TYR S 126 -7.28 -57.25 -122.87
CA TYR S 126 -6.23 -56.25 -122.73
C TYR S 126 -4.96 -56.86 -122.19
N LYS S 127 -3.84 -56.63 -122.89
CA LYS S 127 -2.53 -56.99 -122.37
C LYS S 127 -2.09 -55.96 -121.33
N TYR S 128 -1.38 -56.40 -120.29
CA TYR S 128 -1.12 -55.51 -119.18
C TYR S 128 0.09 -55.97 -118.38
N CYS S 129 0.58 -55.06 -117.55
CA CYS S 129 1.54 -55.32 -116.48
C CYS S 129 0.90 -54.91 -115.15
N ARG S 130 1.54 -55.29 -114.04
CA ARG S 130 1.00 -54.94 -112.74
C ARG S 130 2.13 -54.83 -111.71
N ILE S 131 2.07 -53.77 -110.91
CA ILE S 131 2.98 -53.55 -109.79
C ILE S 131 2.15 -53.21 -108.56
N ASP S 132 2.28 -54.02 -107.50
CA ASP S 132 1.46 -53.86 -106.30
C ASP S 132 2.15 -53.11 -105.19
N GLY S 133 3.48 -53.23 -105.06
CA GLY S 133 4.18 -52.93 -103.84
C GLY S 133 4.50 -54.16 -103.02
N SER S 134 3.76 -55.24 -103.23
CA SER S 134 4.17 -56.58 -102.82
C SER S 134 5.06 -57.24 -103.85
N THR S 135 5.32 -56.55 -104.97
CA THR S 135 6.20 -57.05 -106.02
C THR S 135 7.65 -56.71 -105.69
N ALA S 136 8.53 -57.68 -105.92
CA ALA S 136 9.94 -57.53 -105.56
C ALA S 136 10.60 -56.47 -106.44
N HIS S 137 11.87 -56.19 -106.14
CA HIS S 137 12.60 -55.13 -106.84
C HIS S 137 12.88 -55.53 -108.29
N GLU S 138 13.37 -56.75 -108.51
CA GLU S 138 13.74 -57.18 -109.85
C GLU S 138 12.51 -57.41 -110.73
N ASP S 139 11.42 -57.90 -110.16
CA ASP S 139 10.23 -58.19 -110.95
C ASP S 139 9.58 -56.90 -111.47
N ARG S 140 9.49 -55.88 -110.62
CA ARG S 140 8.90 -54.62 -111.08
C ARG S 140 9.80 -53.88 -112.06
N ILE S 141 11.09 -54.22 -112.10
CA ILE S 141 11.96 -53.68 -113.14
C ILE S 141 11.56 -54.23 -114.49
N ALA S 142 11.33 -55.55 -114.57
CA ALA S 142 10.93 -56.17 -115.83
C ALA S 142 9.57 -55.65 -116.29
N ALA S 143 8.66 -55.40 -115.35
CA ALA S 143 7.36 -54.86 -115.70
C ALA S 143 7.48 -53.45 -116.28
N ILE S 144 8.44 -52.67 -115.77
CA ILE S 144 8.69 -51.34 -116.34
C ILE S 144 9.19 -51.46 -117.77
N ASP S 145 10.25 -52.25 -117.97
CA ASP S 145 10.87 -52.36 -119.28
C ASP S 145 9.95 -53.05 -120.29
N GLU S 146 9.16 -54.03 -119.83
CA GLU S 146 8.18 -54.66 -120.72
C GLU S 146 7.20 -53.63 -121.27
N TYR S 147 6.68 -52.76 -120.39
CA TYR S 147 5.75 -51.74 -120.84
C TYR S 147 6.45 -50.68 -121.67
N ASN S 148 7.74 -50.42 -121.41
CA ASN S 148 8.51 -49.42 -122.13
C ASN S 148 9.14 -49.96 -123.42
N LYS S 149 9.08 -51.26 -123.66
CA LYS S 149 9.78 -51.86 -124.78
C LYS S 149 9.33 -51.24 -126.11
N PRO S 150 10.25 -50.87 -126.99
CA PRO S 150 9.85 -50.34 -128.30
C PRO S 150 9.07 -51.38 -129.09
N GLY S 151 7.81 -51.06 -129.36
CA GLY S 151 6.91 -52.04 -129.95
C GLY S 151 6.34 -52.99 -128.93
N SER S 152 6.04 -52.52 -127.72
CA SER S 152 5.55 -53.38 -126.66
C SER S 152 4.17 -53.92 -126.99
N ASP S 153 3.85 -55.08 -126.41
CA ASP S 153 2.54 -55.67 -126.59
C ASP S 153 1.52 -55.13 -125.58
N LYS S 154 2.00 -54.68 -124.41
CA LYS S 154 1.11 -54.26 -123.34
C LYS S 154 0.42 -52.94 -123.70
N PHE S 155 -0.70 -52.70 -123.02
CA PHE S 155 -1.54 -51.53 -123.29
C PHE S 155 -1.93 -50.82 -122.01
N ILE S 156 -2.37 -51.58 -121.00
CA ILE S 156 -2.75 -51.06 -119.71
C ILE S 156 -1.65 -51.41 -118.70
N PHE S 157 -1.33 -50.46 -117.82
CA PHE S 157 -0.38 -50.71 -116.74
C PHE S 157 -1.11 -50.54 -115.41
N LEU S 158 -1.20 -51.62 -114.65
CA LEU S 158 -1.85 -51.59 -113.34
C LEU S 158 -0.82 -51.30 -112.27
N LEU S 159 -1.06 -50.27 -111.47
CA LEU S 159 -0.16 -49.92 -110.38
C LEU S 159 -0.97 -49.42 -109.20
N THR S 160 -0.42 -49.62 -108.00
CA THR S 160 -0.93 -48.94 -106.82
C THR S 160 -0.18 -47.63 -106.65
N THR S 161 -0.86 -46.64 -106.08
CA THR S 161 -0.41 -45.25 -106.18
C THR S 161 1.00 -45.05 -105.64
N ARG S 162 1.34 -45.70 -104.53
CA ARG S 162 2.62 -45.47 -103.87
C ARG S 162 3.74 -46.41 -104.34
N ALA S 163 3.39 -47.55 -104.94
CA ALA S 163 4.30 -48.71 -105.00
C ALA S 163 5.52 -48.52 -105.89
N GLY S 164 5.44 -47.69 -106.92
CA GLY S 164 6.48 -47.72 -107.96
C GLY S 164 7.87 -47.41 -107.43
N GLY S 165 7.97 -46.54 -106.44
CA GLY S 165 9.22 -45.93 -106.06
C GLY S 165 9.25 -44.47 -106.43
N LEU S 166 10.45 -43.95 -106.62
CA LEU S 166 10.63 -42.56 -107.05
C LEU S 166 11.38 -42.50 -108.36
N GLY S 167 10.89 -41.66 -109.27
CA GLY S 167 11.61 -41.38 -110.50
C GLY S 167 11.62 -42.49 -111.50
N ILE S 168 10.61 -43.37 -111.50
CA ILE S 168 10.49 -44.34 -112.57
C ILE S 168 9.94 -43.67 -113.82
N ASN S 169 10.21 -44.26 -114.97
CA ASN S 169 9.87 -43.67 -116.26
C ASN S 169 8.86 -44.55 -116.98
N LEU S 170 7.65 -44.02 -117.18
CA LEU S 170 6.60 -44.66 -117.94
C LEU S 170 6.05 -43.69 -118.98
N THR S 171 6.96 -43.02 -119.69
CA THR S 171 6.57 -42.02 -120.68
C THR S 171 6.02 -42.63 -121.95
N THR S 172 6.19 -43.93 -122.17
CA THR S 172 5.58 -44.57 -123.33
C THR S 172 4.06 -44.53 -123.26
N ALA S 173 3.50 -44.36 -122.08
CA ALA S 173 2.06 -44.14 -121.93
C ALA S 173 1.77 -42.65 -121.88
N ASP S 174 0.59 -42.27 -122.36
CA ASP S 174 0.20 -40.88 -122.44
C ASP S 174 -1.02 -40.52 -121.60
N ILE S 175 -1.76 -41.50 -121.11
CA ILE S 175 -2.99 -41.26 -120.35
C ILE S 175 -2.85 -41.94 -118.99
N VAL S 176 -3.23 -41.23 -117.94
CA VAL S 176 -3.18 -41.73 -116.58
C VAL S 176 -4.60 -41.74 -116.01
N ILE S 177 -5.01 -42.87 -115.46
CA ILE S 177 -6.34 -43.03 -114.89
C ILE S 177 -6.18 -43.30 -113.40
N LEU S 178 -6.58 -42.34 -112.58
CA LEU S 178 -6.60 -42.49 -111.13
C LEU S 178 -7.97 -43.05 -110.75
N TYR S 179 -8.04 -44.37 -110.57
CA TYR S 179 -9.30 -45.01 -110.21
C TYR S 179 -9.85 -44.44 -108.91
N ASP S 180 -8.99 -44.17 -107.94
CA ASP S 180 -9.37 -43.51 -106.70
C ASP S 180 -8.19 -42.68 -106.21
N SER S 181 -8.50 -41.63 -105.46
CA SER S 181 -7.49 -40.64 -105.09
C SER S 181 -6.86 -40.98 -103.74
N ASP S 182 -5.80 -40.22 -103.42
CA ASP S 182 -5.03 -40.38 -102.19
C ASP S 182 -5.30 -39.21 -101.26
N TRP S 183 -5.17 -39.46 -99.95
CA TRP S 183 -5.27 -38.38 -98.99
C TRP S 183 -4.12 -37.38 -99.16
N ASN S 184 -2.98 -37.85 -99.63
CA ASN S 184 -1.82 -37.01 -99.88
C ASN S 184 -1.80 -36.63 -101.35
N PRO S 185 -2.07 -35.36 -101.69
CA PRO S 185 -2.10 -34.97 -103.11
C PRO S 185 -0.78 -35.15 -103.83
N GLN S 186 0.32 -35.37 -103.11
CA GLN S 186 1.61 -35.56 -103.76
C GLN S 186 1.81 -36.99 -104.22
N ALA S 187 1.15 -37.95 -103.57
CA ALA S 187 1.20 -39.33 -104.03
C ALA S 187 0.55 -39.46 -105.40
N ASP S 188 -0.56 -38.76 -105.62
CA ASP S 188 -1.23 -38.80 -106.91
C ASP S 188 -0.46 -38.03 -107.97
N LEU S 189 0.08 -36.87 -107.60
CA LEU S 189 0.86 -36.09 -108.57
C LEU S 189 2.14 -36.82 -108.97
N GLN S 190 2.74 -37.57 -108.04
CA GLN S 190 3.84 -38.46 -108.41
C GLN S 190 3.37 -39.57 -109.34
N ALA S 191 2.12 -39.99 -109.20
CA ALA S 191 1.58 -41.02 -110.10
C ALA S 191 1.33 -40.47 -111.50
N MET S 192 0.84 -39.23 -111.58
CA MET S 192 0.67 -38.59 -112.89
C MET S 192 2.02 -38.37 -113.56
N ASP S 193 3.03 -37.98 -112.79
CA ASP S 193 4.34 -37.67 -113.34
C ASP S 193 5.13 -38.91 -113.74
N ARG S 194 4.60 -40.11 -113.48
CA ARG S 194 5.19 -41.30 -114.08
C ARG S 194 5.21 -41.18 -115.59
N ALA S 195 4.14 -40.64 -116.17
CA ALA S 195 4.07 -40.35 -117.60
C ALA S 195 4.51 -38.92 -117.91
N HIS S 196 4.02 -37.95 -117.15
CA HIS S 196 4.33 -36.54 -117.40
C HIS S 196 5.70 -36.22 -116.82
N ARG S 197 6.74 -36.58 -117.56
CA ARG S 197 8.11 -36.25 -117.22
C ARG S 197 8.95 -36.23 -118.50
N ILE S 198 10.19 -35.76 -118.37
CA ILE S 198 11.05 -35.61 -119.54
C ILE S 198 11.21 -36.94 -120.23
N GLY S 199 11.00 -36.95 -121.55
CA GLY S 199 10.92 -38.16 -122.35
C GLY S 199 9.56 -38.34 -122.99
N GLN S 200 8.50 -37.87 -122.33
CA GLN S 200 7.16 -37.89 -122.91
C GLN S 200 7.08 -36.89 -124.05
N THR S 201 6.58 -37.35 -125.20
CA THR S 201 6.44 -36.48 -126.37
C THR S 201 5.01 -36.03 -126.61
N LYS S 202 4.03 -36.73 -126.07
CA LYS S 202 2.62 -36.47 -126.32
C LYS S 202 1.97 -35.83 -125.10
N GLN S 203 0.79 -35.25 -125.33
CA GLN S 203 0.06 -34.56 -124.26
C GLN S 203 -0.45 -35.56 -123.23
N VAL S 204 0.00 -35.40 -121.99
CA VAL S 204 -0.42 -36.28 -120.91
C VAL S 204 -1.79 -35.84 -120.40
N VAL S 205 -2.72 -36.79 -120.34
CA VAL S 205 -4.06 -36.55 -119.84
C VAL S 205 -4.29 -37.44 -118.63
N VAL S 206 -4.83 -36.85 -117.56
CA VAL S 206 -5.06 -37.55 -116.30
C VAL S 206 -6.55 -37.54 -116.00
N TYR S 207 -7.14 -38.72 -115.82
CA TYR S 207 -8.55 -38.87 -115.51
C TYR S 207 -8.68 -39.36 -114.07
N ARG S 208 -9.22 -38.51 -113.20
CA ARG S 208 -9.38 -38.83 -111.79
C ARG S 208 -10.85 -39.20 -111.55
N PHE S 209 -11.11 -40.50 -111.39
CA PHE S 209 -12.46 -40.95 -111.10
C PHE S 209 -12.91 -40.45 -109.74
N VAL S 210 -14.08 -39.83 -109.70
CA VAL S 210 -14.64 -39.25 -108.48
C VAL S 210 -16.10 -39.66 -108.39
N THR S 211 -16.49 -40.21 -107.24
CA THR S 211 -17.88 -40.57 -107.02
C THR S 211 -18.63 -39.33 -106.56
N ASP S 212 -19.52 -38.82 -107.42
CA ASP S 212 -20.25 -37.60 -107.13
C ASP S 212 -21.36 -37.87 -106.12
N ASN S 213 -21.67 -36.84 -105.32
CA ASN S 213 -22.73 -36.90 -104.31
C ASN S 213 -22.49 -38.03 -103.32
N ALA S 214 -21.23 -38.26 -102.97
CA ALA S 214 -20.88 -39.30 -102.01
C ALA S 214 -19.67 -38.82 -101.22
N ILE S 215 -18.97 -39.75 -100.56
CA ILE S 215 -17.85 -39.38 -99.71
C ILE S 215 -16.68 -38.88 -100.54
N GLU S 216 -16.43 -39.51 -101.69
CA GLU S 216 -15.28 -39.14 -102.51
C GLU S 216 -15.37 -37.71 -103.03
N GLU S 217 -16.58 -37.15 -103.11
CA GLU S 217 -16.70 -35.74 -103.50
C GLU S 217 -16.14 -34.82 -102.41
N LYS S 218 -16.48 -35.10 -101.15
CA LYS S 218 -15.95 -34.28 -100.06
C LYS S 218 -14.47 -34.59 -99.79
N VAL S 219 -14.04 -35.83 -100.04
CA VAL S 219 -12.62 -36.16 -99.98
C VAL S 219 -11.84 -35.31 -100.97
N LEU S 220 -12.42 -35.06 -102.14
CA LEU S 220 -11.75 -34.30 -103.18
C LEU S 220 -11.43 -32.87 -102.72
N GLU S 221 -12.38 -32.24 -102.02
CA GLU S 221 -12.16 -30.86 -101.57
C GLU S 221 -11.14 -30.78 -100.45
N ARG S 222 -11.10 -31.78 -99.56
CA ARG S 222 -10.12 -31.76 -98.48
C ARG S 222 -8.71 -31.90 -99.02
N ALA S 223 -8.52 -32.75 -100.04
CA ALA S 223 -7.21 -32.89 -100.67
C ALA S 223 -6.89 -31.74 -101.60
N ALA S 224 -7.90 -31.07 -102.15
CA ALA S 224 -7.65 -29.89 -102.98
C ALA S 224 -7.11 -28.74 -102.13
N GLN S 225 -7.67 -28.54 -100.94
CA GLN S 225 -7.14 -27.53 -100.03
C GLN S 225 -5.72 -27.86 -99.62
N LYS S 226 -5.46 -29.13 -99.27
CA LYS S 226 -4.11 -29.54 -98.89
C LYS S 226 -3.11 -29.24 -100.00
N LEU S 227 -3.52 -29.45 -101.25
CA LEU S 227 -2.66 -29.09 -102.38
C LEU S 227 -2.43 -27.58 -102.44
N ARG S 228 -3.50 -26.79 -102.25
CA ARG S 228 -3.37 -25.34 -102.28
C ARG S 228 -2.54 -24.84 -101.10
N LEU S 229 -2.80 -25.37 -99.90
CA LEU S 229 -1.99 -25.00 -98.74
C LEU S 229 -0.54 -25.38 -98.94
N ASP S 230 -0.29 -26.54 -99.56
CA ASP S 230 1.09 -26.95 -99.85
C ASP S 230 1.79 -25.94 -100.75
N GLN S 231 1.14 -25.56 -101.84
CA GLN S 231 1.73 -24.61 -102.78
C GLN S 231 2.02 -23.25 -102.14
N LEU S 232 1.37 -22.92 -101.03
CA LEU S 232 1.62 -21.64 -100.37
C LEU S 232 2.86 -21.68 -99.50
N VAL S 233 3.08 -22.79 -98.79
CA VAL S 233 4.32 -22.99 -98.05
C VAL S 233 5.51 -22.92 -98.99
N ILE S 234 5.35 -23.55 -100.16
CA ILE S 234 6.48 -23.74 -101.06
C ILE S 234 6.97 -22.42 -101.62
N GLN S 235 6.04 -21.58 -102.10
CA GLN S 235 6.45 -20.33 -102.73
C GLN S 235 7.02 -19.32 -101.74
N GLN S 236 6.84 -19.55 -100.45
CA GLN S 236 7.41 -18.69 -99.42
C GLN S 236 8.61 -19.32 -98.76
N GLY S 237 9.22 -20.32 -99.39
CA GLY S 237 10.30 -21.06 -98.78
C GLY S 237 11.53 -20.18 -98.71
N ARG S 238 11.57 -19.13 -99.52
CA ARG S 238 12.67 -18.21 -99.45
C ARG S 238 12.36 -17.00 -98.58
N ALA S 239 11.11 -16.88 -98.07
CA ALA S 239 10.80 -15.81 -97.12
C ALA S 239 11.51 -15.99 -95.79
N GLN S 240 11.91 -17.23 -95.48
CA GLN S 240 12.70 -17.49 -94.28
C GLN S 240 14.04 -16.77 -94.34
N VAL S 241 14.73 -16.85 -95.48
CA VAL S 241 16.05 -16.23 -95.61
C VAL S 241 15.93 -14.71 -95.60
N ALA S 242 14.89 -14.18 -96.24
CA ALA S 242 14.79 -12.73 -96.45
C ALA S 242 14.71 -12.00 -95.11
N ALA S 243 13.91 -12.52 -94.17
CA ALA S 243 13.89 -11.94 -92.83
C ALA S 243 15.21 -12.18 -92.12
N LYS S 244 15.85 -13.32 -92.40
CA LYS S 244 17.12 -13.65 -91.77
C LYS S 244 18.29 -12.88 -92.37
N ALA S 245 18.18 -12.48 -93.63
CA ALA S 245 19.33 -11.96 -94.36
C ALA S 245 19.82 -10.64 -93.77
N ALA S 246 21.14 -10.52 -93.63
CA ALA S 246 21.78 -9.28 -93.23
C ALA S 246 21.92 -8.37 -94.45
N ALA S 247 22.42 -7.16 -94.21
CA ALA S 247 22.45 -6.15 -95.25
C ALA S 247 23.62 -6.35 -96.21
N ASN S 248 23.37 -6.05 -97.49
CA ASN S 248 24.39 -6.14 -98.51
C ASN S 248 25.40 -5.02 -98.39
N LYS S 249 26.48 -5.14 -99.17
CA LYS S 249 27.30 -3.97 -99.43
C LYS S 249 26.58 -3.00 -100.36
N ASP S 250 25.70 -3.53 -101.22
CA ASP S 250 24.87 -2.69 -102.07
C ASP S 250 23.82 -1.95 -101.25
N GLU S 251 23.27 -2.61 -100.23
CA GLU S 251 22.25 -1.97 -99.40
C GLU S 251 22.85 -0.91 -98.49
N LEU S 252 23.93 -1.24 -97.79
CA LEU S 252 24.57 -0.28 -96.89
C LEU S 252 25.03 0.96 -97.65
N LEU S 253 25.55 0.77 -98.85
CA LEU S 253 26.02 1.91 -99.65
C LEU S 253 24.86 2.82 -100.04
N SER S 254 23.72 2.23 -100.40
CA SER S 254 22.56 3.03 -100.78
C SER S 254 21.99 3.80 -99.60
N MET S 255 22.08 3.24 -98.39
CA MET S 255 21.59 3.93 -97.21
C MET S 255 22.41 5.17 -96.91
N ILE S 256 23.74 5.04 -96.96
CA ILE S 256 24.62 6.16 -96.63
C ILE S 256 24.49 7.27 -97.67
N GLN S 257 24.44 6.89 -98.95
CA GLN S 257 24.38 7.87 -100.03
C GLN S 257 23.04 8.59 -100.13
N HIS S 258 22.01 8.10 -99.44
CA HIS S 258 20.68 8.70 -99.52
C HIS S 258 20.70 10.13 -98.99
N GLY S 259 20.65 11.11 -99.88
CA GLY S 259 20.67 12.51 -99.48
C GLY S 259 22.04 13.05 -99.17
N ALA S 260 23.10 12.27 -99.42
CA ALA S 260 24.46 12.72 -99.08
C ALA S 260 24.86 13.94 -99.90
N GLU S 261 24.43 14.01 -101.17
CA GLU S 261 24.74 15.17 -102.00
C GLU S 261 24.13 16.43 -101.43
N LYS S 262 22.84 16.37 -101.08
CA LYS S 262 22.16 17.54 -100.52
C LYS S 262 22.77 17.95 -99.17
N VAL S 263 23.32 16.98 -98.43
CA VAL S 263 24.04 17.33 -97.21
C VAL S 263 25.31 18.10 -97.54
N PHE S 264 26.05 17.65 -98.55
CA PHE S 264 27.26 18.35 -98.96
C PHE S 264 26.95 19.72 -99.55
N GLN S 265 25.76 19.89 -100.15
CA GLN S 265 25.41 21.17 -100.74
C GLN S 265 24.92 22.18 -99.70
N THR S 266 24.30 21.69 -98.63
CA THR S 266 23.69 22.58 -97.64
C THR S 266 24.74 23.44 -96.95
N LYS S 267 24.73 24.74 -97.25
CA LYS S 267 25.62 25.67 -96.59
C LYS S 267 25.07 26.14 -95.26
N GLY S 268 23.76 25.99 -95.04
CA GLY S 268 23.13 26.37 -93.80
C GLY S 268 22.62 25.17 -93.03
N ALA S 269 21.32 24.89 -93.14
CA ALA S 269 20.68 23.81 -92.39
C ALA S 269 19.77 23.02 -93.30
N PHE S 270 19.42 21.82 -92.86
CA PHE S 270 18.62 20.92 -93.67
C PHE S 270 17.14 21.31 -93.60
N GLY S 271 16.33 20.62 -94.43
CA GLY S 271 15.09 21.20 -94.94
C GLY S 271 14.18 21.79 -93.89
N THR S 272 13.68 20.96 -92.96
CA THR S 272 12.67 21.43 -92.02
C THR S 272 13.19 22.58 -91.17
N MET S 273 14.44 22.49 -90.73
CA MET S 273 15.07 23.51 -89.90
C MET S 273 15.45 24.76 -90.67
N ALA S 274 15.48 24.69 -92.01
CA ALA S 274 15.76 25.90 -92.79
C ALA S 274 14.68 26.95 -92.61
N GLU S 275 13.44 26.51 -92.32
CA GLU S 275 12.32 27.45 -92.25
C GLU S 275 12.38 28.31 -91.01
N LYS S 276 12.52 27.71 -89.83
CA LYS S 276 12.49 28.46 -88.58
C LYS S 276 13.53 27.97 -87.58
N GLY S 277 13.21 26.89 -86.87
CA GLY S 277 14.14 26.34 -85.91
C GLY S 277 14.02 26.90 -84.51
N SER S 278 12.84 27.36 -84.11
CA SER S 278 12.65 27.89 -82.76
C SER S 278 12.06 26.81 -81.85
N LEU S 280 7.52 26.40 -81.32
CA LEU S 280 7.18 26.97 -82.61
C LEU S 280 5.67 27.10 -82.77
N ASP S 281 5.23 27.77 -83.83
CA ASP S 281 3.80 27.87 -84.12
C ASP S 281 3.18 26.49 -84.18
N ASP S 282 2.09 26.31 -83.43
CA ASP S 282 1.37 25.04 -83.50
C ASP S 282 0.73 24.83 -84.87
N ASP S 283 0.67 25.87 -85.71
CA ASP S 283 0.24 25.69 -87.09
C ASP S 283 1.31 24.99 -87.91
N ASP S 284 2.58 25.32 -87.67
CA ASP S 284 3.66 24.68 -88.43
C ASP S 284 3.87 23.24 -87.98
N ILE S 285 3.72 22.97 -86.68
CA ILE S 285 3.85 21.59 -86.19
C ILE S 285 2.67 20.75 -86.67
N ASP S 286 1.46 21.30 -86.63
CA ASP S 286 0.31 20.58 -87.16
C ASP S 286 0.40 20.41 -88.67
N ALA S 287 1.18 21.25 -89.35
CA ALA S 287 1.44 21.03 -90.77
C ALA S 287 2.47 19.92 -90.98
N ILE S 288 3.39 19.74 -90.03
CA ILE S 288 4.36 18.66 -90.13
C ILE S 288 3.68 17.31 -89.95
N LEU S 289 2.89 17.17 -88.88
CA LEU S 289 2.25 15.89 -88.58
C LEU S 289 1.29 15.47 -89.69
N GLN S 290 0.59 16.44 -90.30
CA GLN S 290 -0.31 16.11 -91.39
C GLN S 290 0.46 15.64 -92.62
N ALA S 291 1.57 16.31 -92.93
CA ALA S 291 2.40 15.87 -94.05
C ALA S 291 3.07 14.53 -93.77
N GLY S 292 3.48 14.30 -92.53
CA GLY S 292 4.11 13.05 -92.19
C GLY S 292 3.15 11.87 -92.21
N GLU S 293 1.93 12.08 -91.69
CA GLU S 293 0.92 11.03 -91.73
C GLU S 293 0.56 10.65 -93.15
N THR S 294 0.58 11.63 -94.07
CA THR S 294 0.32 11.32 -95.48
C THR S 294 1.42 10.43 -96.05
N ARG S 295 2.68 10.76 -95.77
CA ARG S 295 3.79 9.94 -96.26
C ARG S 295 3.81 8.58 -95.59
N THR S 296 3.34 8.49 -94.34
CA THR S 296 3.32 7.21 -93.65
C THR S 296 2.31 6.25 -94.29
N LYS S 297 1.09 6.74 -94.54
CA LYS S 297 0.07 5.91 -95.16
C LYS S 297 0.46 5.47 -96.56
N GLU S 298 1.16 6.32 -97.30
CA GLU S 298 1.61 5.93 -98.63
C GLU S 298 2.67 4.83 -98.55
N LEU S 299 3.57 4.92 -97.58
CA LEU S 299 4.62 3.92 -97.44
C LEU S 299 4.04 2.58 -97.03
N ASN S 300 3.14 2.58 -96.04
CA ASN S 300 2.56 1.33 -95.56
C ASN S 300 1.75 0.63 -96.66
N ALA S 301 0.88 1.38 -97.33
CA ALA S 301 0.07 0.81 -98.41
C ALA S 301 0.90 0.37 -99.60
N ARG S 302 2.08 0.96 -99.80
CA ARG S 302 2.92 0.59 -100.94
C ARG S 302 3.57 -0.76 -100.72
N TYR S 303 4.02 -1.04 -99.49
CA TYR S 303 4.78 -2.24 -99.19
C TYR S 303 3.90 -3.41 -98.73
N GLU S 304 2.80 -3.12 -98.01
CA GLU S 304 2.00 -4.19 -97.45
C GLU S 304 1.27 -5.00 -98.53
N LYS S 305 1.20 -4.48 -99.74
CA LYS S 305 0.60 -5.20 -100.86
C LYS S 305 1.61 -6.03 -101.64
N LEU S 306 2.89 -5.95 -101.28
CA LEU S 306 3.92 -6.71 -101.97
C LEU S 306 3.91 -8.17 -101.51
N GLY S 307 4.44 -9.03 -102.37
CA GLY S 307 4.65 -10.42 -102.05
C GLY S 307 6.13 -10.74 -101.88
N ILE S 308 6.42 -12.05 -101.82
CA ILE S 308 7.80 -12.48 -101.63
C ILE S 308 8.62 -12.22 -102.89
N ASP S 309 8.00 -12.31 -104.07
CA ASP S 309 8.72 -12.09 -105.31
C ASP S 309 9.18 -10.64 -105.47
N ASP S 310 8.60 -9.70 -104.72
CA ASP S 310 9.01 -8.31 -104.76
C ASP S 310 10.01 -7.95 -103.65
N LEU S 311 9.98 -8.66 -102.53
CA LEU S 311 10.87 -8.37 -101.41
C LEU S 311 12.09 -9.27 -101.38
N GLN S 312 12.11 -10.34 -102.18
CA GLN S 312 13.22 -11.27 -102.18
C GLN S 312 14.45 -10.66 -102.81
N LYS S 313 15.60 -10.86 -102.16
CA LYS S 313 16.90 -10.45 -102.70
C LYS S 313 17.54 -11.65 -103.37
N PHE S 314 17.81 -11.53 -104.67
CA PHE S 314 18.58 -12.56 -105.35
C PHE S 314 19.99 -12.63 -104.76
N THR S 315 20.66 -13.76 -104.98
CA THR S 315 22.02 -13.90 -104.47
C THR S 315 23.01 -13.04 -105.23
N SER S 316 22.69 -12.63 -106.45
CA SER S 316 23.57 -11.73 -107.19
C SER S 316 23.53 -10.30 -106.68
N GLU S 317 22.60 -9.99 -105.78
CA GLU S 317 22.55 -8.65 -105.19
C GLU S 317 23.83 -8.33 -104.44
N SER S 318 24.32 -9.29 -103.66
CA SER S 318 25.56 -9.12 -102.91
C SER S 318 26.80 -9.27 -103.78
N ALA S 319 26.64 -9.40 -105.10
CA ALA S 319 27.77 -9.49 -106.02
C ALA S 319 28.08 -8.09 -106.59
N TYR S 320 28.50 -7.21 -105.69
CA TYR S 320 28.70 -5.81 -106.04
C TYR S 320 29.89 -5.66 -106.98
N GLU S 321 29.65 -5.00 -108.11
CA GLU S 321 30.68 -4.79 -109.14
C GLU S 321 31.15 -3.37 -109.18
N TRP S 322 30.34 -2.44 -109.69
CA TRP S 322 30.73 -1.04 -109.86
C TRP S 322 29.54 -0.15 -109.53
N ASN S 323 29.70 1.15 -109.78
CA ASN S 323 28.63 2.11 -109.56
C ASN S 323 27.84 2.33 -110.84
N GLY S 324 26.53 2.54 -110.70
CA GLY S 324 25.69 2.87 -111.83
C GLY S 324 26.23 4.09 -112.54
N GLU S 325 26.11 5.25 -111.90
CA GLU S 325 26.95 6.39 -112.18
C GLU S 325 27.66 6.77 -110.89
N ASP S 326 28.86 7.33 -111.02
CA ASP S 326 29.71 7.53 -109.86
C ASP S 326 29.17 8.62 -108.94
N PHE S 327 29.62 8.60 -107.70
CA PHE S 327 29.21 9.56 -106.69
C PHE S 327 29.99 10.86 -106.83
N GLY T 14 -8.36 -37.27 48.96
CA GLY T 14 -7.11 -37.22 49.71
C GLY T 14 -6.08 -36.30 49.09
N ALA T 15 -4.94 -36.86 48.69
CA ALA T 15 -3.88 -36.09 48.08
C ALA T 15 -4.30 -35.57 46.70
N LYS T 16 -3.79 -34.38 46.34
CA LYS T 16 -4.15 -33.78 45.08
C LYS T 16 -3.50 -34.46 43.88
N ARG T 17 -2.34 -35.09 44.06
CA ARG T 17 -1.68 -35.72 42.93
C ARG T 17 -2.26 -37.08 42.58
N HIS T 18 -3.46 -37.39 43.06
CA HIS T 18 -4.13 -38.64 42.73
C HIS T 18 -5.57 -38.38 42.28
N GLY U 14 -38.52 -12.13 127.64
CA GLY U 14 -37.39 -12.19 128.56
C GLY U 14 -36.22 -11.31 128.15
N ALA U 15 -35.08 -11.93 127.89
CA ALA U 15 -33.89 -11.20 127.48
C ALA U 15 -34.09 -10.60 126.09
N LYS U 16 -33.45 -9.44 125.86
CA LYS U 16 -33.58 -8.76 124.58
C LYS U 16 -32.82 -9.46 123.46
N ARG U 17 -31.78 -10.22 123.78
CA ARG U 17 -30.99 -10.86 122.73
C ARG U 17 -31.67 -12.11 122.17
N HIS U 18 -32.94 -12.01 121.82
CA HIS U 18 -33.68 -13.12 121.23
C HIS U 18 -34.28 -12.71 119.89
N GLY V 14 -7.97 -69.38 -109.88
CA GLY V 14 -8.89 -68.86 -110.88
C GLY V 14 -8.78 -67.36 -111.06
N ALA V 15 -9.87 -66.65 -110.78
CA ALA V 15 -9.87 -65.20 -110.89
C ALA V 15 -8.96 -64.57 -109.84
N LYS V 16 -8.34 -63.44 -110.20
CA LYS V 16 -7.43 -62.77 -109.28
C LYS V 16 -8.16 -62.08 -108.13
N ARG V 17 -9.42 -61.71 -108.30
CA ARG V 17 -10.13 -61.03 -107.21
C ARG V 17 -10.58 -61.98 -106.11
N HIS V 18 -9.96 -63.15 -106.00
CA HIS V 18 -10.26 -64.10 -104.94
C HIS V 18 -8.99 -64.53 -104.19
N ALA W 15 -28.98 -48.61 -23.71
CA ALA W 15 -29.41 -47.23 -23.89
C ALA W 15 -28.62 -46.30 -22.95
N LYS W 16 -28.41 -45.06 -23.40
CA LYS W 16 -27.56 -44.15 -22.66
C LYS W 16 -28.27 -43.51 -21.47
N ARG W 17 -29.59 -43.37 -21.53
CA ARG W 17 -30.36 -42.72 -20.49
C ARG W 17 -30.55 -43.58 -19.24
N HIS W 18 -29.85 -44.70 -19.14
CA HIS W 18 -30.09 -45.63 -18.05
C HIS W 18 -28.79 -46.15 -17.45
#